data_9LPA
#
_entry.id   9LPA
#
_cell.length_a   1.00
_cell.length_b   1.00
_cell.length_c   1.00
_cell.angle_alpha   90.00
_cell.angle_beta   90.00
_cell.angle_gamma   90.00
#
_symmetry.space_group_name_H-M   'P 1'
#
loop_
_entity.id
_entity.type
_entity.pdbx_description
1 polymer 'Retron Eco8 OLD nuclease'
2 polymer 'Retron Eco8 reverse transcriptase'
3 polymer 'RNA (161-MER)'
4 polymer 'DNA (75-MER)'
5 non-polymer "ADENOSINE-5'-TRIPHOSPHATE"
#
loop_
_entity_poly.entity_id
_entity_poly.type
_entity_poly.pdbx_seq_one_letter_code
_entity_poly.pdbx_strand_id
1 'polypeptide(L)'
;MTIESIRVKNLLSFDDVILRDFRDINCIIGRNNVGKSNLLKVIRYFYAKLENKKVIPLDFHTNYNAVGEITFTFDTTRIK
KIVTSRKNNGRFHKHIYNTLFKSSSVKLNFEELIARKNSTNKSFFSLTLTICKDDSVMWSVDDPKVRSLLATLYPFLYIE
TRHIDLYDWNPIWKLISNLNSFNFDDVDHDELVNFLDEKISSRKGDYKKYIDRVVSVIDTKPYTYKEKVINYIKVAIKGD
SFVNAGEELFTQSDGTNSNKFLETLLHLLITLTRTEFISPIVYIDEPEVGLHPKLAESFVSNLNKIYSKFKKTSELSGPG
RYKTPYPNIFYSTHSPSILKQTIKLFGKDQQVLHFSKKKDGSTRVNKINSTYSDERFLNIFSDNEARLFFSEYIVFVEGA
TELELFRNLSLLNLYPAFSLADIYDANEVILANINPGYSKASIPFVIIKDIDTLIDYSIKTEKFSLRPLFEKMIKELTKE
FDYYDTGFGRVRKEIDLFSDIQSSTKKHMDSGLFFKRFSLHNLSSRINKVSRKLNRYFMTTTIEGALINEQSLPYFFNWI
GDVILTQMTINNPNPDKFIEAMRRRYNIKSQVVPLFKSVFCIGLNHPVYSSAVDKQALRIKLSFLNYLKRKVYSDFNNEK
EIVLALRLAFGGKTETQYTLDKLRKDGEAELFREKIKNYKNNELFFLEPQMTKTSGWVTTFLNYTIEKITSEESDDDRIR
QKLSFIFPEIISIIEQASSSIEAEESSLTG
;
B,E,I,M
2 'polypeptide(L)'
;MKTKKMILVDKVFYEKILSVESFKENIITQSAIPKISNKEVRLISSGSKIFYAINNTSPHSHVQLRLNRFFLSHIPLNSA
AKAFVRGGSYLKYLEPHIYGSSYCRLDISSFFNNISFDDVKQSLSPYIKDEYLIGTEQKLIDAILNSVGYESPIRKDKGM
IIPMGFRTSPAISNIVFRKMDLLIQDFCAKKGVIYSRYADDMLFSNPRESKLLMSDYFIDEISSLLSIMGFNINQSKYIS
REKEISINGYVIENKGGNGSIGTIRLSKSKLNTVLKVTHALAQNIPYKNICNKYIKVRLKEKNIKYESKKDEFEKKYYRD
QLINYLGGYRSYLISLVKFHSEYKCVNSDFIIQINGILNDIQNHIQKIKKNRRL
;
A,F,J,N
3 'polyribonucleotide'
;GCUUCUUCUUCGAUAGAAGCUGAGGAGUCCAGUUUGACUGGAUAAGGUGUUCGCCAUCUCUAGCCUCAGUAAAAACUAGC
UCAUCCUUUGCGCACUUGGCGCUAUAGGUAACUUUAAUACUCACAGAGUGUAAAGAUUGGUCUUGGUAUCGGAGAAGAAG
C
;
C,G,K,O
4 'polydeoxyribonucleotide'
;(DC)(DA)(DA)(DG)(DA)(DC)(DC)(DA)(DA)(DT)(DC)(DT)(DT)(DT)(DA)(DC)(DA)(DC)(DT)(DC)
(DT)(DG)(DT)(DG)(DA)(DG)(DT)(DA)(DT)(DT)(DA)(DA)(DA)(DG)(DT)(DT)(DA)(DC)(DC)(DT)
(DA)(DT)(DA)(DG)(DC)(DG)(DC)(DC)(DA)(DA)(DG)(DT)(DG)(DC)(DG)(DC)(DA)(DA)(DA)(DG)
(DG)(DA)(DT)(DG)(DA)(DG)(DC)(DT)(DA)(DG)(DT)(DT)(DT)(DT)(DT)
;
D,H,L,P
#
# COMPACT_ATOMS: atom_id res chain seq x y z
N MET A 1 -12.14 -34.79 -19.38
CA MET A 1 -11.36 -33.58 -19.60
C MET A 1 -12.10 -32.38 -19.01
N THR A 2 -11.51 -31.20 -19.13
CA THR A 2 -12.09 -29.98 -18.60
C THR A 2 -12.33 -28.92 -19.67
N ILE A 3 -11.29 -28.54 -20.40
CA ILE A 3 -11.38 -27.49 -21.42
C ILE A 3 -10.91 -28.08 -22.74
N GLU A 4 -11.75 -27.97 -23.77
CA GLU A 4 -11.38 -28.50 -25.07
C GLU A 4 -10.45 -27.55 -25.81
N SER A 5 -10.77 -26.26 -25.84
CA SER A 5 -9.96 -25.31 -26.57
C SER A 5 -10.14 -23.91 -26.00
N ILE A 6 -9.15 -23.07 -26.26
CA ILE A 6 -9.17 -21.65 -25.93
C ILE A 6 -8.66 -20.89 -27.14
N ARG A 7 -9.47 -19.95 -27.65
CA ARG A 7 -9.12 -19.22 -28.85
C ARG A 7 -9.17 -17.73 -28.58
N VAL A 8 -8.10 -17.02 -28.96
CA VAL A 8 -8.01 -15.58 -28.81
C VAL A 8 -7.77 -14.97 -30.18
N LYS A 9 -8.55 -13.94 -30.51
CA LYS A 9 -8.41 -13.22 -31.77
C LYS A 9 -8.24 -11.74 -31.49
N ASN A 10 -7.11 -11.18 -31.91
CA ASN A 10 -6.89 -9.74 -31.88
C ASN A 10 -7.03 -9.16 -30.48
N LEU A 11 -6.42 -9.78 -29.50
CA LEU A 11 -6.45 -9.17 -28.15
C LEU A 11 -5.04 -9.28 -27.59
N LEU A 12 -4.53 -8.20 -27.03
CA LEU A 12 -3.19 -8.20 -26.42
C LEU A 12 -2.17 -8.56 -27.49
N SER A 13 -1.37 -9.59 -27.29
CA SER A 13 -0.30 -9.90 -28.26
C SER A 13 -0.72 -11.02 -29.18
N PHE A 14 -1.99 -11.41 -29.18
CA PHE A 14 -2.40 -12.57 -29.98
C PHE A 14 -3.17 -12.13 -31.22
N ASP A 15 -2.83 -12.63 -32.40
CA ASP A 15 -3.55 -12.33 -33.63
C ASP A 15 -4.69 -13.33 -33.84
N ASP A 16 -4.36 -14.62 -33.89
CA ASP A 16 -5.37 -15.67 -33.93
C ASP A 16 -4.66 -16.90 -33.38
N VAL A 17 -4.89 -17.19 -32.10
CA VAL A 17 -4.18 -18.25 -31.40
C VAL A 17 -5.19 -19.21 -30.81
N ILE A 18 -5.00 -20.51 -31.06
CA ILE A 18 -5.88 -21.55 -30.54
C ILE A 18 -5.04 -22.56 -29.79
N LEU A 19 -5.43 -22.84 -28.55
CA LEU A 19 -4.77 -23.82 -27.69
C LEU A 19 -5.75 -24.94 -27.42
N ARG A 20 -5.34 -26.18 -27.67
CA ARG A 20 -6.24 -27.30 -27.50
C ARG A 20 -5.43 -28.53 -27.08
N ASP A 21 -6.14 -29.66 -26.96
CA ASP A 21 -5.54 -30.94 -26.57
C ASP A 21 -4.79 -30.82 -25.25
N PHE A 22 -5.44 -30.22 -24.26
CA PHE A 22 -4.82 -30.03 -22.96
C PHE A 22 -4.60 -31.37 -22.27
N ARG A 23 -3.51 -31.46 -21.51
CA ARG A 23 -3.22 -32.61 -20.69
C ARG A 23 -3.27 -32.22 -19.22
N ASP A 24 -2.97 -33.18 -18.34
CA ASP A 24 -3.08 -32.95 -16.91
C ASP A 24 -2.08 -31.90 -16.44
N ILE A 25 -0.87 -31.90 -17.00
CA ILE A 25 0.14 -30.90 -16.70
C ILE A 25 0.55 -30.25 -18.01
N ASN A 26 0.49 -28.92 -18.06
CA ASN A 26 0.80 -28.17 -19.26
C ASN A 26 1.89 -27.16 -18.94
N CYS A 27 3.13 -27.49 -19.30
CA CYS A 27 4.26 -26.63 -19.04
C CYS A 27 4.40 -25.62 -20.18
N ILE A 28 4.41 -24.33 -19.83
CA ILE A 28 4.51 -23.26 -20.81
C ILE A 28 5.92 -22.68 -20.74
N ILE A 29 6.64 -22.75 -21.87
CA ILE A 29 8.00 -22.26 -21.95
C ILE A 29 8.10 -21.30 -23.12
N GLY A 30 9.07 -20.41 -23.07
CA GLY A 30 9.24 -19.46 -24.17
C GLY A 30 10.12 -18.32 -23.78
N ARG A 31 10.52 -17.49 -24.74
CA ARG A 31 11.49 -16.44 -24.44
C ARG A 31 10.80 -15.35 -23.66
N ASN A 32 11.57 -14.41 -23.16
CA ASN A 32 10.94 -13.26 -22.46
C ASN A 32 10.19 -12.45 -23.51
N ASN A 33 9.11 -11.77 -23.13
CA ASN A 33 8.26 -10.97 -24.06
C ASN A 33 7.66 -11.80 -25.20
N VAL A 34 7.07 -12.96 -24.94
CA VAL A 34 6.36 -13.71 -26.01
C VAL A 34 4.89 -13.91 -25.69
N GLY A 35 4.37 -13.40 -24.58
CA GLY A 35 2.91 -13.54 -24.35
C GLY A 35 2.50 -14.65 -23.40
N LYS A 36 3.43 -15.24 -22.67
CA LYS A 36 3.09 -16.39 -21.80
C LYS A 36 2.09 -15.92 -20.73
N SER A 37 2.28 -14.74 -20.17
CA SER A 37 1.38 -14.20 -19.13
C SER A 37 0.18 -13.53 -19.78
N ASN A 38 0.29 -13.20 -21.08
CA ASN A 38 -0.86 -12.59 -21.80
C ASN A 38 -2.00 -13.61 -21.83
N LEU A 39 -1.66 -14.91 -21.92
CA LEU A 39 -2.71 -15.96 -21.83
C LEU A 39 -3.39 -15.80 -20.48
N LEU A 40 -2.60 -15.69 -19.41
CA LEU A 40 -3.16 -15.48 -18.05
C LEU A 40 -4.10 -14.26 -18.06
N LYS A 41 -3.65 -13.12 -18.59
CA LYS A 41 -4.49 -11.93 -18.55
C LYS A 41 -5.78 -12.13 -19.33
N VAL A 42 -5.71 -12.80 -20.47
CA VAL A 42 -6.91 -13.04 -21.28
C VAL A 42 -7.89 -13.93 -20.51
N ILE A 43 -7.40 -15.02 -19.93
CA ILE A 43 -8.28 -15.91 -19.20
C ILE A 43 -8.86 -15.20 -17.97
N ARG A 44 -8.04 -14.41 -17.29
CA ARG A 44 -8.50 -13.69 -16.12
C ARG A 44 -9.59 -12.69 -16.47
N TYR A 45 -9.41 -11.96 -17.57
CA TYR A 45 -10.44 -11.02 -17.99
C TYR A 45 -11.71 -11.75 -18.43
N PHE A 46 -11.56 -12.87 -19.12
CA PHE A 46 -12.73 -13.65 -19.53
C PHE A 46 -13.52 -14.11 -18.32
N TYR A 47 -12.83 -14.59 -17.29
CA TYR A 47 -13.54 -15.05 -16.10
C TYR A 47 -14.06 -13.91 -15.25
N ALA A 48 -13.41 -12.75 -15.27
CA ALA A 48 -13.95 -11.59 -14.58
C ALA A 48 -15.23 -11.11 -15.25
N LYS A 49 -15.27 -11.12 -16.58
CA LYS A 49 -16.49 -10.77 -17.29
C LYS A 49 -17.53 -11.87 -17.22
N LEU A 50 -17.10 -13.10 -16.92
CA LEU A 50 -18.05 -14.19 -16.75
C LEU A 50 -18.95 -13.94 -15.55
N GLU A 51 -18.40 -13.41 -14.46
CA GLU A 51 -19.14 -13.09 -13.26
C GLU A 51 -19.67 -11.66 -13.25
N ASN A 52 -19.70 -11.00 -14.41
CA ASN A 52 -20.27 -9.67 -14.55
C ASN A 52 -19.60 -8.65 -13.64
N LYS A 53 -18.27 -8.74 -13.53
CA LYS A 53 -17.52 -7.72 -12.84
C LYS A 53 -17.30 -6.53 -13.78
N LYS A 54 -17.02 -5.37 -13.19
CA LYS A 54 -16.79 -4.15 -13.95
C LYS A 54 -15.29 -3.94 -14.07
N VAL A 55 -14.73 -4.24 -15.25
CA VAL A 55 -13.31 -4.10 -15.51
C VAL A 55 -13.11 -3.44 -16.87
N ILE A 56 -11.93 -2.87 -17.06
CA ILE A 56 -11.59 -2.23 -18.33
C ILE A 56 -11.34 -3.30 -19.38
N PRO A 57 -11.84 -3.15 -20.60
CA PRO A 57 -11.58 -4.14 -21.64
C PRO A 57 -10.11 -4.13 -22.06
N LEU A 58 -9.64 -5.30 -22.51
CA LEU A 58 -8.22 -5.48 -22.85
C LEU A 58 -7.95 -4.79 -24.18
N ASP A 59 -6.69 -4.49 -24.47
CA ASP A 59 -6.37 -3.68 -25.67
C ASP A 59 -6.29 -4.56 -26.90
N PHE A 60 -6.56 -3.98 -28.05
CA PHE A 60 -6.60 -4.80 -29.28
C PHE A 60 -5.18 -4.93 -29.80
N HIS A 61 -4.83 -6.07 -30.37
CA HIS A 61 -3.51 -6.29 -30.96
C HIS A 61 -3.25 -5.28 -32.07
N THR A 62 -4.19 -5.14 -32.99
CA THR A 62 -4.14 -4.12 -34.03
C THR A 62 -5.48 -3.44 -34.11
N ASN A 63 -5.46 -2.15 -34.41
CA ASN A 63 -6.67 -1.35 -34.41
C ASN A 63 -7.40 -1.40 -35.75
N TYR A 64 -6.90 -2.17 -36.71
CA TYR A 64 -7.59 -2.36 -37.98
C TYR A 64 -8.65 -3.44 -37.93
N ASN A 65 -8.89 -4.03 -36.76
CA ASN A 65 -10.00 -4.95 -36.54
C ASN A 65 -11.00 -4.32 -35.60
N ALA A 66 -12.27 -4.41 -35.95
CA ALA A 66 -13.31 -3.83 -35.11
C ALA A 66 -13.71 -4.72 -33.95
N VAL A 67 -13.19 -5.94 -33.86
CA VAL A 67 -13.59 -6.89 -32.83
C VAL A 67 -12.37 -7.53 -32.20
N GLY A 68 -12.56 -8.03 -30.98
CA GLY A 68 -11.61 -8.92 -30.36
C GLY A 68 -12.33 -10.04 -29.64
N GLU A 69 -12.04 -11.30 -29.95
CA GLU A 69 -12.86 -12.41 -29.50
C GLU A 69 -12.07 -13.36 -28.60
N ILE A 70 -12.73 -13.83 -27.55
CA ILE A 70 -12.21 -14.90 -26.70
C ILE A 70 -13.24 -16.02 -26.69
N THR A 71 -12.81 -17.23 -27.05
CA THR A 71 -13.71 -18.38 -27.12
C THR A 71 -13.24 -19.46 -26.17
N PHE A 72 -14.17 -19.96 -25.34
CA PHE A 72 -13.89 -21.05 -24.42
C PHE A 72 -14.85 -22.20 -24.73
N THR A 73 -14.30 -23.40 -24.88
CA THR A 73 -15.10 -24.59 -25.15
C THR A 73 -15.01 -25.48 -23.91
N PHE A 74 -15.98 -25.36 -23.02
CA PHE A 74 -16.01 -26.20 -21.83
C PHE A 74 -16.48 -27.60 -22.18
N ASP A 75 -15.90 -28.58 -21.50
CA ASP A 75 -16.22 -29.99 -21.69
C ASP A 75 -17.19 -30.40 -20.59
N THR A 76 -18.46 -30.57 -20.95
CA THR A 76 -19.51 -30.89 -19.98
C THR A 76 -20.01 -32.31 -20.11
N THR A 77 -19.16 -33.24 -20.58
CA THR A 77 -19.58 -34.63 -20.66
C THR A 77 -19.80 -35.22 -19.27
N ARG A 78 -18.86 -35.01 -18.36
CA ARG A 78 -19.00 -35.58 -17.03
C ARG A 78 -20.13 -34.91 -16.26
N ILE A 79 -20.30 -33.59 -16.41
CA ILE A 79 -21.41 -32.91 -15.74
C ILE A 79 -22.74 -33.38 -16.32
N LYS A 80 -22.79 -33.61 -17.63
CA LYS A 80 -24.01 -34.16 -18.23
C LYS A 80 -24.33 -35.53 -17.66
N LYS A 81 -23.31 -36.38 -17.50
CA LYS A 81 -23.53 -37.67 -16.85
C LYS A 81 -23.99 -37.50 -15.42
N ILE A 82 -23.40 -36.54 -14.70
CA ILE A 82 -23.75 -36.30 -13.30
C ILE A 82 -25.23 -35.95 -13.18
N VAL A 83 -25.70 -35.01 -13.99
CA VAL A 83 -26.98 -34.36 -13.78
C VAL A 83 -28.11 -35.09 -14.49
N THR A 84 -27.84 -35.64 -15.68
CA THR A 84 -28.88 -36.32 -16.44
C THR A 84 -29.41 -37.54 -15.70
N SER A 85 -28.56 -38.19 -14.89
CA SER A 85 -28.97 -39.42 -14.22
C SER A 85 -30.13 -39.17 -13.27
N ARG A 86 -30.96 -40.19 -13.10
CA ARG A 86 -32.18 -40.05 -12.30
C ARG A 86 -31.92 -40.08 -10.80
N LYS A 87 -30.76 -40.56 -10.37
CA LYS A 87 -30.49 -40.67 -8.94
C LYS A 87 -30.21 -39.30 -8.33
N ASN A 88 -29.42 -38.47 -9.00
CA ASN A 88 -29.04 -37.16 -8.48
C ASN A 88 -30.20 -36.19 -8.69
N ASN A 89 -31.09 -36.12 -7.69
CA ASN A 89 -32.23 -35.22 -7.74
C ASN A 89 -32.05 -34.02 -6.83
N GLY A 90 -30.82 -33.69 -6.47
CA GLY A 90 -30.58 -32.56 -5.59
C GLY A 90 -30.93 -31.24 -6.23
N ARG A 91 -30.89 -30.19 -5.41
CA ARG A 91 -31.26 -28.87 -5.92
C ARG A 91 -30.15 -28.25 -6.76
N PHE A 92 -28.88 -28.49 -6.41
CA PHE A 92 -27.79 -28.04 -7.26
C PHE A 92 -27.82 -28.76 -8.60
N HIS A 93 -28.03 -30.07 -8.58
CA HIS A 93 -28.15 -30.83 -9.82
C HIS A 93 -29.33 -30.34 -10.64
N LYS A 94 -30.45 -30.07 -9.99
CA LYS A 94 -31.62 -29.59 -10.72
C LYS A 94 -31.33 -28.23 -11.35
N HIS A 95 -30.60 -27.36 -10.64
CA HIS A 95 -30.25 -26.08 -11.23
C HIS A 95 -29.34 -26.25 -12.44
N ILE A 96 -28.34 -27.14 -12.34
CA ILE A 96 -27.44 -27.36 -13.47
C ILE A 96 -28.21 -27.90 -14.66
N TYR A 97 -29.14 -28.81 -14.43
CA TYR A 97 -29.98 -29.32 -15.51
C TYR A 97 -30.80 -28.20 -16.14
N ASN A 98 -31.49 -27.42 -15.31
CA ASN A 98 -32.42 -26.42 -15.83
C ASN A 98 -31.71 -25.23 -16.46
N THR A 99 -30.41 -25.07 -16.21
CA THR A 99 -29.67 -23.93 -16.76
C THR A 99 -28.88 -24.30 -18.01
N LEU A 100 -28.05 -25.34 -17.93
CA LEU A 100 -27.15 -25.69 -19.01
C LEU A 100 -27.77 -26.68 -19.99
N PHE A 101 -28.10 -27.88 -19.51
CA PHE A 101 -28.48 -28.97 -20.40
C PHE A 101 -29.94 -28.93 -20.82
N LYS A 102 -30.76 -28.13 -20.15
CA LYS A 102 -32.05 -27.82 -20.73
C LYS A 102 -31.88 -26.77 -21.82
N SER A 103 -32.83 -26.76 -22.76
CA SER A 103 -32.82 -25.95 -23.98
C SER A 103 -31.76 -26.40 -24.96
N SER A 104 -30.92 -27.38 -24.60
CA SER A 104 -29.98 -28.01 -25.52
C SER A 104 -30.41 -29.41 -25.89
N SER A 105 -30.92 -30.19 -24.92
CA SER A 105 -31.62 -31.43 -25.22
C SER A 105 -33.05 -31.19 -25.66
N VAL A 106 -33.56 -29.96 -25.51
CA VAL A 106 -34.90 -29.64 -25.97
C VAL A 106 -34.99 -29.74 -27.49
N LYS A 107 -34.00 -29.19 -28.19
CA LYS A 107 -34.05 -29.14 -29.65
C LYS A 107 -33.89 -30.53 -30.28
N LEU A 108 -33.16 -31.42 -29.61
CA LEU A 108 -32.95 -32.76 -30.15
C LEU A 108 -34.22 -33.60 -30.05
N ASN A 109 -34.34 -34.57 -30.95
CA ASN A 109 -35.47 -35.49 -30.95
C ASN A 109 -35.07 -36.80 -30.25
N PHE A 110 -36.02 -37.74 -30.21
CA PHE A 110 -35.82 -38.97 -29.44
C PHE A 110 -34.69 -39.80 -30.02
N GLU A 111 -34.61 -39.90 -31.35
CA GLU A 111 -33.56 -40.70 -31.98
C GLU A 111 -32.18 -40.15 -31.66
N GLU A 112 -32.01 -38.83 -31.84
CA GLU A 112 -30.70 -38.22 -31.59
C GLU A 112 -30.36 -38.23 -30.11
N LEU A 113 -31.35 -38.02 -29.24
CA LEU A 113 -31.11 -38.08 -27.80
C LEU A 113 -30.66 -39.48 -27.38
N ILE A 114 -31.33 -40.52 -27.90
CA ILE A 114 -30.95 -41.87 -27.56
C ILE A 114 -29.58 -42.22 -28.13
N ALA A 115 -29.27 -41.71 -29.32
CA ALA A 115 -27.94 -41.92 -29.90
C ALA A 115 -26.86 -41.29 -29.03
N ARG A 116 -27.11 -40.07 -28.55
CA ARG A 116 -26.17 -39.43 -27.64
C ARG A 116 -26.03 -40.19 -26.34
N LYS A 117 -27.13 -40.70 -25.80
CA LYS A 117 -27.10 -41.42 -24.54
C LYS A 117 -26.30 -42.71 -24.66
N ASN A 118 -26.60 -43.52 -25.68
CA ASN A 118 -26.02 -44.85 -25.79
C ASN A 118 -24.55 -44.80 -26.24
N SER A 119 -24.22 -43.96 -27.21
CA SER A 119 -22.87 -43.92 -27.74
C SER A 119 -21.94 -43.20 -26.77
N THR A 120 -20.67 -43.09 -27.15
CA THR A 120 -19.69 -42.38 -26.36
C THR A 120 -20.07 -40.91 -26.24
N ASN A 121 -20.47 -40.49 -25.04
CA ASN A 121 -20.97 -39.14 -24.84
C ASN A 121 -19.84 -38.13 -25.02
N LYS A 122 -20.10 -37.09 -25.82
CA LYS A 122 -19.14 -36.02 -26.01
C LYS A 122 -19.95 -34.73 -26.21
N SER A 123 -20.06 -33.94 -25.16
CA SER A 123 -20.83 -32.70 -25.19
C SER A 123 -19.93 -31.53 -24.83
N PHE A 124 -20.05 -30.45 -25.59
CA PHE A 124 -19.24 -29.26 -25.38
C PHE A 124 -20.14 -28.04 -25.30
N PHE A 125 -19.65 -27.02 -24.61
CA PHE A 125 -20.36 -25.75 -24.48
C PHE A 125 -19.41 -24.64 -24.90
N SER A 126 -19.75 -23.96 -26.00
CA SER A 126 -18.88 -22.94 -26.59
C SER A 126 -19.41 -21.56 -26.22
N LEU A 127 -18.56 -20.75 -25.59
CA LEU A 127 -18.93 -19.41 -25.16
C LEU A 127 -17.93 -18.41 -25.73
N THR A 128 -18.44 -17.40 -26.42
CA THR A 128 -17.61 -16.42 -27.11
C THR A 128 -17.92 -15.03 -26.57
N LEU A 129 -16.87 -14.31 -26.19
CA LEU A 129 -16.96 -12.93 -25.73
C LEU A 129 -16.30 -12.05 -26.78
N THR A 130 -17.04 -11.07 -27.29
CA THR A 130 -16.56 -10.18 -28.33
C THR A 130 -16.52 -8.76 -27.81
N ILE A 131 -15.35 -8.14 -27.87
CA ILE A 131 -15.15 -6.76 -27.45
C ILE A 131 -15.14 -5.91 -28.70
N CYS A 132 -16.06 -4.96 -28.78
CA CYS A 132 -16.13 -4.05 -29.92
C CYS A 132 -15.17 -2.90 -29.73
N LYS A 133 -15.05 -2.05 -30.75
CA LYS A 133 -14.11 -0.95 -30.70
C LYS A 133 -14.51 0.12 -29.69
N ASP A 134 -15.78 0.17 -29.29
CA ASP A 134 -16.25 1.17 -28.36
C ASP A 134 -16.41 0.62 -26.94
N ASP A 135 -15.63 -0.40 -26.60
CA ASP A 135 -15.54 -0.99 -25.26
C ASP A 135 -16.78 -1.74 -24.82
N SER A 136 -17.75 -1.92 -25.71
CA SER A 136 -18.90 -2.77 -25.38
C SER A 136 -18.51 -4.24 -25.52
N VAL A 137 -19.18 -5.09 -24.75
CA VAL A 137 -18.90 -6.52 -24.72
C VAL A 137 -20.19 -7.27 -25.06
N MET A 138 -20.08 -8.22 -25.99
CA MET A 138 -21.24 -9.00 -26.43
C MET A 138 -20.94 -10.48 -26.32
N TRP A 139 -21.84 -11.22 -25.72
CA TRP A 139 -21.68 -12.67 -25.59
C TRP A 139 -22.44 -13.38 -26.69
N SER A 140 -22.05 -14.64 -26.93
CA SER A 140 -22.80 -15.48 -27.84
C SER A 140 -23.96 -16.20 -27.15
N VAL A 141 -24.02 -16.17 -25.82
CA VAL A 141 -25.14 -16.70 -25.06
C VAL A 141 -25.64 -15.59 -24.14
N ASP A 142 -26.92 -15.23 -24.27
CA ASP A 142 -27.46 -14.06 -23.62
C ASP A 142 -28.12 -14.36 -22.29
N ASP A 143 -27.83 -15.50 -21.67
CA ASP A 143 -28.40 -15.84 -20.39
C ASP A 143 -27.32 -15.73 -19.31
N PRO A 144 -27.34 -14.69 -18.48
CA PRO A 144 -26.26 -14.53 -17.50
C PRO A 144 -26.17 -15.66 -16.49
N LYS A 145 -27.27 -16.34 -16.21
CA LYS A 145 -27.23 -17.49 -15.30
C LYS A 145 -26.31 -18.57 -15.85
N VAL A 146 -26.33 -18.77 -17.17
CA VAL A 146 -25.45 -19.76 -17.80
C VAL A 146 -23.99 -19.41 -17.54
N ARG A 147 -23.64 -18.13 -17.71
CA ARG A 147 -22.26 -17.72 -17.53
C ARG A 147 -21.82 -17.84 -16.08
N SER A 148 -22.68 -17.43 -15.14
CA SER A 148 -22.33 -17.56 -13.73
C SER A 148 -22.16 -19.03 -13.35
N LEU A 149 -23.04 -19.90 -13.84
CA LEU A 149 -22.93 -21.32 -13.55
C LEU A 149 -21.66 -21.92 -14.14
N LEU A 150 -21.28 -21.49 -15.35
CA LEU A 150 -20.04 -21.97 -15.95
C LEU A 150 -18.84 -21.52 -15.14
N ALA A 151 -18.87 -20.29 -14.62
CA ALA A 151 -17.78 -19.85 -13.76
C ALA A 151 -17.72 -20.68 -12.49
N THR A 152 -18.87 -21.01 -11.92
CA THR A 152 -18.89 -21.82 -10.70
C THR A 152 -18.39 -23.24 -10.94
N LEU A 153 -18.79 -23.84 -12.06
CA LEU A 153 -18.46 -25.23 -12.32
C LEU A 153 -16.98 -25.41 -12.66
N TYR A 154 -16.38 -24.47 -13.37
CA TYR A 154 -15.01 -24.58 -13.85
C TYR A 154 -14.21 -23.38 -13.35
N PRO A 155 -13.97 -23.31 -12.05
CA PRO A 155 -13.34 -22.11 -11.48
C PRO A 155 -11.93 -21.94 -11.97
N PHE A 156 -11.51 -20.68 -12.08
CA PHE A 156 -10.16 -20.32 -12.48
C PHE A 156 -9.39 -19.88 -11.25
N LEU A 157 -8.36 -20.62 -10.90
CA LEU A 157 -7.48 -20.30 -9.79
C LEU A 157 -6.15 -19.86 -10.36
N TYR A 158 -5.59 -18.79 -9.82
CA TYR A 158 -4.58 -17.99 -10.51
C TYR A 158 -3.57 -17.46 -9.51
N ILE A 159 -2.28 -17.73 -9.75
CA ILE A 159 -1.20 -17.24 -8.89
C ILE A 159 -0.07 -16.69 -9.74
N GLU A 160 0.40 -15.50 -9.38
CA GLU A 160 1.69 -15.00 -9.83
C GLU A 160 2.67 -15.12 -8.67
N THR A 161 3.56 -16.10 -8.74
CA THR A 161 4.42 -16.39 -7.60
C THR A 161 5.35 -15.23 -7.29
N ARG A 162 5.61 -14.36 -8.26
CA ARG A 162 6.49 -13.22 -8.03
C ARG A 162 5.92 -12.28 -6.96
N HIS A 163 4.61 -12.02 -7.01
CA HIS A 163 3.96 -11.08 -6.11
C HIS A 163 3.22 -11.79 -4.98
N ILE A 164 3.76 -12.91 -4.49
CA ILE A 164 3.15 -13.62 -3.38
C ILE A 164 3.47 -12.89 -2.08
N ASP A 165 2.46 -12.74 -1.22
CA ASP A 165 2.68 -12.24 0.13
C ASP A 165 3.17 -13.41 0.98
N LEU A 166 4.48 -13.44 1.22
CA LEU A 166 5.09 -14.62 1.83
C LEU A 166 4.61 -14.83 3.26
N TYR A 167 4.48 -13.75 4.03
CA TYR A 167 4.27 -13.85 5.46
C TYR A 167 2.79 -13.97 5.85
N ASP A 168 1.88 -14.03 4.89
CA ASP A 168 0.46 -14.19 5.18
C ASP A 168 -0.14 -15.08 4.09
N TRP A 169 -0.47 -16.32 4.46
CA TRP A 169 -0.97 -17.31 3.51
C TRP A 169 -2.49 -17.35 3.45
N ASN A 170 -3.15 -16.25 3.80
CA ASN A 170 -4.61 -16.23 3.77
C ASN A 170 -5.22 -16.56 2.41
N PRO A 171 -4.70 -16.07 1.27
CA PRO A 171 -5.34 -16.39 -0.02
C PRO A 171 -5.50 -17.86 -0.30
N ILE A 172 -4.93 -18.75 0.51
CA ILE A 172 -5.19 -20.18 0.35
C ILE A 172 -6.65 -20.48 0.63
N TRP A 173 -7.18 -19.99 1.76
CA TRP A 173 -8.51 -20.38 2.18
C TRP A 173 -9.55 -20.05 1.12
N LYS A 174 -9.49 -18.85 0.56
CA LYS A 174 -10.41 -18.48 -0.51
C LYS A 174 -10.42 -19.54 -1.61
N LEU A 175 -9.23 -19.92 -2.08
CA LEU A 175 -9.17 -20.91 -3.15
C LEU A 175 -9.76 -22.25 -2.71
N ILE A 176 -9.53 -22.65 -1.46
CA ILE A 176 -10.14 -23.86 -0.96
C ILE A 176 -11.65 -23.77 -1.05
N SER A 177 -12.20 -22.59 -0.73
CA SER A 177 -13.65 -22.42 -0.78
C SER A 177 -14.18 -22.68 -2.18
N ASN A 178 -13.34 -22.50 -3.20
CA ASN A 178 -13.81 -22.65 -4.57
C ASN A 178 -13.93 -24.12 -4.97
N LEU A 179 -13.44 -25.03 -4.13
CA LEU A 179 -13.16 -26.38 -4.61
C LEU A 179 -14.33 -27.33 -4.36
N ASN A 180 -14.84 -27.35 -3.14
CA ASN A 180 -15.69 -28.44 -2.67
C ASN A 180 -17.13 -27.97 -2.53
N SER A 181 -18.06 -28.89 -2.74
CA SER A 181 -19.49 -28.59 -2.77
C SER A 181 -20.25 -29.57 -1.89
N PHE A 182 -21.06 -29.03 -0.97
CA PHE A 182 -21.91 -29.85 -0.12
C PHE A 182 -23.03 -28.98 0.44
N ASN A 183 -23.84 -29.57 1.31
CA ASN A 183 -25.13 -29.05 1.72
C ASN A 183 -25.00 -28.27 3.03
N PHE A 184 -25.78 -27.19 3.15
CA PHE A 184 -25.74 -26.34 4.33
C PHE A 184 -27.13 -25.98 4.85
N ASP A 185 -28.18 -26.62 4.32
CA ASP A 185 -29.53 -26.29 4.79
C ASP A 185 -29.74 -26.72 6.25
N ASP A 186 -29.18 -27.86 6.64
CA ASP A 186 -29.45 -28.37 7.98
C ASP A 186 -28.77 -27.53 9.06
N VAL A 187 -27.57 -27.03 8.79
CA VAL A 187 -26.85 -26.23 9.77
C VAL A 187 -27.40 -24.81 9.73
N ASP A 188 -28.20 -24.46 10.73
CA ASP A 188 -28.65 -23.09 10.91
C ASP A 188 -27.70 -22.37 11.87
N HIS A 189 -28.05 -21.16 12.27
CA HIS A 189 -27.29 -20.44 13.28
C HIS A 189 -27.93 -20.53 14.66
N ASP A 190 -28.92 -21.40 14.83
CA ASP A 190 -29.57 -21.62 16.12
C ASP A 190 -29.08 -22.89 16.81
N GLU A 191 -29.03 -24.01 16.09
CA GLU A 191 -28.51 -25.23 16.68
C GLU A 191 -27.05 -25.09 17.07
N LEU A 192 -26.26 -24.45 16.22
CA LEU A 192 -24.84 -24.24 16.53
C LEU A 192 -24.67 -23.39 17.79
N VAL A 193 -25.47 -22.32 17.91
CA VAL A 193 -25.37 -21.46 19.08
C VAL A 193 -25.74 -22.23 20.34
N ASN A 194 -26.80 -23.03 20.28
CA ASN A 194 -27.19 -23.82 21.45
C ASN A 194 -26.10 -24.83 21.81
N PHE A 195 -25.50 -25.47 20.81
CA PHE A 195 -24.42 -26.41 21.07
C PHE A 195 -23.25 -25.72 21.75
N LEU A 196 -22.83 -24.57 21.22
CA LEU A 196 -21.70 -23.86 21.81
C LEU A 196 -22.02 -23.36 23.21
N ASP A 197 -23.23 -22.87 23.42
CA ASP A 197 -23.62 -22.38 24.74
C ASP A 197 -23.66 -23.51 25.76
N GLU A 198 -24.17 -24.67 25.36
CA GLU A 198 -24.17 -25.81 26.26
C GLU A 198 -22.73 -26.24 26.58
N LYS A 199 -21.86 -26.17 25.59
CA LYS A 199 -20.46 -26.51 25.83
C LYS A 199 -19.70 -25.41 26.57
N ILE A 200 -20.03 -24.15 26.33
CA ILE A 200 -19.31 -23.02 26.92
C ILE A 200 -20.28 -22.30 27.85
N SER A 201 -20.39 -22.78 29.09
CA SER A 201 -21.15 -22.06 30.11
C SER A 201 -20.98 -22.71 31.48
N SER A 202 -20.65 -21.92 32.50
CA SER A 202 -20.78 -22.42 33.86
C SER A 202 -22.23 -22.39 34.30
N ARG A 203 -23.03 -21.56 33.62
CA ARG A 203 -24.49 -21.46 33.90
C ARG A 203 -25.16 -21.45 32.52
N LYS A 204 -26.14 -22.33 32.28
CA LYS A 204 -26.70 -22.47 30.95
C LYS A 204 -27.37 -21.18 30.49
N GLY A 205 -27.17 -20.84 29.21
CA GLY A 205 -27.83 -19.71 28.58
C GLY A 205 -26.97 -18.48 28.41
N ASP A 206 -25.80 -18.41 29.03
CA ASP A 206 -25.01 -17.18 29.00
C ASP A 206 -24.47 -16.90 27.60
N TYR A 207 -23.90 -17.92 26.95
CA TYR A 207 -23.31 -17.70 25.62
C TYR A 207 -24.37 -17.31 24.61
N LYS A 208 -25.57 -17.88 24.71
CA LYS A 208 -26.64 -17.48 23.81
C LYS A 208 -27.01 -16.02 24.02
N LYS A 209 -27.06 -15.57 25.27
CA LYS A 209 -27.32 -14.16 25.53
C LYS A 209 -26.23 -13.29 24.93
N TYR A 210 -24.98 -13.72 25.04
CA TYR A 210 -23.86 -12.96 24.50
C TYR A 210 -23.98 -12.82 22.98
N ILE A 211 -24.28 -13.94 22.30
CA ILE A 211 -24.41 -13.89 20.85
C ILE A 211 -25.61 -13.06 20.44
N ASP A 212 -26.70 -13.13 21.21
CA ASP A 212 -27.86 -12.29 20.92
C ASP A 212 -27.51 -10.82 21.02
N ARG A 213 -26.74 -10.44 22.04
CA ARG A 213 -26.31 -9.05 22.18
C ARG A 213 -25.47 -8.62 20.99
N VAL A 214 -24.48 -9.43 20.61
CA VAL A 214 -23.61 -9.06 19.50
C VAL A 214 -24.42 -8.93 18.21
N VAL A 215 -25.35 -9.87 17.98
CA VAL A 215 -26.17 -9.81 16.77
C VAL A 215 -27.05 -8.56 16.77
N SER A 216 -27.64 -8.24 17.92
CA SER A 216 -28.52 -7.08 17.99
C SER A 216 -27.77 -5.79 17.73
N VAL A 217 -26.53 -5.68 18.20
CA VAL A 217 -25.79 -4.43 18.00
C VAL A 217 -25.38 -4.25 16.55
N ILE A 218 -24.89 -5.29 15.89
CA ILE A 218 -24.30 -5.15 14.57
C ILE A 218 -25.37 -5.23 13.49
N ASP A 219 -25.00 -4.81 12.29
CA ASP A 219 -25.81 -4.93 11.09
C ASP A 219 -24.97 -5.55 9.99
N THR A 220 -25.40 -6.71 9.49
CA THR A 220 -24.59 -7.49 8.57
C THR A 220 -25.45 -7.96 7.40
N LYS A 221 -24.80 -8.70 6.50
CA LYS A 221 -25.34 -9.28 5.28
C LYS A 221 -25.24 -10.79 5.35
N PRO A 222 -26.25 -11.52 4.85
CA PRO A 222 -26.21 -12.98 4.92
C PRO A 222 -24.97 -13.55 4.25
N TYR A 223 -24.48 -14.65 4.81
CA TYR A 223 -23.26 -15.26 4.31
C TYR A 223 -23.42 -15.74 2.88
N THR A 224 -22.36 -15.61 2.10
CA THR A 224 -22.29 -16.33 0.84
C THR A 224 -21.80 -17.75 1.10
N TYR A 225 -21.93 -18.60 0.09
CA TYR A 225 -21.58 -20.01 0.27
C TYR A 225 -20.11 -20.18 0.61
N LYS A 226 -19.23 -19.48 -0.11
CA LYS A 226 -17.80 -19.64 0.10
C LYS A 226 -17.40 -19.19 1.50
N GLU A 227 -17.99 -18.10 1.98
CA GLU A 227 -17.72 -17.67 3.36
C GLU A 227 -18.21 -18.73 4.35
N LYS A 228 -19.33 -19.38 4.05
CA LYS A 228 -19.84 -20.43 4.93
C LYS A 228 -18.85 -21.58 5.04
N VAL A 229 -18.37 -22.09 3.90
CA VAL A 229 -17.47 -23.23 3.95
C VAL A 229 -16.15 -22.82 4.60
N ILE A 230 -15.68 -21.61 4.35
CA ILE A 230 -14.44 -21.14 4.97
C ILE A 230 -14.59 -21.09 6.48
N ASN A 231 -15.72 -20.55 6.96
CA ASN A 231 -15.94 -20.48 8.41
C ASN A 231 -15.99 -21.86 9.03
N TYR A 232 -16.68 -22.80 8.38
CA TYR A 232 -16.80 -24.14 8.94
C TYR A 232 -15.44 -24.84 8.98
N ILE A 233 -14.65 -24.69 7.92
CA ILE A 233 -13.28 -25.23 7.94
C ILE A 233 -12.51 -24.63 9.12
N LYS A 234 -12.54 -23.31 9.23
CA LYS A 234 -11.65 -22.63 10.16
C LYS A 234 -12.06 -22.92 11.61
N VAL A 235 -13.34 -23.12 11.86
CA VAL A 235 -13.78 -23.58 13.18
C VAL A 235 -13.36 -25.02 13.42
N ALA A 236 -13.47 -25.86 12.39
CA ALA A 236 -13.24 -27.29 12.57
C ALA A 236 -11.78 -27.61 12.85
N ILE A 237 -10.86 -27.02 12.09
CA ILE A 237 -9.44 -27.37 12.18
C ILE A 237 -8.84 -26.83 13.46
N LYS A 238 -7.63 -27.30 13.79
CA LYS A 238 -6.96 -26.92 15.03
C LYS A 238 -6.33 -25.54 14.98
N GLY A 239 -5.86 -25.09 13.82
CA GLY A 239 -5.21 -23.80 13.73
C GLY A 239 -5.39 -23.11 12.40
N ASP A 240 -5.37 -21.78 12.40
CA ASP A 240 -5.57 -21.00 11.18
C ASP A 240 -4.22 -20.52 10.63
N SER A 241 -3.45 -19.79 11.42
CA SER A 241 -2.19 -19.23 10.95
C SER A 241 -1.23 -20.36 10.59
N PHE A 242 -0.46 -20.13 9.52
CA PHE A 242 0.39 -21.15 8.94
C PHE A 242 1.78 -21.07 9.51
N VAL A 243 2.42 -22.22 9.66
CA VAL A 243 3.75 -22.35 10.24
C VAL A 243 4.55 -23.32 9.40
N ASN A 244 5.79 -22.97 9.08
CA ASN A 244 6.65 -23.78 8.24
C ASN A 244 7.58 -24.61 9.12
N ALA A 245 7.33 -25.91 9.17
CA ALA A 245 8.19 -26.87 9.87
C ALA A 245 8.42 -26.47 11.32
N GLY A 246 7.37 -26.02 11.99
CA GLY A 246 7.45 -25.64 13.38
C GLY A 246 8.02 -24.27 13.66
N GLU A 247 8.37 -23.50 12.63
CA GLU A 247 8.93 -22.17 12.79
C GLU A 247 8.01 -21.14 12.17
N GLU A 248 7.99 -19.95 12.76
CA GLU A 248 7.13 -18.89 12.28
C GLU A 248 7.58 -18.41 10.90
N LEU A 249 6.63 -17.89 10.12
CA LEU A 249 6.91 -17.55 8.74
C LEU A 249 7.93 -16.43 8.62
N PHE A 250 7.83 -15.40 9.46
CA PHE A 250 8.70 -14.24 9.30
C PHE A 250 10.16 -14.57 9.61
N THR A 251 10.41 -15.65 10.37
CA THR A 251 11.80 -16.05 10.61
C THR A 251 12.34 -16.86 9.45
N GLN A 252 11.49 -17.54 8.69
CA GLN A 252 11.96 -18.38 7.59
C GLN A 252 12.36 -17.51 6.40
N SER A 253 12.78 -18.18 5.33
CA SER A 253 13.27 -17.46 4.14
C SER A 253 12.15 -16.99 3.27
N ASP A 254 12.48 -16.53 2.09
CA ASP A 254 11.49 -16.18 1.07
C ASP A 254 11.26 -17.32 0.08
N GLY A 255 12.34 -17.94 -0.39
CA GLY A 255 12.18 -19.09 -1.25
C GLY A 255 11.47 -20.24 -0.57
N THR A 256 11.84 -20.51 0.69
CA THR A 256 11.16 -21.56 1.44
C THR A 256 9.70 -21.24 1.63
N ASN A 257 9.37 -19.99 1.94
CA ASN A 257 7.98 -19.60 2.15
C ASN A 257 7.18 -19.78 0.87
N SER A 258 7.70 -19.31 -0.26
CA SER A 258 6.97 -19.45 -1.51
C SER A 258 6.82 -20.91 -1.92
N ASN A 259 7.88 -21.70 -1.73
CA ASN A 259 7.82 -23.12 -2.07
C ASN A 259 6.75 -23.82 -1.24
N LYS A 260 6.73 -23.56 0.07
CA LYS A 260 5.76 -24.23 0.93
C LYS A 260 4.34 -23.76 0.62
N PHE A 261 4.17 -22.46 0.32
CA PHE A 261 2.85 -21.96 -0.07
C PHE A 261 2.33 -22.69 -1.30
N LEU A 262 3.15 -22.73 -2.35
CA LEU A 262 2.72 -23.39 -3.59
C LEU A 262 2.47 -24.87 -3.35
N GLU A 263 3.34 -25.52 -2.58
CA GLU A 263 3.21 -26.95 -2.34
C GLU A 263 1.91 -27.27 -1.60
N THR A 264 1.63 -26.55 -0.51
CA THR A 264 0.39 -26.79 0.22
C THR A 264 -0.83 -26.50 -0.64
N LEU A 265 -0.79 -25.44 -1.43
CA LEU A 265 -1.95 -25.11 -2.24
C LEU A 265 -2.22 -26.17 -3.30
N LEU A 266 -1.18 -26.61 -4.01
CA LEU A 266 -1.39 -27.63 -5.04
C LEU A 266 -1.81 -28.95 -4.42
N HIS A 267 -1.22 -29.30 -3.28
CA HIS A 267 -1.61 -30.52 -2.58
C HIS A 267 -3.08 -30.46 -2.18
N LEU A 268 -3.52 -29.32 -1.64
CA LEU A 268 -4.93 -29.16 -1.29
C LEU A 268 -5.82 -29.27 -2.52
N LEU A 269 -5.39 -28.66 -3.63
CA LEU A 269 -6.18 -28.71 -4.86
C LEU A 269 -6.41 -30.15 -5.29
N ILE A 270 -5.33 -30.91 -5.44
CA ILE A 270 -5.46 -32.27 -5.94
C ILE A 270 -6.17 -33.16 -4.94
N THR A 271 -5.90 -32.99 -3.64
CA THR A 271 -6.55 -33.80 -2.63
C THR A 271 -8.05 -33.55 -2.57
N LEU A 272 -8.46 -32.30 -2.65
CA LEU A 272 -9.86 -31.94 -2.46
C LEU A 272 -10.69 -32.06 -3.72
N THR A 273 -10.07 -32.03 -4.90
CA THR A 273 -10.85 -32.16 -6.13
C THR A 273 -11.22 -33.60 -6.46
N ARG A 274 -10.92 -34.55 -5.58
CA ARG A 274 -11.14 -35.96 -5.92
C ARG A 274 -12.62 -36.32 -5.91
N THR A 275 -13.35 -35.87 -4.90
CA THR A 275 -14.70 -36.35 -4.67
C THR A 275 -15.77 -35.52 -5.39
N GLU A 276 -15.43 -34.36 -5.93
CA GLU A 276 -16.43 -33.46 -6.48
C GLU A 276 -16.35 -33.40 -8.00
N PHE A 277 -17.42 -32.88 -8.59
CA PHE A 277 -17.54 -32.72 -10.04
C PHE A 277 -17.11 -31.34 -10.50
N ILE A 278 -16.60 -30.51 -9.61
CA ILE A 278 -16.08 -29.19 -9.96
C ILE A 278 -14.64 -29.37 -10.43
N SER A 279 -14.36 -28.92 -11.65
CA SER A 279 -13.07 -29.15 -12.30
C SER A 279 -12.36 -27.82 -12.50
N PRO A 280 -11.48 -27.43 -11.58
CA PRO A 280 -10.83 -26.12 -11.70
C PRO A 280 -9.75 -26.11 -12.74
N ILE A 281 -9.42 -24.91 -13.20
CA ILE A 281 -8.27 -24.64 -14.04
C ILE A 281 -7.34 -23.73 -13.26
N VAL A 282 -6.13 -24.21 -12.98
CA VAL A 282 -5.18 -23.47 -12.15
C VAL A 282 -4.02 -23.04 -13.02
N TYR A 283 -3.58 -21.80 -12.85
CA TYR A 283 -2.50 -21.19 -13.62
C TYR A 283 -1.48 -20.59 -12.67
N ILE A 284 -0.26 -21.12 -12.71
CA ILE A 284 0.83 -20.67 -11.86
C ILE A 284 1.85 -19.97 -12.75
N ASP A 285 2.28 -18.79 -12.31
CA ASP A 285 3.35 -18.11 -13.06
C ASP A 285 4.62 -18.41 -12.29
N GLU A 286 5.72 -18.68 -12.98
CA GLU A 286 7.01 -18.83 -12.30
C GLU A 286 6.94 -19.76 -11.08
N PRO A 287 6.59 -21.05 -11.19
CA PRO A 287 6.59 -21.87 -10.01
C PRO A 287 7.97 -22.03 -9.40
N GLU A 288 9.03 -21.45 -9.99
CA GLU A 288 10.40 -21.70 -9.58
C GLU A 288 11.11 -20.47 -9.02
N VAL A 289 10.45 -19.31 -9.00
CA VAL A 289 11.17 -18.09 -8.66
C VAL A 289 11.60 -18.12 -7.19
N GLY A 290 12.89 -17.88 -6.97
CA GLY A 290 13.46 -17.93 -5.64
C GLY A 290 13.76 -19.32 -5.12
N LEU A 291 13.72 -20.34 -5.96
CA LEU A 291 13.89 -21.72 -5.53
C LEU A 291 15.22 -22.28 -6.02
N HIS A 292 15.93 -22.95 -5.13
CA HIS A 292 17.12 -23.70 -5.52
C HIS A 292 16.72 -24.79 -6.52
N PRO A 293 17.62 -25.14 -7.44
CA PRO A 293 17.27 -26.19 -8.41
C PRO A 293 16.80 -27.49 -7.76
N LYS A 294 17.45 -27.83 -6.64
CA LYS A 294 17.05 -29.04 -5.88
C LYS A 294 15.63 -28.85 -5.35
N LEU A 295 15.29 -27.64 -4.89
CA LEU A 295 13.95 -27.40 -4.35
C LEU A 295 12.90 -27.44 -5.45
N ALA A 296 13.21 -26.91 -6.64
CA ALA A 296 12.26 -26.99 -7.73
C ALA A 296 12.03 -28.44 -8.15
N GLU A 297 13.10 -29.23 -8.22
CA GLU A 297 12.95 -30.64 -8.53
C GLU A 297 12.09 -31.34 -7.49
N SER A 298 12.32 -31.04 -6.21
CA SER A 298 11.54 -31.66 -5.15
C SER A 298 10.08 -31.22 -5.20
N PHE A 299 9.83 -29.97 -5.58
CA PHE A 299 8.47 -29.49 -5.72
C PHE A 299 7.71 -30.28 -6.78
N VAL A 300 8.34 -30.46 -7.94
CA VAL A 300 7.68 -31.25 -9.00
C VAL A 300 7.55 -32.70 -8.58
N SER A 301 8.54 -33.24 -7.86
CA SER A 301 8.46 -34.63 -7.43
C SER A 301 7.30 -34.84 -6.47
N ASN A 302 7.11 -33.93 -5.52
CA ASN A 302 5.98 -34.06 -4.59
C ASN A 302 4.65 -33.89 -5.32
N LEU A 303 4.61 -32.96 -6.28
CA LEU A 303 3.39 -32.81 -7.07
C LEU A 303 3.04 -34.11 -7.79
N ASN A 304 4.03 -34.75 -8.39
CA ASN A 304 3.78 -36.01 -9.08
C ASN A 304 3.43 -37.13 -8.11
N LYS A 305 4.02 -37.13 -6.92
CA LYS A 305 3.68 -38.13 -5.91
C LYS A 305 2.20 -38.03 -5.54
N ILE A 306 1.72 -36.81 -5.28
CA ILE A 306 0.31 -36.64 -4.95
C ILE A 306 -0.56 -36.98 -6.15
N TYR A 307 -0.13 -36.60 -7.36
CA TYR A 307 -0.91 -36.88 -8.55
C TYR A 307 -1.08 -38.38 -8.76
N SER A 308 -0.01 -39.15 -8.58
CA SER A 308 -0.06 -40.59 -8.80
C SER A 308 -0.68 -41.35 -7.63
N LYS A 309 -0.69 -40.76 -6.43
CA LYS A 309 -1.27 -41.45 -5.28
C LYS A 309 -2.78 -41.59 -5.38
N PHE A 310 -3.45 -40.76 -6.18
CA PHE A 310 -4.89 -40.80 -6.33
C PHE A 310 -5.32 -41.26 -7.71
N LYS A 311 -4.40 -41.74 -8.54
CA LYS A 311 -4.70 -42.08 -9.92
C LYS A 311 -5.03 -43.57 -10.03
N LYS A 312 -6.14 -43.87 -10.68
CA LYS A 312 -6.64 -45.23 -10.79
C LYS A 312 -6.50 -45.71 -12.23
N THR A 313 -5.87 -46.87 -12.41
CA THR A 313 -5.70 -47.46 -13.73
C THR A 313 -6.16 -48.91 -13.72
N SER A 314 -5.91 -49.63 -14.82
CA SER A 314 -6.33 -51.03 -14.89
C SER A 314 -5.56 -51.90 -13.91
N GLU A 315 -4.32 -51.53 -13.58
CA GLU A 315 -3.49 -52.28 -12.64
C GLU A 315 -3.62 -51.76 -11.21
N LEU A 316 -3.57 -50.44 -11.04
CA LEU A 316 -3.68 -49.83 -9.71
C LEU A 316 -5.14 -49.54 -9.42
N SER A 317 -5.65 -50.10 -8.32
CA SER A 317 -7.03 -49.89 -7.91
C SER A 317 -7.13 -50.24 -6.43
N GLY A 318 -8.27 -49.92 -5.84
CA GLY A 318 -8.51 -50.22 -4.46
C GLY A 318 -9.00 -49.02 -3.67
N PRO A 319 -8.71 -48.99 -2.37
CA PRO A 319 -9.17 -47.89 -1.53
C PRO A 319 -8.28 -46.67 -1.73
N GLY A 320 -8.91 -45.51 -1.95
CA GLY A 320 -8.19 -44.27 -2.08
C GLY A 320 -7.80 -43.87 -3.49
N ARG A 321 -8.23 -44.62 -4.50
CA ARG A 321 -7.91 -44.31 -5.89
C ARG A 321 -9.17 -43.94 -6.64
N TYR A 322 -9.14 -42.80 -7.32
CA TYR A 322 -10.32 -42.23 -7.97
C TYR A 322 -10.07 -42.08 -9.47
N LYS A 323 -11.17 -42.15 -10.23
CA LYS A 323 -11.16 -41.93 -11.66
C LYS A 323 -11.49 -40.49 -12.02
N THR A 324 -11.78 -39.66 -11.02
CA THR A 324 -12.17 -38.27 -11.27
C THR A 324 -11.08 -37.53 -12.04
N PRO A 325 -11.42 -36.81 -13.10
CA PRO A 325 -10.40 -36.09 -13.87
C PRO A 325 -9.67 -35.05 -13.04
N TYR A 326 -8.38 -34.93 -13.28
CA TYR A 326 -7.54 -33.99 -12.56
C TYR A 326 -7.73 -32.57 -13.10
N PRO A 327 -7.53 -31.56 -12.25
CA PRO A 327 -7.65 -30.18 -12.74
C PRO A 327 -6.56 -29.86 -13.76
N ASN A 328 -6.90 -28.97 -14.68
CA ASN A 328 -5.93 -28.53 -15.69
C ASN A 328 -4.95 -27.56 -15.04
N ILE A 329 -3.69 -27.99 -14.94
CA ILE A 329 -2.66 -27.21 -14.28
C ILE A 329 -1.71 -26.67 -15.34
N PHE A 330 -1.74 -25.37 -15.55
CA PHE A 330 -0.78 -24.67 -16.38
C PHE A 330 0.22 -23.99 -15.47
N TYR A 331 1.50 -24.07 -15.79
CA TYR A 331 2.47 -23.22 -15.11
C TYR A 331 3.54 -22.78 -16.09
N SER A 332 3.84 -21.49 -16.08
CA SER A 332 4.86 -20.94 -16.95
C SER A 332 6.17 -20.83 -16.18
N THR A 333 7.20 -21.49 -16.73
CA THR A 333 8.48 -21.61 -16.03
C THR A 333 9.62 -21.15 -16.93
N HIS A 334 10.74 -20.75 -16.36
CA HIS A 334 11.94 -20.40 -17.14
C HIS A 334 13.07 -21.24 -16.57
N SER A 335 12.75 -22.30 -15.84
CA SER A 335 13.77 -23.10 -15.13
C SER A 335 13.95 -24.45 -15.79
N PRO A 336 15.12 -24.90 -16.30
CA PRO A 336 15.18 -26.24 -16.87
C PRO A 336 14.89 -27.34 -15.87
N SER A 337 15.09 -27.11 -14.57
CA SER A 337 14.84 -28.16 -13.59
C SER A 337 13.36 -28.52 -13.51
N ILE A 338 12.48 -27.51 -13.50
CA ILE A 338 11.05 -27.78 -13.44
C ILE A 338 10.61 -28.59 -14.64
N LEU A 339 11.04 -28.18 -15.84
CA LEU A 339 10.65 -28.87 -17.06
C LEU A 339 11.22 -30.29 -17.09
N LYS A 340 12.47 -30.46 -16.67
CA LYS A 340 13.08 -31.79 -16.67
C LYS A 340 12.33 -32.74 -15.76
N GLN A 341 12.06 -32.30 -14.53
CA GLN A 341 11.35 -33.19 -13.61
C GLN A 341 9.92 -33.43 -14.06
N THR A 342 9.27 -32.42 -14.62
CA THR A 342 7.92 -32.61 -15.16
C THR A 342 7.91 -33.71 -16.20
N ILE A 343 8.81 -33.62 -17.18
CA ILE A 343 8.87 -34.63 -18.23
C ILE A 343 9.15 -36.00 -17.63
N LYS A 344 10.20 -36.10 -16.82
CA LYS A 344 10.65 -37.41 -16.35
C LYS A 344 9.63 -38.07 -15.46
N LEU A 345 8.86 -37.30 -14.68
CA LEU A 345 7.93 -37.90 -13.74
C LEU A 345 6.50 -37.99 -14.27
N PHE A 346 6.17 -37.32 -15.37
CA PHE A 346 4.81 -37.43 -15.88
C PHE A 346 4.72 -38.25 -17.16
N GLY A 347 5.67 -38.11 -18.09
CA GLY A 347 5.59 -38.90 -19.30
C GLY A 347 4.51 -38.46 -20.26
N LYS A 348 3.46 -39.26 -20.38
CA LYS A 348 2.41 -39.01 -21.36
C LYS A 348 1.33 -38.07 -20.84
N ASP A 349 1.37 -37.67 -19.58
CA ASP A 349 0.38 -36.79 -19.00
C ASP A 349 0.83 -35.33 -18.96
N GLN A 350 1.94 -35.01 -19.61
CA GLN A 350 2.45 -33.65 -19.64
C GLN A 350 2.54 -33.16 -21.08
N GLN A 351 2.48 -31.85 -21.24
CA GLN A 351 2.54 -31.21 -22.54
C GLN A 351 3.38 -29.96 -22.42
N VAL A 352 4.26 -29.74 -23.39
CA VAL A 352 5.15 -28.59 -23.40
C VAL A 352 4.72 -27.65 -24.50
N LEU A 353 4.35 -26.43 -24.12
CA LEU A 353 3.88 -25.41 -25.05
C LEU A 353 4.95 -24.34 -25.20
N HIS A 354 5.27 -24.02 -26.44
CA HIS A 354 6.31 -23.06 -26.79
C HIS A 354 5.65 -21.80 -27.30
N PHE A 355 5.92 -20.67 -26.64
CA PHE A 355 5.41 -19.37 -27.03
C PHE A 355 6.54 -18.58 -27.68
N SER A 356 6.34 -18.14 -28.92
CA SER A 356 7.38 -17.36 -29.62
C SER A 356 6.73 -16.15 -30.26
N LYS A 357 7.27 -14.96 -30.06
CA LYS A 357 6.63 -13.83 -30.77
C LYS A 357 7.37 -13.68 -32.09
N LYS A 358 6.66 -13.77 -33.19
CA LYS A 358 7.30 -13.76 -34.53
C LYS A 358 7.94 -12.42 -34.86
N LYS A 359 7.91 -12.08 -36.14
CA LYS A 359 8.58 -10.86 -36.58
C LYS A 359 7.64 -9.66 -36.50
N ASP A 360 6.38 -9.81 -36.90
CA ASP A 360 5.43 -8.69 -36.83
C ASP A 360 5.07 -8.34 -35.39
N GLY A 361 4.99 -9.34 -34.52
CA GLY A 361 4.61 -9.13 -33.13
C GLY A 361 3.58 -10.10 -32.60
N SER A 362 3.00 -10.96 -33.44
CA SER A 362 2.01 -11.92 -32.98
C SER A 362 2.67 -13.06 -32.21
N THR A 363 1.91 -13.62 -31.27
CA THR A 363 2.38 -14.77 -30.51
C THR A 363 2.02 -16.05 -31.24
N ARG A 364 2.95 -16.99 -31.28
CA ARG A 364 2.74 -18.32 -31.83
C ARG A 364 2.88 -19.35 -30.72
N VAL A 365 1.93 -20.26 -30.65
CA VAL A 365 1.92 -21.33 -29.67
C VAL A 365 2.11 -22.64 -30.41
N ASN A 366 3.13 -23.40 -30.03
CA ASN A 366 3.44 -24.67 -30.65
C ASN A 366 3.59 -25.74 -29.57
N LYS A 367 3.49 -27.00 -29.98
CA LYS A 367 3.64 -28.11 -29.05
C LYS A 367 4.97 -28.80 -29.31
N ILE A 368 5.83 -28.83 -28.31
CA ILE A 368 7.13 -29.45 -28.46
C ILE A 368 7.05 -30.90 -27.99
N ASN A 369 7.63 -31.80 -28.76
CA ASN A 369 7.59 -33.22 -28.44
C ASN A 369 8.34 -33.46 -27.13
N SER A 370 7.60 -33.93 -26.12
CA SER A 370 8.19 -34.21 -24.81
C SER A 370 7.90 -35.63 -24.34
N THR A 371 7.40 -36.49 -25.22
CA THR A 371 7.15 -37.89 -24.89
C THR A 371 8.12 -38.76 -25.67
N TYR A 372 8.85 -39.61 -24.96
CA TYR A 372 9.84 -40.49 -25.56
C TYR A 372 9.48 -41.94 -25.30
N SER A 373 9.62 -42.76 -26.33
CA SER A 373 9.29 -44.18 -26.22
C SER A 373 10.43 -45.00 -25.65
N ASP A 374 11.60 -44.41 -25.43
CA ASP A 374 12.77 -45.12 -24.94
C ASP A 374 12.89 -44.90 -23.44
N GLU A 375 12.83 -45.99 -22.67
CA GLU A 375 12.99 -45.86 -21.22
C GLU A 375 14.40 -45.45 -20.84
N ARG A 376 15.40 -45.90 -21.62
CA ARG A 376 16.78 -45.54 -21.33
C ARG A 376 16.99 -44.04 -21.44
N PHE A 377 16.39 -43.42 -22.46
CA PHE A 377 16.52 -41.97 -22.60
C PHE A 377 15.81 -41.24 -21.48
N LEU A 378 14.66 -41.76 -21.04
CA LEU A 378 13.96 -41.14 -19.92
C LEU A 378 14.79 -41.20 -18.65
N ASN A 379 15.42 -42.33 -18.38
CA ASN A 379 16.26 -42.44 -17.18
C ASN A 379 17.50 -41.57 -17.31
N ILE A 380 18.15 -41.59 -18.48
CA ILE A 380 19.38 -40.80 -18.67
C ILE A 380 19.09 -39.34 -18.93
N PHE A 381 17.83 -38.96 -19.10
CA PHE A 381 17.47 -37.56 -19.30
C PHE A 381 17.98 -36.73 -18.13
N SER A 382 18.68 -35.64 -18.45
CA SER A 382 19.36 -34.85 -17.43
C SER A 382 19.17 -33.37 -17.74
N ASP A 383 19.89 -32.54 -17.00
CA ASP A 383 19.77 -31.10 -17.16
C ASP A 383 20.24 -30.65 -18.54
N ASN A 384 21.27 -31.29 -19.07
CA ASN A 384 21.81 -30.90 -20.37
C ASN A 384 20.79 -31.11 -21.47
N GLU A 385 20.07 -32.23 -21.45
CA GLU A 385 19.07 -32.47 -22.48
C GLU A 385 17.86 -31.56 -22.32
N ALA A 386 17.38 -31.38 -21.08
CA ALA A 386 16.24 -30.52 -20.85
C ALA A 386 16.53 -29.06 -21.15
N ARG A 387 17.81 -28.69 -21.14
CA ARG A 387 18.20 -27.29 -21.48
C ARG A 387 17.85 -27.02 -22.94
N LEU A 388 17.83 -28.07 -23.78
CA LEU A 388 17.58 -27.87 -25.21
C LEU A 388 16.22 -27.24 -25.47
N PHE A 389 15.25 -27.47 -24.60
CA PHE A 389 13.91 -26.91 -24.81
C PHE A 389 13.93 -25.39 -24.83
N PHE A 390 14.85 -24.78 -24.11
CA PHE A 390 14.95 -23.33 -24.03
C PHE A 390 15.87 -22.75 -25.08
N SER A 391 16.40 -23.57 -25.98
CA SER A 391 17.34 -23.09 -26.98
C SER A 391 16.62 -22.26 -28.03
N GLU A 392 17.41 -21.45 -28.75
CA GLU A 392 16.95 -20.74 -29.92
C GLU A 392 17.41 -21.37 -31.22
N TYR A 393 18.60 -21.98 -31.22
CA TYR A 393 19.10 -22.71 -32.37
C TYR A 393 20.01 -23.80 -31.86
N ILE A 394 19.65 -25.06 -32.15
CA ILE A 394 20.40 -26.21 -31.68
C ILE A 394 21.30 -26.70 -32.81
N VAL A 395 22.60 -26.76 -32.55
CA VAL A 395 23.55 -27.26 -33.53
C VAL A 395 24.05 -28.61 -33.06
N PHE A 396 23.37 -29.68 -33.49
CA PHE A 396 23.78 -31.02 -33.11
C PHE A 396 25.10 -31.38 -33.78
N VAL A 397 26.01 -31.97 -33.02
CA VAL A 397 27.30 -32.39 -33.52
C VAL A 397 27.51 -33.85 -33.15
N GLU A 398 28.68 -34.38 -33.48
CA GLU A 398 28.98 -35.79 -33.31
C GLU A 398 30.01 -36.09 -32.24
N GLY A 399 31.13 -35.35 -32.21
CA GLY A 399 32.19 -35.62 -31.27
C GLY A 399 32.46 -34.43 -30.37
N ALA A 400 33.38 -34.64 -29.43
CA ALA A 400 33.70 -33.60 -28.46
C ALA A 400 34.58 -32.51 -29.05
N THR A 401 35.26 -32.77 -30.17
CA THR A 401 36.11 -31.74 -30.78
C THR A 401 35.26 -30.59 -31.31
N GLU A 402 34.11 -30.90 -31.90
CA GLU A 402 33.22 -29.84 -32.36
C GLU A 402 32.69 -29.03 -31.19
N LEU A 403 32.41 -29.68 -30.06
CA LEU A 403 32.04 -28.95 -28.85
C LEU A 403 33.15 -28.02 -28.41
N GLU A 404 34.40 -28.50 -28.46
CA GLU A 404 35.53 -27.65 -28.10
C GLU A 404 35.64 -26.45 -29.03
N LEU A 405 35.40 -26.65 -30.32
CA LEU A 405 35.54 -25.56 -31.29
C LEU A 405 34.42 -24.54 -31.12
N PHE A 406 33.17 -24.99 -31.22
CA PHE A 406 32.04 -24.06 -31.29
C PHE A 406 31.77 -23.35 -29.98
N ARG A 407 32.39 -23.77 -28.88
CA ARG A 407 32.25 -23.10 -27.59
C ARG A 407 33.41 -22.19 -27.28
N ASN A 408 34.29 -21.95 -28.24
CA ASN A 408 35.48 -21.13 -27.99
C ASN A 408 35.09 -19.70 -27.66
N LEU A 409 35.62 -19.19 -26.56
CA LEU A 409 35.24 -17.87 -26.10
C LEU A 409 35.69 -16.77 -27.06
N SER A 410 36.94 -16.85 -27.53
CA SER A 410 37.44 -15.85 -28.47
C SER A 410 36.67 -15.91 -29.78
N LEU A 411 36.37 -17.11 -30.27
CA LEU A 411 35.62 -17.25 -31.51
C LEU A 411 34.20 -16.70 -31.35
N LEU A 412 33.57 -16.95 -30.21
CA LEU A 412 32.24 -16.40 -29.98
C LEU A 412 32.27 -14.90 -29.73
N ASN A 413 33.42 -14.34 -29.37
CA ASN A 413 33.49 -12.89 -29.18
C ASN A 413 33.22 -12.15 -30.48
N LEU A 414 33.75 -12.65 -31.59
CA LEU A 414 33.58 -11.98 -32.87
C LEU A 414 32.27 -12.35 -33.57
N TYR A 415 31.53 -13.32 -33.05
CA TYR A 415 30.24 -13.72 -33.60
C TYR A 415 29.22 -13.80 -32.46
N PRO A 416 28.78 -12.64 -31.96
CA PRO A 416 27.87 -12.66 -30.80
C PRO A 416 26.57 -13.38 -31.07
N ALA A 417 26.05 -13.33 -32.30
CA ALA A 417 24.78 -13.98 -32.59
C ALA A 417 24.86 -15.48 -32.34
N PHE A 418 25.95 -16.11 -32.77
CA PHE A 418 26.12 -17.54 -32.53
C PHE A 418 26.24 -17.87 -31.05
N SER A 419 26.46 -16.87 -30.20
CA SER A 419 26.45 -17.12 -28.77
C SER A 419 25.06 -17.55 -28.29
N LEU A 420 24.01 -17.23 -29.03
CA LEU A 420 22.66 -17.61 -28.63
C LEU A 420 22.31 -19.04 -29.01
N ALA A 421 23.18 -19.73 -29.74
CA ALA A 421 22.92 -21.10 -30.18
C ALA A 421 23.66 -22.07 -29.27
N ASP A 422 22.91 -23.05 -28.76
CA ASP A 422 23.49 -24.08 -27.85
C ASP A 422 23.95 -25.28 -28.68
N ILE A 423 25.20 -25.71 -28.48
CA ILE A 423 25.75 -26.85 -29.19
C ILE A 423 25.62 -28.08 -28.30
N TYR A 424 25.12 -29.17 -28.87
CA TYR A 424 24.85 -30.39 -28.12
C TYR A 424 25.23 -31.60 -28.96
N ASP A 425 26.24 -32.35 -28.52
CA ASP A 425 26.66 -33.52 -29.26
C ASP A 425 25.61 -34.62 -29.14
N ALA A 426 25.20 -35.17 -30.28
CA ALA A 426 24.09 -36.11 -30.32
C ALA A 426 24.51 -37.39 -31.02
N ASN A 427 24.34 -38.52 -30.34
CA ASN A 427 24.48 -39.81 -30.97
C ASN A 427 23.30 -40.05 -31.92
N GLU A 428 23.45 -41.07 -32.78
CA GLU A 428 22.40 -41.34 -33.76
C GLU A 428 21.09 -41.74 -33.07
N VAL A 429 21.18 -42.59 -32.04
CA VAL A 429 19.97 -43.02 -31.34
C VAL A 429 19.38 -41.86 -30.54
N ILE A 430 20.24 -41.06 -29.91
CA ILE A 430 19.76 -39.89 -29.18
C ILE A 430 19.10 -38.91 -30.14
N LEU A 431 19.71 -38.68 -31.29
CA LEU A 431 19.11 -37.80 -32.28
C LEU A 431 17.80 -38.36 -32.82
N ALA A 432 17.68 -39.69 -32.86
CA ALA A 432 16.45 -40.30 -33.36
C ALA A 432 15.31 -40.15 -32.35
N ASN A 433 15.59 -40.37 -31.06
CA ASN A 433 14.52 -40.30 -30.09
C ASN A 433 14.26 -38.90 -29.54
N ILE A 434 15.15 -37.95 -29.79
CA ILE A 434 14.82 -36.55 -29.46
C ILE A 434 13.75 -36.03 -30.41
N ASN A 435 13.84 -36.42 -31.68
CA ASN A 435 12.95 -35.98 -32.75
C ASN A 435 13.01 -34.47 -32.93
N PRO A 436 14.17 -33.90 -33.28
CA PRO A 436 14.24 -32.45 -33.45
C PRO A 436 13.51 -31.97 -34.69
N GLY A 437 13.23 -32.84 -35.66
CA GLY A 437 12.48 -32.44 -36.83
C GLY A 437 11.01 -32.21 -36.57
N TYR A 438 10.49 -32.76 -35.48
CA TYR A 438 9.09 -32.52 -35.13
C TYR A 438 8.85 -31.06 -34.81
N SER A 439 9.79 -30.41 -34.14
CA SER A 439 9.63 -29.00 -33.79
C SER A 439 9.97 -28.10 -34.97
N LYS A 440 11.24 -28.11 -35.40
CA LYS A 440 11.71 -27.37 -36.56
C LYS A 440 11.24 -25.93 -36.57
N ALA A 441 9.94 -25.71 -36.78
CA ALA A 441 9.40 -24.36 -36.79
C ALA A 441 9.53 -23.71 -35.42
N SER A 442 9.32 -24.48 -34.35
CA SER A 442 9.45 -23.92 -33.01
C SER A 442 10.91 -23.64 -32.68
N ILE A 443 11.75 -24.67 -32.69
CA ILE A 443 13.16 -24.55 -32.39
C ILE A 443 13.96 -24.97 -33.62
N PRO A 444 14.43 -24.03 -34.43
CA PRO A 444 15.23 -24.40 -35.60
C PRO A 444 16.52 -25.07 -35.18
N PHE A 445 17.00 -25.98 -36.03
CA PHE A 445 18.16 -26.78 -35.67
C PHE A 445 18.92 -27.16 -36.93
N VAL A 446 20.10 -27.75 -36.71
CA VAL A 446 20.91 -28.29 -37.80
C VAL A 446 21.75 -29.43 -37.24
N ILE A 447 21.91 -30.48 -38.04
CA ILE A 447 22.66 -31.67 -37.63
C ILE A 447 23.94 -31.69 -38.45
N ILE A 448 25.09 -31.63 -37.77
CA ILE A 448 26.38 -31.48 -38.43
C ILE A 448 27.09 -32.82 -38.37
N LYS A 449 27.39 -33.38 -39.54
CA LYS A 449 28.04 -34.67 -39.62
C LYS A 449 29.16 -34.62 -40.66
N ASP A 450 29.97 -35.67 -40.66
CA ASP A 450 31.01 -35.82 -41.67
C ASP A 450 30.49 -36.64 -42.83
N ILE A 451 31.06 -36.39 -44.01
CA ILE A 451 30.64 -37.12 -45.21
C ILE A 451 30.99 -38.60 -45.13
N ASP A 452 31.84 -38.99 -44.19
CA ASP A 452 32.15 -40.40 -44.00
C ASP A 452 30.92 -41.21 -43.61
N THR A 453 29.97 -40.57 -42.91
CA THR A 453 28.75 -41.27 -42.52
C THR A 453 27.86 -41.60 -43.71
N LEU A 454 28.16 -41.04 -44.88
CA LEU A 454 27.39 -41.30 -46.10
C LEU A 454 28.07 -42.31 -47.01
N ILE A 455 29.32 -42.04 -47.40
CA ILE A 455 30.02 -42.83 -48.40
C ILE A 455 31.32 -43.33 -47.79
N ASP A 456 31.62 -44.61 -48.00
CA ASP A 456 32.87 -45.19 -47.51
C ASP A 456 33.68 -45.68 -48.71
N TYR A 457 34.62 -44.86 -49.15
CA TYR A 457 35.50 -45.22 -50.26
C TYR A 457 36.42 -46.35 -49.85
N SER A 458 36.66 -47.27 -50.79
CA SER A 458 37.59 -48.38 -50.57
C SER A 458 38.78 -48.19 -51.49
N ILE A 459 39.98 -48.16 -50.90
CA ILE A 459 41.19 -47.97 -51.69
C ILE A 459 41.49 -49.22 -52.53
N LYS A 460 41.29 -50.40 -51.95
CA LYS A 460 41.58 -51.63 -52.67
C LYS A 460 40.68 -51.80 -53.89
N THR A 461 39.39 -51.50 -53.74
CA THR A 461 38.43 -51.71 -54.82
C THR A 461 38.21 -50.47 -55.68
N GLU A 462 38.69 -49.30 -55.24
CA GLU A 462 38.48 -48.04 -55.96
C GLU A 462 36.99 -47.77 -56.18
N LYS A 463 36.18 -48.05 -55.17
CA LYS A 463 34.73 -47.91 -55.25
C LYS A 463 34.18 -47.17 -54.06
N PHE A 464 33.19 -46.31 -54.31
CA PHE A 464 32.37 -45.76 -53.25
C PHE A 464 31.28 -46.76 -52.87
N SER A 465 30.94 -46.80 -51.60
CA SER A 465 29.81 -47.58 -51.13
C SER A 465 28.94 -46.71 -50.25
N LEU A 466 27.63 -46.89 -50.36
CA LEU A 466 26.65 -46.05 -49.70
C LEU A 466 26.29 -46.64 -48.35
N ARG A 467 26.47 -45.85 -47.30
CA ARG A 467 26.06 -46.24 -45.96
C ARG A 467 24.54 -46.24 -45.88
N PRO A 468 23.96 -46.99 -44.93
CA PRO A 468 22.49 -47.03 -44.83
C PRO A 468 21.87 -45.67 -44.52
N LEU A 469 22.63 -44.76 -43.91
CA LEU A 469 22.10 -43.42 -43.68
C LEU A 469 21.81 -42.70 -44.99
N PHE A 470 22.66 -42.89 -46.00
CA PHE A 470 22.39 -42.33 -47.32
C PHE A 470 21.12 -42.92 -47.92
N GLU A 471 20.92 -44.23 -47.81
CA GLU A 471 19.71 -44.82 -48.36
C GLU A 471 18.47 -44.28 -47.66
N LYS A 472 18.53 -44.16 -46.33
CA LYS A 472 17.40 -43.63 -45.57
C LYS A 472 17.12 -42.16 -45.91
N MET A 473 18.18 -41.36 -46.08
CA MET A 473 18.00 -39.97 -46.47
C MET A 473 17.40 -39.86 -47.87
N ILE A 474 17.87 -40.67 -48.81
CA ILE A 474 17.30 -40.68 -50.15
C ILE A 474 15.84 -41.09 -50.09
N LYS A 475 15.51 -42.05 -49.22
CA LYS A 475 14.14 -42.53 -49.11
C LYS A 475 13.21 -41.41 -48.64
N GLU A 476 13.65 -40.61 -47.65
CA GLU A 476 12.82 -39.43 -47.34
C GLU A 476 12.86 -38.39 -48.45
N LEU A 477 13.90 -38.39 -49.28
CA LEU A 477 14.04 -37.33 -50.27
C LEU A 477 13.39 -37.66 -51.61
N THR A 478 13.03 -38.92 -51.86
CA THR A 478 12.26 -39.25 -53.05
C THR A 478 10.78 -38.99 -52.78
N LYS A 479 10.48 -37.71 -52.61
CA LYS A 479 9.13 -37.28 -52.26
C LYS A 479 8.11 -37.67 -53.32
N GLU A 480 8.56 -37.90 -54.54
CA GLU A 480 7.71 -37.97 -55.72
C GLU A 480 6.78 -39.18 -55.72
N PHE A 481 6.70 -39.92 -54.62
CA PHE A 481 5.92 -41.14 -54.60
C PHE A 481 4.45 -40.88 -54.91
N ASP A 482 3.87 -39.84 -54.31
CA ASP A 482 2.46 -39.54 -54.50
C ASP A 482 2.24 -38.04 -54.70
N TYR A 483 3.10 -37.46 -55.53
CA TYR A 483 3.03 -35.98 -55.66
C TYR A 483 2.76 -35.53 -57.08
N TYR A 484 2.77 -34.21 -57.26
CA TYR A 484 2.56 -33.56 -58.54
C TYR A 484 3.81 -32.76 -58.92
N ASP A 485 3.91 -32.42 -60.21
CA ASP A 485 5.11 -31.77 -60.70
C ASP A 485 5.30 -30.40 -60.09
N THR A 486 6.56 -30.05 -59.86
CA THR A 486 6.96 -28.78 -59.26
C THR A 486 8.39 -28.53 -59.75
N GLY A 487 9.04 -27.46 -59.29
CA GLY A 487 10.41 -27.20 -59.68
C GLY A 487 11.40 -28.11 -58.97
N PHE A 488 11.02 -29.37 -58.80
CA PHE A 488 11.83 -30.39 -58.14
C PHE A 488 12.57 -31.29 -59.13
N GLY A 489 12.53 -30.98 -60.43
CA GLY A 489 13.24 -31.81 -61.39
C GLY A 489 14.72 -31.87 -61.11
N ARG A 490 15.30 -30.75 -60.67
CA ARG A 490 16.70 -30.74 -60.27
C ARG A 490 16.95 -31.69 -59.11
N VAL A 491 16.02 -31.74 -58.15
CA VAL A 491 16.14 -32.66 -57.03
C VAL A 491 16.13 -34.10 -57.51
N ARG A 492 15.21 -34.43 -58.43
CA ARG A 492 15.17 -35.79 -58.95
C ARG A 492 16.46 -36.15 -59.68
N LYS A 493 17.01 -35.20 -60.44
CA LYS A 493 18.29 -35.45 -61.10
C LYS A 493 19.39 -35.70 -60.08
N GLU A 494 19.45 -34.89 -59.03
CA GLU A 494 20.48 -35.06 -58.02
C GLU A 494 20.37 -36.41 -57.33
N ILE A 495 19.15 -36.83 -57.01
CA ILE A 495 18.97 -38.16 -56.42
C ILE A 495 19.36 -39.25 -57.41
N ASP A 496 19.10 -39.05 -58.70
CA ASP A 496 19.51 -40.02 -59.70
C ASP A 496 21.03 -40.20 -59.71
N LEU A 497 21.77 -39.09 -59.71
CA LEU A 497 23.23 -39.22 -59.66
C LEU A 497 23.71 -39.75 -58.31
N PHE A 498 23.02 -39.43 -57.23
CA PHE A 498 23.41 -39.97 -55.93
C PHE A 498 23.24 -41.48 -55.88
N SER A 499 22.25 -42.01 -56.59
CA SER A 499 22.13 -43.46 -56.71
C SER A 499 23.17 -44.02 -57.70
N ASP A 500 23.48 -43.25 -58.75
CA ASP A 500 24.45 -43.68 -59.75
C ASP A 500 25.86 -43.77 -59.19
N ILE A 501 26.18 -42.97 -58.16
CA ILE A 501 27.56 -42.89 -57.68
C ILE A 501 28.08 -44.25 -57.21
N GLN A 502 27.17 -45.17 -56.88
CA GLN A 502 27.59 -46.48 -56.38
C GLN A 502 28.37 -47.26 -57.43
N SER A 503 27.90 -47.26 -58.68
CA SER A 503 28.50 -48.08 -59.72
C SER A 503 29.81 -47.48 -60.25
N SER A 504 30.01 -46.18 -60.08
CA SER A 504 31.21 -45.54 -60.60
C SER A 504 32.45 -45.92 -59.81
N THR A 505 33.61 -45.82 -60.46
CA THR A 505 34.90 -46.07 -59.83
C THR A 505 35.82 -44.88 -60.05
N LYS A 506 36.66 -44.60 -59.07
CA LYS A 506 37.60 -43.49 -59.12
C LYS A 506 38.98 -43.98 -58.73
N LYS A 507 39.98 -43.64 -59.54
CA LYS A 507 41.35 -44.02 -59.23
C LYS A 507 41.95 -43.08 -58.19
N HIS A 508 42.98 -43.57 -57.51
CA HIS A 508 43.67 -42.83 -56.48
C HIS A 508 45.16 -42.80 -56.77
N MET A 509 45.84 -41.81 -56.21
CA MET A 509 47.26 -41.63 -56.41
C MET A 509 47.97 -41.61 -55.06
N ASP A 510 49.30 -41.74 -55.12
CA ASP A 510 50.15 -41.77 -53.92
C ASP A 510 49.69 -42.86 -52.95
N SER A 511 49.41 -44.04 -53.50
CA SER A 511 48.98 -45.22 -52.75
C SER A 511 47.67 -44.99 -52.01
N GLY A 512 46.82 -44.09 -52.51
CA GLY A 512 45.51 -43.88 -51.92
C GLY A 512 45.44 -42.71 -50.96
N LEU A 513 46.07 -41.59 -51.33
CA LEU A 513 46.02 -40.38 -50.52
C LEU A 513 45.40 -39.19 -51.22
N PHE A 514 45.17 -39.25 -52.52
CA PHE A 514 44.54 -38.16 -53.26
C PHE A 514 43.65 -38.73 -54.34
N PHE A 515 42.79 -37.87 -54.89
CA PHE A 515 41.92 -38.22 -56.00
C PHE A 515 42.49 -37.66 -57.30
N LYS A 516 42.48 -38.48 -58.34
CA LYS A 516 43.04 -38.04 -59.63
C LYS A 516 42.24 -36.87 -60.20
N ARG A 517 40.93 -37.03 -60.30
CA ARG A 517 40.06 -35.99 -60.85
C ARG A 517 38.78 -35.78 -60.05
N PHE A 518 38.41 -36.69 -59.16
CA PHE A 518 37.19 -36.54 -58.39
C PHE A 518 37.34 -35.43 -57.37
N SER A 519 36.32 -34.57 -57.29
CA SER A 519 36.33 -33.42 -56.40
C SER A 519 35.37 -33.69 -55.25
N LEU A 520 35.90 -34.15 -54.12
CA LEU A 520 35.08 -34.34 -52.93
C LEU A 520 34.44 -33.04 -52.49
N HIS A 521 35.07 -31.90 -52.77
CA HIS A 521 34.44 -30.61 -52.47
C HIS A 521 33.16 -30.43 -53.26
N ASN A 522 33.17 -30.79 -54.55
CA ASN A 522 31.96 -30.65 -55.36
C ASN A 522 30.87 -31.58 -54.87
N LEU A 523 31.22 -32.82 -54.52
CA LEU A 523 30.22 -33.75 -54.01
C LEU A 523 29.64 -33.25 -52.69
N SER A 524 30.49 -32.73 -51.81
CA SER A 524 30.01 -32.19 -50.54
C SER A 524 29.07 -31.02 -50.78
N SER A 525 29.42 -30.13 -51.71
CA SER A 525 28.56 -28.99 -52.00
C SER A 525 27.21 -29.44 -52.54
N ARG A 526 27.21 -30.41 -53.46
CA ARG A 526 25.95 -30.91 -53.98
C ARG A 526 25.12 -31.58 -52.89
N ILE A 527 25.76 -32.37 -52.03
CA ILE A 527 25.05 -33.05 -50.95
C ILE A 527 24.44 -32.03 -50.00
N ASN A 528 25.20 -31.01 -49.62
CA ASN A 528 24.67 -30.00 -48.71
C ASN A 528 23.55 -29.19 -49.33
N LYS A 529 23.69 -28.83 -50.61
CA LYS A 529 22.61 -28.11 -51.29
C LYS A 529 21.34 -28.94 -51.33
N VAL A 530 21.47 -30.23 -51.59
CA VAL A 530 20.29 -31.09 -51.66
C VAL A 530 19.68 -31.30 -50.28
N SER A 531 20.52 -31.50 -49.26
CA SER A 531 20.04 -31.89 -47.93
C SER A 531 19.80 -30.73 -47.00
N ARG A 532 19.96 -29.48 -47.46
CA ARG A 532 19.58 -28.35 -46.63
C ARG A 532 18.11 -28.42 -46.23
N LYS A 533 17.27 -29.03 -47.07
CA LYS A 533 15.86 -29.19 -46.74
C LYS A 533 15.66 -30.08 -45.52
N LEU A 534 16.62 -30.95 -45.22
CA LEU A 534 16.53 -31.82 -44.06
C LEU A 534 17.31 -31.29 -42.87
N ASN A 535 17.82 -30.06 -42.94
CA ASN A 535 18.56 -29.41 -41.86
C ASN A 535 19.83 -30.17 -41.51
N ARG A 536 20.41 -30.90 -42.44
CA ARG A 536 21.65 -31.64 -42.20
C ARG A 536 22.77 -31.02 -43.03
N TYR A 537 23.90 -30.77 -42.37
CA TYR A 537 25.09 -30.25 -43.04
C TYR A 537 26.22 -31.25 -42.90
N PHE A 538 26.81 -31.62 -44.02
CA PHE A 538 27.91 -32.58 -44.06
C PHE A 538 29.19 -31.87 -44.46
N MET A 539 30.23 -32.07 -43.66
CA MET A 539 31.54 -31.51 -43.93
C MET A 539 32.35 -32.49 -44.78
N THR A 540 33.23 -31.93 -45.62
CA THR A 540 33.99 -32.76 -46.54
C THR A 540 34.91 -33.71 -45.78
N THR A 541 35.55 -33.22 -44.72
CA THR A 541 36.47 -34.01 -43.91
C THR A 541 36.08 -33.87 -42.45
N THR A 542 36.92 -34.41 -41.58
CA THR A 542 36.69 -34.25 -40.15
C THR A 542 36.93 -32.81 -39.73
N ILE A 543 36.62 -32.52 -38.47
CA ILE A 543 36.76 -31.17 -37.96
C ILE A 543 38.23 -30.76 -37.90
N GLU A 544 39.12 -31.71 -37.60
CA GLU A 544 40.55 -31.43 -37.65
C GLU A 544 40.98 -31.05 -39.06
N GLY A 545 40.45 -31.73 -40.06
CA GLY A 545 40.71 -31.34 -41.43
C GLY A 545 40.14 -29.98 -41.76
N ALA A 546 38.98 -29.63 -41.19
CA ALA A 546 38.40 -28.32 -41.43
C ALA A 546 39.28 -27.22 -40.84
N LEU A 547 39.83 -27.44 -39.65
CA LEU A 547 40.72 -26.46 -39.06
C LEU A 547 42.03 -26.36 -39.85
N ILE A 548 42.59 -27.49 -40.23
CA ILE A 548 43.91 -27.55 -40.86
C ILE A 548 43.69 -27.78 -42.35
N ASN A 549 43.62 -26.70 -43.10
CA ASN A 549 43.55 -26.74 -44.56
C ASN A 549 44.83 -26.15 -45.14
N GLU A 550 44.91 -26.18 -46.47
CA GLU A 550 46.10 -25.63 -47.13
C GLU A 550 46.26 -24.14 -46.86
N GLN A 551 45.15 -23.44 -46.67
CA GLN A 551 45.20 -22.01 -46.39
C GLN A 551 45.61 -21.72 -44.96
N SER A 552 45.30 -22.61 -44.03
CA SER A 552 45.61 -22.40 -42.63
C SER A 552 47.02 -22.85 -42.27
N LEU A 553 47.78 -23.36 -43.22
CA LEU A 553 49.14 -23.79 -42.94
C LEU A 553 50.04 -22.68 -42.39
N PRO A 554 50.04 -21.44 -42.91
CA PRO A 554 50.96 -20.44 -42.36
C PRO A 554 50.73 -20.14 -40.89
N TYR A 555 49.52 -19.72 -40.53
CA TYR A 555 49.23 -19.41 -39.12
C TYR A 555 49.54 -20.58 -38.21
N PHE A 556 49.08 -21.78 -38.57
CA PHE A 556 49.41 -22.96 -37.79
C PHE A 556 50.92 -23.08 -37.61
N PHE A 557 51.68 -22.92 -38.69
CA PHE A 557 53.13 -22.98 -38.58
C PHE A 557 53.64 -21.91 -37.64
N ASN A 558 53.09 -20.70 -37.73
CA ASN A 558 53.45 -19.65 -36.78
C ASN A 558 53.20 -20.12 -35.35
N TRP A 559 52.06 -20.78 -35.12
CA TRP A 559 51.79 -21.33 -33.80
C TRP A 559 52.90 -22.28 -33.37
N ILE A 560 53.32 -23.16 -34.28
CA ILE A 560 54.45 -24.04 -33.98
C ILE A 560 55.65 -23.21 -33.57
N GLY A 561 55.95 -22.16 -34.36
CA GLY A 561 57.03 -21.27 -33.97
C GLY A 561 56.84 -20.71 -32.58
N ASP A 562 55.63 -20.24 -32.28
CA ASP A 562 55.36 -19.77 -30.93
C ASP A 562 55.43 -20.90 -29.92
N VAL A 563 54.91 -22.08 -30.27
CA VAL A 563 55.01 -23.18 -29.33
C VAL A 563 56.45 -23.66 -29.23
N ILE A 564 57.30 -23.19 -30.14
CA ILE A 564 58.73 -23.46 -30.05
C ILE A 564 59.42 -22.45 -29.15
N LEU A 565 58.85 -21.24 -29.04
CA LEU A 565 59.58 -20.16 -28.39
C LEU A 565 59.26 -20.04 -26.90
N THR A 566 58.01 -20.27 -26.49
CA THR A 566 57.56 -19.84 -25.18
C THR A 566 57.35 -20.95 -24.16
N GLN A 567 56.56 -21.97 -24.48
CA GLN A 567 55.99 -22.85 -23.47
C GLN A 567 56.84 -24.05 -23.10
N MET A 568 58.07 -24.17 -23.57
CA MET A 568 58.98 -25.13 -22.98
C MET A 568 60.04 -24.42 -22.15
N THR A 569 60.64 -25.17 -21.24
CA THR A 569 61.69 -24.69 -20.35
C THR A 569 62.85 -25.68 -20.41
N ILE A 570 63.82 -25.50 -19.52
CA ILE A 570 65.02 -26.34 -19.48
C ILE A 570 64.79 -27.44 -18.45
N ASN A 571 65.05 -28.69 -18.85
CA ASN A 571 64.76 -29.85 -18.01
C ASN A 571 65.91 -30.14 -17.05
N ASN A 572 66.18 -29.16 -16.18
CA ASN A 572 67.24 -29.30 -15.18
C ASN A 572 67.15 -28.18 -14.15
N PRO A 573 67.41 -28.48 -12.88
CA PRO A 573 67.43 -27.40 -11.87
C PRO A 573 68.62 -26.47 -11.98
N ASN A 574 69.58 -26.75 -12.87
CA ASN A 574 70.78 -25.94 -13.03
C ASN A 574 70.94 -25.58 -14.49
N PRO A 575 70.19 -24.59 -14.98
CA PRO A 575 70.21 -24.28 -16.42
C PRO A 575 71.59 -23.95 -16.98
N ASP A 576 72.43 -23.24 -16.22
CA ASP A 576 73.73 -22.83 -16.74
C ASP A 576 74.63 -24.02 -17.05
N LYS A 577 74.96 -24.81 -16.02
CA LYS A 577 75.90 -25.91 -16.21
C LYS A 577 75.31 -26.99 -17.11
N PHE A 578 74.01 -27.24 -16.99
CA PHE A 578 73.35 -28.24 -17.84
C PHE A 578 73.39 -27.83 -19.30
N ILE A 579 73.08 -26.56 -19.59
CA ILE A 579 73.11 -26.09 -20.97
C ILE A 579 74.54 -26.11 -21.50
N GLU A 580 75.53 -25.81 -20.65
CA GLU A 580 76.91 -25.90 -21.09
C GLU A 580 77.29 -27.35 -21.41
N ALA A 581 76.87 -28.30 -20.56
CA ALA A 581 77.22 -29.70 -20.76
C ALA A 581 76.59 -30.23 -22.04
N MET A 582 75.33 -29.88 -22.30
CA MET A 582 74.68 -30.34 -23.51
C MET A 582 75.22 -29.66 -24.76
N ARG A 583 75.63 -28.38 -24.65
CA ARG A 583 76.31 -27.75 -25.78
C ARG A 583 77.64 -28.42 -26.06
N ARG A 584 78.35 -28.85 -25.01
CA ARG A 584 79.64 -29.51 -25.21
C ARG A 584 79.46 -30.89 -25.82
N ARG A 585 78.55 -31.70 -25.29
CA ARG A 585 78.41 -33.08 -25.73
C ARG A 585 77.73 -33.16 -27.09
N TYR A 586 76.69 -32.34 -27.31
CA TYR A 586 75.95 -32.35 -28.56
C TYR A 586 76.26 -31.10 -29.35
N ASN A 587 76.61 -31.27 -30.62
CA ASN A 587 76.98 -30.15 -31.47
C ASN A 587 75.73 -29.31 -31.81
N ILE A 588 75.98 -28.07 -32.20
CA ILE A 588 74.91 -27.18 -32.61
C ILE A 588 74.30 -27.65 -33.92
N LYS A 589 75.15 -27.99 -34.89
CA LYS A 589 74.67 -28.31 -36.23
C LYS A 589 74.33 -29.78 -36.39
N SER A 590 75.29 -30.66 -36.13
CA SER A 590 75.11 -32.07 -36.45
C SER A 590 74.08 -32.75 -35.56
N GLN A 591 74.00 -32.36 -34.29
CA GLN A 591 73.18 -33.06 -33.31
C GLN A 591 72.20 -32.08 -32.66
N VAL A 592 71.52 -31.29 -33.48
CA VAL A 592 70.57 -30.31 -32.95
C VAL A 592 69.35 -31.01 -32.34
N VAL A 593 68.88 -32.08 -32.96
CA VAL A 593 67.69 -32.78 -32.47
C VAL A 593 67.91 -33.36 -31.06
N PRO A 594 68.95 -34.16 -30.81
CA PRO A 594 69.15 -34.64 -29.43
C PRO A 594 69.47 -33.52 -28.46
N LEU A 595 70.14 -32.46 -28.91
CA LEU A 595 70.42 -31.33 -28.03
C LEU A 595 69.13 -30.68 -27.56
N PHE A 596 68.18 -30.46 -28.49
CA PHE A 596 66.90 -29.88 -28.11
C PHE A 596 66.09 -30.85 -27.27
N LYS A 597 66.20 -32.15 -27.54
CA LYS A 597 65.54 -33.14 -26.72
C LYS A 597 66.03 -33.08 -25.27
N SER A 598 67.34 -32.93 -25.08
CA SER A 598 67.90 -32.93 -23.74
C SER A 598 67.66 -31.61 -23.03
N VAL A 599 67.77 -30.49 -23.75
CA VAL A 599 67.72 -29.18 -23.11
C VAL A 599 66.28 -28.77 -22.81
N PHE A 600 65.45 -28.72 -23.84
CA PHE A 600 64.11 -28.15 -23.71
C PHE A 600 63.05 -29.23 -23.58
N CYS A 601 62.09 -28.98 -22.69
CA CYS A 601 60.94 -29.85 -22.51
C CYS A 601 59.74 -29.00 -22.11
N ILE A 602 58.55 -29.48 -22.48
CA ILE A 602 57.33 -28.71 -22.25
C ILE A 602 57.08 -28.57 -20.75
N GLY A 603 56.82 -27.34 -20.31
CA GLY A 603 56.51 -27.07 -18.92
C GLY A 603 55.66 -25.84 -18.72
N LEU A 604 54.57 -25.97 -17.95
CA LEU A 604 53.69 -24.84 -17.72
C LEU A 604 54.40 -23.74 -16.93
N ASN A 605 55.19 -24.11 -15.93
CA ASN A 605 55.92 -23.15 -15.12
C ASN A 605 57.22 -22.77 -15.82
N HIS A 606 57.51 -21.47 -15.83
CA HIS A 606 58.68 -20.92 -16.52
C HIS A 606 59.59 -20.23 -15.51
N PRO A 607 60.60 -20.93 -14.99
CA PRO A 607 61.58 -20.27 -14.13
C PRO A 607 62.42 -19.25 -14.90
N VAL A 608 62.83 -18.21 -14.20
CA VAL A 608 63.58 -17.12 -14.82
C VAL A 608 65.06 -17.46 -14.80
N TYR A 609 65.70 -17.37 -15.97
CA TYR A 609 67.10 -17.73 -16.14
C TYR A 609 67.95 -16.48 -16.31
N SER A 610 69.27 -16.70 -16.31
CA SER A 610 70.21 -15.62 -16.54
C SER A 610 70.17 -15.17 -18.00
N SER A 611 70.64 -13.94 -18.23
CA SER A 611 70.54 -13.35 -19.57
C SER A 611 71.33 -14.16 -20.59
N ALA A 612 72.51 -14.64 -20.21
CA ALA A 612 73.29 -15.48 -21.11
C ALA A 612 72.54 -16.78 -21.42
N VAL A 613 71.87 -17.35 -20.43
CA VAL A 613 71.08 -18.56 -20.67
C VAL A 613 69.96 -18.27 -21.65
N ASP A 614 69.29 -17.12 -21.50
CA ASP A 614 68.25 -16.74 -22.44
C ASP A 614 68.82 -16.57 -23.85
N LYS A 615 69.99 -15.96 -23.97
CA LYS A 615 70.61 -15.79 -25.29
C LYS A 615 70.92 -17.14 -25.93
N GLN A 616 71.52 -18.06 -25.16
CA GLN A 616 71.84 -19.38 -25.69
C GLN A 616 70.57 -20.12 -26.09
N ALA A 617 69.54 -20.07 -25.25
CA ALA A 617 68.29 -20.74 -25.57
C ALA A 617 67.65 -20.16 -26.82
N LEU A 618 67.69 -18.84 -26.96
CA LEU A 618 67.12 -18.20 -28.15
C LEU A 618 67.87 -18.62 -29.41
N ARG A 619 69.20 -18.66 -29.35
CA ARG A 619 69.96 -19.08 -30.52
C ARG A 619 69.66 -20.53 -30.88
N ILE A 620 69.59 -21.42 -29.88
CA ILE A 620 69.28 -22.82 -30.13
C ILE A 620 67.88 -22.95 -30.72
N LYS A 621 66.92 -22.21 -30.18
CA LYS A 621 65.55 -22.29 -30.67
C LYS A 621 65.43 -21.77 -32.10
N LEU A 622 66.12 -20.68 -32.42
CA LEU A 622 66.10 -20.19 -33.79
C LEU A 622 66.74 -21.18 -34.75
N SER A 623 67.85 -21.80 -34.34
CA SER A 623 68.46 -22.83 -35.17
C SER A 623 67.52 -24.00 -35.41
N PHE A 624 66.82 -24.44 -34.35
CA PHE A 624 65.88 -25.53 -34.49
C PHE A 624 64.71 -25.13 -35.38
N LEU A 625 64.24 -23.90 -35.28
CA LEU A 625 63.19 -23.41 -36.15
C LEU A 625 63.61 -23.48 -37.61
N ASN A 626 64.82 -23.00 -37.91
CA ASN A 626 65.31 -23.05 -39.28
C ASN A 626 65.45 -24.49 -39.76
N TYR A 627 65.97 -25.37 -38.90
CA TYR A 627 66.16 -26.75 -39.29
C TYR A 627 64.83 -27.43 -39.58
N LEU A 628 63.81 -27.18 -38.74
CA LEU A 628 62.49 -27.75 -38.97
C LEU A 628 61.86 -27.20 -40.24
N LYS A 629 62.02 -25.90 -40.50
CA LYS A 629 61.52 -25.33 -41.75
C LYS A 629 62.12 -26.04 -42.94
N ARG A 630 63.46 -26.18 -42.95
CA ARG A 630 64.12 -26.84 -44.07
C ARG A 630 63.69 -28.29 -44.20
N LYS A 631 63.66 -29.02 -43.08
CA LYS A 631 63.31 -30.44 -43.12
C LYS A 631 61.89 -30.65 -43.61
N VAL A 632 60.96 -29.84 -43.12
CA VAL A 632 59.56 -29.99 -43.53
C VAL A 632 59.40 -29.66 -45.00
N TYR A 633 60.01 -28.59 -45.48
CA TYR A 633 59.87 -28.26 -46.89
C TYR A 633 60.68 -29.18 -47.79
N SER A 634 61.60 -29.97 -47.23
CA SER A 634 62.37 -30.91 -48.02
C SER A 634 61.71 -32.28 -48.11
N ASP A 635 61.28 -32.83 -46.97
CA ASP A 635 60.75 -34.19 -46.96
C ASP A 635 59.38 -34.30 -47.60
N PHE A 636 58.70 -33.18 -47.85
CA PHE A 636 57.38 -33.19 -48.47
C PHE A 636 57.42 -32.40 -49.76
N ASN A 637 56.87 -32.98 -50.82
CA ASN A 637 57.02 -32.41 -52.15
C ASN A 637 56.24 -31.11 -52.30
N ASN A 638 54.98 -31.09 -51.85
CA ASN A 638 54.14 -29.91 -51.98
C ASN A 638 53.45 -29.64 -50.65
N GLU A 639 52.77 -28.49 -50.58
CA GLU A 639 52.12 -28.08 -49.35
C GLU A 639 50.99 -29.04 -48.97
N LYS A 640 50.34 -29.64 -49.98
CA LYS A 640 49.22 -30.54 -49.73
C LYS A 640 49.65 -31.75 -48.92
N GLU A 641 50.82 -32.31 -49.23
CA GLU A 641 51.31 -33.45 -48.45
C GLU A 641 51.52 -33.08 -46.99
N ILE A 642 52.06 -31.88 -46.74
CA ILE A 642 52.26 -31.44 -45.36
C ILE A 642 50.93 -31.29 -44.64
N VAL A 643 49.94 -30.69 -45.32
CA VAL A 643 48.63 -30.53 -44.70
C VAL A 643 48.01 -31.88 -44.38
N LEU A 644 48.11 -32.83 -45.32
CA LEU A 644 47.57 -34.16 -45.08
C LEU A 644 48.28 -34.85 -43.93
N ALA A 645 49.60 -34.69 -43.84
CA ALA A 645 50.35 -35.30 -42.75
C ALA A 645 49.92 -34.70 -41.41
N LEU A 646 49.75 -33.38 -41.36
CA LEU A 646 49.30 -32.74 -40.12
C LEU A 646 47.91 -33.22 -39.73
N ARG A 647 47.01 -33.33 -40.71
CA ARG A 647 45.67 -33.85 -40.41
C ARG A 647 45.74 -35.27 -39.86
N LEU A 648 46.57 -36.11 -40.48
CA LEU A 648 46.63 -37.51 -40.08
C LEU A 648 47.25 -37.66 -38.69
N ALA A 649 48.26 -36.84 -38.38
CA ALA A 649 48.90 -36.94 -37.08
C ALA A 649 47.92 -36.61 -35.95
N PHE A 650 47.11 -35.58 -36.14
CA PHE A 650 46.14 -35.14 -35.15
C PHE A 650 44.90 -36.02 -35.09
N GLY A 651 44.74 -36.94 -36.03
CA GLY A 651 43.60 -37.83 -36.04
C GLY A 651 42.55 -37.56 -37.08
N GLY A 652 42.90 -36.90 -38.18
CA GLY A 652 41.95 -36.58 -39.21
C GLY A 652 41.80 -37.70 -40.22
N LYS A 653 41.36 -37.33 -41.42
CA LYS A 653 41.20 -38.28 -42.52
C LYS A 653 41.82 -37.70 -43.78
N THR A 654 42.18 -38.59 -44.69
CA THR A 654 42.70 -38.18 -45.98
C THR A 654 41.54 -37.80 -46.91
N GLU A 655 41.87 -37.56 -48.18
CA GLU A 655 40.82 -37.31 -49.16
C GLU A 655 39.94 -38.52 -49.36
N THR A 656 40.48 -39.72 -49.17
CA THR A 656 39.75 -40.96 -49.33
C THR A 656 39.06 -41.42 -48.06
N GLN A 657 38.95 -40.54 -47.07
CA GLN A 657 38.29 -40.84 -45.80
C GLN A 657 38.96 -42.04 -45.11
N TYR A 658 40.24 -41.86 -44.80
CA TYR A 658 41.02 -42.87 -44.11
C TYR A 658 41.81 -42.21 -42.99
N THR A 659 41.71 -42.76 -41.79
CA THR A 659 42.48 -42.25 -40.66
C THR A 659 43.86 -42.90 -40.64
N LEU A 660 44.71 -42.41 -39.73
CA LEU A 660 46.02 -43.03 -39.54
C LEU A 660 45.87 -44.46 -39.07
N ASP A 661 44.98 -44.71 -38.11
CA ASP A 661 44.75 -46.07 -37.63
C ASP A 661 44.18 -46.94 -38.75
N LYS A 662 43.25 -46.41 -39.54
CA LYS A 662 42.69 -47.18 -40.64
C LYS A 662 43.75 -47.52 -41.67
N LEU A 663 44.61 -46.56 -42.02
CA LEU A 663 45.68 -46.82 -42.97
C LEU A 663 46.66 -47.85 -42.43
N ARG A 664 47.00 -47.77 -41.15
CA ARG A 664 47.89 -48.75 -40.54
C ARG A 664 47.28 -50.13 -40.57
N LYS A 665 45.98 -50.24 -40.26
CA LYS A 665 45.32 -51.54 -40.28
C LYS A 665 45.26 -52.12 -41.68
N ASP A 666 44.91 -51.31 -42.68
CA ASP A 666 44.83 -51.80 -44.05
C ASP A 666 46.20 -51.94 -44.68
N GLY A 667 47.21 -51.25 -44.15
CA GLY A 667 48.57 -51.39 -44.61
C GLY A 667 49.01 -50.47 -45.73
N GLU A 668 48.12 -49.65 -46.26
CA GLU A 668 48.49 -48.79 -47.38
C GLU A 668 49.30 -47.60 -46.89
N ALA A 669 49.93 -46.92 -47.84
CA ALA A 669 50.72 -45.71 -47.59
C ALA A 669 51.78 -45.94 -46.52
N GLU A 670 52.62 -46.97 -46.75
CA GLU A 670 53.66 -47.28 -45.79
C GLU A 670 54.69 -46.17 -45.69
N LEU A 671 55.05 -45.56 -46.82
CA LEU A 671 56.06 -44.52 -46.81
C LEU A 671 55.57 -43.29 -46.06
N PHE A 672 54.34 -42.86 -46.33
CA PHE A 672 53.80 -41.68 -45.64
C PHE A 672 53.64 -41.94 -44.15
N ARG A 673 53.17 -43.13 -43.78
CA ARG A 673 53.05 -43.46 -42.36
C ARG A 673 54.41 -43.48 -41.69
N GLU A 674 55.42 -44.02 -42.36
CA GLU A 674 56.77 -44.03 -41.79
C GLU A 674 57.30 -42.62 -41.61
N LYS A 675 57.07 -41.74 -42.60
CA LYS A 675 57.51 -40.36 -42.48
C LYS A 675 56.82 -39.67 -41.30
N ILE A 676 55.52 -39.92 -41.14
CA ILE A 676 54.78 -39.31 -40.03
C ILE A 676 55.29 -39.81 -38.69
N LYS A 677 55.53 -41.13 -38.58
CA LYS A 677 56.05 -41.67 -37.33
C LYS A 677 57.44 -41.12 -37.03
N ASN A 678 58.27 -40.97 -38.07
CA ASN A 678 59.60 -40.41 -37.88
C ASN A 678 59.52 -38.96 -37.40
N TYR A 679 58.62 -38.17 -38.00
CA TYR A 679 58.47 -36.79 -37.56
C TYR A 679 57.92 -36.69 -36.15
N LYS A 680 57.06 -37.64 -35.75
CA LYS A 680 56.50 -37.61 -34.40
C LYS A 680 57.53 -38.03 -33.36
N ASN A 681 58.34 -39.04 -33.68
CA ASN A 681 59.25 -39.62 -32.69
C ASN A 681 60.60 -38.92 -32.61
N ASN A 682 60.95 -38.10 -33.61
CA ASN A 682 62.27 -37.49 -33.66
C ASN A 682 62.23 -35.98 -33.51
N GLU A 683 61.49 -35.29 -34.37
CA GLU A 683 61.52 -33.82 -34.40
C GLU A 683 60.37 -33.17 -33.65
N LEU A 684 59.17 -33.75 -33.73
CA LEU A 684 57.98 -33.18 -33.10
C LEU A 684 57.57 -33.93 -31.85
N PHE A 685 58.54 -34.41 -31.07
CA PHE A 685 58.22 -35.13 -29.84
C PHE A 685 57.50 -34.24 -28.83
N PHE A 686 57.87 -32.96 -28.75
CA PHE A 686 57.23 -32.07 -27.79
C PHE A 686 55.75 -31.88 -28.08
N LEU A 687 55.35 -31.94 -29.35
CA LEU A 687 53.94 -31.85 -29.70
C LEU A 687 53.21 -33.18 -29.55
N GLU A 688 53.93 -34.26 -29.23
CA GLU A 688 53.28 -35.57 -29.14
C GLU A 688 52.16 -35.61 -28.12
N PRO A 689 52.31 -35.10 -26.89
CA PRO A 689 51.16 -35.10 -25.96
C PRO A 689 49.97 -34.31 -26.46
N GLN A 690 50.17 -33.34 -27.35
CA GLN A 690 49.09 -32.53 -27.89
C GLN A 690 48.52 -33.09 -29.18
N MET A 691 48.96 -34.27 -29.59
CA MET A 691 48.50 -34.88 -30.84
C MET A 691 47.10 -35.45 -30.74
N THR A 692 46.62 -35.75 -29.54
CA THR A 692 45.34 -36.42 -29.38
C THR A 692 44.18 -35.44 -29.56
N LYS A 693 43.00 -36.01 -29.81
CA LYS A 693 41.81 -35.19 -30.05
C LYS A 693 41.39 -34.43 -28.81
N THR A 694 41.44 -35.07 -27.65
CA THR A 694 40.99 -34.48 -26.40
C THR A 694 42.07 -33.67 -25.70
N SER A 695 43.27 -33.57 -26.28
CA SER A 695 44.35 -32.84 -25.64
C SER A 695 44.11 -31.34 -25.58
N GLY A 696 43.09 -30.83 -26.28
CA GLY A 696 42.81 -29.42 -26.23
C GLY A 696 43.64 -28.56 -27.15
N TRP A 697 44.21 -29.15 -28.20
CA TRP A 697 44.99 -28.35 -29.14
C TRP A 697 44.11 -27.39 -29.93
N VAL A 698 42.82 -27.73 -30.09
CA VAL A 698 41.92 -26.86 -30.84
C VAL A 698 41.74 -25.52 -30.15
N THR A 699 41.56 -25.56 -28.83
CA THR A 699 41.34 -24.32 -28.08
C THR A 699 42.56 -23.41 -28.17
N THR A 700 43.76 -23.97 -27.93
CA THR A 700 44.97 -23.16 -28.01
C THR A 700 45.19 -22.63 -29.41
N PHE A 701 44.98 -23.47 -30.43
CA PHE A 701 45.13 -23.04 -31.81
C PHE A 701 44.22 -21.86 -32.12
N LEU A 702 42.93 -22.01 -31.81
CA LEU A 702 41.99 -20.94 -32.14
C LEU A 702 42.28 -19.67 -31.36
N ASN A 703 42.63 -19.81 -30.07
CA ASN A 703 42.94 -18.64 -29.27
C ASN A 703 44.13 -17.89 -29.84
N TYR A 704 45.22 -18.61 -30.12
CA TYR A 704 46.40 -17.95 -30.67
C TYR A 704 46.11 -17.33 -32.02
N THR A 705 45.39 -18.04 -32.88
CA THR A 705 45.10 -17.50 -34.21
C THR A 705 44.28 -16.23 -34.12
N ILE A 706 43.26 -16.23 -33.26
CA ILE A 706 42.43 -15.04 -33.11
C ILE A 706 43.25 -13.88 -32.56
N GLU A 707 44.07 -14.14 -31.54
CA GLU A 707 44.87 -13.07 -30.96
C GLU A 707 45.85 -12.50 -31.98
N LYS A 708 46.51 -13.37 -32.75
CA LYS A 708 47.47 -12.91 -33.74
C LYS A 708 46.80 -12.09 -34.82
N ILE A 709 45.68 -12.57 -35.36
CA ILE A 709 45.05 -11.86 -36.47
C ILE A 709 44.47 -10.54 -35.99
N THR A 710 43.95 -10.50 -34.76
CA THR A 710 43.50 -9.23 -34.19
C THR A 710 44.67 -8.28 -33.97
N SER A 711 45.85 -8.82 -33.65
CA SER A 711 47.03 -7.98 -33.58
C SER A 711 47.36 -7.39 -34.94
N GLU A 712 47.23 -8.21 -36.00
CA GLU A 712 47.52 -7.73 -37.35
C GLU A 712 46.48 -6.72 -37.81
N GLU A 713 45.20 -7.02 -37.62
CA GLU A 713 44.12 -6.21 -38.16
C GLU A 713 43.20 -5.74 -37.04
N SER A 714 42.76 -4.48 -37.15
CA SER A 714 42.03 -3.83 -36.06
C SER A 714 40.51 -3.90 -36.22
N ASP A 715 39.99 -3.68 -37.43
CA ASP A 715 38.56 -3.56 -37.61
C ASP A 715 37.89 -4.92 -37.43
N ASP A 716 36.71 -4.90 -36.81
CA ASP A 716 35.99 -6.15 -36.54
C ASP A 716 35.43 -6.77 -37.81
N ASP A 717 34.97 -5.96 -38.77
CA ASP A 717 34.54 -6.52 -40.04
C ASP A 717 35.73 -7.14 -40.77
N ARG A 718 36.89 -6.46 -40.73
CA ARG A 718 38.10 -7.02 -41.30
C ARG A 718 38.48 -8.33 -40.62
N ILE A 719 38.37 -8.39 -39.30
CA ILE A 719 38.78 -9.59 -38.57
C ILE A 719 37.84 -10.74 -38.90
N ARG A 720 36.54 -10.46 -39.05
CA ARG A 720 35.58 -11.48 -39.42
C ARG A 720 35.83 -11.99 -40.84
N GLN A 721 36.14 -11.08 -41.77
CA GLN A 721 36.44 -11.52 -43.13
C GLN A 721 37.71 -12.35 -43.18
N LYS A 722 38.73 -11.96 -42.40
CA LYS A 722 39.94 -12.77 -42.33
C LYS A 722 39.64 -14.15 -41.76
N LEU A 723 38.78 -14.22 -40.75
CA LEU A 723 38.37 -15.52 -40.21
C LEU A 723 37.65 -16.35 -41.26
N SER A 724 36.78 -15.71 -42.06
CA SER A 724 36.07 -16.43 -43.11
C SER A 724 37.03 -16.97 -44.15
N PHE A 725 38.04 -16.16 -44.53
CA PHE A 725 39.02 -16.62 -45.50
C PHE A 725 39.85 -17.77 -44.93
N ILE A 726 40.27 -17.66 -43.67
CA ILE A 726 41.24 -18.62 -43.14
C ILE A 726 40.57 -19.93 -42.78
N PHE A 727 39.31 -19.91 -42.36
CA PHE A 727 38.53 -21.11 -42.04
C PHE A 727 37.24 -21.04 -42.82
N PRO A 728 37.26 -21.32 -44.12
CA PRO A 728 36.04 -21.21 -44.93
C PRO A 728 34.94 -22.15 -44.47
N GLU A 729 35.28 -23.23 -43.77
CA GLU A 729 34.27 -24.23 -43.40
C GLU A 729 33.51 -23.83 -42.15
N ILE A 730 34.23 -23.52 -41.07
CA ILE A 730 33.58 -23.23 -39.80
C ILE A 730 32.83 -21.91 -39.85
N ILE A 731 33.42 -20.90 -40.50
CA ILE A 731 32.78 -19.59 -40.55
C ILE A 731 31.48 -19.67 -41.34
N SER A 732 31.43 -20.53 -42.36
CA SER A 732 30.20 -20.70 -43.11
C SER A 732 29.08 -21.24 -42.22
N ILE A 733 29.38 -22.22 -41.38
CA ILE A 733 28.36 -22.81 -40.53
C ILE A 733 27.91 -21.80 -39.47
N ILE A 734 28.85 -21.02 -38.94
CA ILE A 734 28.49 -20.00 -37.97
C ILE A 734 27.60 -18.94 -38.62
N GLU A 735 27.96 -18.53 -39.84
CA GLU A 735 27.18 -17.51 -40.55
C GLU A 735 25.77 -18.02 -40.83
N GLN A 736 25.64 -19.27 -41.26
CA GLN A 736 24.31 -19.82 -41.53
C GLN A 736 23.48 -19.88 -40.26
N ALA A 737 24.08 -20.34 -39.15
CA ALA A 737 23.34 -20.39 -37.90
C ALA A 737 22.91 -19.02 -37.44
N SER A 738 23.80 -18.02 -37.56
CA SER A 738 23.46 -16.67 -37.13
C SER A 738 22.36 -16.08 -38.00
N SER A 739 22.43 -16.32 -39.32
CA SER A 739 21.39 -15.80 -40.21
C SER A 739 20.04 -16.43 -39.89
N SER A 740 20.02 -17.74 -39.62
CA SER A 740 18.77 -18.37 -39.22
C SER A 740 18.28 -17.87 -37.87
N ILE A 741 19.21 -17.50 -36.98
CA ILE A 741 18.82 -16.97 -35.68
C ILE A 741 18.19 -15.59 -35.82
N GLU A 742 18.76 -14.76 -36.69
CA GLU A 742 18.29 -13.38 -36.82
C GLU A 742 16.84 -13.34 -37.28
N ALA A 743 16.47 -14.18 -38.24
CA ALA A 743 15.10 -14.25 -38.72
C ALA A 743 14.22 -15.00 -37.74
N LYS B 5 5.85 -0.05 -36.63
CA LYS B 5 6.40 0.85 -37.63
C LYS B 5 5.86 0.55 -39.02
N MET B 6 5.05 1.47 -39.53
CA MET B 6 4.45 1.32 -40.85
C MET B 6 5.51 1.44 -41.94
N ILE B 7 5.20 0.87 -43.11
CA ILE B 7 6.10 0.89 -44.24
C ILE B 7 6.00 2.25 -44.93
N LEU B 8 7.15 2.87 -45.17
CA LEU B 8 7.22 4.13 -45.90
C LEU B 8 8.18 3.96 -47.07
N VAL B 9 7.81 4.53 -48.21
CA VAL B 9 8.60 4.44 -49.43
C VAL B 9 8.96 5.85 -49.88
N ASP B 10 10.24 6.08 -50.13
CA ASP B 10 10.74 7.35 -50.64
C ASP B 10 11.37 7.14 -52.01
N LYS B 11 12.04 8.19 -52.52
CA LYS B 11 12.63 8.12 -53.84
C LYS B 11 13.69 7.04 -53.93
N VAL B 12 14.56 6.93 -52.92
CA VAL B 12 15.59 5.90 -52.93
C VAL B 12 14.97 4.52 -52.85
N PHE B 13 13.88 4.38 -52.10
CA PHE B 13 13.21 3.09 -52.00
C PHE B 13 12.69 2.62 -53.36
N TYR B 14 12.14 3.53 -54.14
CA TYR B 14 11.70 3.17 -55.49
C TYR B 14 12.89 2.92 -56.40
N GLU B 15 13.92 3.75 -56.32
CA GLU B 15 15.00 3.70 -57.31
C GLU B 15 15.94 2.52 -57.08
N LYS B 16 16.08 2.05 -55.84
CA LYS B 16 17.09 1.04 -55.51
C LYS B 16 16.52 -0.36 -55.45
N ILE B 17 15.53 -0.60 -54.60
CA ILE B 17 15.05 -1.96 -54.36
C ILE B 17 13.81 -2.28 -55.18
N LEU B 18 12.99 -1.28 -55.51
CA LEU B 18 11.81 -1.54 -56.32
C LEU B 18 12.15 -1.60 -57.81
N SER B 19 12.64 -0.50 -58.37
CA SER B 19 12.92 -0.46 -59.81
C SER B 19 14.10 -1.36 -60.16
N VAL B 20 15.20 -1.25 -59.43
CA VAL B 20 16.43 -2.01 -59.65
C VAL B 20 16.96 -1.70 -61.05
N GLU B 21 16.32 -2.23 -62.09
CA GLU B 21 16.72 -1.96 -63.46
C GLU B 21 15.56 -1.77 -64.42
N SER B 22 14.32 -1.93 -63.96
CA SER B 22 13.18 -1.86 -64.87
C SER B 22 13.01 -0.45 -65.44
N PHE B 23 13.20 0.57 -64.62
CA PHE B 23 13.03 1.95 -65.05
C PHE B 23 14.27 2.77 -64.76
N LYS B 24 15.45 2.15 -64.93
CA LYS B 24 16.69 2.90 -64.79
C LYS B 24 16.79 3.98 -65.85
N GLU B 25 16.37 3.67 -67.08
CA GLU B 25 16.47 4.64 -68.18
C GLU B 25 15.62 5.87 -67.90
N ASN B 26 14.42 5.67 -67.35
CA ASN B 26 13.56 6.82 -67.05
C ASN B 26 14.11 7.66 -65.90
N ILE B 27 14.76 7.04 -64.92
CA ILE B 27 15.26 7.79 -63.77
C ILE B 27 16.58 8.48 -64.07
N ILE B 28 17.37 7.97 -65.01
CA ILE B 28 18.63 8.63 -65.34
C ILE B 28 18.42 9.80 -66.31
N THR B 29 17.43 9.69 -67.20
CA THR B 29 17.13 10.76 -68.15
C THR B 29 15.98 11.65 -67.69
N GLN B 30 15.44 11.42 -66.49
CA GLN B 30 14.33 12.22 -65.95
C GLN B 30 13.14 12.24 -66.90
N SER B 31 12.81 11.08 -67.46
CA SER B 31 11.68 10.95 -68.36
C SER B 31 10.51 10.30 -67.63
N ALA B 32 9.31 10.79 -67.91
CA ALA B 32 8.13 10.34 -67.19
C ALA B 32 7.88 8.85 -67.41
N ILE B 33 7.52 8.16 -66.34
CA ILE B 33 7.18 6.74 -66.44
C ILE B 33 5.88 6.58 -67.21
N PRO B 34 5.83 5.81 -68.28
CA PRO B 34 4.67 5.81 -69.16
C PRO B 34 3.54 4.92 -68.65
N LYS B 35 2.37 5.13 -69.24
CA LYS B 35 1.21 4.29 -68.97
C LYS B 35 1.46 2.88 -69.51
N ILE B 36 0.72 1.93 -68.94
CA ILE B 36 0.76 0.56 -69.45
C ILE B 36 -0.01 0.54 -70.78
N SER B 37 0.73 0.48 -71.88
CA SER B 37 0.10 0.53 -73.20
C SER B 37 -0.64 -0.77 -73.49
N ASN B 38 -1.55 -0.69 -74.47
CA ASN B 38 -2.29 -1.87 -74.88
C ASN B 38 -1.40 -2.93 -75.52
N LYS B 39 -0.21 -2.54 -75.97
CA LYS B 39 0.72 -3.50 -76.56
C LYS B 39 1.22 -4.50 -75.53
N GLU B 40 1.31 -4.10 -74.27
CA GLU B 40 1.80 -4.98 -73.21
C GLU B 40 0.72 -5.85 -72.59
N VAL B 41 -0.55 -5.61 -72.91
CA VAL B 41 -1.66 -6.30 -72.26
C VAL B 41 -2.48 -7.03 -73.32
N ARG B 42 -2.66 -8.33 -73.12
CA ARG B 42 -3.50 -9.14 -73.96
C ARG B 42 -4.83 -9.42 -73.25
N LEU B 43 -5.90 -9.46 -74.03
CA LEU B 43 -7.26 -9.54 -73.50
C LEU B 43 -7.82 -10.94 -73.74
N ILE B 44 -7.96 -11.71 -72.67
CA ILE B 44 -8.51 -13.06 -72.71
C ILE B 44 -9.99 -12.99 -72.37
N SER B 45 -10.77 -13.91 -72.94
CA SER B 45 -12.18 -14.06 -72.61
C SER B 45 -12.39 -15.40 -71.95
N SER B 46 -12.92 -15.40 -70.73
CA SER B 46 -13.29 -16.62 -70.02
C SER B 46 -14.72 -16.42 -69.53
N GLY B 47 -15.65 -17.21 -70.09
CA GLY B 47 -17.03 -16.95 -69.78
C GLY B 47 -17.45 -15.58 -70.30
N SER B 48 -18.39 -14.97 -69.58
CA SER B 48 -18.68 -13.56 -69.82
C SER B 48 -17.60 -12.65 -69.26
N LYS B 49 -16.67 -13.21 -68.49
CA LYS B 49 -15.62 -12.43 -67.86
C LYS B 49 -14.46 -12.19 -68.82
N ILE B 50 -13.78 -11.07 -68.61
CA ILE B 50 -12.64 -10.66 -69.42
C ILE B 50 -11.43 -10.52 -68.51
N PHE B 51 -10.33 -11.15 -68.89
CA PHE B 51 -9.10 -11.13 -68.12
C PHE B 51 -8.04 -10.34 -68.88
N TYR B 52 -7.19 -9.64 -68.16
CA TYR B 52 -6.11 -8.85 -68.74
C TYR B 52 -4.79 -9.43 -68.28
N ALA B 53 -3.96 -9.86 -69.24
CA ALA B 53 -2.68 -10.48 -68.93
C ALA B 53 -1.55 -9.65 -69.48
N ILE B 54 -0.59 -9.32 -68.61
CA ILE B 54 0.57 -8.53 -69.01
C ILE B 54 1.65 -9.46 -69.53
N ASN B 55 2.47 -8.95 -70.43
CA ASN B 55 3.59 -9.73 -70.95
C ASN B 55 4.76 -9.70 -69.98
N ASN B 56 5.47 -10.83 -69.88
CA ASN B 56 6.53 -10.94 -68.90
C ASN B 56 7.74 -10.07 -69.27
N THR B 57 8.02 -9.92 -70.56
CA THR B 57 9.20 -9.17 -70.98
C THR B 57 9.10 -7.69 -70.61
N SER B 58 7.89 -7.16 -70.44
CA SER B 58 7.75 -5.75 -70.11
C SER B 58 8.31 -5.48 -68.72
N PRO B 59 8.96 -4.34 -68.51
CA PRO B 59 9.44 -4.00 -67.16
C PRO B 59 8.31 -3.82 -66.17
N HIS B 60 7.10 -3.52 -66.65
CA HIS B 60 5.98 -3.33 -65.74
C HIS B 60 5.65 -4.61 -64.98
N SER B 61 5.76 -5.77 -65.64
CA SER B 61 5.52 -7.02 -64.95
C SER B 61 6.53 -7.23 -63.82
N HIS B 62 7.80 -6.97 -64.09
CA HIS B 62 8.82 -7.17 -63.07
C HIS B 62 8.64 -6.20 -61.91
N VAL B 63 8.32 -4.94 -62.20
CA VAL B 63 8.14 -3.99 -61.12
C VAL B 63 6.86 -4.30 -60.33
N GLN B 64 5.83 -4.83 -61.00
CA GLN B 64 4.65 -5.30 -60.28
C GLN B 64 5.02 -6.43 -59.32
N LEU B 65 5.84 -7.36 -59.79
CA LEU B 65 6.23 -8.50 -58.97
C LEU B 65 7.02 -8.03 -57.75
N ARG B 66 7.98 -7.12 -57.94
CA ARG B 66 8.76 -6.67 -56.80
C ARG B 66 7.98 -5.73 -55.89
N LEU B 67 6.99 -5.01 -56.44
CA LEU B 67 6.05 -4.28 -55.60
C LEU B 67 5.27 -5.24 -54.70
N ASN B 68 4.77 -6.33 -55.28
CA ASN B 68 4.04 -7.32 -54.50
C ASN B 68 4.93 -7.93 -53.43
N ARG B 69 6.18 -8.22 -53.79
CA ARG B 69 7.10 -8.86 -52.86
C ARG B 69 7.46 -7.95 -51.68
N PHE B 70 7.70 -6.66 -51.95
CA PHE B 70 8.36 -5.83 -50.94
C PHE B 70 7.49 -4.72 -50.36
N PHE B 71 6.41 -4.32 -51.02
CA PHE B 71 5.63 -3.17 -50.58
C PHE B 71 4.23 -3.54 -50.12
N LEU B 72 3.41 -4.11 -51.00
CA LEU B 72 2.03 -4.39 -50.65
C LEU B 72 1.90 -5.48 -49.60
N SER B 73 2.95 -6.25 -49.37
CA SER B 73 2.90 -7.33 -48.38
C SER B 73 3.10 -6.84 -46.96
N HIS B 74 3.42 -5.56 -46.76
CA HIS B 74 3.65 -5.04 -45.43
C HIS B 74 2.53 -4.16 -44.90
N ILE B 75 1.64 -3.69 -45.76
CA ILE B 75 0.53 -2.85 -45.30
C ILE B 75 -0.45 -3.69 -44.50
N PRO B 76 -0.83 -3.28 -43.29
CA PRO B 76 -1.75 -4.09 -42.49
C PRO B 76 -3.12 -4.19 -43.16
N LEU B 77 -3.75 -5.34 -42.97
CA LEU B 77 -5.04 -5.66 -43.55
C LEU B 77 -6.06 -5.90 -42.44
N ASN B 78 -7.25 -6.32 -42.84
CA ASN B 78 -8.32 -6.66 -41.91
C ASN B 78 -8.45 -8.18 -41.84
N SER B 79 -8.57 -8.70 -40.61
CA SER B 79 -8.58 -10.15 -40.43
C SER B 79 -9.82 -10.80 -41.05
N ALA B 80 -10.84 -10.03 -41.36
CA ALA B 80 -12.00 -10.60 -42.06
C ALA B 80 -11.69 -10.92 -43.51
N ALA B 81 -10.59 -10.42 -44.05
CA ALA B 81 -10.18 -10.71 -45.43
C ALA B 81 -9.35 -11.99 -45.40
N LYS B 82 -9.92 -13.08 -45.91
CA LYS B 82 -9.27 -14.37 -45.87
C LYS B 82 -8.68 -14.79 -47.21
N ALA B 83 -8.71 -13.93 -48.22
CA ALA B 83 -8.27 -14.29 -49.56
C ALA B 83 -7.08 -13.46 -49.99
N PHE B 84 -6.23 -14.06 -50.82
CA PHE B 84 -5.06 -13.42 -51.42
C PHE B 84 -4.07 -12.92 -50.38
N VAL B 85 -4.15 -13.41 -49.15
CA VAL B 85 -3.28 -12.95 -48.08
C VAL B 85 -2.45 -14.11 -47.58
N ARG B 86 -1.22 -13.80 -47.16
CA ARG B 86 -0.32 -14.81 -46.62
C ARG B 86 -0.96 -15.56 -45.45
N GLY B 87 -1.21 -16.85 -45.64
CA GLY B 87 -1.84 -17.66 -44.62
C GLY B 87 -3.35 -17.72 -44.70
N GLY B 88 -3.98 -16.98 -45.61
CA GLY B 88 -5.42 -17.06 -45.75
C GLY B 88 -5.83 -18.18 -46.70
N SER B 89 -6.93 -18.85 -46.35
CA SER B 89 -7.40 -20.01 -47.13
C SER B 89 -8.92 -20.09 -47.10
N TYR B 90 -9.53 -20.81 -48.03
CA TYR B 90 -11.00 -20.87 -48.06
C TYR B 90 -11.47 -21.52 -46.78
N LEU B 91 -10.81 -22.54 -46.30
CA LEU B 91 -11.35 -23.23 -45.11
C LEU B 91 -11.39 -22.24 -43.96
N LYS B 92 -10.44 -21.32 -43.87
CA LYS B 92 -10.46 -20.28 -42.81
C LYS B 92 -11.69 -19.41 -42.98
N TYR B 93 -12.08 -19.08 -44.22
CA TYR B 93 -13.29 -18.27 -44.50
C TYR B 93 -14.51 -19.02 -44.01
N LEU B 94 -14.54 -20.33 -44.20
CA LEU B 94 -15.74 -21.12 -43.84
C LEU B 94 -15.71 -21.57 -42.40
N GLU B 95 -14.64 -21.34 -41.65
CA GLU B 95 -14.58 -21.91 -40.27
C GLU B 95 -15.31 -21.07 -39.24
N PRO B 96 -15.04 -19.77 -39.01
CA PRO B 96 -15.72 -19.04 -37.91
C PRO B 96 -17.22 -19.27 -37.85
N HIS B 97 -17.83 -19.79 -38.91
CA HIS B 97 -19.27 -19.94 -38.97
C HIS B 97 -19.77 -21.27 -38.44
N ILE B 98 -18.87 -22.15 -37.98
CA ILE B 98 -19.33 -23.38 -37.35
C ILE B 98 -20.04 -23.09 -36.03
N TYR B 99 -19.81 -21.92 -35.44
CA TYR B 99 -20.48 -21.55 -34.20
C TYR B 99 -21.87 -20.98 -34.43
N GLY B 100 -22.25 -20.72 -35.67
CA GLY B 100 -23.51 -20.07 -35.93
C GLY B 100 -24.65 -21.04 -36.15
N SER B 101 -25.87 -20.54 -35.92
CA SER B 101 -27.08 -21.30 -36.14
C SER B 101 -27.80 -20.94 -37.42
N SER B 102 -27.73 -19.68 -37.85
CA SER B 102 -28.30 -19.27 -39.13
C SER B 102 -27.21 -18.66 -40.00
N TYR B 103 -27.29 -18.90 -41.30
CA TYR B 103 -26.24 -18.49 -42.22
C TYR B 103 -26.82 -17.63 -43.33
N CYS B 104 -26.01 -16.68 -43.79
CA CYS B 104 -26.36 -15.85 -44.93
C CYS B 104 -25.12 -15.59 -45.75
N ARG B 105 -25.29 -15.48 -47.06
CA ARG B 105 -24.19 -15.33 -48.00
C ARG B 105 -24.56 -14.27 -49.02
N LEU B 106 -23.66 -13.30 -49.19
CA LEU B 106 -23.84 -12.18 -50.10
C LEU B 106 -22.66 -12.11 -51.05
N ASP B 107 -22.86 -11.41 -52.17
CA ASP B 107 -21.82 -11.28 -53.18
C ASP B 107 -21.76 -9.84 -53.65
N ILE B 108 -20.55 -9.40 -54.02
CA ILE B 108 -20.34 -8.08 -54.60
C ILE B 108 -20.20 -8.23 -56.11
N SER B 109 -21.03 -7.51 -56.85
CA SER B 109 -21.06 -7.64 -58.31
C SER B 109 -19.85 -6.95 -58.92
N SER B 110 -19.06 -7.70 -59.68
CA SER B 110 -17.88 -7.17 -60.37
C SER B 110 -16.99 -6.39 -59.41
N PHE B 111 -16.46 -7.13 -58.42
CA PHE B 111 -15.70 -6.50 -57.34
C PHE B 111 -14.47 -5.80 -57.89
N PHE B 112 -13.73 -6.46 -58.77
CA PHE B 112 -12.48 -5.89 -59.26
C PHE B 112 -12.70 -4.74 -60.23
N ASN B 113 -13.77 -4.80 -61.04
CA ASN B 113 -14.05 -3.71 -61.95
C ASN B 113 -14.63 -2.48 -61.27
N ASN B 114 -15.29 -2.64 -60.13
CA ASN B 114 -15.95 -1.54 -59.45
C ASN B 114 -15.05 -0.82 -58.46
N ILE B 115 -13.78 -1.22 -58.36
CA ILE B 115 -12.84 -0.54 -57.47
C ILE B 115 -12.45 0.78 -58.13
N SER B 116 -12.82 1.90 -57.49
CA SER B 116 -12.42 3.20 -57.99
C SER B 116 -10.92 3.41 -57.80
N PHE B 117 -10.27 4.00 -58.81
CA PHE B 117 -8.84 4.22 -58.71
C PHE B 117 -8.51 5.33 -57.70
N ASP B 118 -9.38 6.32 -57.57
CA ASP B 118 -9.13 7.36 -56.57
C ASP B 118 -9.13 6.79 -55.17
N ASP B 119 -9.98 5.79 -54.92
CA ASP B 119 -9.94 5.10 -53.63
C ASP B 119 -8.61 4.40 -53.42
N VAL B 120 -8.05 3.82 -54.48
CA VAL B 120 -6.75 3.18 -54.38
C VAL B 120 -5.67 4.21 -54.06
N LYS B 121 -5.73 5.37 -54.72
CA LYS B 121 -4.78 6.43 -54.43
C LYS B 121 -4.88 6.88 -52.98
N GLN B 122 -6.10 7.08 -52.48
CA GLN B 122 -6.28 7.51 -51.11
C GLN B 122 -5.80 6.45 -50.13
N SER B 123 -6.02 5.18 -50.45
CA SER B 123 -5.62 4.10 -49.55
C SER B 123 -4.11 3.94 -49.50
N LEU B 124 -3.43 4.11 -50.63
CA LEU B 124 -1.98 3.96 -50.68
C LEU B 124 -1.23 5.24 -50.30
N SER B 125 -1.91 6.38 -50.23
CA SER B 125 -1.22 7.63 -49.95
C SER B 125 -0.48 7.64 -48.63
N PRO B 126 -1.07 7.23 -47.49
CA PRO B 126 -0.33 7.32 -46.22
C PRO B 126 0.93 6.46 -46.18
N TYR B 127 1.02 5.43 -47.01
CA TYR B 127 2.15 4.52 -46.97
C TYR B 127 3.25 4.88 -47.96
N ILE B 128 3.07 5.92 -48.77
CA ILE B 128 4.07 6.38 -49.72
C ILE B 128 4.31 7.86 -49.47
N LYS B 129 5.58 8.23 -49.28
CA LYS B 129 5.91 9.62 -49.03
C LYS B 129 5.59 10.47 -50.25
N ASP B 130 5.12 11.69 -50.00
CA ASP B 130 4.74 12.60 -51.07
C ASP B 130 5.99 13.33 -51.55
N GLU B 131 6.55 12.87 -52.66
CA GLU B 131 7.72 13.48 -53.28
C GLU B 131 7.48 13.61 -54.77
N TYR B 132 8.48 14.15 -55.46
CA TYR B 132 8.49 14.26 -56.92
C TYR B 132 9.60 13.36 -57.43
N LEU B 133 9.23 12.24 -58.04
CA LEU B 133 10.24 11.30 -58.53
C LEU B 133 10.99 11.86 -59.72
N ILE B 134 10.28 12.44 -60.68
CA ILE B 134 10.84 12.84 -61.96
C ILE B 134 10.71 14.35 -62.05
N GLY B 135 11.76 15.05 -61.60
CA GLY B 135 11.75 16.50 -61.69
C GLY B 135 10.60 17.11 -60.91
N THR B 136 9.69 17.74 -61.66
CA THR B 136 8.50 18.37 -61.10
C THR B 136 7.28 17.93 -61.91
N GLU B 137 7.45 16.86 -62.69
CA GLU B 137 6.41 16.38 -63.59
C GLU B 137 5.53 15.30 -62.97
N GLN B 138 6.13 14.18 -62.56
CA GLN B 138 5.38 13.02 -62.07
C GLN B 138 5.77 12.72 -60.64
N LYS B 139 4.78 12.54 -59.78
CA LYS B 139 5.04 12.22 -58.38
C LYS B 139 5.30 10.72 -58.22
N LEU B 140 5.90 10.37 -57.08
CA LEU B 140 6.23 8.97 -56.82
C LEU B 140 4.98 8.11 -56.77
N ILE B 141 3.95 8.57 -56.06
CA ILE B 141 2.71 7.82 -55.96
C ILE B 141 2.08 7.65 -57.34
N ASP B 142 2.17 8.68 -58.18
CA ASP B 142 1.63 8.58 -59.53
C ASP B 142 2.36 7.52 -60.34
N ALA B 143 3.69 7.46 -60.22
CA ALA B 143 4.44 6.43 -60.93
C ALA B 143 4.07 5.04 -60.45
N ILE B 144 3.92 4.86 -59.14
CA ILE B 144 3.59 3.55 -58.61
C ILE B 144 2.20 3.11 -59.07
N LEU B 145 1.22 4.01 -59.04
CA LEU B 145 -0.09 3.64 -59.56
C LEU B 145 -0.09 3.43 -61.06
N ASN B 146 0.78 4.14 -61.78
CA ASN B 146 0.94 3.85 -63.20
C ASN B 146 1.42 2.41 -63.40
N SER B 147 2.32 1.96 -62.54
CA SER B 147 2.75 0.57 -62.58
C SER B 147 1.61 -0.38 -62.22
N VAL B 148 0.76 -0.02 -61.26
CA VAL B 148 -0.22 -0.95 -60.71
C VAL B 148 -1.50 -0.99 -61.55
N GLY B 149 -2.05 0.17 -61.89
CA GLY B 149 -3.32 0.21 -62.58
C GLY B 149 -3.18 0.04 -64.09
N TYR B 150 -4.32 0.14 -64.78
CA TYR B 150 -4.36 -0.01 -66.23
C TYR B 150 -5.60 0.68 -66.74
N GLU B 151 -5.57 1.05 -68.02
CA GLU B 151 -6.70 1.67 -68.69
C GLU B 151 -7.34 0.65 -69.61
N SER B 152 -8.63 0.39 -69.40
CA SER B 152 -9.33 -0.61 -70.20
C SER B 152 -9.63 -0.05 -71.59
N PRO B 153 -9.15 -0.68 -72.66
CA PRO B 153 -9.49 -0.18 -74.00
C PRO B 153 -10.93 -0.43 -74.39
N ILE B 154 -11.54 -1.52 -73.91
CA ILE B 154 -12.93 -1.79 -74.25
C ILE B 154 -13.83 -0.71 -73.67
N ARG B 155 -13.60 -0.32 -72.43
CA ARG B 155 -14.41 0.69 -71.75
C ARG B 155 -13.48 1.83 -71.35
N LYS B 156 -13.31 2.80 -72.24
CA LYS B 156 -12.47 3.96 -71.96
C LYS B 156 -13.17 4.98 -71.07
N ASP B 157 -14.50 4.88 -70.93
CA ASP B 157 -15.24 5.88 -70.17
C ASP B 157 -14.85 5.86 -68.70
N LYS B 158 -14.76 4.68 -68.10
CA LYS B 158 -14.45 4.59 -66.67
C LYS B 158 -12.99 4.89 -66.37
N GLY B 159 -12.14 4.99 -67.39
CA GLY B 159 -10.77 5.44 -67.16
C GLY B 159 -9.90 4.34 -66.60
N MET B 160 -9.02 4.71 -65.67
CA MET B 160 -8.09 3.77 -65.08
C MET B 160 -8.85 2.68 -64.33
N ILE B 161 -8.40 1.43 -64.50
CA ILE B 161 -9.09 0.28 -63.92
C ILE B 161 -8.06 -0.70 -63.37
N ILE B 162 -8.35 -1.27 -62.21
CA ILE B 162 -7.58 -2.40 -61.70
C ILE B 162 -8.14 -3.65 -62.34
N PRO B 163 -7.38 -4.31 -63.20
CA PRO B 163 -7.93 -5.43 -63.98
C PRO B 163 -7.69 -6.77 -63.27
N MET B 164 -8.44 -7.77 -63.72
CA MET B 164 -8.28 -9.12 -63.23
C MET B 164 -6.99 -9.71 -63.80
N GLY B 165 -6.19 -10.33 -62.93
CA GLY B 165 -4.98 -10.98 -63.38
C GLY B 165 -3.77 -10.09 -63.51
N PHE B 166 -3.78 -8.92 -62.89
CA PHE B 166 -2.59 -8.06 -62.86
C PHE B 166 -1.75 -8.27 -61.61
N ARG B 167 -1.41 -9.53 -61.30
CA ARG B 167 -0.43 -9.83 -60.27
C ARG B 167 -0.71 -9.14 -58.93
N THR B 168 -0.62 -7.81 -58.93
CA THR B 168 -0.82 -7.00 -57.73
C THR B 168 -2.27 -6.64 -57.48
N SER B 169 -3.18 -6.94 -58.40
CA SER B 169 -4.58 -6.57 -58.22
C SER B 169 -5.21 -7.15 -56.96
N PRO B 170 -4.99 -8.41 -56.57
CA PRO B 170 -5.67 -8.91 -55.36
C PRO B 170 -5.27 -8.20 -54.07
N ALA B 171 -3.96 -7.99 -53.86
CA ALA B 171 -3.52 -7.29 -52.66
C ALA B 171 -4.06 -5.87 -52.62
N ILE B 172 -4.05 -5.19 -53.77
CA ILE B 172 -4.58 -3.83 -53.82
C ILE B 172 -6.07 -3.84 -53.51
N SER B 173 -6.80 -4.85 -53.99
CA SER B 173 -8.22 -4.94 -53.68
C SER B 173 -8.45 -5.10 -52.18
N ASN B 174 -7.66 -5.96 -51.54
CA ASN B 174 -7.80 -6.13 -50.09
C ASN B 174 -7.51 -4.82 -49.37
N ILE B 175 -6.45 -4.12 -49.77
CA ILE B 175 -6.09 -2.87 -49.12
C ILE B 175 -7.19 -1.83 -49.29
N VAL B 176 -7.74 -1.71 -50.50
CA VAL B 176 -8.73 -0.67 -50.74
C VAL B 176 -10.06 -1.03 -50.10
N PHE B 177 -10.32 -2.31 -49.85
CA PHE B 177 -11.56 -2.71 -49.20
C PHE B 177 -11.43 -2.87 -47.71
N ARG B 178 -10.23 -2.66 -47.14
CA ARG B 178 -10.08 -2.69 -45.69
C ARG B 178 -11.04 -1.73 -44.99
N LYS B 179 -11.30 -0.58 -45.62
CA LYS B 179 -12.23 0.39 -45.02
C LYS B 179 -13.61 -0.23 -44.83
N MET B 180 -14.16 -0.82 -45.89
CA MET B 180 -15.47 -1.45 -45.76
C MET B 180 -15.43 -2.69 -44.91
N ASP B 181 -14.31 -3.41 -44.90
CA ASP B 181 -14.20 -4.56 -44.00
C ASP B 181 -14.37 -4.10 -42.56
N LEU B 182 -13.71 -2.99 -42.20
CA LEU B 182 -13.85 -2.45 -40.86
C LEU B 182 -15.29 -2.02 -40.59
N LEU B 183 -15.90 -1.30 -41.54
CA LEU B 183 -17.25 -0.82 -41.32
C LEU B 183 -18.23 -1.97 -41.12
N ILE B 184 -18.22 -2.94 -42.03
CA ILE B 184 -19.17 -4.04 -41.97
C ILE B 184 -18.89 -4.93 -40.77
N GLN B 185 -17.62 -5.13 -40.43
CA GLN B 185 -17.30 -5.91 -39.24
C GLN B 185 -17.81 -5.24 -37.98
N ASP B 186 -17.69 -3.91 -37.90
CA ASP B 186 -18.22 -3.19 -36.74
C ASP B 186 -19.73 -3.33 -36.65
N PHE B 187 -20.42 -3.17 -37.79
CA PHE B 187 -21.87 -3.29 -37.79
C PHE B 187 -22.30 -4.69 -37.36
N CYS B 188 -21.67 -5.73 -37.92
CA CYS B 188 -22.04 -7.09 -37.56
C CYS B 188 -21.73 -7.38 -36.10
N ALA B 189 -20.60 -6.89 -35.60
CA ALA B 189 -20.26 -7.10 -34.20
C ALA B 189 -21.29 -6.46 -33.29
N LYS B 190 -21.74 -5.25 -33.61
CA LYS B 190 -22.79 -4.64 -32.82
C LYS B 190 -24.10 -5.41 -32.93
N LYS B 191 -24.35 -6.09 -34.05
CA LYS B 191 -25.51 -6.95 -34.18
C LYS B 191 -25.28 -8.35 -33.64
N GLY B 192 -24.04 -8.68 -33.24
CA GLY B 192 -23.75 -10.02 -32.77
C GLY B 192 -23.65 -11.07 -33.84
N VAL B 193 -23.12 -10.72 -35.02
CA VAL B 193 -23.02 -11.63 -36.15
C VAL B 193 -21.54 -11.85 -36.48
N ILE B 194 -21.20 -13.08 -36.81
CA ILE B 194 -19.84 -13.43 -37.24
C ILE B 194 -19.73 -13.16 -38.73
N TYR B 195 -18.69 -12.45 -39.13
CA TYR B 195 -18.54 -11.98 -40.50
C TYR B 195 -17.18 -12.41 -41.05
N SER B 196 -17.17 -12.85 -42.30
CA SER B 196 -15.91 -13.17 -42.97
C SER B 196 -16.07 -12.92 -44.46
N ARG B 197 -14.95 -12.73 -45.14
CA ARG B 197 -14.96 -12.40 -46.55
C ARG B 197 -13.84 -13.11 -47.29
N TYR B 198 -14.17 -13.67 -48.44
CA TYR B 198 -13.19 -14.26 -49.35
C TYR B 198 -13.33 -13.57 -50.70
N ALA B 199 -12.31 -12.80 -51.08
CA ALA B 199 -12.36 -11.97 -52.27
C ALA B 199 -13.54 -11.03 -52.20
N ASP B 200 -14.66 -11.40 -52.83
CA ASP B 200 -15.87 -10.61 -52.76
C ASP B 200 -17.05 -11.36 -52.18
N ASP B 201 -16.95 -12.66 -51.95
CA ASP B 201 -18.02 -13.44 -51.35
C ASP B 201 -18.00 -13.20 -49.84
N MET B 202 -19.10 -12.67 -49.30
CA MET B 202 -19.20 -12.35 -47.89
C MET B 202 -20.11 -13.37 -47.21
N LEU B 203 -19.71 -13.84 -46.03
CA LEU B 203 -20.47 -14.83 -45.29
C LEU B 203 -20.72 -14.32 -43.88
N PHE B 204 -21.98 -14.36 -43.46
CA PHE B 204 -22.40 -13.95 -42.13
C PHE B 204 -23.10 -15.11 -41.44
N SER B 205 -22.94 -15.20 -40.14
CA SER B 205 -23.59 -16.26 -39.38
C SER B 205 -24.02 -15.74 -38.02
N ASN B 206 -25.25 -16.08 -37.64
CA ASN B 206 -25.80 -15.72 -36.34
C ASN B 206 -25.79 -16.94 -35.43
N PRO B 207 -25.08 -16.88 -34.30
CA PRO B 207 -25.10 -18.00 -33.36
C PRO B 207 -26.31 -18.00 -32.44
N ARG B 208 -27.16 -16.98 -32.48
CA ARG B 208 -28.33 -16.90 -31.62
C ARG B 208 -29.57 -17.37 -32.37
N GLU B 209 -30.61 -17.68 -31.59
CA GLU B 209 -31.89 -18.12 -32.15
C GLU B 209 -32.65 -16.88 -32.58
N SER B 210 -32.43 -16.45 -33.82
CA SER B 210 -33.07 -15.25 -34.31
C SER B 210 -33.13 -15.31 -35.84
N LYS B 211 -33.99 -14.47 -36.40
CA LYS B 211 -34.23 -14.43 -37.84
C LYS B 211 -33.58 -13.22 -38.49
N LEU B 212 -32.54 -12.65 -37.88
CA LEU B 212 -31.96 -11.42 -38.38
C LEU B 212 -31.39 -11.61 -39.78
N LEU B 213 -30.69 -12.72 -40.01
CA LEU B 213 -30.02 -12.92 -41.29
C LEU B 213 -30.99 -13.18 -42.42
N MET B 214 -32.20 -13.64 -42.12
CA MET B 214 -33.20 -13.92 -43.16
C MET B 214 -34.05 -12.71 -43.49
N SER B 215 -33.88 -11.60 -42.79
CA SER B 215 -34.72 -10.42 -43.00
C SER B 215 -34.16 -9.54 -44.11
N ASP B 216 -35.04 -8.74 -44.70
CA ASP B 216 -34.62 -7.79 -45.71
C ASP B 216 -33.84 -6.63 -45.12
N TYR B 217 -33.99 -6.37 -43.82
CA TYR B 217 -33.28 -5.26 -43.20
C TYR B 217 -31.78 -5.47 -43.27
N PHE B 218 -31.32 -6.71 -43.05
CA PHE B 218 -29.89 -6.97 -43.09
C PHE B 218 -29.31 -6.71 -44.47
N ILE B 219 -29.98 -7.18 -45.51
CA ILE B 219 -29.54 -6.92 -46.88
C ILE B 219 -29.51 -5.42 -47.13
N ASP B 220 -30.55 -4.71 -46.70
CA ASP B 220 -30.62 -3.28 -46.94
C ASP B 220 -29.48 -2.56 -46.24
N GLU B 221 -29.17 -2.95 -45.01
CA GLU B 221 -28.07 -2.33 -44.28
C GLU B 221 -26.73 -2.59 -44.93
N ILE B 222 -26.48 -3.83 -45.35
CA ILE B 222 -25.21 -4.15 -45.99
C ILE B 222 -25.08 -3.40 -47.32
N SER B 223 -26.17 -3.32 -48.08
CA SER B 223 -26.13 -2.57 -49.33
C SER B 223 -25.90 -1.08 -49.08
N SER B 224 -26.54 -0.54 -48.04
CA SER B 224 -26.35 0.87 -47.71
C SER B 224 -24.91 1.15 -47.35
N LEU B 225 -24.28 0.24 -46.61
CA LEU B 225 -22.85 0.39 -46.33
C LEU B 225 -22.05 0.30 -47.61
N LEU B 226 -22.31 -0.71 -48.45
CA LEU B 226 -21.53 -0.92 -49.66
C LEU B 226 -21.65 0.24 -50.64
N SER B 227 -22.72 1.02 -50.54
CA SER B 227 -22.85 2.17 -51.43
C SER B 227 -21.93 3.32 -51.06
N ILE B 228 -21.18 3.22 -49.96
CA ILE B 228 -20.31 4.32 -49.56
C ILE B 228 -19.24 4.56 -50.61
N MET B 229 -18.60 3.50 -51.09
CA MET B 229 -17.61 3.62 -52.16
C MET B 229 -18.10 2.99 -53.46
N GLY B 230 -19.40 2.76 -53.59
CA GLY B 230 -19.98 2.47 -54.89
C GLY B 230 -20.14 1.02 -55.25
N PHE B 231 -20.00 0.10 -54.31
CA PHE B 231 -20.22 -1.30 -54.62
C PHE B 231 -21.71 -1.63 -54.62
N ASN B 232 -22.03 -2.82 -55.11
CA ASN B 232 -23.41 -3.29 -55.17
C ASN B 232 -23.44 -4.76 -54.80
N ILE B 233 -24.60 -5.23 -54.38
CA ILE B 233 -24.80 -6.63 -54.00
C ILE B 233 -25.43 -7.37 -55.17
N ASN B 234 -24.82 -8.50 -55.54
CA ASN B 234 -25.38 -9.37 -56.55
C ASN B 234 -26.60 -10.08 -55.98
N GLN B 235 -27.78 -9.73 -56.48
CA GLN B 235 -29.02 -10.25 -55.90
C GLN B 235 -29.27 -11.70 -56.29
N SER B 236 -28.62 -12.21 -57.34
CA SER B 236 -28.85 -13.58 -57.76
C SER B 236 -28.19 -14.59 -56.83
N LYS B 237 -27.05 -14.24 -56.23
CA LYS B 237 -26.29 -15.15 -55.39
C LYS B 237 -26.62 -15.01 -53.91
N TYR B 238 -27.56 -14.13 -53.55
CA TYR B 238 -27.93 -13.97 -52.15
C TYR B 238 -28.58 -15.24 -51.62
N ILE B 239 -28.14 -15.71 -50.46
CA ILE B 239 -28.64 -16.95 -49.89
C ILE B 239 -28.79 -16.77 -48.39
N SER B 240 -29.83 -17.37 -47.82
CA SER B 240 -30.04 -17.35 -46.37
C SER B 240 -30.71 -18.64 -45.96
N ARG B 241 -30.11 -19.36 -45.01
CA ARG B 241 -30.63 -20.64 -44.56
C ARG B 241 -30.44 -20.79 -43.06
N GLU B 242 -31.04 -21.83 -42.50
CA GLU B 242 -30.96 -22.12 -41.08
C GLU B 242 -30.43 -23.52 -40.84
N LYS B 243 -29.50 -23.63 -39.89
CA LYS B 243 -29.01 -24.90 -39.35
C LYS B 243 -28.17 -25.69 -40.34
N GLU B 244 -28.14 -25.23 -41.61
CA GLU B 244 -27.29 -25.87 -42.65
C GLU B 244 -27.28 -25.03 -43.92
N ILE B 245 -26.10 -24.73 -44.48
CA ILE B 245 -25.98 -23.98 -45.75
C ILE B 245 -24.96 -24.72 -46.59
N SER B 246 -25.03 -24.62 -47.92
CA SER B 246 -23.96 -25.23 -48.73
C SER B 246 -23.34 -24.17 -49.62
N ILE B 247 -22.04 -23.97 -49.49
CA ILE B 247 -21.35 -22.90 -50.26
C ILE B 247 -20.40 -23.60 -51.22
N ASN B 248 -20.72 -23.61 -52.50
CA ASN B 248 -19.83 -24.23 -53.52
C ASN B 248 -19.51 -25.65 -53.11
N GLY B 249 -20.46 -26.36 -52.50
CA GLY B 249 -20.26 -27.77 -52.15
C GLY B 249 -19.79 -27.99 -50.73
N TYR B 250 -19.31 -26.97 -50.02
CA TYR B 250 -18.79 -27.23 -48.67
C TYR B 250 -19.94 -26.97 -47.72
N VAL B 251 -20.46 -27.98 -47.02
CA VAL B 251 -21.69 -27.82 -46.20
C VAL B 251 -21.34 -27.55 -44.76
N ILE B 252 -21.86 -26.47 -44.18
CA ILE B 252 -21.65 -26.17 -42.74
C ILE B 252 -22.95 -26.56 -42.10
N GLU B 253 -22.93 -27.38 -41.06
CA GLU B 253 -24.19 -27.72 -40.37
C GLU B 253 -24.10 -27.41 -38.88
N ASN B 254 -25.20 -27.00 -38.27
CA ASN B 254 -25.25 -26.81 -36.82
C ASN B 254 -26.70 -27.02 -36.40
N LYS B 255 -27.00 -28.23 -35.94
CA LYS B 255 -28.37 -28.54 -35.51
C LYS B 255 -28.61 -28.13 -34.08
N GLY B 256 -27.57 -27.77 -33.35
CA GLY B 256 -27.70 -27.50 -31.93
C GLY B 256 -28.26 -26.12 -31.65
N GLY B 257 -28.39 -25.83 -30.35
CA GLY B 257 -28.91 -24.57 -29.90
C GLY B 257 -27.90 -23.73 -29.15
N ASN B 258 -28.05 -23.66 -27.82
CA ASN B 258 -27.17 -22.83 -27.01
C ASN B 258 -25.80 -23.47 -26.85
N GLY B 259 -24.76 -22.74 -27.22
CA GLY B 259 -23.40 -23.24 -27.06
C GLY B 259 -23.11 -24.51 -27.84
N SER B 260 -23.55 -24.57 -29.09
CA SER B 260 -23.34 -25.75 -29.93
C SER B 260 -22.21 -25.52 -30.91
N ILE B 261 -21.69 -26.61 -31.46
CA ILE B 261 -20.57 -26.58 -32.39
C ILE B 261 -21.00 -27.24 -33.69
N GLY B 262 -20.85 -26.53 -34.80
CA GLY B 262 -21.18 -27.09 -36.09
C GLY B 262 -20.02 -27.87 -36.70
N THR B 263 -20.30 -28.48 -37.85
CA THR B 263 -19.30 -29.24 -38.58
C THR B 263 -19.32 -28.86 -40.05
N ILE B 264 -18.14 -28.86 -40.69
CA ILE B 264 -18.01 -28.56 -42.14
C ILE B 264 -17.68 -29.86 -42.85
N ARG B 265 -18.36 -30.20 -43.93
CA ARG B 265 -18.05 -31.42 -44.70
C ARG B 265 -18.25 -31.14 -46.18
N LEU B 266 -17.40 -31.63 -47.07
CA LEU B 266 -17.65 -31.51 -48.52
C LEU B 266 -18.81 -32.47 -48.82
N SER B 267 -19.58 -32.24 -49.87
CA SER B 267 -20.75 -33.09 -50.14
C SER B 267 -20.41 -34.08 -51.25
N LYS B 268 -21.37 -34.81 -51.80
CA LYS B 268 -20.99 -35.78 -52.81
C LYS B 268 -20.80 -35.15 -54.18
N SER B 269 -21.49 -34.04 -54.41
CA SER B 269 -21.30 -33.32 -55.69
C SER B 269 -19.84 -32.93 -55.76
N LYS B 270 -19.26 -32.54 -54.64
CA LYS B 270 -17.87 -32.07 -54.71
C LYS B 270 -16.99 -33.26 -55.08
N LEU B 271 -17.25 -34.43 -54.50
CA LEU B 271 -16.33 -35.57 -54.71
C LEU B 271 -16.74 -36.41 -55.93
N ASN B 272 -17.73 -35.98 -56.70
CA ASN B 272 -18.22 -36.74 -57.85
C ASN B 272 -17.12 -36.96 -58.88
N THR B 273 -16.35 -35.92 -59.20
CA THR B 273 -15.35 -36.05 -60.25
C THR B 273 -14.23 -37.00 -59.85
N VAL B 274 -13.72 -36.88 -58.62
CA VAL B 274 -12.63 -37.75 -58.20
C VAL B 274 -13.13 -39.19 -58.06
N LEU B 275 -14.36 -39.37 -57.58
CA LEU B 275 -14.92 -40.72 -57.50
C LEU B 275 -15.07 -41.33 -58.89
N LYS B 276 -15.51 -40.53 -59.87
CA LYS B 276 -15.63 -41.03 -61.23
C LYS B 276 -14.28 -41.37 -61.82
N VAL B 277 -13.25 -40.57 -61.53
CA VAL B 277 -11.92 -40.86 -62.03
C VAL B 277 -11.38 -42.15 -61.43
N THR B 278 -11.55 -42.34 -60.12
CA THR B 278 -11.12 -43.58 -59.49
C THR B 278 -11.89 -44.78 -60.04
N HIS B 279 -13.19 -44.60 -60.28
CA HIS B 279 -14.00 -45.66 -60.86
C HIS B 279 -13.50 -46.04 -62.26
N ALA B 280 -13.19 -45.03 -63.07
CA ALA B 280 -12.68 -45.31 -64.41
C ALA B 280 -11.31 -45.97 -64.35
N LEU B 281 -10.49 -45.58 -63.38
CA LEU B 281 -9.18 -46.23 -63.20
C LEU B 281 -9.35 -47.70 -62.83
N ALA B 282 -10.31 -47.99 -61.95
CA ALA B 282 -10.55 -49.37 -61.55
C ALA B 282 -11.20 -50.19 -62.67
N GLN B 283 -11.80 -49.53 -63.67
CA GLN B 283 -12.43 -50.21 -64.78
C GLN B 283 -11.50 -50.38 -65.98
N ASN B 284 -10.22 -50.04 -65.83
CA ASN B 284 -9.22 -50.21 -66.88
C ASN B 284 -9.53 -49.41 -68.13
N ILE B 285 -10.22 -48.28 -67.97
CA ILE B 285 -10.44 -47.36 -69.09
C ILE B 285 -9.11 -46.75 -69.51
N PRO B 286 -8.83 -46.59 -70.81
CA PRO B 286 -7.53 -46.02 -71.21
C PRO B 286 -7.35 -44.60 -70.69
N TYR B 287 -6.08 -44.25 -70.48
CA TYR B 287 -5.75 -42.97 -69.83
C TYR B 287 -6.19 -41.79 -70.67
N LYS B 288 -6.10 -41.88 -72.00
CA LYS B 288 -6.54 -40.78 -72.85
C LYS B 288 -8.01 -40.47 -72.63
N ASN B 289 -8.84 -41.52 -72.59
CA ASN B 289 -10.27 -41.32 -72.39
C ASN B 289 -10.55 -40.71 -71.01
N ILE B 290 -9.84 -41.17 -69.98
CA ILE B 290 -10.06 -40.63 -68.64
C ILE B 290 -9.69 -39.16 -68.60
N CYS B 291 -8.55 -38.81 -69.18
CA CYS B 291 -8.10 -37.41 -69.15
C CYS B 291 -9.05 -36.51 -69.93
N ASN B 292 -9.52 -36.96 -71.09
CA ASN B 292 -10.37 -36.09 -71.90
C ASN B 292 -11.78 -36.00 -71.33
N LYS B 293 -12.35 -37.12 -70.89
CA LYS B 293 -13.78 -37.13 -70.46
C LYS B 293 -14.00 -36.41 -69.12
N TYR B 294 -13.11 -36.59 -68.15
CA TYR B 294 -13.32 -36.04 -66.82
C TYR B 294 -12.43 -34.87 -66.47
N ILE B 295 -11.12 -34.94 -66.79
CA ILE B 295 -10.19 -33.89 -66.40
C ILE B 295 -10.13 -32.75 -67.41
N LYS B 296 -10.91 -32.85 -68.51
CA LYS B 296 -10.99 -31.82 -69.55
C LYS B 296 -9.62 -31.30 -69.97
N VAL B 297 -8.61 -32.17 -69.91
CA VAL B 297 -7.27 -31.87 -70.40
C VAL B 297 -7.03 -32.71 -71.64
N ARG B 298 -6.60 -32.07 -72.72
CA ARG B 298 -6.38 -32.77 -73.98
C ARG B 298 -5.11 -32.24 -74.63
N LEU B 299 -4.44 -33.11 -75.38
CA LEU B 299 -3.21 -32.76 -76.06
C LEU B 299 -3.56 -32.26 -77.46
N LYS B 300 -3.58 -30.95 -77.63
CA LYS B 300 -3.81 -30.37 -78.95
C LYS B 300 -2.61 -30.64 -79.84
N GLU B 301 -2.88 -30.99 -81.10
CA GLU B 301 -1.82 -31.31 -82.05
C GLU B 301 -0.90 -30.13 -82.31
N LYS B 302 -1.35 -28.90 -82.05
CA LYS B 302 -0.50 -27.74 -82.25
C LYS B 302 0.49 -27.53 -81.12
N ASN B 303 0.39 -28.30 -80.04
CA ASN B 303 1.27 -28.14 -78.88
C ASN B 303 2.46 -29.08 -78.89
N ILE B 304 2.54 -30.00 -79.85
CA ILE B 304 3.60 -31.01 -79.85
C ILE B 304 4.90 -30.35 -80.29
N LYS B 305 5.91 -30.41 -79.43
CA LYS B 305 7.16 -29.69 -79.68
C LYS B 305 7.99 -30.37 -80.77
N TYR B 306 8.10 -31.69 -80.72
CA TYR B 306 8.92 -32.43 -81.67
C TYR B 306 8.11 -33.54 -82.31
N GLU B 307 8.46 -33.87 -83.55
CA GLU B 307 7.88 -35.00 -84.26
C GLU B 307 8.73 -36.25 -84.16
N SER B 308 9.85 -36.21 -83.42
CA SER B 308 10.71 -37.38 -83.31
C SER B 308 10.00 -38.53 -82.59
N LYS B 309 9.41 -38.24 -81.44
CA LYS B 309 8.65 -39.23 -80.68
C LYS B 309 7.27 -38.64 -80.40
N LYS B 310 6.24 -39.25 -80.98
CA LYS B 310 4.88 -38.76 -80.84
C LYS B 310 3.94 -39.76 -80.21
N ASP B 311 4.03 -41.04 -80.59
CA ASP B 311 3.20 -42.06 -79.95
C ASP B 311 3.60 -42.21 -78.48
N GLU B 312 4.89 -42.18 -78.19
CA GLU B 312 5.34 -42.21 -76.80
C GLU B 312 5.03 -40.89 -76.09
N PHE B 313 5.13 -39.78 -76.81
CA PHE B 313 4.91 -38.47 -76.20
C PHE B 313 3.50 -38.34 -75.66
N GLU B 314 2.51 -38.75 -76.45
CA GLU B 314 1.11 -38.64 -76.02
C GLU B 314 0.84 -39.49 -74.79
N LYS B 315 1.34 -40.73 -74.80
CA LYS B 315 1.13 -41.61 -73.65
C LYS B 315 1.79 -41.05 -72.40
N LYS B 316 3.03 -40.56 -72.52
CA LYS B 316 3.72 -40.00 -71.37
C LYS B 316 3.01 -38.76 -70.85
N TYR B 317 2.53 -37.91 -71.76
CA TYR B 317 1.84 -36.69 -71.34
C TYR B 317 0.56 -37.04 -70.59
N TYR B 318 -0.22 -37.99 -71.09
CA TYR B 318 -1.45 -38.33 -70.40
C TYR B 318 -1.19 -39.03 -69.07
N ARG B 319 -0.14 -39.86 -69.02
CA ARG B 319 0.26 -40.47 -67.76
C ARG B 319 0.63 -39.41 -66.74
N ASP B 320 1.43 -38.43 -67.15
CA ASP B 320 1.85 -37.38 -66.24
C ASP B 320 0.68 -36.52 -65.79
N GLN B 321 -0.25 -36.23 -66.71
CA GLN B 321 -1.40 -35.42 -66.34
C GLN B 321 -2.30 -36.15 -65.35
N LEU B 322 -2.51 -37.45 -65.55
CA LEU B 322 -3.30 -38.22 -64.58
C LEU B 322 -2.60 -38.26 -63.22
N ILE B 323 -1.27 -38.45 -63.23
CA ILE B 323 -0.52 -38.44 -61.98
C ILE B 323 -0.68 -37.10 -61.27
N ASN B 324 -0.56 -36.01 -62.04
CA ASN B 324 -0.66 -34.68 -61.47
C ASN B 324 -2.05 -34.41 -60.91
N TYR B 325 -3.10 -34.81 -61.62
CA TYR B 325 -4.45 -34.61 -61.11
C TYR B 325 -4.68 -35.40 -59.83
N LEU B 326 -4.25 -36.67 -59.81
CA LEU B 326 -4.43 -37.48 -58.61
C LEU B 326 -3.66 -36.89 -57.44
N GLY B 327 -2.43 -36.44 -57.69
CA GLY B 327 -1.66 -35.81 -56.62
C GLY B 327 -2.28 -34.51 -56.13
N GLY B 328 -2.86 -33.74 -57.06
CA GLY B 328 -3.51 -32.51 -56.65
C GLY B 328 -4.71 -32.76 -55.76
N TYR B 329 -5.57 -33.70 -56.15
CA TYR B 329 -6.71 -34.00 -55.30
C TYR B 329 -6.30 -34.64 -53.99
N ARG B 330 -5.23 -35.45 -54.01
CA ARG B 330 -4.68 -35.99 -52.78
C ARG B 330 -4.24 -34.86 -51.85
N SER B 331 -3.69 -33.80 -52.41
CA SER B 331 -3.18 -32.75 -51.52
C SER B 331 -4.34 -31.87 -51.12
N TYR B 332 -5.36 -31.78 -51.95
CA TYR B 332 -6.55 -31.02 -51.54
C TYR B 332 -7.17 -31.71 -50.34
N LEU B 333 -7.31 -33.03 -50.34
CA LEU B 333 -7.93 -33.63 -49.15
C LEU B 333 -6.94 -33.64 -47.99
N ILE B 334 -5.64 -33.78 -48.22
CA ILE B 334 -4.69 -33.65 -47.12
C ILE B 334 -4.83 -32.29 -46.45
N SER B 335 -5.11 -31.25 -47.24
CA SER B 335 -5.37 -29.94 -46.65
C SER B 335 -6.59 -29.99 -45.76
N LEU B 336 -7.65 -30.67 -46.22
CA LEU B 336 -8.83 -30.84 -45.37
C LEU B 336 -8.49 -31.56 -44.07
N VAL B 337 -7.70 -32.63 -44.17
CA VAL B 337 -7.33 -33.40 -42.97
C VAL B 337 -6.50 -32.56 -42.02
N LYS B 338 -5.54 -31.78 -42.54
CA LYS B 338 -4.73 -30.93 -41.69
C LYS B 338 -5.58 -29.87 -41.01
N PHE B 339 -6.51 -29.27 -41.75
CA PHE B 339 -7.38 -28.28 -41.15
C PHE B 339 -8.23 -28.89 -40.04
N HIS B 340 -8.75 -30.10 -40.26
CA HIS B 340 -9.51 -30.77 -39.21
C HIS B 340 -8.63 -31.05 -38.00
N SER B 341 -7.40 -31.49 -38.22
CA SER B 341 -6.52 -31.81 -37.10
C SER B 341 -6.16 -30.56 -36.30
N GLU B 342 -6.03 -29.42 -36.97
CA GLU B 342 -5.69 -28.19 -36.27
C GLU B 342 -6.87 -27.59 -35.54
N TYR B 343 -8.07 -27.64 -36.12
CA TYR B 343 -9.23 -26.98 -35.53
C TYR B 343 -10.29 -27.92 -34.98
N LYS B 344 -10.34 -29.18 -35.43
CA LYS B 344 -11.34 -30.15 -34.99
C LYS B 344 -12.75 -29.66 -35.25
N CYS B 345 -13.07 -29.47 -36.54
CA CYS B 345 -14.39 -28.99 -36.92
C CYS B 345 -14.96 -29.70 -38.13
N VAL B 346 -14.29 -30.70 -38.68
CA VAL B 346 -14.78 -31.45 -39.82
C VAL B 346 -15.50 -32.69 -39.31
N ASN B 347 -16.55 -33.09 -40.01
CA ASN B 347 -17.36 -34.24 -39.61
C ASN B 347 -16.50 -35.49 -39.49
N SER B 348 -16.68 -36.23 -38.40
CA SER B 348 -15.85 -37.41 -38.15
C SER B 348 -16.10 -38.51 -39.17
N ASP B 349 -17.37 -38.80 -39.47
CA ASP B 349 -17.67 -39.79 -40.50
C ASP B 349 -17.17 -39.32 -41.86
N PHE B 350 -17.27 -38.01 -42.13
CA PHE B 350 -16.66 -37.50 -43.35
C PHE B 350 -15.14 -37.61 -43.31
N ILE B 351 -14.54 -37.55 -42.12
CA ILE B 351 -13.11 -37.79 -42.01
C ILE B 351 -12.78 -39.22 -42.39
N ILE B 352 -13.62 -40.17 -41.97
CA ILE B 352 -13.43 -41.56 -42.37
C ILE B 352 -13.56 -41.71 -43.89
N GLN B 353 -14.55 -41.06 -44.48
CA GLN B 353 -14.70 -41.12 -45.94
C GLN B 353 -13.50 -40.51 -46.65
N ILE B 354 -12.98 -39.40 -46.13
CA ILE B 354 -11.77 -38.79 -46.69
C ILE B 354 -10.61 -39.76 -46.61
N ASN B 355 -10.45 -40.44 -45.47
CA ASN B 355 -9.36 -41.39 -45.32
C ASN B 355 -9.47 -42.51 -46.34
N GLY B 356 -10.69 -43.03 -46.54
CA GLY B 356 -10.87 -44.07 -47.53
C GLY B 356 -10.54 -43.61 -48.94
N ILE B 357 -11.03 -42.43 -49.31
CA ILE B 357 -10.77 -41.91 -50.65
C ILE B 357 -9.29 -41.63 -50.83
N LEU B 358 -8.61 -41.16 -49.77
CA LEU B 358 -7.18 -40.88 -49.87
C LEU B 358 -6.38 -42.16 -50.03
N ASN B 359 -6.77 -43.22 -49.31
CA ASN B 359 -6.09 -44.50 -49.50
C ASN B 359 -6.31 -45.02 -50.91
N ASP B 360 -7.53 -44.88 -51.43
CA ASP B 360 -7.80 -45.30 -52.81
C ASP B 360 -6.96 -44.50 -53.80
N ILE B 361 -6.86 -43.19 -53.61
CA ILE B 361 -6.07 -42.35 -54.49
C ILE B 361 -4.60 -42.76 -54.46
N GLN B 362 -4.07 -43.00 -53.26
CA GLN B 362 -2.68 -43.39 -53.14
C GLN B 362 -2.43 -44.74 -53.79
N ASN B 363 -3.33 -45.70 -53.60
CA ASN B 363 -3.17 -47.00 -54.23
C ASN B 363 -3.22 -46.89 -55.75
N HIS B 364 -4.13 -46.06 -56.28
CA HIS B 364 -4.22 -45.91 -57.73
C HIS B 364 -2.98 -45.22 -58.29
N ILE B 365 -2.45 -44.21 -57.59
CA ILE B 365 -1.25 -43.55 -58.07
C ILE B 365 -0.06 -44.51 -58.01
N GLN B 366 -0.01 -45.37 -56.99
CA GLN B 366 1.04 -46.37 -56.91
C GLN B 366 0.93 -47.36 -58.05
N LYS B 367 -0.29 -47.80 -58.37
CA LYS B 367 -0.49 -48.73 -59.48
C LYS B 367 -0.07 -48.11 -60.81
N ILE B 368 -0.43 -46.84 -61.02
CA ILE B 368 -0.07 -46.17 -62.27
C ILE B 368 1.44 -46.02 -62.37
N LYS B 369 2.09 -45.64 -61.27
CA LYS B 369 3.55 -45.50 -61.29
C LYS B 369 4.23 -46.84 -61.52
N LYS B 370 3.72 -47.92 -60.93
CA LYS B 370 4.28 -49.25 -61.18
C LYS B 370 4.11 -49.64 -62.64
N ASN B 371 2.95 -49.37 -63.22
CA ASN B 371 2.73 -49.66 -64.64
C ASN B 371 3.64 -48.83 -65.53
N ARG B 372 4.02 -47.63 -65.07
CA ARG B 372 4.93 -46.78 -65.84
C ARG B 372 6.24 -47.50 -66.16
N ARG B 373 6.71 -48.34 -65.24
CA ARG B 373 7.95 -49.07 -65.42
C ARG B 373 7.77 -50.34 -66.26
N LEU B 374 6.54 -50.68 -66.63
CA LEU B 374 6.29 -51.85 -67.46
C LEU B 374 6.06 -51.44 -68.91
N MET E 1 41.43 -2.24 -3.37
CA MET E 1 40.30 -2.99 -2.88
C MET E 1 39.34 -2.05 -2.14
N THR E 2 38.23 -2.60 -1.64
CA THR E 2 37.24 -1.81 -0.94
C THR E 2 37.00 -2.27 0.49
N ILE E 3 36.67 -3.55 0.69
CA ILE E 3 36.37 -4.11 2.00
C ILE E 3 37.30 -5.28 2.24
N GLU E 4 38.02 -5.25 3.37
CA GLU E 4 38.94 -6.33 3.67
C GLU E 4 38.20 -7.54 4.26
N SER E 5 37.31 -7.29 5.22
CA SER E 5 36.61 -8.39 5.87
C SER E 5 35.30 -7.90 6.46
N ILE E 6 34.39 -8.84 6.65
CA ILE E 6 33.11 -8.63 7.33
C ILE E 6 32.92 -9.76 8.31
N ARG E 7 32.73 -9.44 9.58
CA ARG E 7 32.60 -10.47 10.61
C ARG E 7 31.30 -10.26 11.39
N VAL E 8 30.54 -11.34 11.54
CA VAL E 8 29.28 -11.33 12.28
C VAL E 8 29.37 -12.35 13.39
N LYS E 9 29.03 -11.94 14.61
CA LYS E 9 29.02 -12.83 15.77
C LYS E 9 27.65 -12.79 16.42
N ASN E 10 26.98 -13.94 16.47
CA ASN E 10 25.75 -14.11 17.23
C ASN E 10 24.66 -13.14 16.78
N LEU E 11 24.43 -13.02 15.49
CA LEU E 11 23.33 -12.16 15.04
C LEU E 11 22.61 -12.93 13.93
N LEU E 12 21.29 -13.00 14.01
CA LEU E 12 20.49 -13.68 12.98
C LEU E 12 20.91 -15.14 12.93
N SER E 13 21.33 -15.65 11.79
CA SER E 13 21.64 -17.09 11.68
C SER E 13 23.14 -17.32 11.77
N PHE E 14 23.92 -16.31 12.15
CA PHE E 14 25.38 -16.48 12.14
C PHE E 14 25.92 -16.62 13.55
N ASP E 15 26.76 -17.63 13.82
CA ASP E 15 27.40 -17.80 15.11
C ASP E 15 28.70 -17.03 15.18
N ASP E 16 29.63 -17.32 14.27
CA ASP E 16 30.86 -16.54 14.13
C ASP E 16 31.30 -16.76 12.68
N VAL E 17 30.99 -15.80 11.83
CA VAL E 17 31.22 -15.92 10.39
C VAL E 17 32.07 -14.76 9.93
N ILE E 18 33.14 -15.06 9.20
CA ILE E 18 34.05 -14.05 8.67
C ILE E 18 34.17 -14.25 7.16
N LEU E 19 33.93 -13.19 6.41
CA LEU E 19 34.04 -13.19 4.96
C LEU E 19 35.16 -12.24 4.58
N ARG E 20 36.11 -12.72 3.77
CA ARG E 20 37.25 -11.89 3.41
C ARG E 20 37.72 -12.27 2.01
N ASP E 21 38.81 -11.64 1.59
CA ASP E 21 39.40 -11.87 0.26
C ASP E 21 38.39 -11.66 -0.85
N PHE E 22 37.68 -10.53 -0.78
CA PHE E 22 36.67 -10.22 -1.78
C PHE E 22 37.31 -9.97 -3.13
N ARG E 23 36.60 -10.36 -4.19
CA ARG E 23 37.00 -10.09 -5.55
C ARG E 23 35.99 -9.16 -6.20
N ASP E 24 36.23 -8.85 -7.48
CA ASP E 24 35.38 -7.89 -8.18
C ASP E 24 33.95 -8.38 -8.31
N ILE E 25 33.77 -9.68 -8.55
CA ILE E 25 32.45 -10.30 -8.61
C ILE E 25 32.42 -11.43 -7.60
N ASN E 26 31.42 -11.41 -6.73
CA ASN E 26 31.29 -12.40 -5.66
C ASN E 26 29.93 -13.06 -5.78
N CYS E 27 29.91 -14.26 -6.35
CA CYS E 27 28.66 -15.00 -6.55
C CYS E 27 28.37 -15.80 -5.29
N ILE E 28 27.19 -15.61 -4.72
CA ILE E 28 26.78 -16.28 -3.49
C ILE E 28 25.77 -17.36 -3.85
N ILE E 29 26.09 -18.61 -3.56
CA ILE E 29 25.23 -19.75 -3.86
C ILE E 29 25.00 -20.54 -2.58
N GLY E 30 23.92 -21.28 -2.55
CA GLY E 30 23.64 -22.09 -1.35
C GLY E 30 22.21 -22.54 -1.33
N ARG E 31 21.88 -23.45 -0.42
CA ARG E 31 20.53 -24.04 -0.43
C ARG E 31 19.56 -23.02 0.08
N ASN E 32 18.28 -23.31 -0.03
CA ASN E 32 17.27 -22.41 0.54
C ASN E 32 17.41 -22.45 2.06
N ASN E 33 17.11 -21.37 2.77
CA ASN E 33 17.25 -21.27 4.25
C ASN E 33 18.67 -21.49 4.75
N VAL E 34 19.69 -20.86 4.15
CA VAL E 34 21.06 -20.96 4.71
C VAL E 34 21.62 -19.60 5.10
N GLY E 35 20.87 -18.51 4.98
CA GLY E 35 21.42 -17.22 5.45
C GLY E 35 21.98 -16.31 4.37
N LYS E 36 21.75 -16.59 3.11
CA LYS E 36 22.36 -15.79 2.03
C LYS E 36 21.86 -14.35 2.13
N SER E 37 20.57 -14.16 2.42
CA SER E 37 19.98 -12.81 2.54
C SER E 37 20.21 -12.26 3.94
N ASN E 38 20.54 -13.14 4.90
CA ASN E 38 20.80 -12.69 6.29
C ASN E 38 22.05 -11.80 6.28
N LEU E 39 23.01 -12.11 5.39
CA LEU E 39 24.20 -11.23 5.24
C LEU E 39 23.69 -9.86 4.79
N LEU E 40 22.77 -9.85 3.82
CA LEU E 40 22.19 -8.60 3.34
C LEU E 40 21.54 -7.82 4.48
N LYS E 41 20.75 -8.50 5.32
CA LYS E 41 20.10 -7.82 6.43
C LYS E 41 21.12 -7.28 7.41
N VAL E 42 22.19 -8.03 7.68
CA VAL E 42 23.21 -7.58 8.61
C VAL E 42 23.91 -6.34 8.07
N ILE E 43 24.31 -6.36 6.80
CA ILE E 43 24.98 -5.21 6.22
C ILE E 43 24.05 -4.01 6.18
N ARG E 44 22.79 -4.24 5.84
CA ARG E 44 21.81 -3.16 5.77
C ARG E 44 21.61 -2.52 7.13
N TYR E 45 21.49 -3.34 8.19
CA TYR E 45 21.35 -2.78 9.53
C TYR E 45 22.60 -2.05 9.95
N PHE E 46 23.79 -2.58 9.63
CA PHE E 46 25.03 -1.91 9.98
C PHE E 46 25.11 -0.54 9.33
N TYR E 47 24.73 -0.45 8.06
CA TYR E 47 24.77 0.83 7.37
C TYR E 47 23.66 1.77 7.80
N ALA E 48 22.50 1.24 8.20
CA ALA E 48 21.46 2.09 8.75
C ALA E 48 21.88 2.69 10.07
N LYS E 49 22.54 1.90 10.92
CA LYS E 49 23.07 2.43 12.17
C LYS E 49 24.30 3.29 11.95
N LEU E 50 24.97 3.15 10.81
CA LEU E 50 26.10 4.00 10.50
C LEU E 50 25.66 5.45 10.33
N GLU E 51 24.50 5.67 9.72
CA GLU E 51 23.95 7.00 9.52
C GLU E 51 23.01 7.42 10.65
N ASN E 52 23.07 6.73 11.79
CA ASN E 52 22.29 7.10 12.98
C ASN E 52 20.79 7.12 12.70
N LYS E 53 20.32 6.15 11.93
CA LYS E 53 18.89 5.96 11.77
C LYS E 53 18.33 5.22 12.97
N LYS E 54 17.02 5.36 13.18
CA LYS E 54 16.34 4.70 14.30
C LYS E 54 15.66 3.44 13.77
N VAL E 55 16.27 2.28 14.04
CA VAL E 55 15.75 1.00 13.61
C VAL E 55 15.82 0.00 14.77
N ILE E 56 15.02 -1.04 14.65
CA ILE E 56 14.99 -2.10 15.67
C ILE E 56 16.27 -2.93 15.56
N PRO E 57 16.92 -3.29 16.66
CA PRO E 57 18.10 -4.14 16.56
C PRO E 57 17.77 -5.54 16.12
N LEU E 58 18.72 -6.19 15.45
CA LEU E 58 18.50 -7.52 14.87
C LEU E 58 18.50 -8.55 15.99
N ASP E 59 17.93 -9.72 15.75
CA ASP E 59 17.75 -10.71 16.82
C ASP E 59 19.02 -11.53 17.01
N PHE E 60 19.23 -12.02 18.22
CA PHE E 60 20.47 -12.75 18.49
C PHE E 60 20.30 -14.19 18.05
N HIS E 61 21.34 -14.81 17.54
CA HIS E 61 21.32 -16.21 17.13
C HIS E 61 20.95 -17.10 18.32
N THR E 62 21.64 -16.93 19.43
CA THR E 62 21.32 -17.61 20.67
C THR E 62 21.33 -16.60 21.80
N ASN E 63 20.43 -16.80 22.77
CA ASN E 63 20.27 -15.85 23.85
C ASN E 63 21.24 -16.09 25.00
N TYR E 64 22.13 -17.07 24.88
CA TYR E 64 23.14 -17.31 25.90
C TYR E 64 24.37 -16.43 25.72
N ASN E 65 24.36 -15.53 24.75
CA ASN E 65 25.39 -14.52 24.58
C ASN E 65 24.81 -13.15 24.87
N ALA E 66 25.53 -12.35 25.65
CA ALA E 66 25.05 -11.03 25.99
C ALA E 66 25.34 -9.99 24.91
N VAL E 67 26.08 -10.35 23.86
CA VAL E 67 26.48 -9.40 22.83
C VAL E 67 26.21 -9.98 21.44
N GLY E 68 26.09 -9.07 20.48
CA GLY E 68 26.14 -9.44 19.07
C GLY E 68 26.93 -8.43 18.29
N GLU E 69 27.97 -8.85 17.58
CA GLU E 69 28.94 -7.93 17.01
C GLU E 69 28.96 -8.00 15.49
N ILE E 70 29.06 -6.83 14.85
CA ILE E 70 29.31 -6.71 13.42
C ILE E 70 30.57 -5.89 13.22
N THR E 71 31.55 -6.45 12.50
CA THR E 71 32.82 -5.78 12.28
C THR E 71 33.02 -5.55 10.79
N PHE E 72 33.37 -4.33 10.42
CA PHE E 72 33.69 -3.97 9.04
C PHE E 72 35.10 -3.41 9.00
N THR E 73 35.92 -3.93 8.10
CA THR E 73 37.28 -3.45 7.91
C THR E 73 37.36 -2.78 6.55
N PHE E 74 37.18 -1.46 6.55
CA PHE E 74 37.28 -0.70 5.30
C PHE E 74 38.74 -0.53 4.89
N ASP E 75 38.96 -0.59 3.57
CA ASP E 75 40.29 -0.43 2.99
C ASP E 75 40.45 1.00 2.52
N THR E 76 41.22 1.79 3.27
CA THR E 76 41.40 3.20 2.98
C THR E 76 42.78 3.52 2.42
N THR E 77 43.42 2.57 1.74
CA THR E 77 44.72 2.85 1.13
C THR E 77 44.59 3.88 0.02
N ARG E 78 43.63 3.70 -0.88
CA ARG E 78 43.49 4.63 -1.98
C ARG E 78 43.00 5.99 -1.51
N ILE E 79 42.11 6.02 -0.52
CA ILE E 79 41.66 7.32 0.00
C ILE E 79 42.80 8.01 0.73
N LYS E 80 43.65 7.25 1.42
CA LYS E 80 44.81 7.84 2.06
C LYS E 80 45.74 8.45 1.02
N LYS E 81 45.96 7.75 -0.10
CA LYS E 81 46.75 8.31 -1.19
C LYS E 81 46.09 9.56 -1.75
N ILE E 82 44.78 9.53 -1.90
CA ILE E 82 44.03 10.66 -2.45
C ILE E 82 44.25 11.90 -1.59
N VAL E 83 44.07 11.77 -0.29
CA VAL E 83 43.94 12.91 0.60
C VAL E 83 45.28 13.37 1.15
N THR E 84 46.19 12.43 1.43
CA THR E 84 47.49 12.79 1.98
C THR E 84 48.29 13.67 1.02
N SER E 85 48.09 13.50 -0.28
CA SER E 85 48.89 14.22 -1.26
C SER E 85 48.65 15.73 -1.13
N ARG E 86 49.70 16.49 -1.45
CA ARG E 86 49.66 17.94 -1.28
C ARG E 86 48.86 18.66 -2.36
N LYS E 87 48.60 18.00 -3.50
CA LYS E 87 47.88 18.67 -4.57
C LYS E 87 46.40 18.83 -4.24
N ASN E 88 45.78 17.79 -3.72
CA ASN E 88 44.34 17.80 -3.41
C ASN E 88 44.12 18.58 -2.13
N ASN E 89 43.91 19.89 -2.27
CA ASN E 89 43.66 20.77 -1.13
C ASN E 89 42.19 21.19 -1.04
N GLY E 90 41.29 20.44 -1.67
CA GLY E 90 39.89 20.78 -1.66
C GLY E 90 39.29 20.66 -0.26
N ARG E 91 38.04 21.13 -0.15
CA ARG E 91 37.38 21.10 1.15
C ARG E 91 36.89 19.71 1.51
N PHE E 92 36.43 18.93 0.54
CA PHE E 92 36.08 17.54 0.81
C PHE E 92 37.31 16.74 1.22
N HIS E 93 38.42 16.94 0.51
CA HIS E 93 39.66 16.26 0.87
C HIS E 93 40.11 16.68 2.25
N LYS E 94 40.02 17.98 2.55
CA LYS E 94 40.41 18.45 3.88
C LYS E 94 39.55 17.83 4.96
N HIS E 95 38.24 17.69 4.71
CA HIS E 95 37.38 17.04 5.68
C HIS E 95 37.76 15.59 5.89
N ILE E 96 38.04 14.86 4.80
CA ILE E 96 38.43 13.47 4.93
C ILE E 96 39.72 13.33 5.72
N TYR E 97 40.68 14.22 5.47
CA TYR E 97 41.92 14.21 6.24
C TYR E 97 41.64 14.47 7.71
N ASN E 98 40.88 15.52 8.01
CA ASN E 98 40.70 15.93 9.39
C ASN E 98 39.81 15.00 10.17
N THR E 99 39.06 14.12 9.49
CA THR E 99 38.16 13.20 10.17
C THR E 99 38.76 11.80 10.34
N LEU E 100 39.23 11.21 9.24
CA LEU E 100 39.69 9.82 9.27
C LEU E 100 41.18 9.71 9.57
N PHE E 101 42.02 10.27 8.70
CA PHE E 101 43.45 10.03 8.77
C PHE E 101 44.18 10.93 9.75
N LYS E 102 43.53 11.99 10.24
CA LYS E 102 44.05 12.65 11.41
C LYS E 102 43.69 11.84 12.65
N SER E 103 44.49 12.01 13.70
CA SER E 103 44.43 11.26 14.95
C SER E 103 44.87 9.81 14.77
N SER E 104 45.15 9.38 13.55
CA SER E 104 45.74 8.08 13.26
C SER E 104 47.20 8.20 12.85
N SER E 105 47.53 9.18 12.02
CA SER E 105 48.91 9.56 11.78
C SER E 105 49.47 10.43 12.90
N VAL E 106 48.63 10.90 13.81
CA VAL E 106 49.10 11.69 14.94
C VAL E 106 49.95 10.83 15.87
N LYS E 107 49.48 9.61 16.17
CA LYS E 107 50.18 8.75 17.12
C LYS E 107 51.51 8.25 16.58
N LEU E 108 51.62 8.09 15.27
CA LEU E 108 52.86 7.59 14.68
C LEU E 108 53.95 8.65 14.73
N ASN E 109 55.21 8.20 14.75
CA ASN E 109 56.35 9.09 14.73
C ASN E 109 56.89 9.21 13.30
N PHE E 110 57.97 9.99 13.16
CA PHE E 110 58.49 10.30 11.84
C PHE E 110 59.01 9.05 11.13
N GLU E 111 59.71 8.18 11.86
CA GLU E 111 60.25 6.97 11.25
C GLU E 111 59.14 6.07 10.73
N GLU E 112 58.12 5.82 11.55
CA GLU E 112 57.03 4.95 11.14
C GLU E 112 56.19 5.58 10.05
N LEU E 113 55.97 6.90 10.11
CA LEU E 113 55.23 7.58 9.06
C LEU E 113 55.96 7.50 7.73
N ILE E 114 57.28 7.70 7.74
CA ILE E 114 58.06 7.61 6.50
C ILE E 114 58.08 6.18 5.99
N ALA E 115 58.15 5.20 6.89
CA ALA E 115 58.10 3.81 6.48
C ALA E 115 56.77 3.48 5.81
N ARG E 116 55.66 3.98 6.37
CA ARG E 116 54.36 3.78 5.75
C ARG E 116 54.29 4.47 4.39
N LYS E 117 54.84 5.68 4.29
CA LYS E 117 54.77 6.42 3.03
C LYS E 117 55.57 5.72 1.93
N ASN E 118 56.81 5.34 2.22
CA ASN E 118 57.70 4.81 1.19
C ASN E 118 57.32 3.39 0.78
N SER E 119 57.00 2.53 1.74
CA SER E 119 56.72 1.13 1.45
C SER E 119 55.34 0.99 0.83
N THR E 120 54.96 -0.25 0.51
CA THR E 120 53.64 -0.54 -0.01
C THR E 120 52.57 -0.16 1.00
N ASN E 121 51.80 0.88 0.71
CA ASN E 121 50.83 1.39 1.65
C ASN E 121 49.69 0.40 1.84
N LYS E 122 49.37 0.11 3.09
CA LYS E 122 48.24 -0.77 3.41
C LYS E 122 47.63 -0.26 4.71
N SER E 123 46.53 0.47 4.60
CA SER E 123 45.86 1.06 5.75
C SER E 123 44.43 0.56 5.80
N PHE E 124 43.98 0.19 7.00
CA PHE E 124 42.64 -0.33 7.21
C PHE E 124 41.97 0.44 8.35
N PHE E 125 40.65 0.48 8.30
CA PHE E 125 39.85 1.10 9.33
C PHE E 125 38.82 0.09 9.83
N SER E 126 38.95 -0.32 11.09
CA SER E 126 38.10 -1.35 11.65
C SER E 126 37.03 -0.72 12.53
N LEU E 127 35.77 -1.01 12.22
CA LEU E 127 34.63 -0.46 12.95
C LEU E 127 33.75 -1.59 13.43
N THR E 128 33.47 -1.61 14.74
CA THR E 128 32.73 -2.69 15.37
C THR E 128 31.48 -2.13 16.03
N LEU E 129 30.33 -2.72 15.72
CA LEU E 129 29.06 -2.37 16.33
C LEU E 129 28.61 -3.53 17.21
N THR E 130 28.38 -3.27 18.49
CA THR E 130 28.00 -4.29 19.45
C THR E 130 26.60 -4.00 19.97
N ILE E 131 25.70 -4.97 19.82
CA ILE E 131 24.34 -4.86 20.31
C ILE E 131 24.27 -5.65 21.60
N CYS E 132 23.91 -4.97 22.69
CA CYS E 132 23.77 -5.61 23.98
C CYS E 132 22.39 -6.26 24.11
N LYS E 133 22.19 -6.98 25.20
CA LYS E 133 20.94 -7.69 25.40
C LYS E 133 19.76 -6.76 25.62
N ASP E 134 19.99 -5.52 26.01
CA ASP E 134 18.92 -4.56 26.27
C ASP E 134 18.74 -3.58 25.12
N ASP E 135 19.08 -3.97 23.91
CA ASP E 135 18.86 -3.23 22.67
C ASP E 135 19.72 -1.98 22.54
N SER E 136 20.65 -1.74 23.45
CA SER E 136 21.59 -0.65 23.28
C SER E 136 22.67 -1.04 22.28
N VAL E 137 23.22 -0.03 21.61
CA VAL E 137 24.24 -0.23 20.57
C VAL E 137 25.47 0.58 20.95
N MET E 138 26.64 -0.06 20.90
CA MET E 138 27.89 0.58 21.27
C MET E 138 28.90 0.40 20.13
N TRP E 139 29.54 1.50 19.75
CA TRP E 139 30.55 1.45 18.70
C TRP E 139 31.94 1.37 19.31
N SER E 140 32.89 0.92 18.50
CA SER E 140 34.29 0.97 18.92
C SER E 140 34.95 2.29 18.61
N VAL E 141 34.30 3.15 17.82
CA VAL E 141 34.77 4.52 17.57
C VAL E 141 33.65 5.47 17.93
N ASP E 142 33.91 6.38 18.85
CA ASP E 142 32.86 7.22 19.42
C ASP E 142 32.71 8.57 18.73
N ASP E 143 33.19 8.70 17.50
CA ASP E 143 33.05 9.95 16.77
C ASP E 143 32.04 9.76 15.66
N PRO E 144 30.82 10.28 15.77
CA PRO E 144 29.80 10.03 14.73
C PRO E 144 30.17 10.58 13.37
N LYS E 145 30.99 11.63 13.31
CA LYS E 145 31.44 12.14 12.02
C LYS E 145 32.21 11.08 11.26
N VAL E 146 33.03 10.29 11.96
CA VAL E 146 33.78 9.22 11.32
C VAL E 146 32.83 8.23 10.67
N ARG E 147 31.78 7.83 11.39
CA ARG E 147 30.85 6.85 10.86
C ARG E 147 30.07 7.40 9.66
N SER E 148 29.61 8.65 9.75
CA SER E 148 28.91 9.24 8.61
C SER E 148 29.81 9.35 7.40
N LEU E 149 31.08 9.74 7.60
CA LEU E 149 32.00 9.83 6.49
C LEU E 149 32.29 8.47 5.89
N LEU E 150 32.40 7.44 6.72
CA LEU E 150 32.61 6.09 6.19
C LEU E 150 31.41 5.63 5.37
N ALA E 151 30.19 5.96 5.82
CA ALA E 151 29.01 5.64 5.03
C ALA E 151 29.03 6.37 3.69
N THR E 152 29.45 7.63 3.69
CA THR E 152 29.50 8.40 2.44
C THR E 152 30.56 7.85 1.50
N LEU E 153 31.73 7.47 2.02
CA LEU E 153 32.83 7.07 1.15
C LEU E 153 32.58 5.69 0.53
N TYR E 154 31.95 4.78 1.28
CA TYR E 154 31.77 3.40 0.84
C TYR E 154 30.28 3.08 0.88
N PRO E 155 29.49 3.69 -0.01
CA PRO E 155 28.04 3.53 0.07
C PRO E 155 27.60 2.11 -0.22
N PHE E 156 26.51 1.72 0.42
CA PHE E 156 25.92 0.40 0.24
C PHE E 156 24.68 0.55 -0.62
N LEU E 157 24.70 -0.05 -1.81
CA LEU E 157 23.57 -0.07 -2.73
C LEU E 157 23.01 -1.48 -2.75
N TYR E 158 21.69 -1.58 -2.70
CA TYR E 158 21.01 -2.80 -2.27
C TYR E 158 19.73 -2.99 -3.06
N ILE E 159 19.59 -4.16 -3.69
CA ILE E 159 18.38 -4.47 -4.45
C ILE E 159 17.93 -5.89 -4.13
N GLU E 160 16.64 -6.06 -3.86
CA GLU E 160 15.98 -7.35 -3.89
C GLU E 160 15.14 -7.41 -5.16
N THR E 161 15.62 -8.14 -6.16
CA THR E 161 14.97 -8.12 -7.46
C THR E 161 13.55 -8.68 -7.40
N ARG E 162 13.24 -9.49 -6.39
CA ARG E 162 11.90 -10.04 -6.25
C ARG E 162 10.86 -8.94 -6.07
N HIS E 163 11.17 -7.94 -5.25
CA HIS E 163 10.24 -6.86 -4.92
C HIS E 163 10.50 -5.58 -5.70
N ILE E 164 10.96 -5.71 -6.94
CA ILE E 164 11.21 -4.54 -7.77
C ILE E 164 9.89 -4.00 -8.30
N ASP E 165 9.73 -2.68 -8.25
CA ASP E 165 8.60 -2.01 -8.89
C ASP E 165 8.92 -1.89 -10.37
N LEU E 166 8.34 -2.78 -11.18
CA LEU E 166 8.74 -2.89 -12.58
C LEU E 166 8.39 -1.62 -13.37
N TYR E 167 7.23 -1.05 -13.12
CA TYR E 167 6.69 0.00 -13.97
C TYR E 167 7.14 1.40 -13.57
N ASP E 168 7.99 1.53 -12.57
CA ASP E 168 8.51 2.83 -12.15
C ASP E 168 9.97 2.65 -11.74
N TRP E 169 10.90 3.13 -12.56
CA TRP E 169 12.32 2.94 -12.34
C TRP E 169 12.96 4.10 -11.59
N ASN E 170 12.17 4.84 -10.80
CA ASN E 170 12.71 5.97 -10.06
C ASN E 170 13.86 5.61 -9.13
N PRO E 171 13.84 4.51 -8.38
CA PRO E 171 14.95 4.24 -7.45
C PRO E 171 16.32 4.18 -8.10
N ILE E 172 16.41 4.23 -9.44
CA ILE E 172 17.71 4.34 -10.07
C ILE E 172 18.35 5.67 -9.73
N TRP E 173 17.62 6.78 -9.88
CA TRP E 173 18.22 8.10 -9.72
C TRP E 173 18.87 8.25 -8.36
N LYS E 174 18.17 7.86 -7.30
CA LYS E 174 18.74 7.94 -5.96
C LYS E 174 20.11 7.27 -5.93
N LEU E 175 20.20 6.04 -6.44
CA LEU E 175 21.48 5.34 -6.41
C LEU E 175 22.53 6.08 -7.22
N ILE E 176 22.16 6.66 -8.36
CA ILE E 176 23.11 7.45 -9.13
C ILE E 176 23.65 8.60 -8.27
N SER E 177 22.78 9.22 -7.49
CA SER E 177 23.20 10.33 -6.65
C SER E 177 24.28 9.90 -5.66
N ASN E 178 24.32 8.61 -5.34
CA ASN E 178 25.28 8.14 -4.34
C ASN E 178 26.67 7.99 -4.93
N LEU E 179 26.81 8.13 -6.25
CA LEU E 179 28.00 7.61 -6.91
C LEU E 179 29.06 8.68 -7.09
N ASN E 180 28.69 9.84 -7.61
CA ASN E 180 29.62 10.80 -8.17
C ASN E 180 29.73 12.02 -7.27
N SER E 181 30.92 12.63 -7.25
CA SER E 181 31.22 13.74 -6.36
C SER E 181 31.86 14.88 -7.13
N PHE E 182 31.29 16.09 -6.98
CA PHE E 182 31.84 17.28 -7.60
C PHE E 182 31.31 18.51 -6.87
N ASN E 183 31.66 19.68 -7.39
CA ASN E 183 31.52 20.95 -6.70
C ASN E 183 30.23 21.65 -7.08
N PHE E 184 29.60 22.33 -6.12
CA PHE E 184 28.35 23.03 -6.36
C PHE E 184 28.34 24.45 -5.79
N ASP E 185 29.49 24.95 -5.35
CA ASP E 185 29.51 26.31 -4.78
C ASP E 185 29.21 27.36 -5.85
N ASP E 186 29.71 27.16 -7.06
CA ASP E 186 29.57 28.20 -8.08
C ASP E 186 28.13 28.32 -8.57
N VAL E 187 27.41 27.21 -8.67
CA VAL E 187 26.03 27.24 -9.15
C VAL E 187 25.14 27.65 -7.98
N ASP E 188 24.67 28.89 -8.00
CA ASP E 188 23.68 29.36 -7.05
C ASP E 188 22.30 29.20 -7.67
N HIS E 189 21.27 29.72 -7.01
CA HIS E 189 19.92 29.73 -7.57
C HIS E 189 19.56 31.08 -8.17
N ASP E 190 20.53 31.97 -8.33
CA ASP E 190 20.33 33.27 -8.95
C ASP E 190 20.81 33.31 -10.39
N GLU E 191 22.03 32.83 -10.65
CA GLU E 191 22.52 32.79 -12.03
C GLU E 191 21.66 31.88 -12.89
N LEU E 192 21.27 30.73 -12.35
CA LEU E 192 20.43 29.80 -13.11
C LEU E 192 19.08 30.43 -13.45
N VAL E 193 18.48 31.14 -12.49
CA VAL E 193 17.19 31.77 -12.74
C VAL E 193 17.33 32.84 -13.81
N ASN E 194 18.39 33.65 -13.75
CA ASN E 194 18.59 34.66 -14.77
C ASN E 194 18.80 34.03 -16.14
N PHE E 195 19.57 32.94 -16.21
CA PHE E 195 19.78 32.25 -17.47
C PHE E 195 18.46 31.75 -18.05
N LEU E 196 17.65 31.08 -17.22
CA LEU E 196 16.38 30.55 -17.69
C LEU E 196 15.44 31.66 -18.11
N ASP E 197 15.40 32.75 -17.34
CA ASP E 197 14.52 33.86 -17.67
C ASP E 197 14.93 34.51 -18.98
N GLU E 198 16.23 34.70 -19.20
CA GLU E 198 16.69 35.24 -20.47
C GLU E 198 16.34 34.31 -21.62
N LYS E 199 16.43 32.99 -21.39
CA LYS E 199 16.07 32.04 -22.43
C LYS E 199 14.56 31.89 -22.58
N ILE E 200 13.79 32.01 -21.49
CA ILE E 200 12.35 31.80 -21.53
C ILE E 200 11.69 33.13 -21.18
N SER E 201 11.50 33.99 -22.19
CA SER E 201 10.72 35.21 -22.03
C SER E 201 10.52 35.91 -23.36
N SER E 202 9.27 36.27 -23.67
CA SER E 202 9.05 37.21 -24.77
C SER E 202 9.36 38.63 -24.32
N ARG E 203 9.35 38.85 -23.00
CA ARG E 203 9.67 40.17 -22.39
C ARG E 203 10.58 39.85 -21.20
N LYS E 204 11.76 40.48 -21.12
CA LYS E 204 12.73 40.10 -20.10
C LYS E 204 12.19 40.35 -18.70
N GLY E 205 12.46 39.40 -17.79
CA GLY E 205 12.13 39.54 -16.39
C GLY E 205 10.91 38.76 -15.93
N ASP E 206 10.12 38.21 -16.87
CA ASP E 206 8.87 37.56 -16.47
C ASP E 206 9.12 36.27 -15.69
N TYR E 207 10.02 35.43 -16.18
CA TYR E 207 10.27 34.15 -15.51
C TYR E 207 10.86 34.36 -14.12
N LYS E 208 11.71 35.37 -13.96
CA LYS E 208 12.23 35.67 -12.63
C LYS E 208 11.12 36.08 -11.68
N LYS E 209 10.18 36.89 -12.16
CA LYS E 209 9.03 37.26 -11.33
C LYS E 209 8.23 36.02 -10.95
N TYR E 210 8.04 35.11 -11.90
CA TYR E 210 7.28 33.89 -11.62
C TYR E 210 7.96 33.04 -10.55
N ILE E 211 9.28 32.88 -10.65
CA ILE E 211 10.01 32.09 -9.67
C ILE E 211 9.99 32.78 -8.32
N ASP E 212 10.08 34.11 -8.31
CA ASP E 212 10.00 34.84 -7.05
C ASP E 212 8.64 34.63 -6.38
N ARG E 213 7.56 34.64 -7.17
CA ARG E 213 6.24 34.39 -6.61
C ARG E 213 6.17 32.99 -6.00
N VAL E 214 6.62 31.98 -6.75
CA VAL E 214 6.55 30.61 -6.25
C VAL E 214 7.37 30.47 -4.97
N VAL E 215 8.57 31.05 -4.95
CA VAL E 215 9.41 30.96 -3.77
C VAL E 215 8.76 31.65 -2.58
N SER E 216 8.16 32.83 -2.81
CA SER E 216 7.54 33.57 -1.72
C SER E 216 6.37 32.80 -1.12
N VAL E 217 5.59 32.11 -1.95
CA VAL E 217 4.42 31.40 -1.42
C VAL E 217 4.84 30.20 -0.59
N ILE E 218 5.79 29.40 -1.08
CA ILE E 218 6.10 28.12 -0.44
C ILE E 218 7.09 28.31 0.70
N ASP E 219 7.20 27.28 1.53
CA ASP E 219 8.19 27.19 2.60
C ASP E 219 8.90 25.85 2.48
N THR E 220 10.22 25.88 2.30
CA THR E 220 10.97 24.68 2.01
C THR E 220 12.24 24.65 2.86
N LYS E 221 13.01 23.58 2.66
CA LYS E 221 14.26 23.25 3.31
C LYS E 221 15.39 23.24 2.29
N PRO E 222 16.58 23.72 2.66
CA PRO E 222 17.68 23.74 1.70
C PRO E 222 18.00 22.35 1.16
N TYR E 223 18.41 22.30 -0.10
CA TYR E 223 18.67 21.04 -0.77
C TYR E 223 19.81 20.28 -0.08
N THR E 224 19.69 18.97 -0.03
CA THR E 224 20.84 18.14 0.27
C THR E 224 21.65 17.92 -0.99
N TYR E 225 22.87 17.40 -0.81
CA TYR E 225 23.77 17.24 -1.97
C TYR E 225 23.18 16.28 -3.00
N LYS E 226 22.64 15.15 -2.55
CA LYS E 226 22.12 14.15 -3.47
C LYS E 226 20.95 14.70 -4.26
N GLU E 227 20.07 15.45 -3.61
CA GLU E 227 18.97 16.08 -4.34
C GLU E 227 19.51 17.07 -5.37
N LYS E 228 20.58 17.78 -5.03
CA LYS E 228 21.18 18.72 -5.97
C LYS E 228 21.66 18.01 -7.22
N VAL E 229 22.43 16.94 -7.06
CA VAL E 229 22.97 16.26 -8.23
C VAL E 229 21.85 15.61 -9.03
N ILE E 230 20.83 15.09 -8.35
CA ILE E 230 19.70 14.49 -9.06
C ILE E 230 18.97 15.54 -9.89
N ASN E 231 18.74 16.72 -9.32
CA ASN E 231 18.06 17.78 -10.06
C ASN E 231 18.88 18.21 -11.27
N TYR E 232 20.19 18.34 -11.10
CA TYR E 232 21.01 18.78 -12.23
C TYR E 232 21.05 17.74 -13.33
N ILE E 233 21.15 16.46 -12.97
CA ILE E 233 21.04 15.40 -13.98
C ILE E 233 19.72 15.50 -14.71
N LYS E 234 18.63 15.59 -13.96
CA LYS E 234 17.31 15.48 -14.55
C LYS E 234 16.98 16.67 -15.44
N VAL E 235 17.50 17.85 -15.10
CA VAL E 235 17.38 19.00 -15.99
C VAL E 235 18.26 18.82 -17.22
N ALA E 236 19.46 18.27 -17.04
CA ALA E 236 20.41 18.21 -18.15
C ALA E 236 19.98 17.23 -19.23
N ILE E 237 19.54 16.03 -18.83
CA ILE E 237 19.25 14.97 -19.79
C ILE E 237 17.97 15.29 -20.56
N LYS E 238 17.72 14.53 -21.63
CA LYS E 238 16.58 14.76 -22.50
C LYS E 238 15.26 14.23 -21.92
N GLY E 239 15.30 13.14 -21.16
CA GLY E 239 14.08 12.57 -20.63
C GLY E 239 14.25 11.89 -19.29
N ASP E 240 13.19 11.88 -18.48
CA ASP E 240 13.23 11.29 -17.15
C ASP E 240 12.63 9.88 -17.16
N SER E 241 11.37 9.77 -17.57
CA SER E 241 10.70 8.47 -17.55
C SER E 241 11.39 7.49 -18.49
N PHE E 242 11.44 6.24 -18.06
CA PHE E 242 12.22 5.20 -18.73
C PHE E 242 11.34 4.45 -19.72
N VAL E 243 11.95 4.04 -20.83
CA VAL E 243 11.26 3.35 -21.91
C VAL E 243 12.15 2.20 -22.37
N ASN E 244 11.56 1.03 -22.55
CA ASN E 244 12.29 -0.17 -22.94
C ASN E 244 12.17 -0.35 -24.46
N ALA E 245 13.26 -0.12 -25.17
CA ALA E 245 13.35 -0.37 -26.61
C ALA E 245 12.25 0.34 -27.39
N GLY E 246 11.96 1.58 -27.00
CA GLY E 246 10.96 2.37 -27.69
C GLY E 246 9.53 2.08 -27.30
N GLU E 247 9.29 1.18 -26.35
CA GLU E 247 7.95 0.83 -25.91
C GLU E 247 7.78 1.17 -24.44
N GLU E 248 6.56 1.55 -24.07
CA GLU E 248 6.29 1.92 -22.69
C GLU E 248 6.41 0.71 -21.77
N LEU E 249 6.73 1.00 -20.51
CA LEU E 249 7.03 -0.08 -19.56
C LEU E 249 5.81 -0.96 -19.31
N PHE E 250 4.62 -0.37 -19.14
CA PHE E 250 3.46 -1.15 -18.76
C PHE E 250 3.03 -2.11 -19.86
N THR E 251 3.41 -1.84 -21.11
CA THR E 251 3.11 -2.79 -22.18
C THR E 251 4.10 -3.94 -22.21
N GLN E 252 5.33 -3.73 -21.75
CA GLN E 252 6.34 -4.77 -21.80
C GLN E 252 6.07 -5.82 -20.73
N SER E 253 6.98 -6.80 -20.67
CA SER E 253 6.80 -7.92 -19.73
C SER E 253 7.27 -7.57 -18.35
N ASP E 254 7.36 -8.56 -17.50
CA ASP E 254 7.95 -8.40 -16.17
C ASP E 254 9.40 -8.82 -16.14
N GLY E 255 9.73 -9.96 -16.75
CA GLY E 255 11.11 -10.37 -16.84
C GLY E 255 11.95 -9.38 -17.64
N THR E 256 11.42 -8.90 -18.76
CA THR E 256 12.14 -7.91 -19.55
C THR E 256 12.35 -6.62 -18.75
N ASN E 257 11.32 -6.19 -18.03
CA ASN E 257 11.44 -4.96 -17.24
C ASN E 257 12.51 -5.11 -16.16
N SER E 258 12.49 -6.22 -15.42
CA SER E 258 13.48 -6.41 -14.37
C SER E 258 14.87 -6.53 -14.95
N ASN E 259 15.02 -7.26 -16.06
CA ASN E 259 16.33 -7.40 -16.68
C ASN E 259 16.88 -6.06 -17.11
N LYS E 260 16.05 -5.24 -17.77
CA LYS E 260 16.52 -3.94 -18.23
C LYS E 260 16.83 -3.02 -17.07
N PHE E 261 16.02 -3.07 -16.00
CA PHE E 261 16.30 -2.26 -14.82
C PHE E 261 17.67 -2.61 -14.25
N LEU E 262 17.92 -3.89 -14.01
CA LEU E 262 19.19 -4.30 -13.43
C LEU E 262 20.35 -3.97 -14.37
N GLU E 263 20.15 -4.17 -15.67
CA GLU E 263 21.22 -3.92 -16.63
C GLU E 263 21.59 -2.45 -16.65
N THR E 264 20.60 -1.56 -16.75
CA THR E 264 20.90 -0.14 -16.77
C THR E 264 21.55 0.30 -15.46
N LEU E 265 21.08 -0.23 -14.34
CA LEU E 265 21.64 0.21 -13.06
C LEU E 265 23.09 -0.23 -12.92
N LEU E 266 23.40 -1.49 -13.24
CA LEU E 266 24.77 -1.95 -13.13
C LEU E 266 25.69 -1.24 -14.12
N HIS E 267 25.18 -0.99 -15.34
CA HIS E 267 25.96 -0.25 -16.33
C HIS E 267 26.27 1.15 -15.84
N LEU E 268 25.27 1.83 -15.25
CA LEU E 268 25.50 3.15 -14.69
C LEU E 268 26.51 3.09 -13.56
N LEU E 269 26.42 2.07 -12.70
CA LEU E 269 27.35 1.95 -11.59
C LEU E 269 28.78 1.86 -12.08
N ILE E 270 29.05 0.92 -13.00
CA ILE E 270 30.42 0.71 -13.44
C ILE E 270 30.90 1.91 -14.27
N THR E 271 30.03 2.48 -15.10
CA THR E 271 30.42 3.61 -15.92
C THR E 271 30.77 4.83 -15.07
N LEU E 272 29.96 5.11 -14.05
CA LEU E 272 30.12 6.33 -13.27
C LEU E 272 31.14 6.21 -12.16
N THR E 273 31.46 5.01 -11.70
CA THR E 273 32.44 4.86 -10.64
C THR E 273 33.88 4.96 -11.14
N ARG E 274 34.09 5.27 -12.42
CA ARG E 274 35.44 5.23 -12.96
C ARG E 274 36.27 6.40 -12.47
N THR E 275 35.72 7.60 -12.47
CA THR E 275 36.49 8.81 -12.25
C THR E 275 36.59 9.22 -10.78
N GLU E 276 35.81 8.61 -9.89
CA GLU E 276 35.73 9.06 -8.51
C GLU E 276 36.39 8.07 -7.57
N PHE E 277 36.67 8.54 -6.35
CA PHE E 277 37.28 7.75 -5.31
C PHE E 277 36.27 7.12 -4.37
N ILE E 278 34.99 7.27 -4.67
CA ILE E 278 33.93 6.65 -3.89
C ILE E 278 33.74 5.22 -4.41
N SER E 279 33.87 4.24 -3.50
CA SER E 279 33.89 2.83 -3.87
C SER E 279 32.67 2.15 -3.28
N PRO E 280 31.59 2.01 -4.04
CA PRO E 280 30.36 1.43 -3.49
C PRO E 280 30.46 -0.08 -3.34
N ILE E 281 29.60 -0.62 -2.48
CA ILE E 281 29.37 -2.04 -2.35
C ILE E 281 27.93 -2.30 -2.73
N VAL E 282 27.71 -3.08 -3.78
CA VAL E 282 26.38 -3.32 -4.31
C VAL E 282 26.01 -4.78 -4.07
N TYR E 283 24.79 -5.02 -3.64
CA TYR E 283 24.28 -6.34 -3.30
C TYR E 283 22.96 -6.57 -4.01
N ILE E 284 22.94 -7.55 -4.92
CA ILE E 284 21.77 -7.91 -5.70
C ILE E 284 21.26 -9.25 -5.20
N ASP E 285 19.97 -9.33 -4.97
CA ASP E 285 19.38 -10.62 -4.61
C ASP E 285 18.77 -11.16 -5.88
N GLU E 286 18.90 -12.45 -6.14
CA GLU E 286 18.22 -13.05 -7.29
C GLU E 286 18.38 -12.25 -8.58
N PRO E 287 19.58 -12.03 -9.14
CA PRO E 287 19.66 -11.30 -10.38
C PRO E 287 18.97 -12.04 -11.52
N GLU E 288 18.40 -13.22 -11.32
CA GLU E 288 17.89 -14.06 -12.38
C GLU E 288 16.38 -14.27 -12.33
N VAL E 289 15.69 -13.75 -11.31
CA VAL E 289 14.29 -14.10 -11.12
C VAL E 289 13.46 -13.55 -12.27
N GLY E 290 12.67 -14.43 -12.88
CA GLY E 290 11.86 -14.06 -14.02
C GLY E 290 12.59 -13.98 -15.34
N LEU E 291 13.81 -14.47 -15.42
CA LEU E 291 14.64 -14.33 -16.62
C LEU E 291 14.81 -15.68 -17.30
N HIS E 292 14.64 -15.70 -18.61
CA HIS E 292 14.98 -16.87 -19.41
C HIS E 292 16.46 -17.17 -19.26
N PRO E 293 16.86 -18.44 -19.34
CA PRO E 293 18.30 -18.75 -19.21
C PRO E 293 19.16 -17.98 -20.18
N LYS E 294 18.65 -17.82 -21.41
CA LYS E 294 19.40 -17.02 -22.43
C LYS E 294 19.53 -15.58 -21.94
N LEU E 295 18.47 -15.03 -21.34
CA LEU E 295 18.52 -13.65 -20.87
C LEU E 295 19.47 -13.49 -19.70
N ALA E 296 19.51 -14.46 -18.79
CA ALA E 296 20.48 -14.39 -17.69
C ALA E 296 21.91 -14.45 -18.21
N GLU E 297 22.16 -15.35 -19.16
CA GLU E 297 23.48 -15.41 -19.77
C GLU E 297 23.85 -14.09 -20.43
N SER E 298 22.90 -13.49 -21.14
CA SER E 298 23.17 -12.22 -21.81
C SER E 298 23.40 -11.10 -20.80
N PHE E 299 22.69 -11.15 -19.67
CA PHE E 299 22.89 -10.14 -18.63
C PHE E 299 24.31 -10.21 -18.09
N VAL E 300 24.79 -11.42 -17.77
CA VAL E 300 26.16 -11.54 -17.28
C VAL E 300 27.15 -11.17 -18.38
N SER E 301 26.86 -11.52 -19.63
CA SER E 301 27.78 -11.18 -20.71
C SER E 301 27.92 -9.67 -20.88
N ASN E 302 26.81 -8.94 -20.83
CA ASN E 302 26.88 -7.49 -20.94
C ASN E 302 27.60 -6.89 -19.73
N LEU E 303 27.35 -7.43 -18.54
CA LEU E 303 28.07 -6.96 -17.37
C LEU E 303 29.57 -7.12 -17.55
N ASN E 304 30.01 -8.28 -18.05
CA ASN E 304 31.43 -8.49 -18.27
C ASN E 304 31.97 -7.61 -19.39
N LYS E 305 31.17 -7.35 -20.41
CA LYS E 305 31.60 -6.46 -21.48
C LYS E 305 31.90 -5.07 -20.95
N ILE E 306 30.99 -4.54 -20.13
CA ILE E 306 31.22 -3.22 -19.54
C ILE E 306 32.40 -3.27 -18.58
N TYR E 307 32.52 -4.34 -17.80
CA TYR E 307 33.63 -4.46 -16.86
C TYR E 307 34.97 -4.45 -17.56
N SER E 308 35.09 -5.19 -18.67
CA SER E 308 36.35 -5.27 -19.39
C SER E 308 36.61 -4.08 -20.28
N LYS E 309 35.57 -3.34 -20.66
CA LYS E 309 35.77 -2.17 -21.52
C LYS E 309 36.50 -1.04 -20.81
N PHE E 310 36.47 -1.00 -19.47
CA PHE E 310 37.12 0.05 -18.71
C PHE E 310 38.32 -0.46 -17.91
N LYS E 311 38.76 -1.69 -18.15
CA LYS E 311 39.81 -2.30 -17.35
C LYS E 311 41.16 -2.10 -18.03
N LYS E 312 42.13 -1.62 -17.27
CA LYS E 312 43.45 -1.30 -17.79
C LYS E 312 44.48 -2.28 -17.26
N THR E 313 45.23 -2.90 -18.17
CA THR E 313 46.29 -3.84 -17.79
C THR E 313 47.60 -3.47 -18.46
N SER E 314 48.60 -4.33 -18.34
CA SER E 314 49.90 -4.05 -18.95
C SER E 314 49.82 -4.05 -20.47
N GLU E 315 48.90 -4.82 -21.05
CA GLU E 315 48.73 -4.90 -22.49
C GLU E 315 47.67 -3.93 -23.00
N LEU E 316 46.53 -3.85 -22.33
CA LEU E 316 45.45 -2.96 -22.73
C LEU E 316 45.62 -1.62 -22.02
N SER E 317 45.74 -0.55 -22.80
CA SER E 317 45.87 0.79 -22.26
C SER E 317 45.47 1.78 -23.35
N GLY E 318 45.35 3.04 -22.97
CA GLY E 318 45.02 4.08 -23.90
C GLY E 318 43.87 4.94 -23.41
N PRO E 319 43.12 5.51 -24.35
CA PRO E 319 42.00 6.39 -23.96
C PRO E 319 40.80 5.57 -23.53
N GLY E 320 40.23 5.91 -22.38
CA GLY E 320 39.04 5.27 -21.88
C GLY E 320 39.27 4.10 -20.95
N ARG E 321 40.51 3.82 -20.57
CA ARG E 321 40.82 2.71 -19.67
C ARG E 321 41.37 3.25 -18.36
N TYR E 322 40.78 2.82 -17.26
CA TYR E 322 41.09 3.33 -15.93
C TYR E 322 41.61 2.22 -15.02
N LYS E 323 42.44 2.62 -14.06
CA LYS E 323 42.96 1.73 -13.03
C LYS E 323 42.11 1.77 -11.76
N THR E 324 41.08 2.61 -11.74
CA THR E 324 40.26 2.76 -10.54
C THR E 324 39.64 1.43 -10.15
N PRO E 325 39.71 1.05 -8.87
CA PRO E 325 39.13 -0.23 -8.45
C PRO E 325 37.63 -0.29 -8.69
N TYR E 326 37.17 -1.47 -9.08
CA TYR E 326 35.77 -1.68 -9.37
C TYR E 326 34.98 -1.87 -8.07
N PRO E 327 33.69 -1.52 -8.07
CA PRO E 327 32.88 -1.72 -6.86
C PRO E 327 32.71 -3.20 -6.56
N ASN E 328 32.59 -3.50 -5.27
CA ASN E 328 32.36 -4.88 -4.85
C ASN E 328 30.92 -5.27 -5.14
N ILE E 329 30.74 -6.20 -6.07
CA ILE E 329 29.41 -6.62 -6.50
C ILE E 329 29.15 -8.02 -5.97
N PHE E 330 28.23 -8.12 -5.02
CA PHE E 330 27.72 -9.40 -4.55
C PHE E 330 26.36 -9.63 -5.18
N TYR E 331 26.11 -10.84 -5.65
CA TYR E 331 24.74 -11.19 -6.02
C TYR E 331 24.47 -12.64 -5.67
N SER E 332 23.34 -12.87 -5.02
CA SER E 332 22.94 -14.21 -4.64
C SER E 332 21.98 -14.77 -5.69
N THR E 333 22.39 -15.91 -6.26
CA THR E 333 21.66 -16.50 -7.39
C THR E 333 21.32 -17.94 -7.09
N HIS E 334 20.30 -18.48 -7.75
CA HIS E 334 19.96 -19.91 -7.63
C HIS E 334 19.91 -20.46 -9.06
N SER E 335 20.52 -19.75 -10.00
CA SER E 335 20.42 -20.13 -11.43
C SER E 335 21.75 -20.67 -11.93
N PRO E 336 21.90 -21.90 -12.45
CA PRO E 336 23.22 -22.30 -12.96
C PRO E 336 23.71 -21.44 -14.11
N SER E 337 22.83 -20.80 -14.87
CA SER E 337 23.26 -20.01 -16.01
C SER E 337 24.07 -18.80 -15.56
N ILE E 338 23.60 -18.10 -14.52
CA ILE E 338 24.32 -16.92 -14.03
C ILE E 338 25.71 -17.32 -13.57
N LEU E 339 25.80 -18.39 -12.78
CA LEU E 339 27.09 -18.83 -12.26
C LEU E 339 28.01 -19.28 -13.38
N LYS E 340 27.48 -20.03 -14.35
CA LYS E 340 28.28 -20.51 -15.46
C LYS E 340 28.88 -19.35 -16.25
N GLN E 341 28.05 -18.37 -16.61
CA GLN E 341 28.55 -17.26 -17.39
C GLN E 341 29.51 -16.40 -16.57
N THR E 342 29.22 -16.23 -15.27
CA THR E 342 30.13 -15.50 -14.40
C THR E 342 31.52 -16.14 -14.42
N ILE E 343 31.58 -17.44 -14.19
CA ILE E 343 32.87 -18.13 -14.19
C ILE E 343 33.56 -17.98 -15.54
N LYS E 344 32.85 -18.32 -16.61
CA LYS E 344 33.48 -18.38 -17.93
C LYS E 344 33.97 -17.02 -18.40
N LEU E 345 33.27 -15.95 -18.03
CA LEU E 345 33.63 -14.63 -18.53
C LEU E 345 34.50 -13.82 -17.58
N PHE E 346 34.62 -14.23 -16.32
CA PHE E 346 35.46 -13.48 -15.39
C PHE E 346 36.76 -14.19 -15.05
N GLY E 347 36.75 -15.50 -14.86
CA GLY E 347 37.99 -16.19 -14.55
C GLY E 347 38.51 -15.92 -13.16
N LYS E 348 39.60 -15.17 -13.06
CA LYS E 348 40.27 -14.94 -11.79
C LYS E 348 39.68 -13.77 -11.01
N ASP E 349 38.73 -13.03 -11.57
CA ASP E 349 38.13 -11.89 -10.90
C ASP E 349 36.79 -12.23 -10.27
N GLN E 350 36.44 -13.51 -10.20
CA GLN E 350 35.18 -13.93 -9.59
C GLN E 350 35.48 -14.87 -8.44
N GLN E 351 34.53 -14.93 -7.51
CA GLN E 351 34.63 -15.77 -6.33
C GLN E 351 33.27 -16.37 -6.05
N VAL E 352 33.24 -17.66 -5.74
CA VAL E 352 32.00 -18.38 -5.46
C VAL E 352 31.95 -18.71 -3.98
N LEU E 353 30.94 -18.19 -3.29
CA LEU E 353 30.77 -18.39 -1.86
C LEU E 353 29.59 -19.33 -1.63
N HIS E 354 29.83 -20.36 -0.82
CA HIS E 354 28.84 -21.38 -0.52
C HIS E 354 28.34 -21.17 0.90
N PHE E 355 27.03 -20.98 1.04
CA PHE E 355 26.39 -20.83 2.33
C PHE E 355 25.66 -22.11 2.67
N SER E 356 26.00 -22.72 3.81
CA SER E 356 25.32 -23.97 4.23
C SER E 356 24.92 -23.85 5.68
N LYS E 357 23.69 -24.16 6.03
CA LYS E 357 23.37 -24.10 7.47
C LYS E 357 23.62 -25.48 8.02
N LYS E 358 24.48 -25.60 9.00
CA LYS E 358 24.89 -26.92 9.53
C LYS E 358 23.75 -27.63 10.25
N LYS E 359 24.11 -28.40 11.27
CA LYS E 359 23.12 -29.20 11.98
C LYS E 359 22.47 -28.41 13.11
N ASP E 360 23.26 -27.65 13.88
CA ASP E 360 22.70 -26.88 14.98
C ASP E 360 21.87 -25.70 14.47
N GLY E 361 22.26 -25.10 13.35
CA GLY E 361 21.57 -23.95 12.80
C GLY E 361 22.46 -22.81 12.37
N SER E 362 23.76 -22.87 12.66
CA SER E 362 24.66 -21.80 12.26
C SER E 362 24.95 -21.84 10.76
N THR E 363 25.22 -20.67 10.21
CA THR E 363 25.58 -20.57 8.80
C THR E 363 27.08 -20.73 8.64
N ARG E 364 27.49 -21.50 7.64
CA ARG E 364 28.90 -21.66 7.26
C ARG E 364 29.11 -21.09 5.88
N VAL E 365 30.16 -20.29 5.73
CA VAL E 365 30.53 -19.68 4.46
C VAL E 365 31.85 -20.28 4.03
N ASN E 366 31.88 -20.85 2.83
CA ASN E 366 33.07 -21.47 2.29
C ASN E 366 33.33 -20.93 0.90
N LYS E 367 34.56 -21.09 0.43
CA LYS E 367 34.94 -20.64 -0.90
C LYS E 367 35.11 -21.86 -1.80
N ILE E 368 34.33 -21.92 -2.87
CA ILE E 368 34.40 -23.04 -3.80
C ILE E 368 35.35 -22.68 -4.93
N ASN E 369 36.22 -23.61 -5.28
CA ASN E 369 37.19 -23.38 -6.34
C ASN E 369 36.47 -23.16 -7.67
N SER E 370 36.62 -21.98 -8.23
CA SER E 370 35.99 -21.62 -9.50
C SER E 370 36.99 -21.11 -10.53
N THR E 371 38.29 -21.25 -10.27
CA THR E 371 39.32 -20.85 -11.19
C THR E 371 40.03 -22.09 -11.72
N TYR E 372 40.08 -22.23 -13.05
CA TYR E 372 40.68 -23.38 -13.68
C TYR E 372 41.85 -22.93 -14.55
N SER E 373 42.95 -23.67 -14.49
CA SER E 373 44.14 -23.34 -15.27
C SER E 373 44.08 -23.90 -16.69
N ASP E 374 43.06 -24.69 -17.02
CA ASP E 374 42.95 -25.30 -18.34
C ASP E 374 41.99 -24.48 -19.19
N GLU E 375 42.51 -23.95 -20.31
CA GLU E 375 41.65 -23.19 -21.22
C GLU E 375 40.61 -24.09 -21.88
N ARG E 376 40.97 -25.33 -22.17
CA ARG E 376 40.02 -26.25 -22.79
C ARG E 376 38.82 -26.49 -21.90
N PHE E 377 39.04 -26.64 -20.60
CA PHE E 377 37.92 -26.84 -19.69
C PHE E 377 37.07 -25.58 -19.58
N LEU E 378 37.70 -24.41 -19.62
CA LEU E 378 36.93 -23.17 -19.60
C LEU E 378 36.04 -23.05 -20.82
N ASN E 379 36.57 -23.38 -22.00
CA ASN E 379 35.76 -23.31 -23.21
C ASN E 379 34.67 -24.37 -23.22
N ILE E 380 35.00 -25.60 -22.80
CA ILE E 380 34.03 -26.68 -22.80
C ILE E 380 33.09 -26.62 -21.60
N PHE E 381 33.36 -25.73 -20.64
CA PHE E 381 32.48 -25.57 -19.49
C PHE E 381 31.06 -25.26 -19.96
N SER E 382 30.10 -26.00 -19.43
CA SER E 382 28.72 -25.91 -19.92
C SER E 382 27.78 -25.97 -18.73
N ASP E 383 26.49 -26.09 -19.03
CA ASP E 383 25.47 -26.09 -17.98
C ASP E 383 25.62 -27.30 -17.07
N ASN E 384 25.99 -28.45 -17.65
CA ASN E 384 26.12 -29.67 -16.85
C ASN E 384 27.20 -29.54 -15.79
N GLU E 385 28.33 -28.95 -16.15
CA GLU E 385 29.41 -28.78 -15.17
C GLU E 385 29.05 -27.74 -14.13
N ALA E 386 28.50 -26.61 -14.54
CA ALA E 386 28.14 -25.55 -13.61
C ALA E 386 27.02 -25.98 -12.67
N ARG E 387 26.24 -26.99 -13.07
CA ARG E 387 25.15 -27.51 -12.20
C ARG E 387 25.79 -28.13 -10.94
N LEU E 388 27.02 -28.62 -11.05
CA LEU E 388 27.65 -29.31 -9.92
C LEU E 388 27.78 -28.39 -8.71
N PHE E 389 27.92 -27.08 -8.93
CA PHE E 389 28.08 -26.16 -7.80
C PHE E 389 26.88 -26.19 -6.86
N PHE E 390 25.70 -26.48 -7.39
CA PHE E 390 24.48 -26.50 -6.59
C PHE E 390 24.19 -27.88 -6.02
N SER E 391 25.07 -28.85 -6.23
CA SER E 391 24.82 -30.21 -5.77
C SER E 391 24.96 -30.30 -4.25
N GLU E 392 24.37 -31.35 -3.70
CA GLU E 392 24.55 -31.70 -2.31
C GLU E 392 25.50 -32.87 -2.11
N TYR E 393 25.53 -33.81 -3.05
CA TYR E 393 26.49 -34.91 -3.02
C TYR E 393 26.77 -35.31 -4.46
N ILE E 394 28.02 -35.21 -4.88
CA ILE E 394 28.43 -35.51 -6.25
C ILE E 394 29.03 -36.90 -6.27
N VAL E 395 28.45 -37.77 -7.10
CA VAL E 395 28.96 -39.13 -7.27
C VAL E 395 29.63 -39.22 -8.63
N PHE E 396 30.93 -38.96 -8.68
CA PHE E 396 31.65 -39.04 -9.95
C PHE E 396 31.77 -40.49 -10.38
N VAL E 397 31.52 -40.75 -11.66
CA VAL E 397 31.62 -42.08 -12.23
C VAL E 397 32.50 -42.00 -13.47
N GLU E 398 32.65 -43.14 -14.15
CA GLU E 398 33.57 -43.25 -15.27
C GLU E 398 32.90 -43.41 -16.62
N GLY E 399 31.88 -44.27 -16.72
CA GLY E 399 31.24 -44.55 -18.00
C GLY E 399 29.77 -44.20 -17.95
N ALA E 400 29.12 -44.35 -19.11
CA ALA E 400 27.71 -44.02 -19.23
C ALA E 400 26.80 -45.08 -18.62
N THR E 401 27.30 -46.30 -18.42
CA THR E 401 26.47 -47.33 -17.82
C THR E 401 26.14 -47.01 -16.37
N GLU E 402 27.10 -46.46 -15.64
CA GLU E 402 26.82 -46.04 -14.27
C GLU E 402 25.81 -44.90 -14.24
N LEU E 403 25.88 -43.99 -15.22
CA LEU E 403 24.86 -42.95 -15.34
C LEU E 403 23.50 -43.56 -15.57
N GLU E 404 23.42 -44.57 -16.44
CA GLU E 404 22.16 -45.25 -16.70
C GLU E 404 21.62 -45.90 -15.44
N LEU E 405 22.49 -46.52 -14.63
CA LEU E 405 22.05 -47.21 -13.43
C LEU E 405 21.58 -46.23 -12.36
N PHE E 406 22.46 -45.30 -11.97
CA PHE E 406 22.18 -44.46 -10.81
C PHE E 406 21.08 -43.45 -11.06
N ARG E 407 20.65 -43.26 -12.31
CA ARG E 407 19.56 -42.36 -12.63
C ARG E 407 18.24 -43.09 -12.83
N ASN E 408 18.19 -44.38 -12.51
CA ASN E 408 16.98 -45.16 -12.74
C ASN E 408 15.83 -44.65 -11.87
N LEU E 409 14.68 -44.40 -12.51
CA LEU E 409 13.55 -43.81 -11.80
C LEU E 409 13.00 -44.76 -10.75
N SER E 410 12.83 -46.04 -11.11
CA SER E 410 12.30 -47.01 -10.16
C SER E 410 13.26 -47.22 -9.00
N LEU E 411 14.56 -47.27 -9.29
CA LEU E 411 15.55 -47.44 -8.23
C LEU E 411 15.58 -46.23 -7.30
N LEU E 412 15.47 -45.01 -7.86
CA LEU E 412 15.41 -43.82 -7.03
C LEU E 412 14.10 -43.70 -6.28
N ASN E 413 13.05 -44.39 -6.72
CA ASN E 413 11.78 -44.34 -5.99
C ASN E 413 11.93 -44.92 -4.60
N LEU E 414 12.66 -46.03 -4.47
CA LEU E 414 12.83 -46.67 -3.16
C LEU E 414 13.94 -46.06 -2.33
N TYR E 415 14.74 -45.15 -2.89
CA TYR E 415 15.80 -44.47 -2.17
C TYR E 415 15.70 -42.98 -2.43
N PRO E 416 14.71 -42.32 -1.82
CA PRO E 416 14.50 -40.89 -2.11
C PRO E 416 15.68 -40.02 -1.75
N ALA E 417 16.43 -40.37 -0.70
CA ALA E 417 17.57 -39.55 -0.30
C ALA E 417 18.60 -39.45 -1.42
N PHE E 418 18.90 -40.58 -2.07
CA PHE E 418 19.85 -40.57 -3.17
C PHE E 418 19.35 -39.75 -4.35
N SER E 419 18.07 -39.40 -4.39
CA SER E 419 17.58 -38.51 -5.41
C SER E 419 18.18 -37.12 -5.31
N LEU E 420 18.70 -36.75 -4.14
CA LEU E 420 19.31 -35.44 -3.96
C LEU E 420 20.76 -35.39 -4.43
N ALA E 421 21.33 -36.52 -4.82
CA ALA E 421 22.72 -36.58 -5.27
C ALA E 421 22.76 -36.60 -6.79
N ASP E 422 23.58 -35.70 -7.34
CA ASP E 422 23.72 -35.60 -8.82
C ASP E 422 24.91 -36.47 -9.26
N ILE E 423 24.68 -37.33 -10.25
CA ILE E 423 25.72 -38.21 -10.79
C ILE E 423 26.31 -37.56 -12.03
N TYR E 424 27.64 -37.50 -12.11
CA TYR E 424 28.33 -36.82 -13.18
C TYR E 424 29.55 -37.64 -13.57
N ASP E 425 29.55 -38.17 -14.80
CA ASP E 425 30.69 -38.95 -15.27
C ASP E 425 31.89 -38.05 -15.51
N ALA E 426 33.02 -38.41 -14.94
CA ALA E 426 34.20 -37.56 -14.95
C ALA E 426 35.40 -38.32 -15.50
N ASN E 427 36.02 -37.77 -16.53
CA ASN E 427 37.30 -38.27 -17.01
C ASN E 427 38.39 -37.91 -16.00
N GLU E 428 39.55 -38.55 -16.14
CA GLU E 428 40.63 -38.32 -15.19
C GLU E 428 41.12 -36.87 -15.24
N VAL E 429 41.25 -36.30 -16.44
CA VAL E 429 41.70 -34.92 -16.56
C VAL E 429 40.62 -33.96 -16.06
N ILE E 430 39.36 -34.25 -16.38
CA ILE E 430 38.26 -33.43 -15.88
C ILE E 430 38.20 -33.50 -14.36
N LEU E 431 38.35 -34.70 -13.80
CA LEU E 431 38.35 -34.82 -12.34
C LEU E 431 39.55 -34.11 -11.73
N ALA E 432 40.66 -34.05 -12.45
CA ALA E 432 41.85 -33.38 -11.92
C ALA E 432 41.66 -31.87 -11.90
N ASN E 433 41.11 -31.30 -12.97
CA ASN E 433 40.99 -29.85 -13.03
C ASN E 433 39.72 -29.31 -12.37
N ILE E 434 38.74 -30.17 -12.06
CA ILE E 434 37.61 -29.72 -11.26
C ILE E 434 38.06 -29.46 -9.83
N ASN E 435 38.95 -30.30 -9.31
CA ASN E 435 39.46 -30.26 -7.94
C ASN E 435 38.33 -30.41 -6.94
N PRO E 436 37.61 -31.54 -6.94
CA PRO E 436 36.53 -31.71 -5.97
C PRO E 436 37.02 -31.89 -4.55
N GLY E 437 38.28 -32.26 -4.36
CA GLY E 437 38.82 -32.40 -3.01
C GLY E 437 39.06 -31.07 -2.31
N TYR E 438 39.16 -29.99 -3.08
CA TYR E 438 39.32 -28.67 -2.48
C TYR E 438 38.10 -28.29 -1.65
N SER E 439 36.91 -28.62 -2.14
CA SER E 439 35.69 -28.28 -1.41
C SER E 439 35.43 -29.28 -0.29
N LYS E 440 35.17 -30.54 -0.65
CA LYS E 440 34.98 -31.62 0.31
C LYS E 440 34.01 -31.26 1.42
N ALA E 441 34.43 -30.36 2.32
CA ALA E 441 33.57 -29.95 3.41
C ALA E 441 32.34 -29.22 2.90
N SER E 442 32.51 -28.40 1.87
CA SER E 442 31.37 -27.67 1.30
C SER E 442 30.44 -28.62 0.56
N ILE E 443 30.94 -29.29 -0.46
CA ILE E 443 30.17 -30.23 -1.27
C ILE E 443 30.81 -31.60 -1.14
N PRO E 444 30.28 -32.47 -0.29
CA PRO E 444 30.84 -33.82 -0.17
C PRO E 444 30.67 -34.59 -1.47
N PHE E 445 31.63 -35.48 -1.74
CA PHE E 445 31.65 -36.17 -3.02
C PHE E 445 32.27 -37.55 -2.84
N VAL E 446 32.20 -38.35 -3.89
CA VAL E 446 32.84 -39.66 -3.95
C VAL E 446 33.16 -39.97 -5.40
N ILE E 447 34.32 -40.58 -5.63
CA ILE E 447 34.78 -40.92 -6.98
C ILE E 447 34.71 -42.44 -7.11
N ILE E 448 33.91 -42.93 -8.04
CA ILE E 448 33.63 -44.35 -8.16
C ILE E 448 34.39 -44.87 -9.37
N LYS E 449 35.29 -45.82 -9.13
CA LYS E 449 36.09 -46.39 -10.19
C LYS E 449 36.14 -47.90 -10.06
N ASP E 450 36.68 -48.54 -11.09
CA ASP E 450 36.89 -49.98 -11.06
C ASP E 450 38.30 -50.29 -10.59
N ILE E 451 38.46 -51.47 -9.98
CA ILE E 451 39.77 -51.86 -9.48
C ILE E 451 40.77 -52.09 -10.60
N ASP E 452 40.30 -52.18 -11.84
CA ASP E 452 41.22 -52.31 -12.98
C ASP E 452 42.12 -51.09 -13.11
N THR E 453 41.64 -49.92 -12.70
CA THR E 453 42.46 -48.71 -12.77
C THR E 453 43.62 -48.74 -11.80
N LEU E 454 43.64 -49.69 -10.88
CA LEU E 454 44.72 -49.84 -9.90
C LEU E 454 45.71 -50.93 -10.28
N ILE E 455 45.22 -52.15 -10.49
CA ILE E 455 46.06 -53.31 -10.69
C ILE E 455 45.67 -53.97 -12.01
N ASP E 456 46.67 -54.33 -12.81
CA ASP E 456 46.43 -55.02 -14.07
C ASP E 456 47.09 -56.39 -14.02
N TYR E 457 46.31 -57.41 -13.70
CA TYR E 457 46.80 -58.78 -13.65
C TYR E 457 47.16 -59.26 -15.05
N SER E 458 48.25 -60.02 -15.14
CA SER E 458 48.67 -60.62 -16.41
C SER E 458 48.51 -62.12 -16.30
N ILE E 459 47.75 -62.71 -17.24
CA ILE E 459 47.54 -64.16 -17.22
C ILE E 459 48.82 -64.90 -17.59
N LYS E 460 49.54 -64.39 -18.59
CA LYS E 460 50.76 -65.05 -19.03
C LYS E 460 51.81 -65.09 -17.94
N THR E 461 52.00 -63.98 -17.22
CA THR E 461 53.04 -63.89 -16.21
C THR E 461 52.56 -64.24 -14.81
N GLU E 462 51.24 -64.34 -14.60
CA GLU E 462 50.68 -64.63 -13.28
C GLU E 462 51.12 -63.59 -12.25
N LYS E 463 51.16 -62.32 -12.66
CA LYS E 463 51.64 -61.24 -11.81
C LYS E 463 50.67 -60.07 -11.85
N PHE E 464 50.49 -59.44 -10.68
CA PHE E 464 49.85 -58.14 -10.60
C PHE E 464 50.87 -57.06 -10.91
N SER E 465 50.41 -56.00 -11.57
CA SER E 465 51.22 -54.82 -11.80
C SER E 465 50.43 -53.59 -11.39
N LEU E 466 51.12 -52.62 -10.80
CA LEU E 466 50.51 -51.44 -10.21
C LEU E 466 50.44 -50.34 -11.25
N ARG E 467 49.24 -49.84 -11.50
CA ARG E 467 49.05 -48.69 -12.37
C ARG E 467 49.59 -47.44 -11.69
N PRO E 468 49.94 -46.40 -12.46
CA PRO E 468 50.47 -45.18 -11.81
C PRO E 468 49.48 -44.50 -10.89
N LEU E 469 48.18 -44.73 -11.08
CA LEU E 469 47.21 -44.16 -10.15
C LEU E 469 47.38 -44.74 -8.75
N PHE E 470 47.70 -46.04 -8.65
CA PHE E 470 48.00 -46.62 -7.35
C PHE E 470 49.24 -45.99 -6.72
N GLU E 471 50.29 -45.77 -7.49
CA GLU E 471 51.49 -45.15 -6.93
C GLU E 471 51.18 -43.74 -6.43
N LYS E 472 50.41 -42.98 -7.21
CA LYS E 472 50.06 -41.61 -6.82
C LYS E 472 49.17 -41.60 -5.57
N MET E 473 48.22 -42.54 -5.49
CA MET E 473 47.38 -42.65 -4.30
C MET E 473 48.20 -43.03 -3.07
N ILE E 474 49.12 -43.98 -3.21
CA ILE E 474 49.98 -44.35 -2.10
C ILE E 474 50.83 -43.16 -1.69
N LYS E 475 51.29 -42.36 -2.66
CA LYS E 475 52.12 -41.21 -2.34
C LYS E 475 51.36 -40.18 -1.51
N GLU E 476 50.09 -39.93 -1.84
CA GLU E 476 49.31 -39.10 -0.92
C GLU E 476 49.02 -39.81 0.40
N LEU E 477 49.03 -41.14 0.41
CA LEU E 477 48.62 -41.86 1.61
C LEU E 477 49.77 -42.16 2.56
N THR E 478 51.02 -42.03 2.12
CA THR E 478 52.16 -42.15 3.02
C THR E 478 52.37 -40.81 3.74
N LYS E 479 51.38 -40.48 4.57
CA LYS E 479 51.38 -39.19 5.26
C LYS E 479 52.59 -39.04 6.18
N GLU E 480 53.19 -40.14 6.58
CA GLU E 480 54.15 -40.19 7.69
C GLU E 480 55.44 -39.47 7.40
N PHE E 481 55.53 -38.72 6.29
CA PHE E 481 56.78 -38.08 5.91
C PHE E 481 57.27 -37.12 6.99
N ASP E 482 56.37 -36.29 7.53
CA ASP E 482 56.76 -35.29 8.52
C ASP E 482 55.76 -35.25 9.67
N TYR E 483 55.37 -36.44 10.12
CA TYR E 483 54.29 -36.47 11.13
C TYR E 483 54.72 -37.13 12.43
N TYR E 484 53.77 -37.25 13.35
CA TYR E 484 53.97 -37.87 14.65
C TYR E 484 53.05 -39.09 14.77
N ASP E 485 53.36 -39.95 15.73
CA ASP E 485 52.65 -41.21 15.85
C ASP E 485 51.18 -40.99 16.22
N THR E 486 50.33 -41.84 15.68
CA THR E 486 48.89 -41.79 15.89
C THR E 486 48.39 -43.23 15.65
N GLY E 487 47.08 -43.45 15.71
CA GLY E 487 46.54 -44.78 15.45
C GLY E 487 46.55 -45.12 13.97
N PHE E 488 47.60 -44.71 13.27
CA PHE E 488 47.78 -44.95 11.85
C PHE E 488 48.70 -46.14 11.55
N GLY E 489 49.09 -46.90 12.56
CA GLY E 489 49.95 -48.05 12.31
C GLY E 489 49.31 -49.06 11.38
N ARG E 490 48.00 -49.24 11.51
CA ARG E 490 47.27 -50.10 10.59
C ARG E 490 47.36 -49.58 9.16
N VAL E 491 47.29 -48.26 9.00
CA VAL E 491 47.42 -47.68 7.67
C VAL E 491 48.80 -47.95 7.08
N ARG E 492 49.85 -47.79 7.90
CA ARG E 492 51.19 -48.08 7.41
C ARG E 492 51.34 -49.54 7.03
N LYS E 493 50.77 -50.44 7.81
CA LYS E 493 50.80 -51.86 7.45
C LYS E 493 50.09 -52.11 6.13
N GLU E 494 48.91 -51.50 5.94
CA GLU E 494 48.17 -51.71 4.71
C GLU E 494 48.94 -51.19 3.50
N ILE E 495 49.58 -50.03 3.63
CA ILE E 495 50.41 -49.52 2.54
C ILE E 495 51.61 -50.43 2.29
N ASP E 496 52.16 -51.02 3.36
CA ASP E 496 53.27 -51.95 3.17
C ASP E 496 52.84 -53.15 2.35
N LEU E 497 51.69 -53.75 2.66
CA LEU E 497 51.24 -54.87 1.84
C LEU E 497 50.80 -54.42 0.44
N PHE E 498 50.28 -53.20 0.30
CA PHE E 498 49.94 -52.72 -1.03
C PHE E 498 51.18 -52.55 -1.91
N SER E 499 52.31 -52.21 -1.31
CA SER E 499 53.56 -52.19 -2.06
C SER E 499 54.08 -53.60 -2.29
N ASP E 500 53.88 -54.50 -1.32
CA ASP E 500 54.34 -55.88 -1.44
C ASP E 500 53.61 -56.65 -2.53
N ILE E 501 52.35 -56.28 -2.83
CA ILE E 501 51.54 -57.07 -3.75
C ILE E 501 52.20 -57.19 -5.12
N GLN E 502 53.10 -56.26 -5.46
CA GLN E 502 53.73 -56.29 -6.77
C GLN E 502 54.57 -57.54 -6.98
N SER E 503 55.34 -57.94 -5.96
CA SER E 503 56.27 -59.06 -6.12
C SER E 503 55.57 -60.41 -6.06
N SER E 504 54.38 -60.48 -5.46
CA SER E 504 53.68 -61.74 -5.31
C SER E 504 53.14 -62.23 -6.65
N THR E 505 52.94 -63.54 -6.75
CA THR E 505 52.34 -64.17 -7.91
C THR E 505 51.16 -65.05 -7.49
N LYS E 506 50.15 -65.10 -8.36
CA LYS E 506 48.95 -65.88 -8.09
C LYS E 506 48.62 -66.73 -9.31
N LYS E 507 48.38 -68.01 -9.07
CA LYS E 507 48.01 -68.91 -10.16
C LYS E 507 46.54 -68.74 -10.53
N HIS E 508 46.22 -69.14 -11.75
CA HIS E 508 44.86 -69.06 -12.28
C HIS E 508 44.43 -70.42 -12.80
N MET E 509 43.12 -70.60 -12.87
CA MET E 509 42.53 -71.85 -13.33
C MET E 509 41.60 -71.58 -14.51
N ASP E 510 41.23 -72.67 -15.20
CA ASP E 510 40.36 -72.61 -16.37
C ASP E 510 40.92 -71.65 -17.41
N SER E 511 42.23 -71.77 -17.66
CA SER E 511 42.95 -70.96 -18.64
C SER E 511 42.91 -69.47 -18.33
N GLY E 512 42.76 -69.11 -17.06
CA GLY E 512 42.80 -67.71 -16.66
C GLY E 512 41.42 -67.07 -16.50
N LEU E 513 40.49 -67.80 -15.88
CA LEU E 513 39.16 -67.26 -15.63
C LEU E 513 38.79 -67.20 -14.16
N PHE E 514 39.56 -67.82 -13.27
CA PHE E 514 39.29 -67.77 -11.84
C PHE E 514 40.60 -67.74 -11.08
N PHE E 515 40.51 -67.40 -9.80
CA PHE E 515 41.66 -67.38 -8.89
C PHE E 515 41.63 -68.63 -8.02
N LYS E 516 42.78 -69.28 -7.87
CA LYS E 516 42.85 -70.49 -7.07
C LYS E 516 42.50 -70.22 -5.62
N ARG E 517 43.17 -69.24 -5.00
CA ARG E 517 42.94 -68.90 -3.60
C ARG E 517 42.87 -67.40 -3.35
N PHE E 518 43.29 -66.56 -4.30
CA PHE E 518 43.26 -65.12 -4.09
C PHE E 518 41.83 -64.62 -4.10
N SER E 519 41.49 -63.77 -3.14
CA SER E 519 40.15 -63.23 -2.99
C SER E 519 40.17 -61.76 -3.40
N LEU E 520 39.77 -61.49 -4.65
CA LEU E 520 39.67 -60.11 -5.10
C LEU E 520 38.66 -59.33 -4.28
N HIS E 521 37.66 -60.01 -3.70
CA HIS E 521 36.73 -59.33 -2.80
C HIS E 521 37.46 -58.80 -1.57
N ASN E 522 38.35 -59.61 -1.00
CA ASN E 522 39.09 -59.15 0.18
C ASN E 522 40.00 -57.98 -0.17
N LEU E 523 40.68 -58.04 -1.31
CA LEU E 523 41.53 -56.94 -1.72
C LEU E 523 40.72 -55.67 -1.96
N SER E 524 39.56 -55.81 -2.59
CA SER E 524 38.70 -54.64 -2.82
C SER E 524 38.24 -54.06 -1.49
N SER E 525 37.86 -54.90 -0.54
CA SER E 525 37.43 -54.39 0.75
C SER E 525 38.55 -53.66 1.47
N ARG E 526 39.76 -54.22 1.44
CA ARG E 526 40.89 -53.55 2.09
C ARG E 526 41.19 -52.22 1.40
N ILE E 527 41.16 -52.20 0.06
CA ILE E 527 41.44 -50.97 -0.69
C ILE E 527 40.41 -49.91 -0.35
N ASN E 528 39.13 -50.29 -0.32
CA ASN E 528 38.09 -49.32 -0.03
C ASN E 528 38.17 -48.81 1.40
N LYS E 529 38.45 -49.70 2.36
CA LYS E 529 38.61 -49.27 3.73
C LYS E 529 39.76 -48.29 3.87
N VAL E 530 40.87 -48.54 3.18
CA VAL E 530 42.02 -47.66 3.26
C VAL E 530 41.74 -46.33 2.58
N SER E 531 41.10 -46.36 1.41
CA SER E 531 40.93 -45.18 0.57
C SER E 531 39.65 -44.41 0.82
N ARG E 532 38.83 -44.82 1.80
CA ARG E 532 37.68 -44.02 2.16
C ARG E 532 38.09 -42.60 2.58
N LYS E 533 39.29 -42.46 3.15
CA LYS E 533 39.79 -41.14 3.52
C LYS E 533 39.98 -40.24 2.31
N LEU E 534 40.16 -40.81 1.12
CA LEU E 534 40.31 -40.02 -0.10
C LEU E 534 39.02 -39.92 -0.89
N ASN E 535 37.90 -40.36 -0.33
CA ASN E 535 36.59 -40.28 -0.96
C ASN E 535 36.53 -41.07 -2.27
N ARG E 536 37.35 -42.10 -2.42
CA ARG E 536 37.36 -42.93 -3.62
C ARG E 536 36.85 -44.32 -3.27
N TYR E 537 35.91 -44.82 -4.07
CA TYR E 537 35.37 -46.16 -3.91
C TYR E 537 35.67 -46.96 -5.16
N PHE E 538 36.28 -48.13 -4.97
CA PHE E 538 36.66 -49.01 -6.08
C PHE E 538 35.81 -50.27 -6.02
N MET E 539 35.18 -50.59 -7.14
CA MET E 539 34.39 -51.80 -7.27
C MET E 539 35.26 -52.96 -7.73
N THR E 540 34.90 -54.17 -7.29
CA THR E 540 35.71 -55.35 -7.60
C THR E 540 35.75 -55.60 -9.09
N THR E 541 34.61 -55.45 -9.77
CA THR E 541 34.49 -55.68 -11.20
C THR E 541 33.83 -54.48 -11.83
N THR E 542 33.51 -54.60 -13.12
CA THR E 542 32.79 -53.55 -13.81
C THR E 542 31.35 -53.47 -13.29
N ILE E 543 30.63 -52.46 -13.76
CA ILE E 543 29.26 -52.27 -13.31
C ILE E 543 28.36 -53.40 -13.81
N GLU E 544 28.63 -53.91 -15.02
CA GLU E 544 27.89 -55.06 -15.50
C GLU E 544 28.11 -56.26 -14.60
N GLY E 545 29.34 -56.47 -14.14
CA GLY E 545 29.60 -57.51 -13.17
C GLY E 545 28.89 -57.26 -11.85
N ALA E 546 28.78 -56.01 -11.44
CA ALA E 546 28.08 -55.70 -10.20
C ALA E 546 26.59 -56.04 -10.31
N LEU E 547 25.98 -55.73 -11.46
CA LEU E 547 24.59 -56.09 -11.66
C LEU E 547 24.40 -57.59 -11.74
N ILE E 548 25.27 -58.28 -12.47
CA ILE E 548 25.12 -59.70 -12.75
C ILE E 548 26.11 -60.43 -11.87
N ASN E 549 25.65 -60.84 -10.69
CA ASN E 549 26.42 -61.67 -9.78
C ASN E 549 25.76 -63.05 -9.67
N GLU E 550 26.39 -63.94 -8.90
CA GLU E 550 25.84 -65.28 -8.73
C GLU E 550 24.47 -65.24 -8.07
N GLN E 551 24.23 -64.24 -7.21
CA GLN E 551 22.95 -64.13 -6.53
C GLN E 551 21.86 -63.57 -7.44
N SER E 552 22.24 -62.74 -8.42
CA SER E 552 21.28 -62.13 -9.32
C SER E 552 20.93 -63.02 -10.51
N LEU E 553 21.52 -64.21 -10.60
CA LEU E 553 21.20 -65.12 -11.69
C LEU E 553 19.72 -65.48 -11.79
N PRO E 554 19.00 -65.81 -10.71
CA PRO E 554 17.60 -66.20 -10.88
C PRO E 554 16.74 -65.12 -11.50
N TYR E 555 16.69 -63.93 -10.89
CA TYR E 555 15.86 -62.85 -11.42
C TYR E 555 16.23 -62.53 -12.86
N PHE E 556 17.52 -62.39 -13.15
CA PHE E 556 17.95 -62.17 -14.53
C PHE E 556 17.40 -63.25 -15.44
N PHE E 557 17.51 -64.52 -15.03
CA PHE E 557 16.95 -65.59 -15.84
C PHE E 557 15.46 -65.41 -16.03
N ASN E 558 14.75 -65.05 -14.95
CA ASN E 558 13.33 -64.74 -15.09
C ASN E 558 13.10 -63.67 -16.14
N TRP E 559 13.94 -62.63 -16.14
CA TRP E 559 13.83 -61.60 -17.16
C TRP E 559 13.96 -62.21 -18.55
N ILE E 560 14.94 -63.10 -18.73
CA ILE E 560 15.06 -63.81 -20.00
C ILE E 560 13.75 -64.51 -20.33
N GLY E 561 13.20 -65.23 -19.35
CA GLY E 561 11.90 -65.85 -19.56
C GLY E 561 10.86 -64.85 -19.99
N ASP E 562 10.79 -63.71 -19.30
CA ASP E 562 9.87 -62.67 -19.72
C ASP E 562 10.25 -62.10 -21.08
N VAL E 563 11.55 -61.91 -21.34
CA VAL E 563 11.93 -61.40 -22.65
C VAL E 563 11.71 -62.47 -23.70
N ILE E 564 11.46 -63.71 -23.26
CA ILE E 564 11.10 -64.78 -24.18
C ILE E 564 9.60 -64.77 -24.45
N LEU E 565 8.80 -64.26 -23.50
CA LEU E 565 7.36 -64.44 -23.60
C LEU E 565 6.66 -63.27 -24.30
N THR E 566 7.12 -62.04 -24.09
CA THR E 566 6.30 -60.88 -24.42
C THR E 566 6.77 -60.09 -25.63
N GLN E 567 8.03 -59.67 -25.68
CA GLN E 567 8.44 -58.58 -26.56
C GLN E 567 8.90 -59.02 -27.96
N MET E 568 8.75 -60.29 -28.32
CA MET E 568 8.89 -60.64 -29.73
C MET E 568 7.52 -60.96 -30.33
N THR E 569 7.46 -60.88 -31.65
CA THR E 569 6.26 -61.17 -32.41
C THR E 569 6.63 -62.11 -33.54
N ILE E 570 5.69 -62.35 -34.45
CA ILE E 570 5.89 -63.26 -35.58
C ILE E 570 6.34 -62.44 -36.79
N ASN E 571 7.42 -62.89 -37.43
CA ASN E 571 8.05 -62.15 -38.52
C ASN E 571 7.36 -62.47 -39.86
N ASN E 572 6.07 -62.16 -39.93
CA ASN E 572 5.30 -62.37 -41.14
C ASN E 572 3.94 -61.68 -41.06
N PRO E 573 3.46 -61.09 -42.16
CA PRO E 573 2.12 -60.49 -42.15
C PRO E 573 0.99 -61.51 -42.08
N ASN E 574 1.29 -62.80 -42.17
CA ASN E 574 0.27 -63.86 -42.15
C ASN E 574 0.65 -64.88 -41.09
N PRO E 575 0.37 -64.59 -39.81
CA PRO E 575 0.82 -65.49 -38.73
C PRO E 575 0.32 -66.92 -38.87
N ASP E 576 -0.93 -67.13 -39.31
CA ASP E 576 -1.49 -68.46 -39.36
C ASP E 576 -0.72 -69.36 -40.34
N LYS E 577 -0.74 -69.00 -41.62
CA LYS E 577 -0.13 -69.84 -42.63
C LYS E 577 1.38 -69.94 -42.44
N PHE E 578 2.02 -68.83 -42.05
CA PHE E 578 3.47 -68.83 -41.82
C PHE E 578 3.83 -69.76 -40.66
N ILE E 579 3.08 -69.70 -39.56
CA ILE E 579 3.37 -70.57 -38.43
C ILE E 579 3.12 -72.02 -38.80
N GLU E 580 2.10 -72.28 -39.62
CA GLU E 580 1.87 -73.64 -40.08
C GLU E 580 3.02 -74.13 -40.95
N ALA E 581 3.50 -73.28 -41.86
CA ALA E 581 4.59 -73.67 -42.76
C ALA E 581 5.87 -73.96 -41.99
N MET E 582 6.18 -73.13 -40.99
CA MET E 582 7.39 -73.36 -40.21
C MET E 582 7.24 -74.56 -39.27
N ARG E 583 6.04 -74.81 -38.76
CA ARG E 583 5.81 -76.03 -38.00
C ARG E 583 5.98 -77.27 -38.88
N ARG E 584 5.55 -77.18 -40.14
CA ARG E 584 5.68 -78.31 -41.05
C ARG E 584 7.14 -78.55 -41.42
N ARG E 585 7.85 -77.49 -41.82
CA ARG E 585 9.22 -77.66 -42.31
C ARG E 585 10.20 -77.95 -41.19
N TYR E 586 10.05 -77.28 -40.04
CA TYR E 586 10.94 -77.44 -38.91
C TYR E 586 10.22 -78.18 -37.80
N ASN E 587 10.85 -79.24 -37.29
CA ASN E 587 10.23 -80.04 -36.25
C ASN E 587 10.20 -79.28 -34.93
N ILE E 588 9.30 -79.72 -34.04
CA ILE E 588 9.21 -79.11 -32.71
C ILE E 588 10.45 -79.44 -31.89
N LYS E 589 10.87 -80.70 -31.90
CA LYS E 589 11.95 -81.15 -31.03
C LYS E 589 13.32 -80.97 -31.67
N SER E 590 13.53 -81.57 -32.84
CA SER E 590 14.87 -81.63 -33.42
C SER E 590 15.35 -80.27 -33.90
N GLN E 591 14.46 -79.42 -34.40
CA GLN E 591 14.83 -78.17 -35.05
C GLN E 591 14.12 -77.00 -34.38
N VAL E 592 14.15 -76.96 -33.05
CA VAL E 592 13.47 -75.90 -32.32
C VAL E 592 14.18 -74.57 -32.53
N VAL E 593 15.52 -74.57 -32.58
CA VAL E 593 16.26 -73.32 -32.74
C VAL E 593 15.96 -72.64 -34.07
N PRO E 594 16.08 -73.29 -35.22
CA PRO E 594 15.72 -72.61 -36.47
C PRO E 594 14.24 -72.26 -36.55
N LEU E 595 13.37 -73.08 -35.95
CA LEU E 595 11.95 -72.76 -35.93
C LEU E 595 11.69 -71.45 -35.19
N PHE E 596 12.33 -71.28 -34.03
CA PHE E 596 12.16 -70.04 -33.29
C PHE E 596 12.83 -68.87 -34.01
N LYS E 597 13.94 -69.14 -34.70
CA LYS E 597 14.57 -68.09 -35.50
C LYS E 597 13.64 -67.59 -36.59
N SER E 598 12.94 -68.52 -37.26
CA SER E 598 12.07 -68.13 -38.37
C SER E 598 10.77 -67.51 -37.88
N VAL E 599 10.20 -68.04 -36.80
CA VAL E 599 8.88 -67.61 -36.37
C VAL E 599 8.94 -66.30 -35.60
N PHE E 600 9.72 -66.26 -34.52
CA PHE E 600 9.70 -65.14 -33.60
C PHE E 600 10.89 -64.21 -33.85
N CYS E 601 10.63 -62.91 -33.77
CA CYS E 601 11.66 -61.89 -33.87
C CYS E 601 11.24 -60.71 -33.00
N ILE E 602 12.24 -59.98 -32.50
CA ILE E 602 11.98 -58.88 -31.57
C ILE E 602 11.23 -57.76 -32.30
N GLY E 603 10.14 -57.30 -31.69
CA GLY E 603 9.37 -56.20 -32.25
C GLY E 603 8.63 -55.41 -31.20
N LEU E 604 8.76 -54.08 -31.23
CA LEU E 604 8.08 -53.23 -30.26
C LEU E 604 6.57 -53.31 -30.41
N ASN E 605 6.08 -53.32 -31.65
CA ASN E 605 4.65 -53.41 -31.92
C ASN E 605 4.20 -54.86 -31.88
N HIS E 606 3.07 -55.11 -31.22
CA HIS E 606 2.54 -56.45 -31.02
C HIS E 606 1.17 -56.56 -31.67
N PRO E 607 1.09 -57.03 -32.90
CA PRO E 607 -0.22 -57.28 -33.51
C PRO E 607 -0.96 -58.41 -32.82
N VAL E 608 -2.29 -58.31 -32.81
CA VAL E 608 -3.13 -59.29 -32.13
C VAL E 608 -3.42 -60.44 -33.07
N TYR E 609 -3.16 -61.66 -32.60
CA TYR E 609 -3.32 -62.87 -33.39
C TYR E 609 -4.54 -63.66 -32.93
N SER E 610 -4.87 -64.70 -33.70
CA SER E 610 -5.96 -65.58 -33.35
C SER E 610 -5.59 -66.45 -32.16
N SER E 611 -6.63 -66.95 -31.47
CA SER E 611 -6.41 -67.70 -30.23
C SER E 611 -5.57 -68.95 -30.48
N ALA E 612 -5.82 -69.65 -31.58
CA ALA E 612 -5.00 -70.81 -31.92
C ALA E 612 -3.55 -70.42 -32.16
N VAL E 613 -3.32 -69.27 -32.80
CA VAL E 613 -1.96 -68.79 -33.00
C VAL E 613 -1.30 -68.51 -31.67
N ASP E 614 -2.02 -67.89 -30.74
CA ASP E 614 -1.47 -67.66 -29.41
C ASP E 614 -1.13 -68.96 -28.71
N LYS E 615 -2.00 -69.97 -28.83
CA LYS E 615 -1.72 -71.25 -28.20
C LYS E 615 -0.47 -71.90 -28.78
N GLN E 616 -0.35 -71.90 -30.11
CA GLN E 616 0.84 -72.46 -30.75
C GLN E 616 2.10 -71.72 -30.34
N ALA E 617 2.04 -70.39 -30.32
CA ALA E 617 3.20 -69.59 -29.94
C ALA E 617 3.58 -69.85 -28.50
N LEU E 618 2.59 -69.98 -27.61
CA LEU E 618 2.87 -70.25 -26.20
C LEU E 618 3.53 -71.62 -26.03
N ARG E 619 3.04 -72.63 -26.75
CA ARG E 619 3.66 -73.95 -26.65
C ARG E 619 5.09 -73.92 -27.17
N ILE E 620 5.32 -73.26 -28.30
CA ILE E 620 6.68 -73.17 -28.85
C ILE E 620 7.59 -72.43 -27.89
N LYS E 621 7.10 -71.34 -27.30
CA LYS E 621 7.91 -70.54 -26.38
C LYS E 621 8.24 -71.32 -25.12
N LEU E 622 7.29 -72.08 -24.59
CA LEU E 622 7.57 -72.91 -23.41
C LEU E 622 8.58 -73.99 -23.74
N SER E 623 8.45 -74.61 -24.91
CA SER E 623 9.44 -75.61 -25.33
C SER E 623 10.82 -75.00 -25.44
N PHE E 624 10.91 -73.81 -26.02
CA PHE E 624 12.21 -73.15 -26.16
C PHE E 624 12.77 -72.77 -24.78
N LEU E 625 11.90 -72.34 -23.86
CA LEU E 625 12.35 -72.04 -22.50
C LEU E 625 12.96 -73.27 -21.84
N ASN E 626 12.26 -74.41 -21.94
CA ASN E 626 12.79 -75.64 -21.36
C ASN E 626 14.10 -76.06 -22.02
N TYR E 627 14.18 -75.93 -23.34
CA TYR E 627 15.39 -76.30 -24.05
C TYR E 627 16.57 -75.43 -23.64
N LEU E 628 16.35 -74.11 -23.50
CA LEU E 628 17.40 -73.21 -23.08
C LEU E 628 17.82 -73.50 -21.64
N LYS E 629 16.87 -73.78 -20.75
CA LYS E 629 17.20 -74.15 -19.39
C LYS E 629 18.12 -75.37 -19.37
N ARG E 630 17.74 -76.42 -20.10
CA ARG E 630 18.54 -77.64 -20.13
C ARG E 630 19.92 -77.37 -20.74
N LYS E 631 19.96 -76.65 -21.86
CA LYS E 631 21.23 -76.41 -22.54
C LYS E 631 22.17 -75.57 -21.68
N VAL E 632 21.65 -74.55 -21.02
CA VAL E 632 22.48 -73.68 -20.18
C VAL E 632 23.01 -74.47 -18.99
N TYR E 633 22.15 -75.25 -18.33
CA TYR E 633 22.64 -76.00 -17.17
C TYR E 633 23.50 -77.19 -17.58
N SER E 634 23.50 -77.57 -18.85
CA SER E 634 24.34 -78.66 -19.31
C SER E 634 25.71 -78.19 -19.78
N ASP E 635 25.75 -77.16 -20.61
CA ASP E 635 27.02 -76.72 -21.21
C ASP E 635 27.94 -76.03 -20.20
N PHE E 636 27.43 -75.65 -19.03
CA PHE E 636 28.22 -74.98 -18.02
C PHE E 636 28.21 -75.82 -16.74
N ASN E 637 29.40 -76.03 -16.17
CA ASN E 637 29.54 -76.97 -15.06
C ASN E 637 28.87 -76.44 -13.79
N ASN E 638 29.11 -75.18 -13.45
CA ASN E 638 28.55 -74.60 -12.24
C ASN E 638 27.95 -73.24 -12.57
N GLU E 639 27.28 -72.65 -11.58
CA GLU E 639 26.59 -71.38 -11.78
C GLU E 639 27.59 -70.26 -12.04
N LYS E 640 28.80 -70.37 -11.48
CA LYS E 640 29.80 -69.32 -11.64
C LYS E 640 30.21 -69.16 -13.09
N GLU E 641 30.35 -70.27 -13.82
CA GLU E 641 30.70 -70.19 -15.23
C GLU E 641 29.61 -69.46 -16.01
N ILE E 642 28.34 -69.73 -15.70
CA ILE E 642 27.25 -69.05 -16.39
C ILE E 642 27.29 -67.56 -16.09
N VAL E 643 27.52 -67.19 -14.84
CA VAL E 643 27.57 -65.77 -14.48
C VAL E 643 28.73 -65.09 -15.20
N LEU E 644 29.89 -65.74 -15.26
CA LEU E 644 31.03 -65.17 -15.95
C LEU E 644 30.74 -65.02 -17.45
N ALA E 645 30.08 -66.01 -18.04
CA ALA E 645 29.74 -65.92 -19.45
C ALA E 645 28.78 -64.77 -19.72
N LEU E 646 27.78 -64.60 -18.85
CA LEU E 646 26.85 -63.50 -19.01
C LEU E 646 27.56 -62.15 -18.88
N ARG E 647 28.46 -62.04 -17.91
CA ARG E 647 29.23 -60.81 -17.75
C ARG E 647 30.06 -60.52 -18.99
N LEU E 648 30.71 -61.55 -19.54
CA LEU E 648 31.59 -61.35 -20.68
C LEU E 648 30.81 -60.99 -21.93
N ALA E 649 29.63 -61.59 -22.11
CA ALA E 649 28.83 -61.30 -23.29
C ALA E 649 28.40 -59.84 -23.31
N PHE E 650 27.98 -59.32 -22.16
CA PHE E 650 27.51 -57.94 -22.06
C PHE E 650 28.65 -56.93 -22.02
N GLY E 651 29.89 -57.37 -21.93
CA GLY E 651 31.03 -56.48 -21.92
C GLY E 651 31.70 -56.28 -20.58
N GLY E 652 31.58 -57.24 -19.67
CA GLY E 652 32.20 -57.12 -18.36
C GLY E 652 33.63 -57.62 -18.36
N LYS E 653 34.08 -58.02 -17.17
CA LYS E 653 35.42 -58.54 -16.98
C LYS E 653 35.34 -59.81 -16.15
N THR E 654 36.36 -60.66 -16.30
CA THR E 654 36.47 -61.86 -15.49
C THR E 654 37.05 -61.51 -14.13
N GLU E 655 37.36 -62.55 -13.34
CA GLU E 655 38.02 -62.32 -12.07
C GLU E 655 39.41 -61.74 -12.26
N THR E 656 40.06 -62.07 -13.38
CA THR E 656 41.40 -61.59 -13.68
C THR E 656 41.39 -60.26 -14.42
N GLN E 657 40.26 -59.56 -14.44
CA GLN E 657 40.12 -58.26 -15.10
C GLN E 657 40.49 -58.36 -16.59
N TYR E 658 39.72 -59.18 -17.30
CA TYR E 658 39.89 -59.37 -18.72
C TYR E 658 38.53 -59.31 -19.40
N THR E 659 38.42 -58.49 -20.44
CA THR E 659 37.18 -58.42 -21.20
C THR E 659 37.16 -59.49 -22.28
N LEU E 660 36.02 -59.59 -22.95
CA LEU E 660 35.93 -60.51 -24.09
C LEU E 660 36.88 -60.11 -25.20
N ASP E 661 36.95 -58.82 -25.51
CA ASP E 661 37.88 -58.34 -26.52
C ASP E 661 39.32 -58.57 -26.10
N LYS E 662 39.63 -58.32 -24.82
CA LYS E 662 40.99 -58.55 -24.33
C LYS E 662 41.35 -60.03 -24.43
N LEU E 663 40.43 -60.92 -24.03
CA LEU E 663 40.71 -62.34 -24.11
C LEU E 663 40.90 -62.79 -25.56
N ARG E 664 40.07 -62.27 -26.46
CA ARG E 664 40.22 -62.60 -27.87
C ARG E 664 41.57 -62.13 -28.42
N LYS E 665 41.98 -60.92 -28.05
CA LYS E 665 43.27 -60.41 -28.52
C LYS E 665 44.43 -61.22 -27.97
N ASP E 666 44.40 -61.55 -26.67
CA ASP E 666 45.48 -62.32 -26.09
C ASP E 666 45.39 -63.81 -26.45
N GLY E 667 44.21 -64.27 -26.84
CA GLY E 667 44.04 -65.64 -27.31
C GLY E 667 43.69 -66.67 -26.26
N GLU E 668 43.62 -66.28 -24.99
CA GLU E 668 43.35 -67.26 -23.94
C GLU E 668 41.86 -67.62 -23.92
N ALA E 669 41.55 -68.71 -23.21
CA ALA E 669 40.18 -69.17 -23.00
C ALA E 669 39.46 -69.35 -24.33
N GLU E 670 40.06 -70.14 -25.22
CA GLU E 670 39.45 -70.38 -26.52
C GLU E 670 38.14 -71.13 -26.39
N LEU E 671 38.08 -72.12 -25.49
CA LEU E 671 36.86 -72.92 -25.34
C LEU E 671 35.71 -72.07 -24.82
N PHE E 672 35.96 -71.26 -23.79
CA PHE E 672 34.91 -70.42 -23.24
C PHE E 672 34.44 -69.38 -24.25
N ARG E 673 35.38 -68.78 -24.98
CA ARG E 673 35.00 -67.81 -26.01
C ARG E 673 34.18 -68.46 -27.11
N GLU E 674 34.55 -69.68 -27.51
CA GLU E 674 33.78 -70.39 -28.52
C GLU E 674 32.37 -70.71 -28.02
N LYS E 675 32.25 -71.13 -26.76
CA LYS E 675 30.93 -71.40 -26.21
C LYS E 675 30.08 -70.14 -26.18
N ILE E 676 30.68 -69.00 -25.80
CA ILE E 676 29.94 -67.75 -25.76
C ILE E 676 29.49 -67.33 -27.15
N LYS E 677 30.39 -67.45 -28.15
CA LYS E 677 30.02 -67.09 -29.51
C LYS E 677 28.92 -68.01 -30.03
N ASN E 678 28.99 -69.30 -29.70
CA ASN E 678 27.95 -70.24 -30.10
C ASN E 678 26.61 -69.88 -29.48
N TYR E 679 26.61 -69.54 -28.20
CA TYR E 679 25.36 -69.16 -27.54
C TYR E 679 24.80 -67.85 -28.10
N LYS E 680 25.69 -66.93 -28.51
CA LYS E 680 25.22 -65.67 -29.05
C LYS E 680 24.66 -65.83 -30.47
N ASN E 681 25.30 -66.67 -31.28
CA ASN E 681 24.94 -66.78 -32.69
C ASN E 681 23.85 -67.80 -32.96
N ASN E 682 23.55 -68.68 -32.02
CA ASN E 682 22.61 -69.77 -32.25
C ASN E 682 21.35 -69.64 -31.40
N GLU E 683 21.50 -69.58 -30.08
CA GLU E 683 20.35 -69.63 -29.17
C GLU E 683 19.90 -68.26 -28.69
N LEU E 684 20.84 -67.36 -28.41
CA LEU E 684 20.53 -66.04 -27.87
C LEU E 684 20.67 -64.95 -28.91
N PHE E 685 20.30 -65.24 -30.16
CA PHE E 685 20.40 -64.23 -31.22
C PHE E 685 19.48 -63.03 -30.95
N PHE E 686 18.29 -63.28 -30.40
CA PHE E 686 17.35 -62.19 -30.14
C PHE E 686 17.91 -61.20 -29.12
N LEU E 687 18.71 -61.67 -28.17
CA LEU E 687 19.35 -60.76 -27.21
C LEU E 687 20.60 -60.10 -27.77
N GLU E 688 21.03 -60.46 -28.98
CA GLU E 688 22.26 -59.90 -29.51
C GLU E 688 22.22 -58.38 -29.64
N PRO E 689 21.16 -57.75 -30.16
CA PRO E 689 21.15 -56.27 -30.18
C PRO E 689 21.21 -55.63 -28.81
N GLN E 690 20.79 -56.34 -27.76
CA GLN E 690 20.82 -55.82 -26.40
C GLN E 690 22.10 -56.17 -25.67
N MET E 691 23.08 -56.76 -26.35
CA MET E 691 24.32 -57.17 -25.72
C MET E 691 25.25 -55.99 -25.45
N THR E 692 25.10 -54.87 -26.15
CA THR E 692 26.02 -53.77 -26.04
C THR E 692 25.78 -52.97 -24.75
N LYS E 693 26.79 -52.17 -24.38
CA LYS E 693 26.70 -51.40 -23.15
C LYS E 693 25.66 -50.30 -23.25
N THR E 694 25.59 -49.63 -24.40
CA THR E 694 24.68 -48.50 -24.60
C THR E 694 23.29 -48.93 -25.07
N SER E 695 23.04 -50.22 -25.22
CA SER E 695 21.75 -50.70 -25.69
C SER E 695 20.63 -50.48 -24.69
N GLY E 696 20.94 -50.11 -23.46
CA GLY E 696 19.91 -49.85 -22.48
C GLY E 696 19.37 -51.06 -21.79
N TRP E 697 20.13 -52.17 -21.77
CA TRP E 697 19.67 -53.36 -21.07
C TRP E 697 19.62 -53.14 -19.56
N VAL E 698 20.44 -52.24 -19.04
CA VAL E 698 20.47 -51.98 -17.61
C VAL E 698 19.14 -51.41 -17.13
N THR E 699 18.59 -50.47 -17.88
CA THR E 699 17.33 -49.84 -17.49
C THR E 699 16.20 -50.86 -17.46
N THR E 700 16.08 -51.66 -18.53
CA THR E 700 15.03 -52.66 -18.58
C THR E 700 15.20 -53.70 -17.49
N PHE E 701 16.44 -54.15 -17.28
CA PHE E 701 16.71 -55.13 -16.22
C PHE E 701 16.28 -54.59 -14.86
N LEU E 702 16.72 -53.39 -14.51
CA LEU E 702 16.40 -52.85 -13.20
C LEU E 702 14.91 -52.60 -13.05
N ASN E 703 14.26 -52.08 -14.11
CA ASN E 703 12.82 -51.83 -14.04
C ASN E 703 12.06 -53.13 -13.80
N TYR E 704 12.36 -54.17 -14.59
CA TYR E 704 11.67 -55.43 -14.42
C TYR E 704 11.93 -56.04 -13.06
N THR E 705 13.19 -56.00 -12.60
CA THR E 705 13.52 -56.58 -11.31
C THR E 705 12.77 -55.88 -10.19
N ILE E 706 12.73 -54.55 -10.24
CA ILE E 706 12.04 -53.80 -9.19
C ILE E 706 10.55 -54.12 -9.22
N GLU E 707 9.95 -54.14 -10.41
CA GLU E 707 8.52 -54.41 -10.50
C GLU E 707 8.20 -55.81 -9.99
N LYS E 708 9.02 -56.80 -10.37
CA LYS E 708 8.77 -58.18 -9.94
C LYS E 708 8.90 -58.31 -8.43
N ILE E 709 9.97 -57.75 -7.85
CA ILE E 709 10.18 -57.94 -6.42
C ILE E 709 9.12 -57.18 -5.62
N THR E 710 8.69 -56.02 -6.12
CA THR E 710 7.58 -55.31 -5.48
C THR E 710 6.28 -56.11 -5.60
N SER E 711 6.11 -56.85 -6.70
CA SER E 711 4.97 -57.73 -6.79
C SER E 711 5.05 -58.83 -5.75
N GLU E 712 6.25 -59.38 -5.52
CA GLU E 712 6.41 -60.43 -4.54
C GLU E 712 6.22 -59.90 -3.12
N GLU E 713 6.85 -58.78 -2.80
CA GLU E 713 6.89 -58.25 -1.44
C GLU E 713 6.31 -56.84 -1.40
N SER E 714 5.54 -56.56 -0.37
CA SER E 714 4.78 -55.31 -0.29
C SER E 714 5.48 -54.22 0.51
N ASP E 715 6.07 -54.55 1.64
CA ASP E 715 6.62 -53.53 2.54
C ASP E 715 7.84 -52.89 1.91
N ASP E 716 7.98 -51.57 2.11
CA ASP E 716 9.11 -50.84 1.53
C ASP E 716 10.42 -51.16 2.21
N ASP E 717 10.40 -51.39 3.52
CA ASP E 717 11.63 -51.84 4.18
C ASP E 717 12.03 -53.22 3.68
N ARG E 718 11.04 -54.10 3.51
CA ARG E 718 11.30 -55.42 2.94
C ARG E 718 11.87 -55.31 1.53
N ILE E 719 11.31 -54.40 0.70
CA ILE E 719 11.76 -54.28 -0.68
C ILE E 719 13.18 -53.74 -0.72
N ARG E 720 13.50 -52.80 0.18
CA ARG E 720 14.86 -52.28 0.25
C ARG E 720 15.86 -53.33 0.71
N GLN E 721 15.48 -54.15 1.68
CA GLN E 721 16.38 -55.23 2.12
C GLN E 721 16.58 -56.27 1.03
N LYS E 722 15.51 -56.58 0.28
CA LYS E 722 15.65 -57.50 -0.85
C LYS E 722 16.58 -56.91 -1.90
N LEU E 723 16.47 -55.60 -2.15
CA LEU E 723 17.38 -54.95 -3.08
C LEU E 723 18.82 -55.03 -2.59
N SER E 724 19.03 -54.83 -1.29
CA SER E 724 20.37 -54.90 -0.73
C SER E 724 20.94 -56.31 -0.87
N PHE E 725 20.12 -57.33 -0.63
CA PHE E 725 20.58 -58.71 -0.79
C PHE E 725 20.90 -59.02 -2.25
N ILE E 726 20.04 -58.58 -3.17
CA ILE E 726 20.18 -59.01 -4.55
C ILE E 726 21.30 -58.25 -5.26
N PHE E 727 21.54 -57.00 -4.90
CA PHE E 727 22.63 -56.20 -5.46
C PHE E 727 23.44 -55.64 -4.30
N PRO E 728 24.28 -56.47 -3.68
CA PRO E 728 25.05 -55.98 -2.51
C PRO E 728 25.98 -54.84 -2.83
N GLU E 729 26.36 -54.67 -4.10
CA GLU E 729 27.35 -53.66 -4.45
C GLU E 729 26.71 -52.28 -4.62
N ILE E 730 25.67 -52.19 -5.44
CA ILE E 730 25.08 -50.90 -5.75
C ILE E 730 24.33 -50.34 -4.54
N ILE E 731 23.62 -51.20 -3.81
CA ILE E 731 22.87 -50.72 -2.66
C ILE E 731 23.80 -50.19 -1.59
N SER E 732 24.99 -50.77 -1.45
CA SER E 732 25.95 -50.25 -0.49
C SER E 732 26.36 -48.83 -0.83
N ILE E 733 26.62 -48.56 -2.11
CA ILE E 733 27.06 -47.22 -2.50
C ILE E 733 25.92 -46.22 -2.32
N ILE E 734 24.69 -46.64 -2.63
CA ILE E 734 23.54 -45.76 -2.44
C ILE E 734 23.35 -45.47 -0.96
N GLU E 735 23.48 -46.50 -0.11
CA GLU E 735 23.32 -46.31 1.32
C GLU E 735 24.38 -45.37 1.88
N GLN E 736 25.63 -45.54 1.44
CA GLN E 736 26.69 -44.65 1.91
C GLN E 736 26.43 -43.21 1.49
N ALA E 737 26.04 -43.00 0.23
CA ALA E 737 25.76 -41.64 -0.22
C ALA E 737 24.60 -41.03 0.54
N SER E 738 23.54 -41.81 0.79
CA SER E 738 22.39 -41.28 1.53
C SER E 738 22.76 -40.96 2.96
N SER E 739 23.57 -41.80 3.61
CA SER E 739 23.97 -41.53 4.98
C SER E 739 24.83 -40.27 5.05
N SER E 740 25.74 -40.09 4.09
CA SER E 740 26.51 -38.85 4.07
C SER E 740 25.64 -37.64 3.75
N ILE E 741 24.58 -37.82 2.99
CA ILE E 741 23.67 -36.72 2.68
C ILE E 741 22.87 -36.32 3.92
N GLU E 742 22.42 -37.31 4.70
CA GLU E 742 21.59 -37.02 5.85
C GLU E 742 22.32 -36.15 6.88
N ALA E 743 23.58 -36.46 7.13
CA ALA E 743 24.38 -35.66 8.06
C ALA E 743 24.84 -34.35 7.42
N MET F 1 -15.93 34.70 -16.62
CA MET F 1 -16.33 33.49 -15.91
C MET F 1 -15.57 32.29 -16.47
N THR F 2 -15.83 31.11 -15.92
CA THR F 2 -15.17 29.89 -16.36
C THR F 2 -16.14 28.83 -16.84
N ILE F 3 -17.11 28.44 -16.01
CA ILE F 3 -18.06 27.39 -16.34
C ILE F 3 -19.47 27.98 -16.22
N GLU F 4 -20.26 27.86 -17.28
CA GLU F 4 -21.62 28.39 -17.24
C GLU F 4 -22.56 27.44 -16.51
N SER F 5 -22.50 26.15 -16.82
CA SER F 5 -23.41 25.19 -16.20
C SER F 5 -22.80 23.81 -16.24
N ILE F 6 -23.30 22.96 -15.34
CA ILE F 6 -22.97 21.54 -15.28
C ILE F 6 -24.26 20.78 -15.08
N ARG F 7 -24.56 19.85 -15.98
CA ARG F 7 -25.81 19.10 -15.93
C ARG F 7 -25.53 17.61 -15.90
N VAL F 8 -26.16 16.91 -14.97
CA VAL F 8 -26.04 15.46 -14.82
C VAL F 8 -27.42 14.85 -14.93
N LYS F 9 -27.55 13.83 -15.76
CA LYS F 9 -28.81 13.10 -15.93
C LYS F 9 -28.57 11.62 -15.69
N ASN F 10 -29.24 11.07 -14.70
CA ASN F 10 -29.28 9.63 -14.47
C ASN F 10 -27.88 9.05 -14.26
N LEU F 11 -27.08 9.67 -13.43
CA LEU F 11 -25.76 9.07 -13.14
C LEU F 11 -25.55 9.19 -11.64
N LEU F 12 -25.14 8.10 -10.99
CA LEU F 12 -24.86 8.11 -9.55
C LEU F 12 -26.15 8.47 -8.82
N SER F 13 -26.16 9.50 -8.01
CA SER F 13 -27.35 9.82 -7.19
C SER F 13 -28.15 10.93 -7.83
N PHE F 14 -27.85 11.32 -9.07
CA PHE F 14 -28.53 12.48 -9.67
C PHE F 14 -29.53 12.03 -10.71
N ASP F 15 -30.76 12.52 -10.66
CA ASP F 15 -31.78 12.22 -11.67
C ASP F 15 -31.71 13.21 -12.82
N ASP F 16 -31.85 14.51 -12.52
CA ASP F 16 -31.64 15.55 -13.51
C ASP F 16 -31.28 16.79 -12.69
N VAL F 17 -29.98 17.08 -12.60
CA VAL F 17 -29.47 18.15 -11.75
C VAL F 17 -28.66 19.10 -12.60
N ILE F 18 -28.95 20.40 -12.48
CA ILE F 18 -28.24 21.44 -13.21
C ILE F 18 -27.72 22.46 -12.21
N LEU F 19 -26.42 22.74 -12.29
CA LEU F 19 -25.76 23.73 -11.44
C LEU F 19 -25.25 24.84 -12.33
N ARG F 20 -25.60 26.08 -12.00
CA ARG F 20 -25.22 27.21 -12.84
C ARG F 20 -25.02 28.43 -11.96
N ASP F 21 -24.72 29.56 -12.61
CA ASP F 21 -24.49 30.84 -11.94
C ASP F 21 -23.39 30.73 -10.89
N PHE F 22 -22.28 30.13 -11.29
CA PHE F 22 -21.16 29.95 -10.37
C PHE F 22 -20.55 31.29 -9.99
N ARG F 23 -20.08 31.38 -8.76
CA ARG F 23 -19.35 32.54 -8.26
C ARG F 23 -17.92 32.15 -7.96
N ASP F 24 -17.14 33.12 -7.46
CA ASP F 24 -15.73 32.89 -7.22
C ASP F 24 -15.51 31.85 -6.13
N ILE F 25 -16.35 31.85 -5.10
CA ILE F 25 -16.30 30.85 -4.04
C ILE F 25 -17.67 30.20 -3.96
N ASN F 26 -17.70 28.87 -4.02
CA ASN F 26 -18.94 28.10 -4.02
C ASN F 26 -18.89 27.11 -2.86
N CYS F 27 -19.54 27.44 -1.76
CA CYS F 27 -19.55 26.58 -0.59
C CYS F 27 -20.69 25.58 -0.74
N ILE F 28 -20.36 24.28 -0.63
CA ILE F 28 -21.33 23.21 -0.77
C ILE F 28 -21.61 22.64 0.61
N ILE F 29 -22.87 22.70 1.04
CA ILE F 29 -23.29 22.21 2.34
C ILE F 29 -24.44 21.25 2.15
N GLY F 30 -24.63 20.36 3.11
CA GLY F 30 -25.73 19.41 3.01
C GLY F 30 -25.56 18.27 3.97
N ARG F 31 -26.58 17.45 4.12
CA ARG F 31 -26.54 16.40 5.14
C ARG F 31 -25.60 15.31 4.67
N ASN F 32 -25.30 14.37 5.54
CA ASN F 32 -24.47 13.23 5.11
C ASN F 32 -25.30 12.40 4.12
N ASN F 33 -24.67 11.73 3.17
CA ASN F 33 -25.37 10.93 2.13
C ASN F 33 -26.33 11.74 1.26
N VAL F 34 -25.93 12.91 0.75
CA VAL F 34 -26.81 13.65 -0.20
C VAL F 34 -26.13 13.85 -1.54
N GLY F 35 -24.93 13.34 -1.79
CA GLY F 35 -24.36 13.48 -3.14
C GLY F 35 -23.33 14.58 -3.31
N LYS F 36 -22.85 15.19 -2.24
CA LYS F 36 -21.92 16.33 -2.37
C LYS F 36 -20.66 15.87 -3.07
N SER F 37 -20.15 14.68 -2.74
CA SER F 37 -18.92 14.15 -3.37
C SER F 37 -19.26 13.47 -4.68
N ASN F 38 -20.54 13.13 -4.89
CA ASN F 38 -20.96 12.48 -6.16
C ASN F 38 -20.73 13.48 -7.30
N LEU F 39 -20.91 14.77 -7.03
CA LEU F 39 -20.61 15.80 -8.05
C LEU F 39 -19.11 15.68 -8.37
N LEU F 40 -18.28 15.56 -7.33
CA LEU F 40 -16.84 15.40 -7.53
C LEU F 40 -16.54 14.19 -8.41
N LYS F 41 -17.17 13.05 -8.11
CA LYS F 41 -16.93 11.86 -8.91
C LYS F 41 -17.37 12.05 -10.36
N VAL F 42 -18.50 12.73 -10.56
CA VAL F 42 -18.99 12.95 -11.92
C VAL F 42 -18.02 13.83 -12.69
N ILE F 43 -17.57 14.94 -12.08
CA ILE F 43 -16.64 15.83 -12.76
C ILE F 43 -15.32 15.12 -13.02
N ARG F 44 -14.85 14.34 -12.06
CA ARG F 44 -13.59 13.62 -12.21
C ARG F 44 -13.67 12.61 -13.35
N TYR F 45 -14.78 11.87 -13.45
CA TYR F 45 -14.95 10.93 -14.55
C TYR F 45 -15.05 11.66 -15.89
N PHE F 46 -15.77 12.78 -15.92
CA PHE F 46 -15.88 13.54 -17.15
C PHE F 46 -14.52 14.03 -17.63
N TYR F 47 -13.68 14.50 -16.71
CA TYR F 47 -12.36 14.97 -17.11
C TYR F 47 -11.41 13.82 -17.40
N ALA F 48 -11.58 12.67 -16.77
CA ALA F 48 -10.78 11.50 -17.13
C ALA F 48 -11.11 11.02 -18.53
N LYS F 49 -12.40 11.02 -18.88
CA LYS F 49 -12.79 10.66 -20.24
C LYS F 49 -12.48 11.77 -21.23
N LEU F 50 -12.29 13.00 -20.76
CA LEU F 50 -11.89 14.09 -21.64
C LEU F 50 -10.51 13.84 -22.22
N GLU F 51 -9.59 13.31 -21.42
CA GLU F 51 -8.24 13.00 -21.84
C GLU F 51 -8.10 11.56 -22.34
N ASN F 52 -9.21 10.90 -22.66
CA ASN F 52 -9.21 9.56 -23.24
C ASN F 52 -8.49 8.55 -22.37
N LYS F 53 -8.70 8.66 -21.05
CA LYS F 53 -8.22 7.62 -20.14
C LYS F 53 -9.17 6.45 -20.15
N LYS F 54 -8.67 5.29 -19.74
CA LYS F 54 -9.47 4.07 -19.69
C LYS F 54 -9.95 3.85 -18.26
N VAL F 55 -11.22 4.16 -18.02
CA VAL F 55 -11.82 4.01 -16.70
C VAL F 55 -13.18 3.35 -16.85
N ILE F 56 -13.65 2.80 -15.73
CA ILE F 56 -14.97 2.14 -15.70
C ILE F 56 -16.05 3.22 -15.73
N PRO F 57 -17.11 3.04 -16.52
CA PRO F 57 -18.19 4.04 -16.50
C PRO F 57 -18.95 4.04 -15.19
N LEU F 58 -19.51 5.20 -14.85
CA LEU F 58 -20.17 5.39 -13.55
C LEU F 58 -21.53 4.70 -13.61
N ASP F 59 -22.12 4.39 -12.47
CA ASP F 59 -23.35 3.59 -12.43
C ASP F 59 -24.57 4.47 -12.66
N PHE F 60 -25.62 3.88 -13.21
CA PHE F 60 -26.80 4.70 -13.53
C PHE F 60 -27.65 4.83 -12.29
N HIS F 61 -28.30 5.97 -12.09
CA HIS F 61 -29.19 6.19 -10.96
C HIS F 61 -30.32 5.17 -10.96
N THR F 62 -31.00 5.03 -12.10
CA THR F 62 -32.01 4.01 -12.29
C THR F 62 -31.76 3.32 -13.62
N ASN F 63 -32.05 2.03 -13.67
CA ASN F 63 -31.76 1.23 -14.85
C ASN F 63 -32.88 1.27 -15.87
N TYR F 64 -33.94 2.05 -15.63
CA TYR F 64 -35.01 2.22 -16.60
C TYR F 64 -34.69 3.30 -17.62
N ASN F 65 -33.50 3.89 -17.57
CA ASN F 65 -33.03 4.82 -18.59
C ASN F 65 -31.88 4.18 -19.34
N ALA F 66 -31.90 4.27 -20.66
CA ALA F 66 -30.83 3.68 -21.46
C ALA F 66 -29.61 4.58 -21.58
N VAL F 67 -29.66 5.81 -21.04
CA VAL F 67 -28.56 6.76 -21.20
C VAL F 67 -28.25 7.39 -19.85
N GLY F 68 -27.02 7.91 -19.75
CA GLY F 68 -26.65 8.80 -18.67
C GLY F 68 -25.77 9.92 -19.20
N GLU F 69 -26.15 11.18 -19.00
CA GLU F 69 -25.52 12.29 -19.69
C GLU F 69 -24.84 13.24 -18.71
N ILE F 70 -23.66 13.71 -19.09
CA ILE F 70 -22.96 14.80 -18.39
C ILE F 70 -22.71 15.91 -19.39
N THR F 71 -23.17 17.12 -19.07
CA THR F 71 -23.03 18.26 -19.96
C THR F 71 -22.20 19.34 -19.27
N PHE F 72 -21.19 19.84 -19.98
CA PHE F 72 -20.35 20.94 -19.49
C PHE F 72 -20.43 22.08 -20.49
N THR F 73 -20.71 23.28 -20.01
CA THR F 73 -20.77 24.47 -20.85
C THR F 73 -19.60 25.37 -20.46
N PHE F 74 -18.50 25.25 -21.19
CA PHE F 74 -17.35 26.08 -20.93
C PHE F 74 -17.57 27.49 -21.47
N ASP F 75 -17.05 28.47 -20.75
CA ASP F 75 -17.17 29.88 -21.12
C ASP F 75 -15.86 30.29 -21.79
N THR F 76 -15.90 30.44 -23.11
CA THR F 76 -14.71 30.77 -23.90
C THR F 76 -14.72 32.20 -24.42
N THR F 77 -15.38 33.11 -23.71
CA THR F 77 -15.36 34.51 -24.14
C THR F 77 -13.96 35.10 -24.02
N ARG F 78 -13.31 34.91 -22.88
CA ARG F 78 -11.98 35.47 -22.70
C ARG F 78 -10.96 34.80 -23.61
N ILE F 79 -11.06 33.49 -23.81
CA ILE F 79 -10.14 32.81 -24.72
C ILE F 79 -10.37 33.26 -26.14
N LYS F 80 -11.63 33.50 -26.52
CA LYS F 80 -11.92 34.03 -27.84
C LYS F 80 -11.30 35.41 -28.02
N LYS F 81 -11.39 36.26 -27.00
CA LYS F 81 -10.72 37.55 -27.05
C LYS F 81 -9.21 37.39 -27.16
N ILE F 82 -8.65 36.43 -26.41
CA ILE F 82 -7.22 36.19 -26.41
C ILE F 82 -6.73 35.84 -27.81
N VAL F 83 -7.41 34.90 -28.45
CA VAL F 83 -6.89 34.25 -29.64
C VAL F 83 -7.31 34.97 -30.92
N THR F 84 -8.53 35.51 -30.95
CA THR F 84 -9.01 36.19 -32.14
C THR F 84 -8.16 37.41 -32.49
N SER F 85 -7.59 38.06 -31.48
CA SER F 85 -6.85 39.30 -31.70
C SER F 85 -5.64 39.04 -32.59
N ARG F 86 -5.27 40.05 -33.36
CA ARG F 86 -4.21 39.92 -34.36
C ARG F 86 -2.82 39.96 -33.74
N LYS F 87 -2.68 40.45 -32.51
CA LYS F 87 -1.36 40.55 -31.90
C LYS F 87 -0.83 39.19 -31.49
N ASN F 88 -1.66 38.36 -30.87
CA ASN F 88 -1.25 37.04 -30.37
C ASN F 88 -1.17 36.08 -31.54
N ASN F 89 0.00 36.01 -32.16
CA ASN F 89 0.24 35.11 -33.29
C ASN F 89 1.08 33.90 -32.89
N GLY F 90 1.14 33.58 -31.60
CA GLY F 90 1.94 32.46 -31.14
C GLY F 90 1.40 31.13 -31.63
N ARG F 91 2.19 30.09 -31.39
CA ARG F 91 1.79 28.76 -31.86
C ARG F 91 0.70 28.15 -30.99
N PHE F 92 0.73 28.39 -29.69
CA PHE F 92 -0.35 27.93 -28.83
C PHE F 92 -1.65 28.65 -29.18
N HIS F 93 -1.57 29.97 -29.40
CA HIS F 93 -2.75 30.71 -29.80
C HIS F 93 -3.27 30.22 -31.15
N LYS F 94 -2.35 29.96 -32.09
CA LYS F 94 -2.78 29.46 -33.39
C LYS F 94 -3.47 28.11 -33.26
N HIS F 95 -2.95 27.24 -32.38
CA HIS F 95 -3.60 25.95 -32.16
C HIS F 95 -5.00 26.13 -31.59
N ILE F 96 -5.14 27.02 -30.60
CA ILE F 96 -6.46 27.23 -30.00
C ILE F 96 -7.43 27.77 -31.04
N TYR F 97 -6.98 28.68 -31.89
CA TYR F 97 -7.84 29.18 -32.96
C TYR F 97 -8.23 28.06 -33.90
N ASN F 98 -7.26 27.29 -34.37
CA ASN F 98 -7.53 26.29 -35.39
C ASN F 98 -8.32 25.10 -34.86
N THR F 99 -8.40 24.93 -33.54
CA THR F 99 -9.10 23.80 -32.95
C THR F 99 -10.51 24.17 -32.48
N LEU F 100 -10.64 25.21 -31.67
CA LEU F 100 -11.90 25.55 -31.05
C LEU F 100 -12.71 26.53 -31.89
N PHE F 101 -12.16 27.74 -32.10
CA PHE F 101 -12.94 28.82 -32.69
C PHE F 101 -12.98 28.78 -34.21
N LYS F 102 -12.14 27.98 -34.84
CA LYS F 102 -12.39 27.67 -36.24
C LYS F 102 -13.49 26.61 -36.33
N SER F 103 -14.16 26.60 -37.48
CA SER F 103 -15.34 25.78 -37.76
C SER F 103 -16.56 26.24 -36.96
N SER F 104 -16.41 27.21 -36.07
CA SER F 104 -17.53 27.85 -35.39
C SER F 104 -17.78 29.25 -35.90
N SER F 105 -16.74 30.02 -36.16
CA SER F 105 -16.85 31.26 -36.91
C SER F 105 -16.93 31.02 -38.41
N VAL F 106 -16.67 29.79 -38.87
CA VAL F 106 -16.78 29.46 -40.28
C VAL F 106 -18.23 29.56 -40.73
N LYS F 107 -19.16 29.00 -39.94
CA LYS F 107 -20.56 28.96 -40.34
C LYS F 107 -21.20 30.34 -40.34
N LEU F 108 -20.74 31.24 -39.49
CA LEU F 108 -21.32 32.57 -39.41
C LEU F 108 -20.91 33.41 -40.63
N ASN F 109 -21.76 34.38 -40.96
CA ASN F 109 -21.49 35.30 -42.05
C ASN F 109 -20.91 36.61 -41.51
N PHE F 110 -20.64 37.54 -42.42
CA PHE F 110 -19.94 38.77 -42.04
C PHE F 110 -20.79 39.61 -41.08
N GLU F 111 -22.10 39.71 -41.34
CA GLU F 111 -22.96 40.51 -40.48
C GLU F 111 -22.98 39.96 -39.06
N GLU F 112 -23.20 38.66 -38.92
CA GLU F 112 -23.27 38.04 -37.60
C GLU F 112 -21.91 38.05 -36.90
N LEU F 113 -20.84 37.83 -37.65
CA LEU F 113 -19.50 37.90 -37.08
C LEU F 113 -19.20 39.31 -36.54
N ILE F 114 -19.55 40.34 -37.31
CA ILE F 114 -19.31 41.71 -36.88
C ILE F 114 -20.20 42.04 -35.67
N ALA F 115 -21.43 41.54 -35.68
CA ALA F 115 -22.31 41.75 -34.52
C ALA F 115 -21.73 41.12 -33.26
N ARG F 116 -21.19 39.91 -33.38
CA ARG F 116 -20.55 39.26 -32.24
C ARG F 116 -19.32 40.03 -31.79
N LYS F 117 -18.53 40.54 -32.74
CA LYS F 117 -17.31 41.27 -32.40
C LYS F 117 -17.63 42.56 -31.66
N ASN F 118 -18.56 43.37 -32.20
CA ASN F 118 -18.80 44.70 -31.66
C ASN F 118 -19.59 44.65 -30.35
N SER F 119 -20.61 43.81 -30.27
CA SER F 119 -21.45 43.77 -29.08
C SER F 119 -20.73 43.05 -27.95
N THR F 120 -21.41 42.96 -26.81
CA THR F 120 -20.88 42.24 -25.66
C THR F 120 -20.66 40.77 -26.00
N ASN F 121 -19.41 40.36 -26.09
CA ASN F 121 -19.10 39.01 -26.52
C ASN F 121 -19.53 37.99 -25.47
N LYS F 122 -20.25 36.96 -25.91
CA LYS F 122 -20.66 35.88 -25.02
C LYS F 122 -20.66 34.60 -25.85
N SER F 123 -19.61 33.80 -25.69
CA SER F 123 -19.44 32.57 -26.44
C SER F 123 -19.32 31.40 -25.48
N PHE F 124 -20.01 30.32 -25.77
CA PHE F 124 -20.01 29.13 -24.94
C PHE F 124 -19.71 27.91 -25.79
N PHE F 125 -19.15 26.89 -25.14
CA PHE F 125 -18.85 25.62 -25.79
C PHE F 125 -19.50 24.51 -24.98
N SER F 126 -20.48 23.83 -25.56
CA SER F 126 -21.25 22.80 -24.86
C SER F 126 -20.77 21.43 -25.27
N LEU F 127 -20.36 20.63 -24.30
CA LEU F 127 -19.85 19.29 -24.54
C LEU F 127 -20.64 18.29 -23.71
N THR F 128 -21.18 17.27 -24.38
CA THR F 128 -22.05 16.28 -23.73
C THR F 128 -21.45 14.90 -23.89
N LEU F 129 -21.33 14.18 -22.78
CA LEU F 129 -20.87 12.81 -22.76
C LEU F 129 -22.04 11.92 -22.36
N THR F 130 -22.36 10.95 -23.21
CA THR F 130 -23.49 10.05 -22.99
C THR F 130 -22.98 8.63 -22.81
N ILE F 131 -23.32 8.00 -21.69
CA ILE F 131 -22.96 6.63 -21.39
C ILE F 131 -24.18 5.77 -21.68
N CYS F 132 -24.04 4.83 -22.60
CA CYS F 132 -25.11 3.92 -22.94
C CYS F 132 -25.16 2.76 -21.95
N LYS F 133 -26.17 1.92 -22.09
CA LYS F 133 -26.35 0.81 -21.15
C LYS F 133 -25.28 -0.24 -21.29
N ASP F 134 -24.58 -0.31 -22.43
CA ASP F 134 -23.55 -1.30 -22.66
C ASP F 134 -22.14 -0.75 -22.47
N ASP F 135 -22.00 0.28 -21.63
CA ASP F 135 -20.73 0.86 -21.21
C ASP F 135 -20.01 1.62 -22.32
N SER F 136 -20.62 1.80 -23.48
CA SER F 136 -20.04 2.64 -24.51
C SER F 136 -20.27 4.11 -24.18
N VAL F 137 -19.36 4.96 -24.65
CA VAL F 137 -19.41 6.40 -24.37
C VAL F 137 -19.42 7.14 -25.69
N MET F 138 -20.35 8.08 -25.84
CA MET F 138 -20.50 8.85 -27.06
C MET F 138 -20.47 10.34 -26.75
N TRP F 139 -19.67 11.09 -27.48
CA TRP F 139 -19.57 12.52 -27.30
C TRP F 139 -20.47 13.24 -28.31
N SER F 140 -20.79 14.49 -27.99
CA SER F 140 -21.49 15.34 -28.94
C SER F 140 -20.55 16.05 -29.90
N VAL F 141 -19.25 16.02 -29.63
CA VAL F 141 -18.23 16.55 -30.54
C VAL F 141 -17.22 15.45 -30.80
N ASP F 142 -17.05 15.09 -32.07
CA ASP F 142 -16.28 13.91 -32.44
C ASP F 142 -14.82 14.21 -32.75
N ASP F 143 -14.31 15.36 -32.32
CA ASP F 143 -12.91 15.69 -32.57
C ASP F 143 -12.14 15.59 -31.26
N PRO F 144 -11.32 14.56 -31.07
CA PRO F 144 -10.62 14.41 -29.78
C PRO F 144 -9.66 15.54 -29.45
N LYS F 145 -9.13 16.22 -30.46
CA LYS F 145 -8.26 17.37 -30.20
C LYS F 145 -9.03 18.45 -29.44
N VAL F 146 -10.30 18.64 -29.78
CA VAL F 146 -11.12 19.63 -29.09
C VAL F 146 -11.23 19.29 -27.61
N ARG F 147 -11.48 18.01 -27.31
CA ARG F 147 -11.63 17.60 -25.92
C ARG F 147 -10.33 17.73 -25.15
N SER F 148 -9.22 17.32 -25.75
CA SER F 148 -7.94 17.46 -25.07
C SER F 148 -7.61 18.94 -24.82
N LEU F 149 -7.88 19.79 -25.79
CA LEU F 149 -7.62 21.21 -25.61
C LEU F 149 -8.51 21.81 -24.53
N LEU F 150 -9.77 21.38 -24.46
CA LEU F 150 -10.65 21.87 -23.41
C LEU F 150 -10.15 21.43 -22.03
N ALA F 151 -9.64 20.20 -21.93
CA ALA F 151 -9.06 19.75 -20.67
C ALA F 151 -7.85 20.59 -20.30
N THR F 152 -7.02 20.93 -21.29
CA THR F 152 -5.83 21.73 -21.01
C THR F 152 -6.19 23.15 -20.59
N LEU F 153 -7.20 23.75 -21.25
CA LEU F 153 -7.52 25.15 -20.99
C LEU F 153 -8.21 25.33 -19.65
N TYR F 154 -9.04 24.38 -19.24
CA TYR F 154 -9.85 24.49 -18.02
C TYR F 154 -9.54 23.29 -17.13
N PRO F 155 -8.35 23.23 -16.57
CA PRO F 155 -7.94 22.03 -15.83
C PRO F 155 -8.76 21.87 -14.56
N PHE F 156 -8.96 20.62 -14.18
CA PHE F 156 -9.67 20.26 -12.96
C PHE F 156 -8.66 19.81 -11.92
N LEU F 157 -8.58 20.57 -10.84
CA LEU F 157 -7.72 20.24 -9.71
C LEU F 157 -8.60 19.80 -8.55
N TYR F 158 -8.19 18.73 -7.87
CA TYR F 158 -9.11 17.94 -7.07
C TYR F 158 -8.39 17.42 -5.83
N ILE F 159 -8.94 17.69 -4.65
CA ILE F 159 -8.36 17.21 -3.40
C ILE F 159 -9.46 16.66 -2.50
N GLU F 160 -9.23 15.47 -1.95
CA GLU F 160 -9.98 14.97 -0.81
C GLU F 160 -9.09 15.10 0.42
N THR F 161 -9.37 16.08 1.27
CA THR F 161 -8.48 16.38 2.37
C THR F 161 -8.39 15.22 3.36
N ARG F 162 -9.41 14.35 3.38
CA ARG F 162 -9.39 13.21 4.29
C ARG F 162 -8.21 12.28 4.00
N HIS F 163 -7.95 12.02 2.72
CA HIS F 163 -6.91 11.08 2.31
C HIS F 163 -5.63 11.79 1.87
N ILE F 164 -5.30 12.90 2.50
CA ILE F 164 -4.07 13.62 2.18
C ILE F 164 -2.88 12.90 2.81
N ASP F 165 -1.81 12.75 2.04
CA ASP F 165 -0.54 12.25 2.57
C ASP F 165 0.16 13.42 3.25
N LEU F 166 0.07 13.46 4.59
CA LEU F 166 0.52 14.64 5.33
C LEU F 166 2.02 14.85 5.21
N TYR F 167 2.80 13.78 5.26
CA TYR F 167 4.24 13.88 5.41
C TYR F 167 4.98 13.99 4.08
N ASP F 168 4.26 14.05 2.95
CA ASP F 168 4.88 14.21 1.64
C ASP F 168 3.98 15.09 0.80
N TRP F 169 4.41 16.33 0.55
CA TRP F 169 3.60 17.32 -0.15
C TRP F 169 3.92 17.35 -1.64
N ASN F 170 4.41 16.26 -2.20
CA ASN F 170 4.74 16.23 -3.62
C ASN F 170 3.57 16.56 -4.54
N PRO F 171 2.34 16.07 -4.31
CA PRO F 171 1.25 16.37 -5.25
C PRO F 171 1.01 17.85 -5.47
N ILE F 172 1.66 18.74 -4.73
CA ILE F 172 1.55 20.17 -5.03
C ILE F 172 2.18 20.46 -6.38
N TRP F 173 3.42 19.98 -6.61
CA TRP F 173 4.15 20.36 -7.81
C TRP F 173 3.36 20.03 -9.07
N LYS F 174 2.80 18.82 -9.14
CA LYS F 174 1.99 18.44 -10.30
C LYS F 174 0.93 19.50 -10.58
N LEU F 175 0.19 19.89 -9.54
CA LEU F 175 -0.88 20.87 -9.74
C LEU F 175 -0.31 22.21 -10.20
N ILE F 176 0.85 22.61 -9.69
CA ILE F 176 1.48 23.84 -10.16
C ILE F 176 1.77 23.74 -11.65
N SER F 177 2.21 22.56 -12.10
CA SER F 177 2.51 22.39 -13.52
C SER F 177 1.28 22.63 -14.37
N ASN F 178 0.09 22.45 -13.81
CA ASN F 178 -1.13 22.59 -14.60
C ASN F 178 -1.49 24.05 -14.82
N LEU F 179 -0.79 24.98 -14.15
CA LEU F 179 -1.33 26.33 -14.00
C LEU F 179 -0.81 27.28 -15.06
N ASN F 180 0.50 27.30 -15.27
CA ASN F 180 1.16 28.38 -15.97
C ASN F 180 1.65 27.92 -17.34
N SER F 181 1.66 28.84 -18.30
CA SER F 181 1.98 28.53 -19.69
C SER F 181 3.03 29.50 -20.21
N PHE F 182 4.11 28.97 -20.76
CA PHE F 182 5.14 29.78 -21.40
C PHE F 182 5.96 28.91 -22.35
N ASN F 183 7.00 29.51 -22.92
CA ASN F 183 7.71 28.99 -24.07
C ASN F 183 8.94 28.20 -23.63
N PHE F 184 9.26 27.12 -24.35
CA PHE F 184 10.40 26.28 -24.02
C PHE F 184 11.23 25.92 -25.25
N ASP F 185 10.99 26.55 -26.39
CA ASP F 185 11.77 26.23 -27.58
C ASP F 185 13.22 26.65 -27.44
N ASP F 186 13.47 27.80 -26.80
CA ASP F 186 14.83 28.30 -26.74
C ASP F 186 15.71 27.47 -25.82
N VAL F 187 15.16 26.98 -24.71
CA VAL F 187 15.95 26.18 -23.76
C VAL F 187 16.04 24.76 -24.32
N ASP F 188 17.20 24.41 -24.84
CA ASP F 188 17.49 23.04 -25.24
C ASP F 188 18.20 22.34 -24.08
N HIS F 189 18.67 21.12 -24.32
CA HIS F 189 19.47 20.40 -23.33
C HIS F 189 20.96 20.49 -23.62
N ASP F 190 21.37 21.36 -24.53
CA ASP F 190 22.78 21.58 -24.86
C ASP F 190 23.32 22.85 -24.22
N GLU F 191 22.60 23.97 -24.35
CA GLU F 191 23.05 25.20 -23.71
C GLU F 191 23.08 25.06 -22.20
N LEU F 192 22.06 24.41 -21.63
CA LEU F 192 22.02 24.22 -20.18
C LEU F 192 23.20 23.37 -19.71
N VAL F 193 23.51 22.30 -20.45
CA VAL F 193 24.63 21.45 -20.06
C VAL F 193 25.94 22.22 -20.12
N ASN F 194 26.14 23.01 -21.17
CA ASN F 194 27.36 23.81 -21.26
C ASN F 194 27.45 24.82 -20.13
N PHE F 195 26.33 25.45 -19.79
CA PHE F 195 26.32 26.40 -18.68
C PHE F 195 26.70 25.72 -17.37
N LEU F 196 26.08 24.57 -17.08
CA LEU F 196 26.37 23.86 -15.85
C LEU F 196 27.82 23.38 -15.82
N ASP F 197 28.32 22.87 -16.94
CA ASP F 197 29.69 22.39 -17.00
C ASP F 197 30.68 23.51 -16.79
N GLU F 198 30.43 24.68 -17.39
CA GLU F 198 31.29 25.82 -17.17
C GLU F 198 31.25 26.26 -15.71
N LYS F 199 30.07 26.18 -15.09
CA LYS F 199 29.97 26.53 -13.67
C LYS F 199 30.50 25.43 -12.75
N ILE F 200 30.36 24.17 -13.14
CA ILE F 200 30.76 23.04 -12.28
C ILE F 200 31.90 22.32 -13.00
N SER F 201 33.12 22.80 -12.80
CA SER F 201 34.30 22.09 -13.29
C SER F 201 35.59 22.75 -12.80
N SER F 202 36.50 21.96 -12.23
CA SER F 202 37.84 22.46 -12.02
C SER F 202 38.63 22.44 -13.33
N ARG F 203 38.17 21.60 -14.26
CA ARG F 203 38.78 21.49 -15.62
C ARG F 203 37.62 21.47 -16.60
N LYS F 204 37.61 22.35 -17.61
CA LYS F 204 36.45 22.48 -18.48
C LYS F 204 36.17 21.20 -19.24
N GLY F 205 34.90 20.85 -19.34
CA GLY F 205 34.44 19.73 -20.13
C GLY F 205 34.07 18.48 -19.35
N ASP F 206 34.39 18.43 -18.06
CA ASP F 206 34.17 17.20 -17.29
C ASP F 206 32.68 16.91 -17.10
N TYR F 207 31.91 17.93 -16.72
CA TYR F 207 30.49 17.71 -16.46
C TYR F 207 29.75 17.32 -17.73
N LYS F 208 30.14 17.88 -18.87
CA LYS F 208 29.52 17.48 -20.13
C LYS F 208 29.82 16.02 -20.44
N LYS F 209 31.06 15.57 -20.18
CA LYS F 209 31.38 14.16 -20.36
C LYS F 209 30.52 13.29 -19.45
N TYR F 210 30.33 13.73 -18.21
CA TYR F 210 29.53 12.96 -17.26
C TYR F 210 28.09 12.83 -17.73
N ILE F 211 27.51 13.93 -18.21
CA ILE F 211 26.13 13.89 -18.68
C ILE F 211 26.02 13.04 -19.94
N ASP F 212 27.03 13.12 -20.80
CA ASP F 212 27.02 12.27 -22.00
C ASP F 212 27.05 10.80 -21.63
N ARG F 213 27.86 10.44 -20.63
CA ARG F 213 27.89 9.05 -20.18
C ARG F 213 26.52 8.61 -19.66
N VAL F 214 25.92 9.42 -18.78
CA VAL F 214 24.63 9.05 -18.21
C VAL F 214 23.59 8.92 -19.31
N VAL F 215 23.58 9.84 -20.27
CA VAL F 215 22.60 9.78 -21.36
C VAL F 215 22.83 8.55 -22.21
N SER F 216 24.08 8.22 -22.50
CA SER F 216 24.37 7.06 -23.33
C SER F 216 23.93 5.76 -22.66
N VAL F 217 24.09 5.66 -21.34
CA VAL F 217 23.72 4.41 -20.67
C VAL F 217 22.21 4.23 -20.63
N ILE F 218 21.45 5.27 -20.31
CA ILE F 218 20.02 5.13 -20.06
C ILE F 218 19.24 5.20 -21.36
N ASP F 219 17.98 4.77 -21.29
CA ASP F 219 17.02 4.89 -22.38
C ASP F 219 15.75 5.52 -21.82
N THR F 220 15.36 6.67 -22.37
CA THR F 220 14.27 7.45 -21.82
C THR F 220 13.34 7.92 -22.93
N LYS F 221 12.31 8.65 -22.53
CA LYS F 221 11.25 9.22 -23.34
C LYS F 221 11.30 10.74 -23.24
N PRO F 222 11.06 11.46 -24.34
CA PRO F 222 11.11 12.93 -24.29
C PRO F 222 10.17 13.49 -23.25
N TYR F 223 10.58 14.60 -22.65
CA TYR F 223 9.80 15.21 -21.57
C TYR F 223 8.45 15.68 -22.09
N THR F 224 7.44 15.56 -21.24
CA THR F 224 6.19 16.27 -21.49
C THR F 224 6.31 17.69 -20.95
N TYR F 225 5.36 18.55 -21.33
CA TYR F 225 5.46 19.95 -20.95
C TYR F 225 5.43 20.13 -19.43
N LYS F 226 4.52 19.42 -18.76
CA LYS F 226 4.38 19.58 -17.32
C LYS F 226 5.65 19.15 -16.59
N GLU F 227 6.26 18.05 -17.04
CA GLU F 227 7.53 17.64 -16.45
C GLU F 227 8.59 18.70 -16.68
N LYS F 228 8.58 19.34 -17.85
CA LYS F 228 9.55 20.39 -18.13
C LYS F 228 9.42 21.54 -17.14
N VAL F 229 8.20 22.04 -16.96
CA VAL F 229 8.04 23.19 -16.08
C VAL F 229 8.33 22.80 -14.64
N ILE F 230 7.98 21.57 -14.24
CA ILE F 230 8.29 21.12 -12.88
C ILE F 230 9.79 21.07 -12.66
N ASN F 231 10.54 20.53 -13.63
CA ASN F 231 11.99 20.46 -13.50
C ASN F 231 12.60 21.84 -13.41
N TYR F 232 12.13 22.77 -14.24
CA TYR F 232 12.70 24.12 -14.22
C TYR F 232 12.41 24.83 -12.90
N ILE F 233 11.19 24.68 -12.38
CA ILE F 233 10.88 25.21 -11.05
C ILE F 233 11.82 24.62 -10.02
N LYS F 234 11.95 23.30 -10.01
CA LYS F 234 12.65 22.62 -8.93
C LYS F 234 14.14 22.92 -8.97
N VAL F 235 14.70 23.11 -10.15
CA VAL F 235 16.08 23.58 -10.26
C VAL F 235 16.21 25.03 -9.80
N ALA F 236 15.24 25.87 -10.16
CA ALA F 236 15.35 27.29 -9.90
C ALA F 236 15.26 27.61 -8.41
N ILE F 237 14.30 27.03 -7.70
CA ILE F 237 14.05 27.39 -6.31
C ILE F 237 15.16 26.85 -5.41
N LYS F 238 15.18 27.31 -4.16
CA LYS F 238 16.22 26.95 -3.20
C LYS F 238 16.02 25.56 -2.60
N GLY F 239 14.78 25.12 -2.42
CA GLY F 239 14.54 23.83 -1.81
C GLY F 239 13.29 23.13 -2.31
N ASP F 240 13.29 21.80 -2.28
CA ASP F 240 12.16 21.01 -2.77
C ASP F 240 11.29 20.54 -1.61
N SER F 241 11.89 19.81 -0.66
CA SER F 241 11.11 19.26 0.45
C SER F 241 10.53 20.39 1.30
N PHE F 242 9.31 20.16 1.78
CA PHE F 242 8.53 21.18 2.46
C PHE F 242 8.75 21.10 3.96
N VAL F 243 8.74 22.26 4.61
CA VAL F 243 8.98 22.38 6.04
C VAL F 243 7.96 23.36 6.60
N ASN F 244 7.36 23.01 7.74
CA ASN F 244 6.33 23.83 8.36
C ASN F 244 6.95 24.66 9.47
N ALA F 245 7.07 25.97 9.23
CA ALA F 245 7.53 26.92 10.24
C ALA F 245 8.89 26.53 10.82
N GLY F 246 9.79 26.07 9.96
CA GLY F 246 11.12 25.71 10.38
C GLY F 246 11.26 24.34 11.00
N GLU F 247 10.18 23.56 11.09
CA GLU F 247 10.20 22.24 11.68
C GLU F 247 9.82 21.21 10.64
N GLU F 248 10.40 20.01 10.77
CA GLU F 248 10.14 18.95 9.81
C GLU F 248 8.70 18.47 9.92
N LEU F 249 8.18 17.94 8.82
CA LEU F 249 6.76 17.59 8.76
C LEU F 249 6.40 16.48 9.72
N PHE F 250 7.25 15.45 9.83
CA PHE F 250 6.88 14.29 10.65
C PHE F 250 6.84 14.63 12.13
N THR F 251 7.50 15.70 12.55
CA THR F 251 7.39 16.12 13.95
C THR F 251 6.13 16.93 14.20
N GLN F 252 5.60 17.61 13.19
CA GLN F 252 4.42 18.43 13.37
C GLN F 252 3.17 17.57 13.48
N SER F 253 2.03 18.23 13.61
CA SER F 253 0.76 17.51 13.82
C SER F 253 0.20 17.03 12.51
N ASP F 254 -1.05 16.58 12.54
CA ASP F 254 -1.78 16.21 11.34
C ASP F 254 -2.68 17.34 10.87
N GLY F 255 -3.40 17.97 11.80
CA GLY F 255 -4.21 19.12 11.43
C GLY F 255 -3.37 20.27 10.91
N THR F 256 -2.25 20.55 11.56
CA THR F 256 -1.36 21.60 11.10
C THR F 256 -0.81 21.28 9.71
N ASN F 257 -0.43 20.02 9.49
CA ASN F 257 0.11 19.63 8.19
C ASN F 257 -0.93 19.80 7.09
N SER F 258 -2.16 19.33 7.33
CA SER F 258 -3.20 19.47 6.31
C SER F 258 -3.55 20.92 6.08
N ASN F 259 -3.63 21.72 7.14
CA ASN F 259 -3.94 23.14 6.99
C ASN F 259 -2.89 23.83 6.15
N LYS F 260 -1.62 23.59 6.46
CA LYS F 260 -0.54 24.24 5.71
C LYS F 260 -0.51 23.78 4.27
N PHE F 261 -0.74 22.47 4.03
CA PHE F 261 -0.80 21.97 2.66
C PHE F 261 -1.87 22.69 1.86
N LEU F 262 -3.10 22.74 2.39
CA LEU F 262 -4.18 23.39 1.67
C LEU F 262 -3.91 24.88 1.49
N GLU F 263 -3.37 25.52 2.51
CA GLU F 263 -3.10 26.95 2.44
C GLU F 263 -2.08 27.26 1.36
N THR F 264 -0.96 26.54 1.35
CA THR F 264 0.07 26.80 0.34
C THR F 264 -0.47 26.51 -1.06
N LEU F 265 -1.26 25.44 -1.20
CA LEU F 265 -1.74 25.10 -2.54
C LEU F 265 -2.72 26.15 -3.06
N LEU F 266 -3.66 26.59 -2.22
CA LEU F 266 -4.61 27.60 -2.68
C LEU F 266 -3.91 28.93 -2.93
N HIS F 267 -2.94 29.29 -2.09
CA HIS F 267 -2.18 30.51 -2.31
C HIS F 267 -1.43 30.45 -3.63
N LEU F 268 -0.80 29.31 -3.93
CA LEU F 268 -0.12 29.14 -5.21
C LEU F 268 -1.10 29.25 -6.36
N LEU F 269 -2.28 28.64 -6.22
CA LEU F 269 -3.27 28.68 -7.29
C LEU F 269 -3.64 30.12 -7.62
N ILE F 270 -4.04 30.89 -6.60
CA ILE F 270 -4.51 32.24 -6.86
C ILE F 270 -3.36 33.13 -7.32
N THR F 271 -2.17 32.96 -6.73
CA THR F 271 -1.03 33.77 -7.12
C THR F 271 -0.62 33.52 -8.55
N LEU F 272 -0.59 32.26 -8.98
CA LEU F 272 -0.06 31.91 -10.28
C LEU F 272 -1.09 32.03 -11.40
N THR F 273 -2.38 31.99 -11.09
CA THR F 273 -3.39 32.12 -12.14
C THR F 273 -3.61 33.55 -12.59
N ARG F 274 -2.83 34.51 -12.08
CA ARG F 274 -3.11 35.91 -12.38
C ARG F 274 -2.75 36.26 -13.81
N THR F 275 -1.59 35.82 -14.27
CA THR F 275 -1.04 36.29 -15.54
C THR F 275 -1.47 35.47 -16.75
N GLU F 276 -2.08 34.31 -16.53
CA GLU F 276 -2.37 33.39 -17.64
C GLU F 276 -3.86 33.33 -17.94
N PHE F 277 -4.17 32.80 -19.11
CA PHE F 277 -5.54 32.65 -19.57
C PHE F 277 -6.11 31.26 -19.26
N ILE F 278 -5.35 30.43 -18.55
CA ILE F 278 -5.82 29.11 -18.14
C ILE F 278 -6.62 29.29 -16.85
N SER F 279 -7.88 28.84 -16.87
CA SER F 279 -8.82 29.08 -15.78
C SER F 279 -9.18 27.74 -15.13
N PRO F 280 -8.50 27.36 -14.06
CA PRO F 280 -8.76 26.06 -13.45
C PRO F 280 -10.05 26.04 -12.65
N ILE F 281 -10.56 24.83 -12.44
CA ILE F 281 -11.67 24.57 -11.53
C ILE F 281 -11.13 23.67 -10.43
N VAL F 282 -11.16 24.15 -9.19
CA VAL F 282 -10.58 23.42 -8.07
C VAL F 282 -11.70 22.99 -7.14
N TYR F 283 -11.63 21.75 -6.67
CA TYR F 283 -12.65 21.15 -5.82
C TYR F 283 -11.97 20.55 -4.60
N ILE F 284 -12.30 21.08 -3.42
CA ILE F 284 -11.75 20.64 -2.15
C ILE F 284 -12.85 19.93 -1.38
N ASP F 285 -12.53 18.76 -0.85
CA ASP F 285 -13.52 18.08 0.01
C ASP F 285 -13.08 18.39 1.43
N GLU F 286 -14.02 18.66 2.32
CA GLU F 286 -13.67 18.82 3.74
C GLU F 286 -12.48 19.74 3.96
N PRO F 287 -12.49 21.03 3.58
CA PRO F 287 -11.35 21.86 3.86
C PRO F 287 -11.10 22.02 5.37
N GLU F 288 -11.92 21.45 6.25
CA GLU F 288 -11.86 21.70 7.67
C GLU F 288 -11.49 20.47 8.50
N VAL F 289 -11.31 19.31 7.88
CA VAL F 289 -11.14 18.09 8.65
C VAL F 289 -9.83 18.13 9.43
N GLY F 290 -9.93 17.89 10.74
CA GLY F 290 -8.78 17.95 11.62
C GLY F 290 -8.34 19.35 12.02
N LEU F 291 -9.16 20.37 11.78
CA LEU F 291 -8.78 21.75 12.04
C LEU F 291 -9.58 22.31 13.21
N HIS F 292 -8.89 22.99 14.12
CA HIS F 292 -9.56 23.73 15.17
C HIS F 292 -10.44 24.81 14.54
N PRO F 293 -11.55 25.17 15.18
CA PRO F 293 -12.41 26.22 14.61
C PRO F 293 -11.66 27.50 14.31
N LYS F 294 -10.73 27.86 15.21
CA LYS F 294 -9.90 29.08 15.01
C LYS F 294 -9.05 28.89 13.74
N LEU F 295 -8.51 27.67 13.54
CA LEU F 295 -7.67 27.43 12.38
C LEU F 295 -8.47 27.47 11.09
N ALA F 296 -9.70 26.93 11.10
CA ALA F 296 -10.54 27.01 9.91
C ALA F 296 -10.88 28.46 9.58
N GLU F 297 -11.22 29.24 10.60
CA GLU F 297 -11.48 30.65 10.37
C GLU F 297 -10.26 31.35 9.79
N SER F 298 -9.08 31.05 10.33
CA SER F 298 -7.86 31.67 9.82
C SER F 298 -7.56 31.24 8.39
N PHE F 299 -7.87 29.97 8.06
CA PHE F 299 -7.67 29.49 6.71
C PHE F 299 -8.52 30.29 5.72
N VAL F 300 -9.80 30.46 6.04
CA VAL F 300 -10.66 31.24 5.15
C VAL F 300 -10.22 32.70 5.11
N SER F 301 -9.77 33.24 6.24
CA SER F 301 -9.33 34.63 6.28
C SER F 301 -8.13 34.84 5.38
N ASN F 302 -7.14 33.93 5.43
CA ASN F 302 -5.98 34.06 4.56
C ASN F 302 -6.36 33.89 3.10
N LEU F 303 -7.28 32.95 2.82
CA LEU F 303 -7.75 32.80 1.45
C LEU F 303 -8.36 34.10 0.93
N ASN F 304 -9.20 34.75 1.74
CA ASN F 304 -9.80 36.00 1.33
C ASN F 304 -8.77 37.11 1.22
N LYS F 305 -7.76 37.12 2.08
CA LYS F 305 -6.71 38.12 1.98
C LYS F 305 -5.98 38.02 0.65
N ILE F 306 -5.62 36.81 0.25
CA ILE F 306 -4.95 36.63 -1.03
C ILE F 306 -5.91 36.95 -2.18
N TYR F 307 -7.18 36.58 -2.05
CA TYR F 307 -8.15 36.86 -3.10
C TYR F 307 -8.31 38.36 -3.31
N SER F 308 -8.40 39.13 -2.23
CA SER F 308 -8.60 40.56 -2.35
C SER F 308 -7.32 41.32 -2.67
N LYS F 309 -6.16 40.74 -2.39
CA LYS F 309 -4.91 41.43 -2.67
C LYS F 309 -4.64 41.56 -4.16
N PHE F 310 -5.25 40.72 -4.99
CA PHE F 310 -5.04 40.77 -6.43
C PHE F 310 -6.28 41.21 -7.19
N LYS F 311 -7.30 41.71 -6.50
CA LYS F 311 -8.57 42.04 -7.13
C LYS F 311 -8.59 43.52 -7.47
N LYS F 312 -8.96 43.82 -8.72
CA LYS F 312 -8.96 45.18 -9.23
C LYS F 312 -10.39 45.66 -9.44
N THR F 313 -10.72 46.81 -8.88
CA THR F 313 -12.04 47.40 -9.04
C THR F 313 -11.92 48.85 -9.49
N SER F 314 -13.05 49.58 -9.52
CA SER F 314 -13.02 50.96 -9.94
C SER F 314 -12.26 51.84 -8.96
N GLU F 315 -12.24 51.47 -7.68
CA GLU F 315 -11.52 52.22 -6.65
C GLU F 315 -10.11 51.71 -6.42
N LEU F 316 -9.95 50.40 -6.33
CA LEU F 316 -8.63 49.79 -6.11
C LEU F 316 -7.99 49.50 -7.46
N SER F 317 -6.81 50.06 -7.70
CA SER F 317 -6.07 49.85 -8.92
C SER F 317 -4.62 50.20 -8.66
N GLY F 318 -3.76 49.87 -9.63
CA GLY F 318 -2.36 50.19 -9.53
C GLY F 318 -1.49 48.98 -9.80
N PRO F 319 -0.29 48.97 -9.21
CA PRO F 319 0.64 47.85 -9.45
C PRO F 319 0.24 46.63 -8.63
N GLY F 320 0.17 45.48 -9.29
CA GLY F 320 -0.13 44.24 -8.62
C GLY F 320 -1.58 43.84 -8.58
N ARG F 321 -2.47 44.58 -9.24
CA ARG F 321 -3.89 44.27 -9.27
C ARG F 321 -4.30 43.90 -10.68
N TYR F 322 -4.97 42.75 -10.81
CA TYR F 322 -5.32 42.18 -12.10
C TYR F 322 -6.83 42.02 -12.23
N LYS F 323 -7.30 42.10 -13.47
CA LYS F 323 -8.69 41.87 -13.82
C LYS F 323 -8.96 40.42 -14.22
N THR F 324 -7.92 39.58 -14.25
CA THR F 324 -8.06 38.20 -14.68
C THR F 324 -9.07 37.47 -13.81
N PRO F 325 -10.01 36.73 -14.40
CA PRO F 325 -11.02 36.02 -13.59
C PRO F 325 -10.37 34.99 -12.67
N TYR F 326 -10.92 34.87 -11.48
CA TYR F 326 -10.43 33.93 -10.49
C TYR F 326 -10.90 32.52 -10.80
N PRO F 327 -10.13 31.51 -10.40
CA PRO F 327 -10.56 30.12 -10.62
C PRO F 327 -11.81 29.79 -9.82
N ASN F 328 -12.63 28.90 -10.37
CA ASN F 328 -13.83 28.46 -9.68
C ASN F 328 -13.44 27.51 -8.56
N ILE F 329 -13.66 27.93 -7.31
CA ILE F 329 -13.26 27.16 -6.15
C ILE F 329 -14.52 26.63 -5.49
N PHE F 330 -14.72 25.32 -5.57
CA PHE F 330 -15.76 24.62 -4.82
C PHE F 330 -15.11 23.95 -3.64
N TYR F 331 -15.73 24.02 -2.47
CA TYR F 331 -15.31 23.18 -1.36
C TYR F 331 -16.52 22.74 -0.57
N SER F 332 -16.58 21.45 -0.27
CA SER F 332 -17.66 20.90 0.52
C SER F 332 -17.24 20.79 1.98
N THR F 333 -18.01 21.46 2.83
CA THR F 333 -17.65 21.59 4.25
C THR F 333 -18.80 21.13 5.13
N HIS F 334 -18.51 20.74 6.37
CA HIS F 334 -19.57 20.39 7.35
C HIS F 334 -19.29 21.23 8.58
N SER F 335 -18.50 22.29 8.44
CA SER F 335 -18.06 23.10 9.60
C SER F 335 -18.75 24.45 9.61
N PRO F 336 -19.53 24.89 10.62
CA PRO F 336 -20.10 26.23 10.54
C PRO F 336 -19.07 27.34 10.48
N SER F 337 -17.85 27.10 10.99
CA SER F 337 -16.84 28.16 10.98
C SER F 337 -16.41 28.52 9.57
N ILE F 338 -16.19 27.51 8.73
CA ILE F 338 -15.78 27.77 7.35
C ILE F 338 -16.84 28.58 6.63
N LEU F 339 -18.10 28.17 6.76
CA LEU F 339 -19.19 28.85 6.08
C LEU F 339 -19.36 30.28 6.62
N LYS F 340 -19.27 30.45 7.94
CA LYS F 340 -19.41 31.78 8.53
C LYS F 340 -18.35 32.73 8.01
N GLN F 341 -17.09 32.29 8.04
CA GLN F 341 -16.02 33.17 7.58
C GLN F 341 -16.12 33.42 6.08
N THR F 342 -16.50 32.40 5.32
CA THR F 342 -16.69 32.58 3.88
C THR F 342 -17.71 33.68 3.61
N ILE F 343 -18.88 33.60 4.25
CA ILE F 343 -19.91 34.60 4.05
C ILE F 343 -19.40 35.97 4.46
N LYS F 344 -18.87 36.08 5.68
CA LYS F 344 -18.53 37.39 6.23
C LYS F 344 -17.41 38.06 5.45
N LEU F 345 -16.49 37.28 4.89
CA LEU F 345 -15.34 37.88 4.21
C LEU F 345 -15.50 37.97 2.71
N PHE F 346 -16.48 37.29 2.11
CA PHE F 346 -16.65 37.40 0.67
C PHE F 346 -17.88 38.21 0.26
N GLY F 347 -19.00 38.07 0.96
CA GLY F 347 -20.16 38.87 0.60
C GLY F 347 -20.82 38.40 -0.68
N LYS F 348 -20.70 39.21 -1.75
CA LYS F 348 -21.38 38.95 -3.00
C LYS F 348 -20.62 38.01 -3.92
N ASP F 349 -19.41 37.61 -3.56
CA ASP F 349 -18.60 36.73 -4.38
C ASP F 349 -18.66 35.28 -3.92
N GLN F 350 -19.57 34.95 -3.01
CA GLN F 350 -19.72 33.60 -2.52
C GLN F 350 -21.14 33.11 -2.79
N GLN F 351 -21.27 31.79 -2.87
CA GLN F 351 -22.54 31.14 -3.13
C GLN F 351 -22.63 29.90 -2.27
N VAL F 352 -23.79 29.68 -1.66
CA VAL F 352 -24.00 28.53 -0.78
C VAL F 352 -24.97 27.58 -1.47
N LEU F 353 -24.51 26.37 -1.74
CA LEU F 353 -25.29 25.35 -2.42
C LEU F 353 -25.69 24.27 -1.42
N HIS F 354 -26.98 23.96 -1.39
CA HIS F 354 -27.56 22.99 -0.47
C HIS F 354 -27.90 21.72 -1.24
N PHE F 355 -27.32 20.62 -0.81
CA PHE F 355 -27.58 19.30 -1.39
C PHE F 355 -28.47 18.52 -0.45
N SER F 356 -29.63 18.08 -0.95
CA SER F 356 -30.55 17.29 -0.11
C SER F 356 -31.02 16.08 -0.89
N LYS F 357 -30.95 14.89 -0.31
CA LYS F 357 -31.49 13.76 -1.10
C LYS F 357 -32.93 13.61 -0.69
N LYS F 358 -33.84 13.69 -1.66
CA LYS F 358 -35.28 13.68 -1.36
C LYS F 358 -35.76 12.34 -0.82
N LYS F 359 -37.00 11.99 -1.15
CA LYS F 359 -37.59 10.77 -0.61
C LYS F 359 -37.27 9.56 -1.49
N ASP F 360 -37.35 9.72 -2.81
CA ASP F 360 -37.06 8.60 -3.70
C ASP F 360 -35.58 8.25 -3.71
N GLY F 361 -34.71 9.25 -3.58
CA GLY F 361 -33.27 9.05 -3.60
C GLY F 361 -32.51 10.02 -4.48
N SER F 362 -33.19 10.87 -5.25
CA SER F 362 -32.51 11.83 -6.11
C SER F 362 -31.92 12.97 -5.30
N THR F 363 -30.83 13.53 -5.80
CA THR F 363 -30.21 14.68 -5.17
C THR F 363 -30.83 15.97 -5.70
N ARG F 364 -31.10 16.91 -4.80
CA ARG F 364 -31.58 18.23 -5.14
C ARG F 364 -30.54 19.26 -4.74
N VAL F 365 -30.24 20.18 -5.65
CA VAL F 365 -29.28 21.25 -5.42
C VAL F 365 -30.06 22.56 -5.43
N ASN F 366 -29.93 23.32 -4.34
CA ASN F 366 -30.62 24.59 -4.20
C ASN F 366 -29.62 25.66 -3.80
N LYS F 367 -29.98 26.91 -4.00
CA LYS F 367 -29.12 28.03 -3.64
C LYS F 367 -29.71 28.71 -2.41
N ILE F 368 -28.94 28.76 -1.33
CA ILE F 368 -29.40 29.39 -0.10
C ILE F 368 -28.93 30.83 -0.08
N ASN F 369 -29.83 31.74 0.29
CA ASN F 369 -29.50 33.15 0.34
C ASN F 369 -28.42 33.40 1.37
N SER F 370 -27.25 33.88 0.92
CA SER F 370 -26.13 34.16 1.79
C SER F 370 -25.61 35.58 1.62
N THR F 371 -26.33 36.43 0.92
CA THR F 371 -25.96 37.83 0.75
C THR F 371 -26.95 38.71 1.50
N TYR F 372 -26.45 39.56 2.38
CA TYR F 372 -27.28 40.43 3.19
C TYR F 372 -26.93 41.89 2.89
N SER F 373 -27.97 42.71 2.77
CA SER F 373 -27.78 44.13 2.49
C SER F 373 -27.51 44.96 3.73
N ASP F 374 -27.58 44.36 4.92
CA ASP F 374 -27.39 45.08 6.17
C ASP F 374 -25.97 44.86 6.65
N GLU F 375 -25.20 45.95 6.77
CA GLU F 375 -23.83 45.84 7.28
C GLU F 375 -23.82 45.43 8.75
N ARG F 376 -24.80 45.89 9.52
CA ARG F 376 -24.85 45.52 10.93
C ARG F 376 -25.02 44.03 11.11
N PHE F 377 -25.86 43.40 10.28
CA PHE F 377 -26.03 41.95 10.38
C PHE F 377 -24.76 41.22 9.96
N LEU F 378 -24.06 41.74 8.96
CA LEU F 378 -22.80 41.12 8.55
C LEU F 378 -21.77 41.18 9.66
N ASN F 379 -21.67 42.32 10.34
CA ASN F 379 -20.71 42.43 11.44
C ASN F 379 -21.13 41.58 12.62
N ILE F 380 -22.42 41.57 12.97
CA ILE F 380 -22.90 40.80 14.11
C ILE F 380 -23.08 39.33 13.78
N PHE F 381 -22.95 38.95 12.51
CA PHE F 381 -23.04 37.55 12.11
C PHE F 381 -22.03 36.72 12.91
N SER F 382 -22.51 35.64 13.51
CA SER F 382 -21.68 34.86 14.41
C SER F 382 -21.93 33.38 14.17
N ASP F 383 -21.39 32.54 15.05
CA ASP F 383 -21.52 31.10 14.89
C ASP F 383 -22.96 30.66 15.02
N ASN F 384 -23.73 31.30 15.89
CA ASN F 384 -25.11 30.91 16.10
C ASN F 384 -25.94 31.10 14.84
N GLU F 385 -25.75 32.22 14.14
CA GLU F 385 -26.50 32.47 12.91
C GLU F 385 -26.05 31.54 11.79
N ALA F 386 -24.74 31.37 11.62
CA ALA F 386 -24.23 30.50 10.57
C ALA F 386 -24.59 29.04 10.79
N ARG F 387 -24.89 28.67 12.03
CA ARG F 387 -25.31 27.28 12.34
C ARG F 387 -26.65 27.01 11.65
N LEU F 388 -27.46 28.04 11.41
CA LEU F 388 -28.77 27.84 10.83
C LEU F 388 -28.70 27.21 9.44
N PHE F 389 -27.62 27.44 8.71
CA PHE F 389 -27.50 26.88 7.37
C PHE F 389 -27.52 25.35 7.39
N PHE F 390 -27.04 24.75 8.46
CA PHE F 390 -26.98 23.30 8.57
C PHE F 390 -28.23 22.71 9.21
N SER F 391 -29.23 23.53 9.51
CA SER F 391 -30.42 23.05 10.19
C SER F 391 -31.28 22.22 9.23
N GLU F 392 -32.15 21.42 9.83
CA GLU F 392 -33.18 20.70 9.08
C GLU F 392 -34.56 21.32 9.23
N TYR F 393 -34.85 21.93 10.37
CA TYR F 393 -36.10 22.67 10.58
C TYR F 393 -35.81 23.77 11.59
N ILE F 394 -36.02 25.01 11.17
CA ILE F 394 -35.74 26.18 12.01
C ILE F 394 -37.05 26.66 12.59
N VAL F 395 -37.12 26.71 13.92
CA VAL F 395 -38.30 27.23 14.61
C VAL F 395 -37.97 28.59 15.19
N PHE F 396 -38.23 29.64 14.44
CA PHE F 396 -37.96 30.99 14.91
C PHE F 396 -38.94 31.36 16.02
N VAL F 397 -38.42 31.94 17.10
CA VAL F 397 -39.22 32.37 18.23
C VAL F 397 -38.90 33.83 18.51
N GLU F 398 -39.52 34.36 19.57
CA GLU F 398 -39.42 35.78 19.89
C GLU F 398 -38.63 36.08 21.15
N GLY F 399 -38.87 35.34 22.24
CA GLY F 399 -38.23 35.62 23.50
C GLY F 399 -37.41 34.43 23.98
N ALA F 400 -36.72 34.65 25.10
CA ALA F 400 -35.87 33.61 25.66
C ALA F 400 -36.65 32.52 26.37
N THR F 401 -37.90 32.78 26.76
CA THR F 401 -38.68 31.76 27.43
C THR F 401 -39.00 30.60 26.50
N GLU F 402 -39.30 30.90 25.23
CA GLU F 402 -39.52 29.84 24.25
C GLU F 402 -38.25 29.03 24.03
N LEU F 403 -37.09 29.69 24.03
CA LEU F 403 -35.83 28.96 23.96
C LEU F 403 -35.67 28.03 25.15
N GLU F 404 -36.02 28.51 26.35
CA GLU F 404 -35.95 27.67 27.54
C GLU F 404 -36.86 26.46 27.41
N LEU F 405 -38.06 26.66 26.88
CA LEU F 405 -39.03 25.57 26.77
C LEU F 405 -38.60 24.55 25.74
N PHE F 406 -38.40 24.99 24.49
CA PHE F 406 -38.18 24.06 23.39
C PHE F 406 -36.84 23.34 23.45
N ARG F 407 -35.93 23.78 24.32
CA ARG F 407 -34.64 23.11 24.48
C ARG F 407 -34.62 22.20 25.70
N ASN F 408 -35.77 21.96 26.33
CA ASN F 408 -35.82 21.15 27.54
C ASN F 408 -35.40 19.72 27.24
N LEU F 409 -34.45 19.21 28.04
CA LEU F 409 -33.90 17.88 27.77
C LEU F 409 -34.95 16.79 27.99
N SER F 410 -35.71 16.88 29.09
CA SER F 410 -36.73 15.88 29.34
C SER F 410 -37.83 15.92 28.28
N LEU F 411 -38.22 17.13 27.86
CA LEU F 411 -39.24 17.25 26.83
C LEU F 411 -38.75 16.70 25.50
N LEU F 412 -37.48 16.96 25.16
CA LEU F 412 -36.93 16.40 23.93
C LEU F 412 -36.70 14.91 24.02
N ASN F 413 -36.62 14.35 25.23
CA ASN F 413 -36.46 12.90 25.36
C ASN F 413 -37.65 12.15 24.78
N LEU F 414 -38.86 12.65 25.02
CA LEU F 414 -40.06 11.98 24.54
C LEU F 414 -40.41 12.35 23.10
N TYR F 415 -39.74 13.31 22.51
CA TYR F 415 -39.95 13.72 21.12
C TYR F 415 -38.61 13.78 20.41
N PRO F 416 -38.01 12.63 20.11
CA PRO F 416 -36.67 12.65 19.51
C PRO F 416 -36.61 13.36 18.17
N ALA F 417 -37.68 13.30 17.38
CA ALA F 417 -37.66 13.95 16.07
C ALA F 417 -37.44 15.46 16.20
N PHE F 418 -38.13 16.08 17.15
CA PHE F 418 -37.94 17.52 17.37
C PHE F 418 -36.53 17.86 17.84
N SER F 419 -35.75 16.86 18.28
CA SER F 419 -34.36 17.11 18.60
C SER F 419 -33.56 17.54 17.38
N LEU F 420 -34.03 17.21 16.17
CA LEU F 420 -33.32 17.59 14.95
C LEU F 420 -33.60 19.02 14.52
N ALA F 421 -34.52 19.71 15.19
CA ALA F 421 -34.88 21.07 14.82
C ALA F 421 -34.19 22.05 15.76
N ASP F 422 -33.51 23.04 15.15
CA ASP F 422 -32.77 24.06 15.93
C ASP F 422 -33.69 25.26 16.18
N ILE F 423 -33.80 25.70 17.43
CA ILE F 423 -34.63 26.84 17.79
C ILE F 423 -33.74 28.07 17.88
N TYR F 424 -34.17 29.16 17.26
CA TYR F 424 -33.37 30.38 17.16
C TYR F 424 -34.28 31.58 17.32
N ASP F 425 -34.11 32.34 18.41
CA ASP F 425 -34.94 33.52 18.63
C ASP F 425 -34.56 34.61 17.65
N ALA F 426 -35.57 35.15 16.96
CA ALA F 426 -35.33 36.09 15.87
C ALA F 426 -36.13 37.36 16.10
N ASN F 427 -35.42 38.49 16.10
CA ASN F 427 -36.07 39.79 16.08
C ASN F 427 -36.70 40.04 14.71
N GLU F 428 -37.58 41.03 14.63
CA GLU F 428 -38.27 41.30 13.37
C GLU F 428 -37.30 41.71 12.28
N VAL F 429 -36.32 42.55 12.61
CA VAL F 429 -35.34 42.98 11.60
C VAL F 429 -34.41 41.83 11.23
N ILE F 430 -34.01 41.03 12.22
CA ILE F 430 -33.19 39.86 11.94
C ILE F 430 -33.95 38.87 11.06
N LEU F 431 -35.22 38.65 11.38
CA LEU F 431 -36.03 37.76 10.55
C LEU F 431 -36.23 38.31 9.15
N ALA F 432 -36.25 39.65 9.03
CA ALA F 432 -36.44 40.24 7.71
C ALA F 432 -35.19 40.10 6.85
N ASN F 433 -34.01 40.32 7.43
CA ASN F 433 -32.80 40.26 6.63
C ASN F 433 -32.20 38.86 6.50
N ILE F 434 -32.66 37.89 7.32
CA ILE F 434 -32.26 36.51 7.09
C ILE F 434 -32.92 35.98 5.82
N ASN F 435 -34.17 36.36 5.60
CA ASN F 435 -35.00 35.92 4.48
C ASN F 435 -35.17 34.40 4.49
N PRO F 436 -35.79 33.84 5.53
CA PRO F 436 -35.98 32.39 5.57
C PRO F 436 -37.00 31.89 4.56
N GLY F 437 -37.87 32.77 4.05
CA GLY F 437 -38.83 32.37 3.05
C GLY F 437 -38.22 32.14 1.68
N TYR F 438 -37.03 32.68 1.43
CA TYR F 438 -36.35 32.44 0.16
C TYR F 438 -35.98 30.97 0.01
N SER F 439 -35.55 30.33 1.09
CA SER F 439 -35.18 28.92 1.03
C SER F 439 -36.40 28.02 1.08
N LYS F 440 -37.12 28.04 2.20
CA LYS F 440 -38.37 27.30 2.37
C LYS F 440 -38.26 25.85 1.92
N ALA F 441 -38.14 25.63 0.62
CA ALA F 441 -38.02 24.28 0.09
C ALA F 441 -36.72 23.62 0.55
N SER F 442 -35.64 24.39 0.61
CA SER F 442 -34.37 23.86 1.06
C SER F 442 -34.39 23.57 2.55
N ILE F 443 -34.62 24.61 3.36
CA ILE F 443 -34.67 24.49 4.81
C ILE F 443 -36.05 24.92 5.27
N PRO F 444 -36.95 23.97 5.54
CA PRO F 444 -38.28 24.33 6.03
C PRO F 444 -38.19 25.01 7.39
N PHE F 445 -39.12 25.92 7.65
CA PHE F 445 -39.07 26.72 8.86
C PHE F 445 -40.47 27.10 9.29
N VAL F 446 -40.56 27.69 10.47
CA VAL F 446 -41.81 28.23 11.00
C VAL F 446 -41.47 29.38 11.94
N ILE F 447 -42.28 30.43 11.91
CA ILE F 447 -42.08 31.62 12.72
C ILE F 447 -43.18 31.65 13.77
N ILE F 448 -42.79 31.58 15.05
CA ILE F 448 -43.75 31.44 16.14
C ILE F 448 -43.87 32.78 16.84
N LYS F 449 -45.08 33.34 16.84
CA LYS F 449 -45.31 34.63 17.46
C LYS F 449 -46.59 34.59 18.28
N ASP F 450 -46.80 35.64 19.07
CA ASP F 450 -48.02 35.78 19.84
C ASP F 450 -49.03 36.61 19.04
N ILE F 451 -50.31 36.35 19.30
CA ILE F 451 -51.36 37.08 18.61
C ILE F 451 -51.38 38.55 18.96
N ASP F 452 -50.68 38.95 20.01
CA ASP F 452 -50.58 40.37 20.35
C ASP F 452 -49.90 41.16 19.24
N THR F 453 -48.99 40.54 18.50
CA THR F 453 -48.31 41.22 17.41
C THR F 453 -49.26 41.55 16.26
N LEU F 454 -50.46 40.98 16.26
CA LEU F 454 -51.45 41.24 15.23
C LEU F 454 -52.51 42.24 15.66
N ILE F 455 -53.19 41.98 16.77
CA ILE F 455 -54.32 42.77 17.22
C ILE F 455 -54.06 43.27 18.63
N ASP F 456 -54.33 44.55 18.86
CA ASP F 456 -54.17 45.15 20.18
C ASP F 456 -55.52 45.64 20.68
N TYR F 457 -56.18 44.82 21.49
CA TYR F 457 -57.48 45.16 22.06
C TYR F 457 -57.30 46.31 23.05
N SER F 458 -58.27 47.23 23.06
CA SER F 458 -58.28 48.33 24.00
C SER F 458 -59.47 48.15 24.94
N ILE F 459 -59.19 48.12 26.25
CA ILE F 459 -60.25 47.93 27.23
C ILE F 459 -61.13 49.17 27.30
N LYS F 460 -60.53 50.36 27.26
CA LYS F 460 -61.30 51.60 27.35
C LYS F 460 -62.27 51.75 26.19
N THR F 461 -61.81 51.46 24.97
CA THR F 461 -62.63 51.65 23.78
C THR F 461 -63.40 50.41 23.36
N GLU F 462 -63.08 49.25 23.93
CA GLU F 462 -63.72 47.98 23.56
C GLU F 462 -63.58 47.70 22.07
N LYS F 463 -62.40 47.99 21.52
CA LYS F 463 -62.13 47.84 20.10
C LYS F 463 -60.84 47.10 19.86
N PHE F 464 -60.84 46.24 18.84
CA PHE F 464 -59.61 45.69 18.30
C PHE F 464 -58.99 46.69 17.33
N SER F 465 -57.67 46.73 17.32
CA SER F 465 -56.94 47.51 16.32
C SER F 465 -55.87 46.63 15.69
N LEU F 466 -55.66 46.82 14.40
CA LEU F 466 -54.78 45.97 13.60
C LEU F 466 -53.38 46.56 13.59
N ARG F 467 -52.41 45.77 14.03
CA ARG F 467 -51.01 46.18 13.95
C ARG F 467 -50.56 46.17 12.49
N PRO F 468 -49.50 46.92 12.16
CA PRO F 468 -49.06 46.95 10.76
C PRO F 468 -48.59 45.60 10.24
N LEU F 469 -48.19 44.69 11.12
CA LEU F 469 -47.82 43.35 10.67
C LEU F 469 -49.02 42.63 10.08
N PHE F 470 -50.22 42.81 10.66
CA PHE F 470 -51.42 42.25 10.07
C PHE F 470 -51.71 42.83 8.69
N GLU F 471 -51.56 44.14 8.52
CA GLU F 471 -51.80 44.73 7.21
C GLU F 471 -50.81 44.19 6.18
N LYS F 472 -49.54 44.07 6.56
CA LYS F 472 -48.52 43.55 5.66
C LYS F 472 -48.78 42.08 5.31
N MET F 473 -49.19 41.28 6.28
CA MET F 473 -49.54 39.88 6.03
C MET F 473 -50.74 39.77 5.11
N ILE F 474 -51.77 40.58 5.34
CA ILE F 474 -52.93 40.57 4.45
C ILE F 474 -52.52 40.98 3.04
N LYS F 475 -51.60 41.95 2.94
CA LYS F 475 -51.15 42.41 1.63
C LYS F 475 -50.47 41.30 0.85
N GLU F 476 -49.62 40.50 1.51
CA GLU F 476 -49.12 39.32 0.80
C GLU F 476 -50.21 38.29 0.56
N LEU F 477 -51.26 38.28 1.38
CA LEU F 477 -52.25 37.21 1.28
C LEU F 477 -53.40 37.54 0.32
N THR F 478 -53.56 38.79 -0.09
CA THR F 478 -54.51 39.13 -1.13
C THR F 478 -53.90 38.86 -2.50
N LYS F 479 -53.66 37.58 -2.75
CA LYS F 479 -52.98 37.15 -3.97
C LYS F 479 -53.77 37.53 -5.21
N GLU F 480 -55.06 37.75 -5.08
CA GLU F 480 -56.00 37.82 -6.19
C GLU F 480 -55.79 39.02 -7.09
N PHE F 481 -54.69 39.78 -6.90
CA PHE F 481 -54.48 40.99 -7.67
C PHE F 481 -54.43 40.72 -9.16
N ASP F 482 -53.71 39.68 -9.58
CA ASP F 482 -53.55 39.38 -11.00
C ASP F 482 -53.69 37.88 -11.26
N TYR F 483 -54.70 37.30 -10.62
CA TYR F 483 -54.80 35.83 -10.70
C TYR F 483 -56.12 35.36 -11.31
N TYR F 484 -56.30 34.05 -11.35
CA TYR F 484 -57.49 33.39 -11.85
C TYR F 484 -58.16 32.60 -10.74
N ASP F 485 -59.42 32.25 -10.96
CA ASP F 485 -60.20 31.60 -9.91
C ASP F 485 -59.64 30.23 -9.57
N THR F 486 -59.72 29.88 -8.28
CA THR F 486 -59.24 28.62 -7.74
C THR F 486 -60.06 28.37 -6.48
N GLY F 487 -59.76 27.31 -5.73
CA GLY F 487 -60.47 27.05 -4.49
C GLY F 487 -60.02 27.96 -3.36
N PHE F 488 -59.77 29.22 -3.70
CA PHE F 488 -59.34 30.25 -2.76
C PHE F 488 -60.47 31.14 -2.27
N GLY F 489 -61.72 30.83 -2.63
CA GLY F 489 -62.83 31.65 -2.18
C GLY F 489 -62.92 31.73 -0.67
N ARG F 490 -62.63 30.61 0.00
CA ARG F 490 -62.58 30.60 1.45
C ARG F 490 -61.52 31.56 1.96
N VAL F 491 -60.37 31.61 1.30
CA VAL F 491 -59.31 32.53 1.70
C VAL F 491 -59.78 33.98 1.56
N ARG F 492 -60.45 34.29 0.44
CA ARG F 492 -60.95 35.65 0.27
C ARG F 492 -61.96 36.01 1.35
N LYS F 493 -62.84 35.07 1.70
CA LYS F 493 -63.79 35.32 2.78
C LYS F 493 -63.07 35.58 4.09
N GLU F 494 -62.06 34.77 4.39
CA GLU F 494 -61.34 34.94 5.66
C GLU F 494 -60.63 36.29 5.70
N ILE F 495 -60.03 36.72 4.60
CA ILE F 495 -59.42 38.04 4.56
C ILE F 495 -60.48 39.14 4.70
N ASP F 496 -61.67 38.92 4.13
CA ASP F 496 -62.73 39.90 4.28
C ASP F 496 -63.12 40.07 5.74
N LEU F 497 -63.29 38.97 6.48
CA LEU F 497 -63.60 39.11 7.89
C LEU F 497 -62.41 39.64 8.70
N PHE F 498 -61.18 39.32 8.29
CA PHE F 498 -60.02 39.86 8.98
C PHE F 498 -59.94 41.38 8.82
N SER F 499 -60.39 41.91 7.68
CA SER F 499 -60.49 43.36 7.54
C SER F 499 -61.69 43.91 8.31
N ASP F 500 -62.79 43.14 8.34
CA ASP F 500 -63.99 43.58 9.05
C ASP F 500 -63.79 43.66 10.56
N ILE F 501 -62.86 42.87 11.12
CA ILE F 501 -62.73 42.79 12.57
C ILE F 501 -62.42 44.16 13.18
N GLN F 502 -61.87 45.08 12.38
CA GLN F 502 -61.49 46.38 12.91
C GLN F 502 -62.70 47.17 13.40
N SER F 503 -63.80 47.16 12.64
CA SER F 503 -64.95 47.98 12.98
C SER F 503 -65.79 47.38 14.11
N SER F 504 -65.67 46.09 14.36
CA SER F 504 -66.47 45.44 15.39
C SER F 504 -66.00 45.84 16.79
N THR F 505 -66.91 45.74 17.75
CA THR F 505 -66.61 45.98 19.15
C THR F 505 -67.05 44.80 20.00
N LYS F 506 -66.29 44.53 21.06
CA LYS F 506 -66.57 43.41 21.96
C LYS F 506 -66.53 43.92 23.40
N LYS F 507 -67.56 43.58 24.16
CA LYS F 507 -67.60 43.96 25.57
C LYS F 507 -66.72 43.03 26.40
N HIS F 508 -66.31 43.52 27.57
CA HIS F 508 -65.48 42.78 28.49
C HIS F 508 -66.12 42.76 29.87
N MET F 509 -65.74 41.77 30.66
CA MET F 509 -66.28 41.59 32.00
C MET F 509 -65.15 41.58 33.01
N ASP F 510 -65.53 41.71 34.29
CA ASP F 510 -64.57 41.75 35.40
C ASP F 510 -63.52 42.84 35.19
N SER F 511 -63.99 44.02 34.77
CA SER F 511 -63.16 45.20 34.55
C SER F 511 -62.12 44.97 33.45
N GLY F 512 -62.39 44.07 32.51
CA GLY F 512 -61.51 43.85 31.39
C GLY F 512 -60.56 42.68 31.55
N LEU F 513 -61.07 41.57 32.07
CA LEU F 513 -60.27 40.36 32.23
C LEU F 513 -60.79 39.16 31.46
N PHE F 514 -62.00 39.22 30.91
CA PHE F 514 -62.55 38.12 30.14
C PHE F 514 -63.40 38.69 29.00
N PHE F 515 -63.72 37.82 28.04
CA PHE F 515 -64.58 38.17 26.93
C PHE F 515 -65.98 37.60 27.15
N LYS F 516 -66.99 38.42 26.90
CA LYS F 516 -68.38 37.99 27.12
C LYS F 516 -68.72 36.81 26.23
N ARG F 517 -68.51 36.97 24.92
CA ARG F 517 -68.83 35.92 23.95
C ARG F 517 -67.75 35.71 22.90
N PHE F 518 -66.79 36.63 22.77
CA PHE F 518 -65.75 36.48 21.77
C PHE F 518 -64.79 35.36 22.15
N SER F 519 -64.46 34.51 21.20
CA SER F 519 -63.61 33.35 21.42
C SER F 519 -62.26 33.63 20.76
N LEU F 520 -61.29 34.09 21.56
CA LEU F 520 -59.94 34.28 21.05
C LEU F 520 -59.35 32.97 20.53
N HIS F 521 -59.77 31.84 21.08
CA HIS F 521 -59.33 30.56 20.55
C HIS F 521 -59.78 30.36 19.11
N ASN F 522 -61.03 30.71 18.82
CA ASN F 522 -61.53 30.58 17.45
C ASN F 522 -60.79 31.50 16.50
N LEU F 523 -60.54 32.75 16.92
CA LEU F 523 -59.80 33.67 16.08
C LEU F 523 -58.38 33.18 15.84
N SER F 524 -57.74 32.66 16.88
CA SER F 524 -56.39 32.12 16.72
C SER F 524 -56.38 30.94 15.75
N SER F 525 -57.37 30.05 15.87
CA SER F 525 -57.43 28.91 14.97
C SER F 525 -57.63 29.35 13.53
N ARG F 526 -58.52 30.33 13.30
CA ARG F 526 -58.73 30.83 11.95
C ARG F 526 -57.47 31.49 11.40
N ILE F 527 -56.80 32.29 12.23
CA ILE F 527 -55.58 32.96 11.80
C ILE F 527 -54.51 31.95 11.43
N ASN F 528 -54.33 30.93 12.27
CA ASN F 528 -53.30 29.92 12.00
C ASN F 528 -53.64 29.12 10.76
N LYS F 529 -54.91 28.75 10.58
CA LYS F 529 -55.30 28.02 9.38
C LYS F 529 -55.03 28.84 8.12
N VAL F 530 -55.32 30.14 8.19
CA VAL F 530 -55.10 30.99 7.02
C VAL F 530 -53.61 31.20 6.77
N SER F 531 -52.83 31.41 7.82
CA SER F 531 -51.43 31.81 7.69
C SER F 531 -50.45 30.64 7.68
N ARG F 532 -50.95 29.40 7.73
CA ARG F 532 -50.05 28.26 7.56
C ARG F 532 -49.30 28.34 6.23
N LYS F 533 -49.92 28.93 5.21
CA LYS F 533 -49.25 29.09 3.93
C LYS F 533 -48.02 29.99 4.02
N LEU F 534 -47.96 30.86 5.03
CA LEU F 534 -46.82 31.73 5.22
C LEU F 534 -45.85 31.21 6.27
N ASN F 535 -46.05 29.98 6.74
CA ASN F 535 -45.18 29.34 7.73
C ASN F 535 -45.14 30.10 9.04
N ARG F 536 -46.19 30.83 9.38
CA ARG F 536 -46.25 31.57 10.63
C ARG F 536 -47.33 30.96 11.52
N TYR F 537 -46.97 30.72 12.78
CA TYR F 537 -47.91 30.18 13.78
C TYR F 537 -48.05 31.20 14.90
N PHE F 538 -49.29 31.55 15.20
CA PHE F 538 -49.59 32.53 16.25
C PHE F 538 -50.28 31.82 17.40
N MET F 539 -49.76 32.02 18.60
CA MET F 539 -50.34 31.47 19.81
C MET F 539 -51.36 32.45 20.39
N THR F 540 -52.39 31.89 21.03
CA THR F 540 -53.47 32.71 21.55
C THR F 540 -52.96 33.67 22.63
N THR F 541 -52.08 33.19 23.50
CA THR F 541 -51.53 33.98 24.59
C THR F 541 -50.02 33.85 24.57
N THR F 542 -49.37 34.39 25.59
CA THR F 542 -47.93 34.24 25.71
C THR F 542 -47.58 32.80 26.04
N ILE F 543 -46.27 32.52 26.06
CA ILE F 543 -45.81 31.16 26.33
C ILE F 543 -46.11 30.76 27.77
N GLU F 544 -46.04 31.71 28.70
CA GLU F 544 -46.43 31.42 30.07
C GLU F 544 -47.90 31.04 30.15
N GLY F 545 -48.74 31.73 29.39
CA GLY F 545 -50.14 31.32 29.31
C GLY F 545 -50.32 29.97 28.68
N ALA F 546 -49.48 29.62 27.70
CA ALA F 546 -49.57 28.30 27.08
C ALA F 546 -49.21 27.21 28.08
N LEU F 547 -48.19 27.44 28.91
CA LEU F 547 -47.83 26.46 29.93
C LEU F 547 -48.91 26.36 30.99
N ILE F 548 -49.42 27.50 31.45
CA ILE F 548 -50.35 27.55 32.58
C ILE F 548 -51.75 27.78 31.99
N ASN F 549 -52.46 26.69 31.75
CA ASN F 549 -53.85 26.73 31.32
C ASN F 549 -54.72 26.14 32.42
N GLU F 550 -56.04 26.16 32.19
CA GLU F 550 -56.97 25.62 33.18
C GLU F 550 -56.74 24.13 33.40
N GLN F 551 -56.28 23.42 32.37
CA GLN F 551 -56.03 22.00 32.51
C GLN F 551 -54.73 21.70 33.25
N SER F 552 -53.75 22.60 33.16
CA SER F 552 -52.47 22.40 33.81
C SER F 552 -52.46 22.85 35.26
N LEU F 553 -53.58 23.38 35.77
CA LEU F 553 -53.63 23.79 37.16
C LEU F 553 -53.32 22.69 38.16
N PRO F 554 -53.82 21.45 38.04
CA PRO F 554 -53.50 20.45 39.08
C PRO F 554 -52.02 20.16 39.20
N TYR F 555 -51.37 19.75 38.11
CA TYR F 555 -49.94 19.43 38.18
C TYR F 555 -49.14 20.60 38.70
N PHE F 556 -49.38 21.80 38.16
CA PHE F 556 -48.70 22.98 38.67
C PHE F 556 -48.89 23.11 40.18
N PHE F 557 -50.13 22.95 40.65
CA PHE F 557 -50.37 23.02 42.08
C PHE F 557 -49.58 21.95 42.81
N ASN F 558 -49.52 20.74 42.26
CA ASN F 558 -48.69 19.69 42.84
C ASN F 558 -47.25 20.16 42.95
N TRP F 559 -46.75 20.82 41.90
CA TRP F 559 -45.40 21.37 41.95
C TRP F 559 -45.26 22.33 43.13
N ILE F 560 -46.25 23.21 43.31
CA ILE F 560 -46.23 24.09 44.48
C ILE F 560 -46.12 23.26 45.74
N GLY F 561 -46.95 22.21 45.85
CA GLY F 561 -46.85 21.33 46.99
C GLY F 561 -45.44 20.78 47.15
N ASP F 562 -44.86 20.30 46.04
CA ASP F 562 -43.49 19.83 46.11
C ASP F 562 -42.52 20.97 46.42
N VAL F 563 -42.75 22.15 45.84
CA VAL F 563 -41.86 23.26 46.14
C VAL F 563 -42.11 23.73 47.57
N ILE F 564 -43.20 23.25 48.18
CA ILE F 564 -43.46 23.54 49.58
C ILE F 564 -42.74 22.53 50.47
N LEU F 565 -42.50 21.32 49.96
CA LEU F 565 -42.04 20.24 50.82
C LEU F 565 -40.52 20.13 50.88
N THR F 566 -39.83 20.36 49.76
CA THR F 566 -38.44 19.92 49.65
C THR F 566 -37.40 21.04 49.69
N GLN F 567 -37.53 22.06 48.84
CA GLN F 567 -36.41 22.94 48.51
C GLN F 567 -36.25 24.14 49.44
N MET F 568 -37.02 24.26 50.51
CA MET F 568 -36.66 25.23 51.54
C MET F 568 -36.11 24.52 52.78
N THR F 569 -35.38 25.29 53.58
CA THR F 569 -34.77 24.82 54.80
C THR F 569 -35.11 25.81 55.90
N ILE F 570 -34.49 25.62 57.07
CA ILE F 570 -34.73 26.47 58.23
C ILE F 570 -33.68 27.57 58.27
N ASN F 571 -34.13 28.82 58.42
CA ASN F 571 -33.26 29.98 58.33
C ASN F 571 -32.60 30.28 59.69
N ASN F 572 -31.83 29.29 60.17
CA ASN F 572 -31.12 29.45 61.43
C ASN F 572 -30.10 28.33 61.60
N PRO F 573 -28.91 28.62 62.16
CA PRO F 573 -27.94 27.56 62.43
C PRO F 573 -28.34 26.63 63.56
N ASN F 574 -29.44 26.91 64.27
CA ASN F 574 -29.88 26.11 65.40
C ASN F 574 -31.34 25.74 65.20
N PRO F 575 -31.62 24.74 64.35
CA PRO F 575 -33.03 24.43 64.03
C PRO F 575 -33.90 24.11 65.24
N ASP F 576 -33.37 23.40 66.23
CA ASP F 576 -34.18 22.99 67.37
C ASP F 576 -34.70 24.19 68.16
N LYS F 577 -33.79 24.97 68.73
CA LYS F 577 -34.20 26.07 69.59
C LYS F 577 -34.95 27.15 68.79
N PHE F 578 -34.50 27.41 67.56
CA PHE F 578 -35.17 28.40 66.72
C PHE F 578 -36.61 27.98 66.40
N ILE F 579 -36.80 26.71 66.04
CA ILE F 579 -38.14 26.23 65.73
C ILE F 579 -39.01 26.26 66.98
N GLU F 580 -38.42 25.97 68.15
CA GLU F 580 -39.19 26.07 69.38
C GLU F 580 -39.59 27.51 69.67
N ALA F 581 -38.67 28.46 69.47
CA ALA F 581 -38.95 29.86 69.74
C ALA F 581 -40.04 30.39 68.83
N MET F 582 -39.99 30.03 67.54
CA MET F 582 -41.00 30.49 66.61
C MET F 582 -42.35 29.80 66.84
N ARG F 583 -42.34 28.52 67.26
CA ARG F 583 -43.59 27.89 67.66
C ARG F 583 -44.19 28.56 68.89
N ARG F 584 -43.34 29.00 69.82
CA ARG F 584 -43.84 29.66 71.02
C ARG F 584 -44.41 31.04 70.70
N ARG F 585 -43.66 31.85 69.94
CA ARG F 585 -44.06 33.23 69.69
C ARG F 585 -45.22 33.31 68.70
N TYR F 586 -45.19 32.49 67.65
CA TYR F 586 -46.21 32.49 66.61
C TYR F 586 -47.05 31.22 66.73
N ASN F 587 -48.37 31.40 66.76
CA ASN F 587 -49.27 30.28 66.91
C ASN F 587 -49.30 29.44 65.64
N ILE F 588 -49.74 28.18 65.80
CA ILE F 588 -49.87 27.29 64.64
C ILE F 588 -51.00 27.76 63.73
N LYS F 589 -52.15 28.11 64.32
CA LYS F 589 -53.34 28.40 63.53
C LYS F 589 -53.40 29.88 63.15
N SER F 590 -53.39 30.77 64.15
CA SER F 590 -53.67 32.18 63.89
C SER F 590 -52.55 32.86 63.11
N GLN F 591 -51.30 32.47 63.34
CA GLN F 591 -50.14 33.16 62.77
C GLN F 591 -49.27 32.20 61.99
N VAL F 592 -49.90 31.40 61.12
CA VAL F 592 -49.16 30.41 60.34
C VAL F 592 -48.28 31.11 59.31
N VAL F 593 -48.77 32.18 58.70
CA VAL F 593 -47.99 32.87 57.66
C VAL F 593 -46.70 33.46 58.21
N PRO F 594 -46.70 34.26 59.28
CA PRO F 594 -45.42 34.75 59.81
C PRO F 594 -44.54 33.63 60.36
N LEU F 595 -45.14 32.58 60.90
CA LEU F 595 -44.35 31.45 61.38
C LEU F 595 -43.59 30.79 60.25
N PHE F 596 -44.25 30.58 59.11
CA PHE F 596 -43.57 29.99 57.96
C PHE F 596 -42.56 30.96 57.36
N LYS F 597 -42.86 32.26 57.43
CA LYS F 597 -41.89 33.25 56.96
C LYS F 597 -40.61 33.19 57.79
N SER F 598 -40.75 33.05 59.11
CA SER F 598 -39.58 33.06 59.98
C SER F 598 -38.84 31.73 59.92
N VAL F 599 -39.56 30.61 59.85
CA VAL F 599 -38.92 29.31 59.97
C VAL F 599 -38.29 28.88 58.65
N PHE F 600 -39.08 28.83 57.59
CA PHE F 600 -38.62 28.26 56.33
C PHE F 600 -38.24 29.35 55.33
N CYS F 601 -37.15 29.10 54.61
CA CYS F 601 -36.70 29.96 53.54
C CYS F 601 -36.02 29.11 52.47
N ILE F 602 -36.08 29.58 51.22
CA ILE F 602 -35.56 28.80 50.11
C ILE F 602 -34.04 28.67 50.23
N GLY F 603 -33.55 27.44 50.09
CA GLY F 603 -32.12 27.18 50.13
C GLY F 603 -31.73 25.95 49.35
N LEU F 604 -30.72 26.08 48.48
CA LEU F 604 -30.27 24.94 47.68
C LEU F 604 -29.68 23.84 48.56
N ASN F 605 -28.90 24.22 49.58
CA ASN F 605 -28.29 23.27 50.49
C ASN F 605 -29.28 22.89 51.58
N HIS F 606 -29.37 21.58 51.86
CA HIS F 606 -30.31 21.03 52.83
C HIS F 606 -29.56 20.36 53.96
N PRO F 607 -29.30 21.06 55.06
CA PRO F 607 -28.70 20.40 56.23
C PRO F 607 -29.65 19.39 56.84
N VAL F 608 -29.07 18.34 57.42
CA VAL F 608 -29.85 17.25 58.01
C VAL F 608 -30.19 17.60 59.45
N TYR F 609 -31.47 17.51 59.78
CA TYR F 609 -31.98 17.88 61.10
C TYR F 609 -32.35 16.62 61.89
N SER F 610 -32.68 16.84 63.17
CA SER F 610 -33.12 15.78 64.04
C SER F 610 -34.53 15.31 63.64
N SER F 611 -34.86 14.08 64.04
CA SER F 611 -36.13 13.49 63.62
C SER F 611 -37.32 14.30 64.14
N ALA F 612 -37.24 14.79 65.37
CA ALA F 612 -38.30 15.63 65.91
C ALA F 612 -38.43 16.93 65.11
N VAL F 613 -37.30 17.50 64.69
CA VAL F 613 -37.35 18.69 63.86
C VAL F 613 -38.03 18.40 62.53
N ASP F 614 -37.71 17.25 61.93
CA ASP F 614 -38.38 16.87 60.69
C ASP F 614 -39.88 16.70 60.90
N LYS F 615 -40.28 16.09 62.01
CA LYS F 615 -41.70 15.92 62.28
C LYS F 615 -42.41 17.26 62.44
N GLN F 616 -41.81 18.18 63.20
CA GLN F 616 -42.39 19.50 63.37
C GLN F 616 -42.49 20.25 62.05
N ALA F 617 -41.42 20.19 61.25
CA ALA F 617 -41.43 20.87 59.95
C ALA F 617 -42.48 20.27 59.04
N LEU F 618 -42.63 18.95 59.04
CA LEU F 618 -43.64 18.31 58.21
C LEU F 618 -45.04 18.72 58.62
N ARG F 619 -45.30 18.77 59.92
CA ARG F 619 -46.62 19.20 60.38
C ARG F 619 -46.91 20.64 59.99
N ILE F 620 -45.92 21.52 60.17
CA ILE F 620 -46.10 22.93 59.80
C ILE F 620 -46.33 23.06 58.31
N LYS F 621 -45.57 22.31 57.50
CA LYS F 621 -45.70 22.38 56.05
C LYS F 621 -47.06 21.86 55.59
N LEU F 622 -47.55 20.78 56.19
CA LEU F 622 -48.86 20.28 55.84
C LEU F 622 -49.96 21.27 56.22
N SER F 623 -49.83 21.90 57.40
CA SER F 623 -50.79 22.92 57.79
C SER F 623 -50.79 24.09 56.81
N PHE F 624 -49.60 24.52 56.39
CA PHE F 624 -49.50 25.62 55.44
C PHE F 624 -50.09 25.22 54.08
N LEU F 625 -49.87 23.97 53.67
CA LEU F 625 -50.46 23.48 52.42
C LEU F 625 -51.97 23.54 52.48
N ASN F 626 -52.56 23.07 53.59
CA ASN F 626 -54.01 23.12 53.73
C ASN F 626 -54.51 24.55 53.75
N TYR F 627 -53.81 25.44 54.46
CA TYR F 627 -54.22 26.83 54.54
C TYR F 627 -54.19 27.50 53.17
N LEU F 628 -53.12 27.25 52.40
CA LEU F 628 -53.04 27.81 51.06
C LEU F 628 -54.11 27.26 50.14
N LYS F 629 -54.39 25.95 50.22
CA LYS F 629 -55.48 25.38 49.45
C LYS F 629 -56.79 26.09 49.74
N ARG F 630 -57.13 26.23 51.03
CA ARG F 630 -58.37 26.89 51.40
C ARG F 630 -58.40 28.34 50.95
N LYS F 631 -57.30 29.07 51.18
CA LYS F 631 -57.27 30.49 50.84
C LYS F 631 -57.39 30.69 49.34
N VAL F 632 -56.70 29.89 48.54
CA VAL F 632 -56.75 30.03 47.10
C VAL F 632 -58.15 29.71 46.58
N TYR F 633 -58.75 28.62 47.06
CA TYR F 633 -60.08 28.29 46.58
C TYR F 633 -61.15 29.21 47.15
N SER F 634 -60.83 30.00 48.18
CA SER F 634 -61.79 30.94 48.74
C SER F 634 -61.72 32.31 48.06
N ASP F 635 -60.51 32.86 47.91
CA ASP F 635 -60.37 34.22 47.40
C ASP F 635 -60.67 34.33 45.91
N PHE F 636 -60.73 33.21 45.20
CA PHE F 636 -61.01 33.21 43.77
C PHE F 636 -62.28 32.41 43.49
N ASN F 637 -63.18 32.99 42.70
CA ASN F 637 -64.50 32.41 42.52
C ASN F 637 -64.45 31.11 41.74
N ASN F 638 -63.72 31.08 40.62
CA ASN F 638 -63.63 29.91 39.79
C ASN F 638 -62.17 29.63 39.45
N GLU F 639 -61.94 28.49 38.80
CA GLU F 639 -60.58 28.08 38.47
C GLU F 639 -59.95 29.04 37.46
N LYS F 640 -60.77 29.63 36.59
CA LYS F 640 -60.26 30.53 35.55
C LYS F 640 -59.58 31.75 36.16
N GLU F 641 -60.16 32.30 37.23
CA GLU F 641 -59.53 33.44 37.89
C GLU F 641 -58.17 33.08 38.44
N ILE F 642 -58.04 31.89 39.04
CA ILE F 642 -56.76 31.45 39.56
C ILE F 642 -55.74 31.30 38.45
N VAL F 643 -56.15 30.70 37.32
CA VAL F 643 -55.23 30.54 36.21
C VAL F 643 -54.78 31.89 35.67
N LEU F 644 -55.71 32.83 35.54
CA LEU F 644 -55.35 34.16 35.07
C LEU F 644 -54.41 34.85 36.04
N ALA F 645 -54.64 34.70 37.34
CA ALA F 645 -53.76 35.31 38.33
C ALA F 645 -52.36 34.72 38.25
N LEU F 646 -52.26 33.39 38.09
CA LEU F 646 -50.96 32.76 37.96
C LEU F 646 -50.25 33.23 36.71
N ARG F 647 -50.96 33.35 35.59
CA ARG F 647 -50.36 33.86 34.36
C ARG F 647 -49.86 35.28 34.56
N LEU F 648 -50.66 36.12 35.21
CA LEU F 648 -50.28 37.52 35.37
C LEU F 648 -49.09 37.68 36.30
N ALA F 649 -49.03 36.86 37.36
CA ALA F 649 -47.91 36.96 38.30
C ALA F 649 -46.59 36.64 37.63
N PHE F 650 -46.57 35.60 36.79
CA PHE F 650 -45.37 35.17 36.09
C PHE F 650 -45.02 36.04 34.91
N GLY F 651 -45.89 36.97 34.52
CA GLY F 651 -45.63 37.86 33.41
C GLY F 651 -46.38 37.56 32.13
N GLY F 652 -47.53 36.90 32.21
CA GLY F 652 -48.30 36.58 31.03
C GLY F 652 -49.24 37.71 30.64
N LYS F 653 -50.30 37.33 29.93
CA LYS F 653 -51.32 38.26 29.49
C LYS F 653 -52.70 37.69 29.81
N THR F 654 -53.68 38.58 29.92
CA THR F 654 -55.05 38.16 30.11
C THR F 654 -55.67 37.78 28.76
N GLU F 655 -56.98 37.54 28.77
CA GLU F 655 -57.68 37.28 27.52
C GLU F 655 -57.66 38.49 26.61
N THR F 656 -57.61 39.69 27.19
CA THR F 656 -57.60 40.92 26.43
C THR F 656 -56.20 41.38 26.07
N GLN F 657 -55.20 40.50 26.20
CA GLN F 657 -53.81 40.81 25.87
C GLN F 657 -53.30 42.01 26.68
N TYR F 658 -53.32 41.85 28.00
CA TYR F 658 -52.84 42.86 28.93
C TYR F 658 -51.95 42.20 29.96
N THR F 659 -50.76 42.76 30.16
CA THR F 659 -49.85 42.25 31.18
C THR F 659 -50.16 42.90 32.52
N LEU F 660 -49.48 42.42 33.56
CA LEU F 660 -49.62 43.04 34.87
C LEU F 660 -49.13 44.48 34.85
N ASP F 661 -47.98 44.72 34.20
CA ASP F 661 -47.47 46.08 34.09
C ASP F 661 -48.41 46.96 33.28
N LYS F 662 -48.95 46.41 32.18
CA LYS F 662 -49.88 47.18 31.37
C LYS F 662 -51.15 47.53 32.15
N LEU F 663 -51.68 46.56 32.90
CA LEU F 663 -52.87 46.82 33.70
C LEU F 663 -52.59 47.86 34.78
N ARG F 664 -51.43 47.77 35.42
CA ARG F 664 -51.06 48.76 36.43
C ARG F 664 -50.94 50.15 35.82
N LYS F 665 -50.32 50.25 34.65
CA LYS F 665 -50.19 51.55 33.99
C LYS F 665 -51.54 52.13 33.60
N ASP F 666 -52.41 51.31 33.01
CA ASP F 666 -53.72 51.79 32.60
C ASP F 666 -54.67 51.94 33.79
N GLY F 667 -54.40 51.25 34.89
CA GLY F 667 -55.18 51.40 36.10
C GLY F 667 -56.37 50.48 36.25
N GLU F 668 -56.66 49.65 35.27
CA GLU F 668 -57.83 48.78 35.35
C GLU F 668 -57.55 47.59 36.27
N ALA F 669 -58.64 46.91 36.65
CA ALA F 669 -58.58 45.71 37.48
C ALA F 669 -57.79 45.96 38.77
N GLU F 670 -58.22 46.97 39.51
CA GLU F 670 -57.55 47.30 40.76
C GLU F 670 -57.70 46.18 41.79
N LEU F 671 -58.88 45.58 41.87
CA LEU F 671 -59.12 44.54 42.85
C LEU F 671 -58.26 43.31 42.57
N PHE F 672 -58.22 42.87 41.31
CA PHE F 672 -57.43 41.70 40.96
C PHE F 672 -55.94 41.96 41.16
N ARG F 673 -55.47 43.15 40.79
CA ARG F 673 -54.06 43.49 41.02
C ARG F 673 -53.74 43.51 42.50
N GLU F 674 -54.65 44.05 43.32
CA GLU F 674 -54.42 44.07 44.76
C GLU F 674 -54.38 42.65 45.32
N LYS F 675 -55.27 41.79 44.86
CA LYS F 675 -55.25 40.40 45.32
C LYS F 675 -53.94 39.72 44.94
N ILE F 676 -53.46 39.96 43.71
CA ILE F 676 -52.22 39.34 43.28
C ILE F 676 -51.04 39.86 44.10
N LYS F 677 -51.00 41.17 44.35
CA LYS F 677 -49.92 41.72 45.16
C LYS F 677 -49.96 41.18 46.58
N ASN F 678 -51.17 41.03 47.13
CA ASN F 678 -51.30 40.45 48.47
C ASN F 678 -50.81 39.01 48.51
N TYR F 679 -51.17 38.22 47.49
CA TYR F 679 -50.71 36.83 47.46
C TYR F 679 -49.20 36.75 47.27
N LYS F 680 -48.62 37.69 46.54
CA LYS F 680 -47.17 37.67 46.32
C LYS F 680 -46.41 38.09 47.56
N ASN F 681 -46.92 39.10 48.28
CA ASN F 681 -46.18 39.69 49.38
C ASN F 681 -46.43 38.99 50.72
N ASN F 682 -47.48 38.17 50.82
CA ASN F 682 -47.85 37.57 52.10
C ASN F 682 -47.69 36.06 52.10
N GLU F 683 -48.34 35.36 51.17
CA GLU F 683 -48.38 33.90 51.20
C GLU F 683 -47.37 33.25 50.26
N LEU F 684 -47.15 33.81 49.08
CA LEU F 684 -46.26 33.24 48.08
C LEU F 684 -44.95 34.00 47.98
N PHE F 685 -44.42 34.48 49.12
CA PHE F 685 -43.16 35.20 49.10
C PHE F 685 -42.00 34.32 48.65
N PHE F 686 -42.00 33.04 49.04
CA PHE F 686 -40.92 32.14 48.65
C PHE F 686 -40.84 31.95 47.14
N LEU F 687 -41.98 32.01 46.44
CA LEU F 687 -41.98 31.92 45.00
C LEU F 687 -41.65 33.24 44.32
N GLU F 688 -41.53 34.33 45.08
CA GLU F 688 -41.29 35.63 44.48
C GLU F 688 -40.01 35.68 43.63
N PRO F 689 -38.86 35.16 44.08
CA PRO F 689 -37.68 35.17 43.19
C PRO F 689 -37.87 34.37 41.92
N GLN F 690 -38.77 33.40 41.90
CA GLN F 690 -39.04 32.59 40.72
C GLN F 690 -40.15 33.14 39.86
N MET F 691 -40.67 34.33 40.19
CA MET F 691 -41.76 34.92 39.43
C MET F 691 -41.33 35.49 38.09
N THR F 692 -40.05 35.79 37.91
CA THR F 692 -39.58 36.46 36.72
C THR F 692 -39.49 35.48 35.54
N LYS F 693 -39.43 36.05 34.33
CA LYS F 693 -39.39 35.22 33.13
C LYS F 693 -38.07 34.46 33.02
N THR F 694 -36.95 35.11 33.36
CA THR F 694 -35.63 34.52 33.22
C THR F 694 -35.21 33.71 34.44
N SER F 695 -36.07 33.61 35.46
CA SER F 695 -35.70 32.89 36.68
C SER F 695 -35.60 31.39 36.46
N GLY F 696 -36.03 30.88 35.31
CA GLY F 696 -35.89 29.46 35.04
C GLY F 696 -36.98 28.61 35.63
N TRP F 697 -38.15 29.18 35.93
CA TRP F 697 -39.25 28.39 36.46
C TRP F 697 -39.79 27.43 35.41
N VAL F 698 -39.64 27.75 34.13
CA VAL F 698 -40.15 26.89 33.07
C VAL F 698 -39.43 25.55 33.07
N THR F 699 -38.10 25.58 33.22
CA THR F 699 -37.33 24.35 33.20
C THR F 699 -37.70 23.44 34.36
N THR F 700 -37.77 24.00 35.57
CA THR F 700 -38.14 23.21 36.73
C THR F 700 -39.56 22.67 36.61
N PHE F 701 -40.49 23.51 36.16
CA PHE F 701 -41.86 23.07 35.98
C PHE F 701 -41.94 21.89 35.02
N LEU F 702 -41.33 22.03 33.84
CA LEU F 702 -41.42 20.96 32.84
C LEU F 702 -40.73 19.70 33.32
N ASN F 703 -39.57 19.84 33.98
CA ASN F 703 -38.85 18.67 34.48
C ASN F 703 -39.69 17.92 35.50
N TYR F 704 -40.24 18.64 36.47
CA TYR F 704 -41.05 17.99 37.50
C TYR F 704 -42.29 17.36 36.89
N THR F 705 -42.95 18.07 35.98
CA THR F 705 -44.18 17.52 35.37
C THR F 705 -43.88 16.25 34.60
N ILE F 706 -42.80 16.25 33.83
CA ILE F 706 -42.44 15.07 33.06
C ILE F 706 -42.11 13.91 33.99
N GLU F 707 -41.33 14.17 35.03
CA GLU F 707 -40.94 13.10 35.96
C GLU F 707 -42.18 12.54 36.66
N LYS F 708 -43.08 13.40 37.11
CA LYS F 708 -44.28 12.94 37.81
C LYS F 708 -45.16 12.11 36.89
N ILE F 709 -45.42 12.59 35.67
CA ILE F 709 -46.34 11.88 34.80
C ILE F 709 -45.73 10.56 34.35
N THR F 710 -44.41 10.52 34.15
CA THR F 710 -43.74 9.26 33.86
C THR F 710 -43.81 8.30 35.04
N SER F 711 -43.78 8.85 36.27
CA SER F 711 -44.01 8.01 37.43
C SER F 711 -45.41 7.43 37.43
N GLU F 712 -46.40 8.23 37.03
CA GLU F 712 -47.78 7.75 37.00
C GLU F 712 -47.98 6.73 35.88
N GLU F 713 -47.48 7.03 34.67
CA GLU F 713 -47.73 6.22 33.49
C GLU F 713 -46.43 5.74 32.89
N SER F 714 -46.42 4.49 32.43
CA SER F 714 -45.19 3.85 32.00
C SER F 714 -44.98 3.91 30.49
N ASP F 715 -46.02 3.69 29.69
CA ASP F 715 -45.85 3.56 28.25
C ASP F 715 -45.52 4.91 27.65
N ASP F 716 -44.63 4.91 26.64
CA ASP F 716 -44.20 6.15 26.01
C ASP F 716 -45.30 6.76 25.15
N ASP F 717 -46.10 5.94 24.48
CA ASP F 717 -47.24 6.50 23.76
C ASP F 717 -48.23 7.11 24.73
N ARG F 718 -48.47 6.44 25.86
CA ARG F 718 -49.32 7.00 26.90
C ARG F 718 -48.76 8.32 27.43
N ILE F 719 -47.45 8.38 27.65
CA ILE F 719 -46.85 9.59 28.22
C ILE F 719 -46.93 10.73 27.22
N ARG F 720 -46.77 10.44 25.92
CA ARG F 720 -46.91 11.47 24.90
C ARG F 720 -48.34 11.96 24.78
N GLN F 721 -49.32 11.06 24.87
CA GLN F 721 -50.72 11.50 24.83
C GLN F 721 -51.07 12.33 26.05
N LYS F 722 -50.56 11.95 27.22
CA LYS F 722 -50.78 12.75 28.41
C LYS F 722 -50.17 14.14 28.26
N LEU F 723 -48.97 14.21 27.67
CA LEU F 723 -48.35 15.50 27.40
C LEU F 723 -49.20 16.33 26.43
N SER F 724 -49.76 15.68 25.41
CA SER F 724 -50.61 16.40 24.46
C SER F 724 -51.85 16.94 25.14
N PHE F 725 -52.47 16.14 26.01
CA PHE F 725 -53.64 16.60 26.74
C PHE F 725 -53.30 17.75 27.69
N ILE F 726 -52.18 17.64 28.40
CA ILE F 726 -51.91 18.60 29.45
C ILE F 726 -51.39 19.92 28.89
N PHE F 727 -50.67 19.89 27.77
CA PHE F 727 -50.18 21.09 27.10
C PHE F 727 -50.62 21.02 25.64
N PRO F 728 -51.90 21.30 25.35
CA PRO F 728 -52.37 21.18 23.97
C PRO F 728 -51.67 22.12 23.00
N GLU F 729 -51.07 23.20 23.50
CA GLU F 729 -50.48 24.19 22.62
C GLU F 729 -49.07 23.80 22.18
N ILE F 730 -48.20 23.49 23.14
CA ILE F 730 -46.80 23.21 22.82
C ILE F 730 -46.67 21.88 22.09
N ILE F 731 -47.43 20.87 22.51
CA ILE F 731 -47.33 19.56 21.87
C ILE F 731 -47.78 19.64 20.43
N SER F 732 -48.76 20.49 20.12
CA SER F 732 -49.19 20.65 18.74
C SER F 732 -48.06 21.19 17.87
N ILE F 733 -47.32 22.18 18.37
CA ILE F 733 -46.24 22.77 17.58
C ILE F 733 -45.11 21.76 17.40
N ILE F 734 -44.82 20.99 18.45
CA ILE F 734 -43.79 19.96 18.34
C ILE F 734 -44.21 18.90 17.34
N GLU F 735 -45.47 18.48 17.38
CA GLU F 735 -45.97 17.48 16.45
C GLU F 735 -45.90 17.96 15.01
N GLN F 736 -46.30 19.22 14.78
CA GLN F 736 -46.23 19.76 13.43
C GLN F 736 -44.79 19.82 12.93
N ALA F 737 -43.87 20.29 13.77
CA ALA F 737 -42.47 20.35 13.35
C ALA F 737 -41.92 18.97 13.06
N SER F 738 -42.24 17.98 13.90
CA SER F 738 -41.75 16.63 13.68
C SER F 738 -42.33 16.02 12.40
N SER F 739 -43.62 16.27 12.14
CA SER F 739 -44.23 15.74 10.92
C SER F 739 -43.59 16.36 9.68
N SER F 740 -43.33 17.68 9.73
CA SER F 740 -42.64 18.30 8.61
C SER F 740 -41.21 17.81 8.47
N ILE F 741 -40.57 17.45 9.58
CA ILE F 741 -39.20 16.92 9.52
C ILE F 741 -39.19 15.54 8.89
N GLU F 742 -40.18 14.70 9.23
CA GLU F 742 -40.19 13.33 8.75
C GLU F 742 -40.28 13.27 7.23
N ALA F 743 -41.13 14.12 6.64
CA ALA F 743 -41.26 14.17 5.19
C ALA F 743 -40.09 14.92 4.56
N MET G 1 -13.38 2.31 39.35
CA MET G 1 -12.62 3.07 38.36
C MET G 1 -11.68 2.13 37.62
N THR G 2 -10.92 2.68 36.68
CA THR G 2 -9.99 1.88 35.88
C THR G 2 -8.54 2.36 36.00
N ILE G 3 -8.28 3.63 35.72
CA ILE G 3 -6.93 4.19 35.75
C ILE G 3 -6.93 5.37 36.70
N GLU G 4 -6.03 5.34 37.68
CA GLU G 4 -5.95 6.44 38.64
C GLU G 4 -5.20 7.63 38.06
N SER G 5 -4.06 7.39 37.43
CA SER G 5 -3.26 8.49 36.91
C SER G 5 -2.37 8.00 35.79
N ILE G 6 -1.96 8.94 34.94
CA ILE G 6 -0.99 8.72 33.87
C ILE G 6 0.00 9.86 33.92
N ARG G 7 1.29 9.54 34.05
CA ARG G 7 2.31 10.56 34.16
C ARG G 7 3.38 10.36 33.10
N VAL G 8 3.72 11.44 32.39
CA VAL G 8 4.74 11.42 31.35
C VAL G 8 5.79 12.46 31.71
N LYS G 9 7.06 12.06 31.67
CA LYS G 9 8.18 12.94 31.95
C LYS G 9 9.14 12.90 30.77
N ASN G 10 9.36 14.05 30.14
CA ASN G 10 10.40 14.21 29.12
C ASN G 10 10.23 13.23 27.96
N LEU G 11 9.03 13.12 27.43
CA LEU G 11 8.87 12.26 26.25
C LEU G 11 7.97 13.01 25.27
N LEU G 12 8.36 13.08 24.02
CA LEU G 12 7.56 13.75 22.98
C LEU G 12 7.40 15.21 23.38
N SER G 13 6.20 15.72 23.51
CA SER G 13 5.99 17.17 23.78
C SER G 13 5.73 17.40 25.24
N PHE G 14 5.91 16.40 26.10
CA PHE G 14 5.53 16.57 27.52
C PHE G 14 6.78 16.73 28.38
N ASP G 15 6.83 17.72 29.26
CA ASP G 15 7.93 17.91 30.19
C ASP G 15 7.68 17.13 31.48
N ASP G 16 6.57 17.43 32.15
CA ASP G 16 6.14 16.66 33.31
C ASP G 16 4.63 16.86 33.39
N VAL G 17 3.87 15.90 32.88
CA VAL G 17 2.42 16.03 32.75
C VAL G 17 1.77 14.85 33.48
N ILE G 18 0.80 15.16 34.33
CA ILE G 18 0.07 14.15 35.08
C ILE G 18 -1.42 14.35 34.84
N LEU G 19 -2.09 13.28 34.41
CA LEU G 19 -3.53 13.28 34.18
C LEU G 19 -4.17 12.33 35.18
N ARG G 20 -5.18 12.80 35.90
CA ARG G 20 -5.80 11.99 36.92
C ARG G 20 -7.28 12.35 37.03
N ASP G 21 -7.96 11.73 37.99
CA ASP G 21 -9.38 11.95 38.24
C ASP G 21 -10.21 11.74 36.99
N PHE G 22 -9.97 10.61 36.32
CA PHE G 22 -10.69 10.29 35.09
C PHE G 22 -12.16 10.04 35.39
N ARG G 23 -13.01 10.42 34.44
CA ARG G 23 -14.44 10.15 34.50
C ARG G 23 -14.81 9.21 33.36
N ASP G 24 -16.10 8.90 33.28
CA ASP G 24 -16.58 7.93 32.30
C ASP G 24 -16.37 8.43 30.88
N ILE G 25 -16.56 9.73 30.64
CA ILE G 25 -16.30 10.35 29.35
C ILE G 25 -15.30 11.47 29.56
N ASN G 26 -14.21 11.46 28.79
CA ASN G 26 -13.15 12.45 28.93
C ASN G 26 -12.94 13.10 27.57
N CYS G 27 -13.49 14.30 27.41
CA CYS G 27 -13.38 15.04 26.16
C CYS G 27 -12.09 15.84 26.18
N ILE G 28 -11.25 15.65 25.17
CA ILE G 28 -9.96 16.33 25.07
C ILE G 28 -10.07 17.40 23.99
N ILE G 29 -9.87 18.66 24.39
CA ILE G 29 -9.94 19.78 23.47
C ILE G 29 -8.66 20.59 23.55
N GLY G 30 -8.36 21.32 22.51
CA GLY G 30 -7.14 22.14 22.52
C GLY G 30 -6.77 22.58 21.15
N ARG G 31 -5.81 23.49 21.05
CA ARG G 31 -5.49 24.08 19.73
C ARG G 31 -4.75 23.06 18.92
N ASN G 32 -4.55 23.34 17.64
CA ASN G 32 -3.75 22.44 16.80
C ASN G 32 -2.31 22.49 17.32
N ASN G 33 -1.55 21.40 17.20
CA ASN G 33 -0.15 21.31 17.69
C ASN G 33 -0.02 21.54 19.20
N VAL G 34 -0.84 20.91 20.04
CA VAL G 34 -0.64 21.02 21.51
C VAL G 34 -0.38 19.66 22.15
N GLY G 35 -0.31 18.57 21.40
CA GLY G 35 0.02 17.28 22.05
C GLY G 35 -1.16 16.36 22.33
N LYS G 36 -2.34 16.65 21.80
CA LYS G 36 -3.53 15.84 22.14
C LYS G 36 -3.30 14.40 21.67
N SER G 37 -2.72 14.21 20.49
CA SER G 37 -2.44 12.85 19.96
C SER G 37 -1.14 12.31 20.53
N ASN G 38 -0.29 13.19 21.07
CA ASN G 38 0.99 12.75 21.67
C ASN G 38 0.67 11.87 22.88
N LEU G 39 -0.42 12.17 23.59
CA LEU G 39 -0.84 11.30 24.71
C LEU G 39 -1.16 9.93 24.11
N LEU G 40 -1.87 9.90 22.98
CA LEU G 40 -2.19 8.65 22.31
C LEU G 40 -0.93 7.88 21.96
N LYS G 41 0.07 8.56 21.40
CA LYS G 41 1.30 7.88 21.04
C LYS G 41 2.02 7.34 22.26
N VAL G 42 2.01 8.10 23.36
CA VAL G 42 2.67 7.65 24.58
C VAL G 42 1.98 6.40 25.13
N ILE G 43 0.65 6.44 25.21
CA ILE G 43 -0.08 5.28 25.72
C ILE G 43 0.11 4.07 24.82
N ARG G 44 0.09 4.30 23.50
CA ARG G 44 0.26 3.21 22.55
C ARG G 44 1.64 2.58 22.68
N TYR G 45 2.69 3.40 22.83
CA TYR G 45 4.02 2.85 23.02
C TYR G 45 4.14 2.12 24.34
N PHE G 46 3.54 2.66 25.40
CA PHE G 46 3.57 1.99 26.69
C PHE G 46 2.91 0.62 26.62
N TYR G 47 1.78 0.52 25.93
CA TYR G 47 1.10 -0.76 25.82
C TYR G 47 1.80 -1.70 24.85
N ALA G 48 2.47 -1.17 23.83
CA ALA G 48 3.25 -2.02 22.94
C ALA G 48 4.44 -2.61 23.68
N LYS G 49 5.09 -1.83 24.52
CA LYS G 49 6.17 -2.34 25.35
C LYS G 49 5.67 -3.20 26.49
N LEU G 50 4.40 -3.06 26.86
CA LEU G 50 3.82 -3.92 27.88
C LEU G 50 3.78 -5.37 27.42
N GLU G 51 3.47 -5.59 26.14
CA GLU G 51 3.41 -6.93 25.57
C GLU G 51 4.73 -7.34 24.93
N ASN G 52 5.82 -6.65 25.26
CA ASN G 52 7.17 -7.01 24.81
C ASN G 52 7.26 -7.04 23.29
N LYS G 53 6.63 -6.07 22.63
CA LYS G 53 6.82 -5.89 21.21
C LYS G 53 8.12 -5.13 20.94
N LYS G 54 8.64 -5.28 19.73
CA LYS G 54 9.88 -4.62 19.35
C LYS G 54 9.54 -3.36 18.56
N VAL G 55 9.66 -2.21 19.21
CA VAL G 55 9.36 -0.92 18.59
C VAL G 55 10.46 0.07 18.94
N ILE G 56 10.54 1.12 18.13
CA ILE G 56 11.53 2.17 18.35
C ILE G 56 11.11 3.02 19.55
N PRO G 57 12.02 3.37 20.46
CA PRO G 57 11.64 4.22 21.59
C PRO G 57 11.28 5.63 21.14
N LEU G 58 10.41 6.27 21.91
CA LEU G 58 9.89 7.60 21.54
C LEU G 58 10.97 8.63 21.80
N ASP G 59 10.87 9.81 21.19
CA ASP G 59 11.95 10.80 21.28
C ASP G 59 11.83 11.62 22.54
N PHE G 60 12.95 12.12 23.04
CA PHE G 60 12.90 12.85 24.32
C PHE G 60 12.52 14.29 24.03
N HIS G 61 11.76 14.91 24.93
CA HIS G 61 11.38 16.32 24.79
C HIS G 61 12.60 17.20 24.72
N THR G 62 13.52 17.03 25.67
CA THR G 62 14.80 17.72 25.66
C THR G 62 15.89 16.71 25.94
N ASN G 63 17.05 16.91 25.31
CA ASN G 63 18.15 15.96 25.42
C ASN G 63 19.03 16.21 26.64
N TYR G 64 18.70 17.19 27.46
CA TYR G 64 19.42 17.44 28.70
C TYR G 64 18.96 16.56 29.85
N ASN G 65 18.02 15.66 29.59
CA ASN G 65 17.60 14.65 30.57
C ASN G 65 18.04 13.29 30.08
N ALA G 66 18.62 12.49 30.97
CA ALA G 66 19.07 11.17 30.59
C ALA G 66 17.95 10.12 30.61
N VAL G 67 16.75 10.48 31.06
CA VAL G 67 15.66 9.53 31.21
C VAL G 67 14.38 10.10 30.61
N GLY G 68 13.47 9.19 30.26
CA GLY G 68 12.10 9.56 29.96
C GLY G 68 11.15 8.54 30.56
N GLU G 69 10.20 8.97 31.39
CA GLU G 69 9.42 8.04 32.19
C GLU G 69 7.94 8.10 31.83
N ILE G 70 7.29 6.94 31.78
CA ILE G 70 5.85 6.82 31.67
C ILE G 70 5.35 6.00 32.85
N THR G 71 4.42 6.55 33.61
CA THR G 71 3.90 5.89 34.80
C THR G 71 2.40 5.66 34.64
N PHE G 72 1.95 4.43 34.88
CA PHE G 72 0.56 4.07 34.86
C PHE G 72 0.16 3.51 36.22
N THR G 73 -0.91 4.03 36.79
CA THR G 73 -1.42 3.56 38.08
C THR G 73 -2.76 2.87 37.82
N PHE G 74 -2.72 1.56 37.65
CA PHE G 74 -3.95 0.80 37.45
C PHE G 74 -4.71 0.64 38.76
N ASP G 75 -6.03 0.67 38.66
CA ASP G 75 -6.92 0.54 39.81
C ASP G 75 -7.41 -0.91 39.84
N THR G 76 -6.88 -1.69 40.78
CA THR G 76 -7.20 -3.11 40.89
C THR G 76 -8.07 -3.42 42.10
N THR G 77 -8.90 -2.47 42.54
CA THR G 77 -9.79 -2.75 43.65
C THR G 77 -10.84 -3.79 43.26
N ARG G 78 -11.48 -3.60 42.11
CA ARG G 78 -12.52 -4.54 41.71
C ARG G 78 -11.93 -5.90 41.36
N ILE G 79 -10.76 -5.94 40.73
CA ILE G 79 -10.13 -7.22 40.43
C ILE G 79 -9.71 -7.91 41.72
N LYS G 80 -9.23 -7.15 42.70
CA LYS G 80 -8.91 -7.73 44.00
C LYS G 80 -10.15 -8.34 44.64
N LYS G 81 -11.28 -7.64 44.57
CA LYS G 81 -12.53 -8.21 45.08
C LYS G 81 -12.91 -9.46 44.31
N ILE G 82 -12.73 -9.44 42.98
CA ILE G 82 -13.07 -10.58 42.14
C ILE G 82 -12.31 -11.82 42.56
N VAL G 83 -10.99 -11.68 42.71
CA VAL G 83 -10.10 -12.81 42.80
C VAL G 83 -9.88 -13.27 44.24
N THR G 84 -9.85 -12.33 45.18
CA THR G 84 -9.62 -12.68 46.58
C THR G 84 -10.74 -13.55 47.12
N SER G 85 -11.96 -13.39 46.62
CA SER G 85 -13.10 -14.13 47.15
C SER G 85 -12.92 -15.62 46.97
N ARG G 86 -13.48 -16.39 47.90
CA ARG G 86 -13.30 -17.84 47.91
C ARG G 86 -14.15 -18.56 46.88
N LYS G 87 -15.19 -17.91 46.34
CA LYS G 87 -16.06 -18.58 45.39
C LYS G 87 -15.38 -18.74 44.03
N ASN G 88 -14.71 -17.70 43.55
CA ASN G 88 -14.08 -17.72 42.23
C ASN G 88 -12.77 -18.49 42.32
N ASN G 89 -12.85 -19.81 42.10
CA ASN G 89 -11.69 -20.67 42.13
C ASN G 89 -11.25 -21.10 40.73
N GLY G 90 -11.64 -20.35 39.71
CA GLY G 90 -11.27 -20.70 38.35
C GLY G 90 -9.79 -20.58 38.10
N ARG G 91 -9.37 -21.05 36.93
CA ARG G 91 -7.94 -21.03 36.60
C ARG G 91 -7.47 -19.63 36.21
N PHE G 92 -8.32 -18.85 35.53
CA PHE G 92 -7.96 -17.46 35.25
C PHE G 92 -7.88 -16.66 36.54
N HIS G 93 -8.83 -16.85 37.44
CA HIS G 93 -8.78 -16.17 38.73
C HIS G 93 -7.55 -16.60 39.51
N LYS G 94 -7.23 -17.88 39.48
CA LYS G 94 -6.05 -18.35 40.20
C LYS G 94 -4.78 -17.73 39.62
N HIS G 95 -4.72 -17.59 38.30
CA HIS G 95 -3.56 -16.94 37.68
C HIS G 95 -3.46 -15.49 38.11
N ILE G 96 -4.59 -14.77 38.11
CA ILE G 96 -4.56 -13.36 38.51
C ILE G 96 -4.10 -13.22 39.95
N TYR G 97 -4.59 -14.11 40.83
CA TYR G 97 -4.13 -14.10 42.21
C TYR G 97 -2.64 -14.36 42.32
N ASN G 98 -2.16 -15.41 41.66
CA ASN G 98 -0.77 -15.82 41.82
C ASN G 98 0.20 -14.88 41.13
N THR G 99 -0.29 -14.00 40.24
CA THR G 99 0.59 -13.08 39.53
C THR G 99 0.60 -11.69 40.14
N LEU G 100 -0.58 -11.09 40.33
CA LEU G 100 -0.66 -9.70 40.77
C LEU G 100 -0.73 -9.59 42.30
N PHE G 101 -1.78 -10.15 42.90
CA PHE G 101 -2.07 -9.90 44.31
C PHE G 101 -1.28 -10.80 45.25
N LYS G 102 -0.66 -11.85 44.74
CA LYS G 102 0.36 -12.52 45.54
C LYS G 102 1.64 -11.71 45.49
N SER G 103 2.47 -11.87 46.53
CA SER G 103 3.70 -11.12 46.78
C SER G 103 3.41 -9.67 47.15
N SER G 104 2.15 -9.24 47.12
CA SER G 104 1.74 -7.94 47.62
C SER G 104 0.98 -8.05 48.93
N SER G 105 0.10 -9.03 49.05
CA SER G 105 -0.47 -9.42 50.34
C SER G 105 0.48 -10.27 51.16
N VAL G 106 1.57 -10.75 50.55
CA VAL G 106 2.55 -11.53 51.30
C VAL G 106 3.24 -10.67 52.34
N LYS G 107 3.64 -9.45 51.95
CA LYS G 107 4.40 -8.59 52.85
C LYS G 107 3.55 -8.08 54.02
N LEU G 108 2.25 -7.92 53.82
CA LEU G 108 1.38 -7.42 54.87
C LEU G 108 1.16 -8.48 55.94
N ASN G 109 0.87 -8.03 57.16
CA ASN G 109 0.58 -8.91 58.27
C ASN G 109 -0.93 -9.04 58.45
N PHE G 110 -1.34 -9.83 59.45
CA PHE G 110 -2.75 -10.13 59.64
C PHE G 110 -3.57 -8.89 59.97
N GLU G 111 -3.04 -8.01 60.82
CA GLU G 111 -3.75 -6.80 61.20
C GLU G 111 -4.00 -5.91 59.99
N GLU G 112 -2.95 -5.65 59.20
CA GLU G 112 -3.07 -4.78 58.04
C GLU G 112 -3.94 -5.42 56.95
N LEU G 113 -3.81 -6.74 56.77
CA LEU G 113 -4.64 -7.43 55.79
C LEU G 113 -6.12 -7.35 56.17
N ILE G 114 -6.43 -7.55 57.46
CA ILE G 114 -7.81 -7.47 57.91
C ILE G 114 -8.33 -6.04 57.81
N ALA G 115 -7.47 -5.05 58.10
CA ALA G 115 -7.87 -3.65 57.93
C ALA G 115 -8.19 -3.33 56.48
N ARG G 116 -7.38 -3.83 55.55
CA ARG G 116 -7.66 -3.64 54.13
C ARG G 116 -8.96 -4.34 53.73
N LYS G 117 -9.19 -5.54 54.25
CA LYS G 117 -10.39 -6.29 53.89
C LYS G 117 -11.65 -5.60 54.37
N ASN G 118 -11.68 -5.20 55.65
CA ASN G 118 -12.90 -4.68 56.25
C ASN G 118 -13.20 -3.25 55.79
N SER G 119 -12.19 -2.39 55.72
CA SER G 119 -12.42 -1.00 55.38
C SER G 119 -12.68 -0.86 53.87
N THR G 120 -12.89 0.38 53.43
CA THR G 120 -13.09 0.66 52.02
C THR G 120 -11.84 0.29 51.23
N ASN G 121 -11.95 -0.76 50.42
CA ASN G 121 -10.78 -1.28 49.71
C ASN G 121 -10.33 -0.28 48.65
N LYS G 122 -9.03 0.02 48.64
CA LYS G 122 -8.46 0.89 47.62
C LYS G 122 -7.04 0.38 47.34
N SER G 123 -6.88 -0.35 46.25
CA SER G 123 -5.61 -0.94 45.88
C SER G 123 -5.20 -0.45 44.50
N PHE G 124 -3.94 -0.07 44.36
CA PHE G 124 -3.41 0.44 43.11
C PHE G 124 -2.14 -0.32 42.74
N PHE G 125 -1.86 -0.36 41.45
CA PHE G 125 -0.65 -1.00 40.92
C PHE G 125 0.07 0.02 40.04
N SER G 126 1.25 0.44 40.47
CA SER G 126 2.02 1.48 39.79
C SER G 126 3.13 0.84 38.96
N LEU G 127 3.13 1.13 37.66
CA LEU G 127 4.11 0.57 36.75
C LEU G 127 4.79 1.71 36.00
N THR G 128 6.12 1.73 36.05
CA THR G 128 6.92 2.81 35.47
C THR G 128 7.86 2.25 34.43
N LEU G 129 7.84 2.84 33.24
CA LEU G 129 8.74 2.49 32.16
C LEU G 129 9.70 3.65 31.94
N THR G 130 11.00 3.38 32.02
CA THR G 130 12.02 4.42 31.88
C THR G 130 12.87 4.12 30.64
N ILE G 131 12.94 5.08 29.75
CA ILE G 131 13.75 4.98 28.53
C ILE G 131 15.02 5.77 28.77
N CYS G 132 16.16 5.09 28.69
CA CYS G 132 17.44 5.74 28.87
C CYS G 132 17.90 6.38 27.57
N LYS G 133 19.01 7.11 27.64
CA LYS G 133 19.50 7.82 26.46
C LYS G 133 20.00 6.89 25.38
N ASP G 134 20.33 5.64 25.71
CA ASP G 134 20.85 4.68 24.74
C ASP G 134 19.78 3.69 24.28
N ASP G 135 18.52 4.09 24.31
CA ASP G 135 17.38 3.34 23.80
C ASP G 135 17.05 2.09 24.60
N SER G 136 17.70 1.86 25.73
CA SER G 136 17.31 0.77 26.61
C SER G 136 16.08 1.15 27.41
N VAL G 137 15.29 0.15 27.78
CA VAL G 137 14.05 0.34 28.52
C VAL G 137 14.11 -0.45 29.80
N MET G 138 13.78 0.19 30.92
CA MET G 138 13.82 -0.45 32.23
C MET G 138 12.49 -0.28 32.93
N TRP G 139 11.95 -1.37 33.46
CA TRP G 139 10.69 -1.33 34.18
C TRP G 139 10.94 -1.24 35.68
N SER G 140 9.93 -0.79 36.41
CA SER G 140 9.99 -0.83 37.86
C SER G 140 9.53 -2.17 38.44
N VAL G 141 8.93 -3.03 37.62
CA VAL G 141 8.57 -4.38 38.02
C VAL G 141 9.19 -5.34 37.01
N ASP G 142 10.03 -6.25 37.49
CA ASP G 142 10.85 -7.09 36.62
C ASP G 142 10.21 -8.43 36.30
N ASP G 143 8.90 -8.58 36.49
CA ASP G 143 8.23 -9.83 36.16
C ASP G 143 7.39 -9.63 34.91
N PRO G 144 7.81 -10.16 33.76
CA PRO G 144 7.04 -9.92 32.53
C PRO G 144 5.62 -10.47 32.55
N LYS G 145 5.38 -11.52 33.34
CA LYS G 145 4.02 -12.04 33.47
C LYS G 145 3.09 -10.98 34.02
N VAL G 146 3.57 -10.18 34.98
CA VAL G 146 2.77 -9.11 35.55
C VAL G 146 2.36 -8.12 34.47
N ARG G 147 3.32 -7.73 33.62
CA ARG G 147 3.02 -6.75 32.58
C ARG G 147 2.06 -7.31 31.54
N SER G 148 2.26 -8.55 31.13
CA SER G 148 1.33 -9.15 30.16
C SER G 148 -0.07 -9.26 30.75
N LEU G 149 -0.18 -9.65 32.01
CA LEU G 149 -1.49 -9.75 32.64
C LEU G 149 -2.15 -8.38 32.78
N LEU G 150 -1.37 -7.34 33.08
CA LEU G 150 -1.93 -6.00 33.14
C LEU G 150 -2.43 -5.55 31.78
N ALA G 151 -1.71 -5.88 30.72
CA ALA G 151 -2.19 -5.56 29.38
C ALA G 151 -3.48 -6.29 29.07
N THR G 152 -3.58 -7.56 29.49
CA THR G 152 -4.79 -8.33 29.23
C THR G 152 -5.98 -7.78 30.02
N LEU G 153 -5.76 -7.41 31.28
CA LEU G 153 -6.87 -6.98 32.14
C LEU G 153 -7.42 -5.62 31.75
N TYR G 154 -6.55 -4.71 31.31
CA TYR G 154 -6.92 -3.33 31.02
C TYR G 154 -6.52 -3.01 29.58
N PRO G 155 -7.19 -3.62 28.61
CA PRO G 155 -6.76 -3.47 27.22
C PRO G 155 -6.94 -2.05 26.73
N PHE G 156 -6.05 -1.66 25.82
CA PHE G 156 -6.10 -0.35 25.20
C PHE G 156 -6.63 -0.51 23.78
N LEU G 157 -7.78 0.10 23.52
CA LEU G 157 -8.39 0.10 22.20
C LEU G 157 -8.29 1.51 21.63
N TYR G 158 -7.91 1.61 20.37
CA TYR G 158 -7.34 2.83 19.82
C TYR G 158 -7.79 3.02 18.38
N ILE G 159 -8.37 4.18 18.08
CA ILE G 159 -8.82 4.49 16.73
C ILE G 159 -8.41 5.91 16.37
N GLU G 160 -7.82 6.07 15.18
CA GLU G 160 -7.69 7.37 14.53
C GLU G 160 -8.72 7.41 13.40
N THR G 161 -9.81 8.15 13.63
CA THR G 161 -10.92 8.13 12.68
C THR G 161 -10.51 8.67 11.31
N ARG G 162 -9.46 9.48 11.26
CA ARG G 162 -9.00 10.03 9.98
C ARG G 162 -8.56 8.93 9.02
N HIS G 163 -7.84 7.93 9.53
CA HIS G 163 -7.29 6.86 8.71
C HIS G 163 -8.12 5.58 8.79
N ILE G 164 -9.43 5.70 8.92
CA ILE G 164 -10.30 4.54 8.97
C ILE G 164 -10.48 3.98 7.55
N ASP G 165 -10.39 2.67 7.42
CA ASP G 165 -10.73 2.00 6.17
C ASP G 165 -12.25 1.87 6.12
N LEU G 166 -12.90 2.75 5.35
CA LEU G 166 -14.35 2.86 5.40
C LEU G 166 -15.03 1.59 4.88
N TYR G 167 -14.50 1.02 3.80
CA TYR G 167 -15.19 -0.04 3.08
C TYR G 167 -14.92 -1.44 3.62
N ASP G 168 -14.15 -1.56 4.69
CA ASP G 168 -13.86 -2.86 5.31
C ASP G 168 -13.82 -2.66 6.82
N TRP G 169 -14.84 -3.15 7.52
CA TRP G 169 -14.96 -2.96 8.96
C TRP G 169 -14.40 -4.12 9.75
N ASN G 170 -13.44 -4.85 9.18
CA ASN G 170 -12.85 -5.98 9.89
C ASN G 170 -12.23 -5.62 11.23
N PRO G 171 -11.49 -4.52 11.39
CA PRO G 171 -10.86 -4.24 12.70
C PRO G 171 -11.84 -4.18 13.87
N ILE G 172 -13.15 -4.23 13.62
CA ILE G 172 -14.08 -4.34 14.73
C ILE G 172 -13.90 -5.68 15.46
N TRP G 173 -13.86 -6.78 14.70
CA TRP G 173 -13.86 -8.09 15.33
C TRP G 173 -12.69 -8.25 16.29
N LYS G 174 -11.50 -7.85 15.87
CA LYS G 174 -10.34 -7.92 16.75
C LYS G 174 -10.63 -7.25 18.08
N LEU G 175 -11.16 -6.03 18.04
CA LEU G 175 -11.45 -5.32 19.28
C LEU G 175 -12.49 -6.05 20.12
N ILE G 176 -13.49 -6.65 19.48
CA ILE G 176 -14.47 -7.44 20.22
C ILE G 176 -13.77 -8.58 20.94
N SER G 177 -12.79 -9.20 20.29
CA SER G 177 -12.08 -10.31 20.92
C SER G 177 -11.40 -9.87 22.20
N ASN G 178 -11.08 -8.58 22.31
CA ASN G 178 -10.35 -8.10 23.49
C ASN G 178 -11.27 -7.95 24.69
N LEU G 179 -12.58 -8.10 24.50
CA LEU G 179 -13.51 -7.58 25.49
C LEU G 179 -13.95 -8.64 26.49
N ASN G 180 -14.36 -9.81 25.99
CA ASN G 180 -15.12 -10.77 26.78
C ASN G 180 -14.27 -11.98 27.11
N SER G 181 -14.55 -12.59 28.26
CA SER G 181 -13.75 -13.69 28.78
C SER G 181 -14.64 -14.84 29.21
N PHE G 182 -14.36 -16.03 28.70
CA PHE G 182 -15.09 -17.24 29.08
C PHE G 182 -14.25 -18.46 28.74
N ASN G 183 -14.83 -19.64 28.96
CA ASN G 183 -14.13 -20.91 29.01
C ASN G 183 -14.20 -21.60 27.66
N PHE G 184 -13.10 -22.30 27.29
CA PHE G 184 -13.03 -23.00 26.01
C PHE G 184 -12.46 -24.40 26.15
N ASP G 185 -12.31 -24.91 27.37
CA ASP G 185 -11.76 -26.26 27.53
C ASP G 185 -12.72 -27.32 26.99
N ASP G 186 -14.03 -27.13 27.18
CA ASP G 186 -14.97 -28.16 26.80
C ASP G 186 -15.10 -28.29 25.28
N VAL G 187 -15.02 -27.18 24.56
CA VAL G 187 -15.16 -27.21 23.10
C VAL G 187 -13.81 -27.63 22.52
N ASP G 188 -13.71 -28.87 22.07
CA ASP G 188 -12.54 -29.34 21.34
C ASP G 188 -12.81 -29.18 19.85
N HIS G 189 -11.92 -29.70 19.01
CA HIS G 189 -12.13 -29.72 17.57
C HIS G 189 -12.62 -31.07 17.08
N ASP G 190 -13.00 -31.96 17.99
CA ASP G 190 -13.56 -33.27 17.64
C ASP G 190 -15.08 -33.30 17.76
N GLU G 191 -15.63 -32.82 18.87
CA GLU G 191 -17.08 -32.78 19.01
C GLU G 191 -17.71 -31.88 17.97
N LEU G 192 -17.10 -30.73 17.71
CA LEU G 192 -17.62 -29.81 16.72
C LEU G 192 -17.62 -30.44 15.32
N VAL G 193 -16.55 -31.15 14.98
CA VAL G 193 -16.47 -31.78 13.67
C VAL G 193 -17.55 -32.85 13.54
N ASN G 194 -17.74 -33.66 14.58
CA ASN G 194 -18.78 -34.68 14.54
C ASN G 194 -20.16 -34.05 14.41
N PHE G 195 -20.41 -32.96 15.13
CA PHE G 195 -21.69 -32.27 15.03
C PHE G 195 -21.93 -31.77 13.61
N LEU G 196 -20.93 -31.11 13.03
CA LEU G 196 -21.08 -30.58 11.68
C LEU G 196 -21.26 -31.70 10.66
N ASP G 197 -20.50 -32.78 10.81
CA ASP G 197 -20.61 -33.90 9.88
C ASP G 197 -21.97 -34.55 9.96
N GLU G 198 -22.50 -34.73 11.17
CA GLU G 198 -23.84 -35.27 11.32
C GLU G 198 -24.87 -34.35 10.69
N LYS G 199 -24.67 -33.03 10.83
CA LYS G 199 -25.59 -32.08 10.22
C LYS G 199 -25.37 -31.93 8.72
N ILE G 200 -24.14 -32.06 8.25
CA ILE G 200 -23.81 -31.85 6.83
C ILE G 200 -23.32 -33.18 6.28
N SER G 201 -24.25 -34.04 5.85
CA SER G 201 -23.90 -35.26 5.15
C SER G 201 -25.13 -35.97 4.62
N SER G 202 -25.13 -36.33 3.34
CA SER G 202 -26.14 -37.28 2.87
C SER G 202 -25.79 -38.70 3.28
N ARG G 203 -24.49 -38.91 3.58
CA ARG G 203 -23.98 -40.23 4.05
C ARG G 203 -23.05 -39.91 5.22
N LYS G 204 -23.25 -40.53 6.39
CA LYS G 204 -22.50 -40.15 7.57
C LYS G 204 -21.01 -40.39 7.39
N GLY G 205 -20.20 -39.44 7.87
CA GLY G 205 -18.76 -39.57 7.89
C GLY G 205 -18.02 -38.79 6.82
N ASP G 206 -18.73 -38.26 5.83
CA ASP G 206 -18.05 -37.60 4.70
C ASP G 206 -17.36 -36.31 5.14
N TYR G 207 -18.05 -35.47 5.89
CA TYR G 207 -17.46 -34.19 6.29
C TYR G 207 -16.26 -34.39 7.20
N LYS G 208 -16.31 -35.40 8.07
CA LYS G 208 -15.15 -35.69 8.90
C LYS G 208 -13.95 -36.10 8.05
N LYS G 209 -14.19 -36.92 7.02
CA LYS G 209 -13.11 -37.28 6.11
C LYS G 209 -12.54 -36.05 5.43
N TYR G 210 -13.41 -35.14 5.01
CA TYR G 210 -12.97 -33.92 4.34
C TYR G 210 -12.10 -33.07 5.25
N ILE G 211 -12.52 -32.90 6.50
CA ILE G 211 -11.75 -32.10 7.45
C ILE G 211 -10.43 -32.79 7.76
N ASP G 212 -10.44 -34.12 7.86
CA ASP G 212 -9.19 -34.85 8.09
C ASP G 212 -8.21 -34.64 6.94
N ARG G 213 -8.72 -34.66 5.70
CA ARG G 213 -7.85 -34.40 4.55
C ARG G 213 -7.25 -33.01 4.63
N VAL G 214 -8.09 -32.00 4.87
CA VAL G 214 -7.59 -30.63 4.92
C VAL G 214 -6.55 -30.48 6.03
N VAL G 215 -6.81 -31.06 7.20
CA VAL G 215 -5.88 -30.96 8.31
C VAL G 215 -4.56 -31.65 7.97
N SER G 216 -4.64 -32.83 7.34
CA SER G 216 -3.43 -33.57 7.00
C SER G 216 -2.57 -32.80 6.01
N VAL G 217 -3.18 -32.12 5.05
CA VAL G 217 -2.39 -31.41 4.04
C VAL G 217 -1.68 -30.20 4.64
N ILE G 218 -2.39 -29.40 5.44
CA ILE G 218 -1.85 -28.12 5.90
C ILE G 218 -0.98 -28.31 7.14
N ASP G 219 -0.21 -27.27 7.44
CA ASP G 219 0.59 -27.17 8.65
C ASP G 219 0.30 -25.83 9.31
N THR G 220 -0.20 -25.86 10.55
CA THR G 220 -0.67 -24.66 11.21
C THR G 220 -0.16 -24.61 12.63
N LYS G 221 -0.54 -23.56 13.33
CA LYS G 221 -0.21 -23.22 14.71
C LYS G 221 -1.47 -23.20 15.56
N PRO G 222 -1.41 -23.68 16.80
CA PRO G 222 -2.62 -23.70 17.64
C PRO G 222 -3.21 -22.31 17.80
N TYR G 223 -4.53 -22.27 17.90
CA TYR G 223 -5.25 -20.99 17.99
C TYR G 223 -4.86 -20.25 19.26
N THR G 224 -4.79 -18.93 19.15
CA THR G 224 -4.77 -18.10 20.34
C THR G 224 -6.21 -17.88 20.82
N TYR G 225 -6.33 -17.35 22.04
CA TYR G 225 -7.66 -17.20 22.61
C TYR G 225 -8.52 -16.25 21.80
N LYS G 226 -7.95 -15.11 21.39
CA LYS G 226 -8.72 -14.12 20.66
C LYS G 226 -9.21 -14.67 19.33
N GLU G 227 -8.36 -15.43 18.63
CA GLU G 227 -8.79 -16.06 17.39
C GLU G 227 -9.92 -17.05 17.67
N LYS G 228 -9.85 -17.76 18.79
CA LYS G 228 -10.91 -18.70 19.14
C LYS G 228 -12.25 -17.99 19.29
N VAL G 229 -12.28 -16.92 20.09
CA VAL G 229 -13.54 -16.24 20.33
C VAL G 229 -14.05 -15.59 19.03
N ILE G 230 -13.14 -15.08 18.21
CA ILE G 230 -13.56 -14.49 16.94
C ILE G 230 -14.20 -15.53 16.05
N ASN G 231 -13.57 -16.71 15.96
CA ASN G 231 -14.12 -17.78 15.12
C ASN G 231 -15.50 -18.21 15.62
N TYR G 232 -15.66 -18.35 16.93
CA TYR G 232 -16.94 -18.78 17.46
C TYR G 232 -18.02 -17.75 17.21
N ILE G 233 -17.70 -16.46 17.40
CA ILE G 233 -18.65 -15.41 17.05
C ILE G 233 -19.04 -15.52 15.58
N LYS G 234 -18.05 -15.61 14.71
CA LYS G 234 -18.30 -15.49 13.28
C LYS G 234 -19.08 -16.69 12.76
N VAL G 235 -18.87 -17.87 13.35
CA VAL G 235 -19.70 -19.03 13.02
C VAL G 235 -21.12 -18.84 13.57
N ALA G 236 -21.24 -18.30 14.78
CA ALA G 236 -22.54 -18.23 15.44
C ALA G 236 -23.48 -17.25 14.75
N ILE G 237 -22.99 -16.05 14.42
CA ILE G 237 -23.86 -15.01 13.88
C ILE G 237 -24.28 -15.32 12.47
N LYS G 238 -25.27 -14.58 11.96
CA LYS G 238 -25.83 -14.80 10.64
C LYS G 238 -24.96 -14.28 9.51
N GLY G 239 -24.23 -13.18 9.73
CA GLY G 239 -23.41 -12.62 8.68
C GLY G 239 -22.16 -11.94 9.16
N ASP G 240 -21.11 -11.91 8.33
CA ASP G 240 -19.84 -11.32 8.69
C ASP G 240 -19.71 -9.92 8.10
N SER G 241 -19.80 -9.80 6.77
CA SER G 241 -19.62 -8.52 6.13
C SER G 241 -20.70 -7.53 6.57
N PHE G 242 -20.29 -6.28 6.72
CA PHE G 242 -21.14 -5.25 7.30
C PHE G 242 -21.88 -4.50 6.22
N VAL G 243 -23.12 -4.10 6.53
CA VAL G 243 -23.99 -3.41 5.60
C VAL G 243 -24.67 -2.26 6.34
N ASN G 244 -24.70 -1.08 5.72
CA ASN G 244 -25.26 0.11 6.33
C ASN G 244 -26.69 0.29 5.84
N ALA G 245 -27.65 0.06 6.74
CA ALA G 245 -29.07 0.30 6.47
C ALA G 245 -29.55 -0.41 5.21
N GLY G 246 -29.11 -1.64 5.02
CA GLY G 246 -29.52 -2.44 3.89
C GLY G 246 -28.79 -2.16 2.59
N GLU G 247 -27.82 -1.25 2.60
CA GLU G 247 -27.07 -0.91 1.41
C GLU G 247 -25.61 -1.24 1.60
N GLU G 248 -24.95 -1.62 0.51
CA GLU G 248 -23.55 -2.00 0.57
C GLU G 248 -22.68 -0.79 0.91
N LEU G 249 -21.53 -1.06 1.53
CA LEU G 249 -20.70 0.02 2.05
C LEU G 249 -20.15 0.90 0.92
N PHE G 250 -19.70 0.30 -0.17
CA PHE G 250 -19.05 1.09 -1.22
C PHE G 250 -20.02 2.04 -1.91
N THR G 251 -21.32 1.77 -1.84
CA THR G 251 -22.29 2.71 -2.40
C THR G 251 -22.56 3.87 -1.45
N GLN G 252 -22.41 3.65 -0.15
CA GLN G 252 -22.72 4.69 0.82
C GLN G 252 -21.62 5.75 0.82
N SER G 253 -21.78 6.73 1.71
CA SER G 253 -20.83 7.86 1.77
C SER G 253 -19.61 7.51 2.55
N ASP G 254 -18.79 8.51 2.85
CA ASP G 254 -17.65 8.36 3.74
C ASP G 254 -17.98 8.78 5.16
N GLY G 255 -18.65 9.92 5.32
CA GLY G 255 -19.08 10.32 6.65
C GLY G 255 -20.05 9.34 7.27
N THR G 256 -21.01 8.85 6.48
CA THR G 256 -21.95 7.86 6.99
C THR G 256 -21.22 6.58 7.39
N ASN G 257 -20.27 6.14 6.57
CA ASN G 257 -19.53 4.92 6.89
C ASN G 257 -18.75 5.07 8.18
N SER G 258 -18.03 6.18 8.33
CA SER G 258 -17.24 6.38 9.55
C SER G 258 -18.15 6.50 10.76
N ASN G 259 -19.27 7.23 10.63
CA ASN G 259 -20.18 7.38 11.75
C ASN G 259 -20.74 6.03 12.18
N LYS G 260 -21.16 5.21 11.22
CA LYS G 260 -21.73 3.91 11.57
C LYS G 260 -20.66 2.99 12.16
N PHE G 261 -19.44 3.03 11.63
CA PHE G 261 -18.35 2.25 12.20
C PHE G 261 -18.13 2.59 13.66
N LEU G 262 -17.97 3.88 13.95
CA LEU G 262 -17.72 4.30 15.33
C LEU G 262 -18.91 3.97 16.22
N GLU G 263 -20.12 4.16 15.72
CA GLU G 263 -21.32 3.91 16.51
C GLU G 263 -21.42 2.43 16.88
N THR G 264 -21.28 1.54 15.89
CA THR G 264 -21.36 0.11 16.19
C THR G 264 -20.25 -0.31 17.14
N LEU G 265 -19.04 0.22 16.95
CA LEU G 265 -17.95 -0.21 17.81
C LEU G 265 -18.17 0.23 19.26
N LEU G 266 -18.55 1.49 19.46
CA LEU G 266 -18.78 1.96 20.83
C LEU G 266 -19.97 1.25 21.46
N HIS G 267 -21.02 0.99 20.69
CA HIS G 267 -22.17 0.25 21.19
C HIS G 267 -21.76 -1.15 21.62
N LEU G 268 -20.96 -1.82 20.80
CA LEU G 268 -20.46 -3.15 21.16
C LEU G 268 -19.61 -3.08 22.42
N LEU G 269 -18.76 -2.06 22.53
CA LEU G 269 -17.91 -1.93 23.71
C LEU G 269 -18.73 -1.85 24.97
N ILE G 270 -19.68 -0.91 25.01
CA ILE G 270 -20.46 -0.69 26.23
C ILE G 270 -21.37 -1.88 26.50
N THR G 271 -21.96 -2.47 25.45
CA THR G 271 -22.85 -3.60 25.64
C THR G 271 -22.11 -4.82 26.18
N LEU G 272 -20.92 -5.09 25.65
CA LEU G 272 -20.20 -6.31 25.99
C LEU G 272 -19.37 -6.19 27.25
N THR G 273 -19.01 -4.97 27.67
CA THR G 273 -18.22 -4.82 28.89
C THR G 273 -19.05 -4.93 30.16
N ARG G 274 -20.34 -5.24 30.05
CA ARG G 274 -21.20 -5.20 31.23
C ARG G 274 -20.93 -6.36 32.17
N THR G 275 -20.79 -7.57 31.62
CA THR G 275 -20.75 -8.78 32.43
C THR G 275 -19.35 -9.18 32.88
N GLU G 276 -18.31 -8.56 32.34
CA GLU G 276 -16.95 -9.00 32.61
C GLU G 276 -16.20 -8.01 33.48
N PHE G 277 -15.08 -8.49 34.04
CA PHE G 277 -14.22 -7.70 34.89
C PHE G 277 -13.06 -7.07 34.13
N ILE G 278 -13.04 -7.21 32.81
CA ILE G 278 -12.03 -6.58 31.97
C ILE G 278 -12.48 -5.16 31.67
N SER G 279 -11.65 -4.18 32.01
CA SER G 279 -12.02 -2.77 31.94
C SER G 279 -11.14 -2.08 30.89
N PRO G 280 -11.61 -1.96 29.65
CA PRO G 280 -10.78 -1.38 28.61
C PRO G 280 -10.67 0.13 28.72
N ILE G 281 -9.63 0.66 28.10
CA ILE G 281 -9.45 2.10 27.90
C ILE G 281 -9.47 2.34 26.41
N VAL G 282 -10.43 3.12 25.94
CA VAL G 282 -10.62 3.37 24.52
C VAL G 282 -10.31 4.82 24.23
N TYR G 283 -9.59 5.05 23.13
CA TYR G 283 -9.13 6.38 22.73
C TYR G 283 -9.51 6.60 21.27
N ILE G 284 -10.38 7.57 21.03
CA ILE G 284 -10.85 7.93 19.70
C ILE G 284 -10.26 9.28 19.31
N ASP G 285 -9.71 9.35 18.13
CA ASP G 285 -9.22 10.65 17.64
C ASP G 285 -10.31 11.18 16.74
N GLU G 286 -10.60 12.46 16.80
CA GLU G 286 -11.56 13.07 15.84
C GLU G 286 -12.84 12.26 15.70
N PRO G 287 -13.67 12.03 16.73
CA PRO G 287 -14.89 11.30 16.50
C PRO G 287 -15.83 12.03 15.55
N GLU G 288 -15.51 13.22 15.05
CA GLU G 288 -16.42 14.05 14.29
C GLU G 288 -15.99 14.26 12.84
N VAL G 289 -14.84 13.74 12.42
CA VAL G 289 -14.31 14.10 11.11
C VAL G 289 -15.22 13.53 10.02
N GLY G 290 -15.63 14.40 9.10
CA GLY G 290 -16.53 14.03 8.04
C GLY G 290 -17.99 13.95 8.41
N LEU G 291 -18.37 14.43 9.60
CA LEU G 291 -19.73 14.30 10.09
C LEU G 291 -20.44 15.65 10.10
N HIS G 292 -21.67 15.66 9.62
CA HIS G 292 -22.52 16.83 9.75
C HIS G 292 -22.74 17.13 11.23
N PRO G 293 -22.92 18.41 11.58
CA PRO G 293 -23.14 18.73 13.00
C PRO G 293 -24.30 17.96 13.62
N LYS G 294 -25.36 17.77 12.82
CA LYS G 294 -26.53 16.99 13.29
C LYS G 294 -26.10 15.54 13.54
N LEU G 295 -25.25 15.00 12.66
CA LEU G 295 -24.80 13.62 12.83
C LEU G 295 -23.89 13.46 14.05
N ALA G 296 -23.02 14.43 14.30
CA ALA G 296 -22.19 14.37 15.50
C ALA G 296 -23.04 14.43 16.76
N GLU G 297 -24.03 15.33 16.77
CA GLU G 297 -24.94 15.39 17.91
C GLU G 297 -25.66 14.07 18.11
N SER G 298 -26.14 13.46 17.02
CA SER G 298 -26.84 12.19 17.13
C SER G 298 -25.91 11.08 17.59
N PHE G 299 -24.65 11.12 17.18
CA PHE G 299 -23.68 10.12 17.63
C PHE G 299 -23.50 10.20 19.14
N VAL G 300 -23.33 11.40 19.67
CA VAL G 300 -23.18 11.54 21.13
C VAL G 300 -24.48 11.17 21.84
N SER G 301 -25.63 11.50 21.24
CA SER G 301 -26.89 11.17 21.86
C SER G 301 -27.09 9.66 21.96
N ASN G 302 -26.77 8.93 20.90
CA ASN G 302 -26.88 7.48 20.94
C ASN G 302 -25.89 6.88 21.93
N LEU G 303 -24.67 7.43 21.98
CA LEU G 303 -23.71 6.96 22.97
C LEU G 303 -24.25 7.12 24.38
N ASN G 304 -24.84 8.28 24.68
CA ASN G 304 -25.41 8.50 26.01
C ASN G 304 -26.62 7.62 26.26
N LYS G 305 -27.42 7.34 25.23
CA LYS G 305 -28.56 6.45 25.40
C LYS G 305 -28.11 5.07 25.81
N ILE G 306 -27.09 4.54 25.13
CA ILE G 306 -26.57 3.22 25.51
C ILE G 306 -25.92 3.28 26.89
N TYR G 307 -25.21 4.35 27.19
CA TYR G 307 -24.56 4.48 28.49
C TYR G 307 -25.57 4.47 29.62
N SER G 308 -26.67 5.21 29.46
CA SER G 308 -27.68 5.29 30.51
C SER G 308 -28.60 4.09 30.55
N LYS G 309 -28.72 3.34 29.45
CA LYS G 309 -29.59 2.18 29.44
C LYS G 309 -29.08 1.05 30.32
N PHE G 310 -27.78 1.01 30.63
CA PHE G 310 -27.20 -0.04 31.45
C PHE G 310 -26.72 0.47 32.80
N LYS G 311 -27.06 1.71 33.17
CA LYS G 311 -26.54 2.33 34.38
C LYS G 311 -27.53 2.13 35.51
N LYS G 312 -27.03 1.66 36.66
CA LYS G 312 -27.85 1.33 37.81
C LYS G 312 -27.59 2.34 38.92
N THR G 313 -28.65 2.94 39.43
CA THR G 313 -28.55 3.88 40.54
C THR G 313 -29.52 3.50 41.66
N SER G 314 -29.66 4.38 42.66
CA SER G 314 -30.56 4.09 43.77
C SER G 314 -32.00 4.09 43.32
N GLU G 315 -32.34 4.86 42.29
CA GLU G 315 -33.71 4.93 41.77
C GLU G 315 -33.94 3.97 40.62
N LEU G 316 -33.01 3.88 39.68
CA LEU G 316 -33.13 2.98 38.54
C LEU G 316 -32.48 1.65 38.88
N SER G 317 -33.27 0.58 38.80
CA SER G 317 -32.77 -0.76 39.06
C SER G 317 -33.73 -1.76 38.42
N GLY G 318 -33.32 -3.01 38.41
CA GLY G 318 -34.14 -4.06 37.86
C GLY G 318 -33.38 -4.92 36.86
N PRO G 319 -34.11 -5.50 35.91
CA PRO G 319 -33.47 -6.38 34.91
C PRO G 319 -32.75 -5.56 33.86
N GLY G 320 -31.49 -5.90 33.59
CA GLY G 320 -30.72 -5.26 32.56
C GLY G 320 -29.88 -4.09 32.99
N ARG G 321 -29.81 -3.80 34.29
CA ARG G 321 -29.02 -2.69 34.80
C ARG G 321 -27.89 -3.23 35.65
N TYR G 322 -26.67 -2.78 35.36
CA TYR G 322 -25.46 -3.29 35.98
C TYR G 322 -24.71 -2.19 36.70
N LYS G 323 -23.99 -2.57 37.75
CA LYS G 323 -23.10 -1.69 38.50
C LYS G 323 -21.67 -1.72 37.98
N THR G 324 -21.39 -2.56 37.00
CA THR G 324 -20.04 -2.71 36.48
C THR G 324 -19.50 -1.38 35.98
N PRO G 325 -18.28 -0.99 36.35
CA PRO G 325 -17.74 0.30 35.90
C PRO G 325 -17.61 0.35 34.39
N TYR G 326 -17.88 1.52 33.83
CA TYR G 326 -17.81 1.73 32.40
C TYR G 326 -16.37 1.92 31.96
N PRO G 327 -16.04 1.57 30.72
CA PRO G 327 -14.69 1.77 30.21
C PRO G 327 -14.34 3.25 30.12
N ASN G 328 -13.07 3.56 30.31
CA ASN G 328 -12.61 4.93 30.20
C ASN G 328 -12.54 5.33 28.72
N ILE G 329 -13.40 6.24 28.31
CA ILE G 329 -13.50 6.66 26.92
C ILE G 329 -12.92 8.05 26.79
N PHE G 330 -11.77 8.16 26.13
CA PHE G 330 -11.20 9.44 25.75
C PHE G 330 -11.48 9.66 24.27
N TYR G 331 -11.88 10.87 23.91
CA TYR G 331 -11.90 11.21 22.49
C TYR G 331 -11.50 12.66 22.31
N SER G 332 -10.60 12.90 21.36
CA SER G 332 -10.13 14.24 21.07
C SER G 332 -10.92 14.80 19.89
N THR G 333 -11.57 15.93 20.14
CA THR G 333 -12.49 16.52 19.16
C THR G 333 -12.13 17.96 18.89
N HIS G 334 -12.52 18.50 17.75
CA HIS G 334 -12.33 19.93 17.42
C HIS G 334 -13.69 20.47 17.04
N SER G 335 -14.76 19.76 17.40
CA SER G 335 -16.12 20.12 16.96
C SER G 335 -16.94 20.67 18.11
N PRO G 336 -17.48 21.91 18.14
CA PRO G 336 -18.29 22.30 19.29
C PRO G 336 -19.53 21.45 19.50
N SER G 337 -20.04 20.80 18.44
CA SER G 337 -21.25 20.00 18.60
C SER G 337 -21.02 18.79 19.50
N ILE G 338 -19.89 18.10 19.30
CA ILE G 338 -19.59 16.93 20.11
C ILE G 338 -19.48 17.32 21.58
N LEU G 339 -18.75 18.40 21.85
CA LEU G 339 -18.54 18.84 23.23
C LEU G 339 -19.86 19.30 23.85
N LYS G 340 -20.67 20.03 23.08
CA LYS G 340 -21.94 20.52 23.61
C LYS G 340 -22.85 19.36 23.98
N GLN G 341 -23.00 18.38 23.09
CA GLN G 341 -23.87 17.26 23.40
C GLN G 341 -23.30 16.41 24.54
N THR G 342 -21.98 16.24 24.57
CA THR G 342 -21.36 15.51 25.67
C THR G 342 -21.71 16.15 27.01
N ILE G 343 -21.52 17.46 27.12
CA ILE G 343 -21.83 18.16 28.36
C ILE G 343 -23.30 18.00 28.70
N LYS G 344 -24.17 18.33 27.75
CA LYS G 344 -25.60 18.40 28.05
C LYS G 344 -26.17 17.03 28.40
N LEU G 345 -25.63 15.96 27.83
CA LEU G 345 -26.21 14.64 28.05
C LEU G 345 -25.49 13.84 29.13
N PHE G 346 -24.30 14.25 29.55
CA PHE G 346 -23.61 13.51 30.61
C PHE G 346 -23.60 14.22 31.95
N GLY G 347 -23.41 15.53 31.98
CA GLY G 347 -23.42 16.23 33.25
C GLY G 347 -22.19 15.96 34.09
N LYS G 348 -22.36 15.21 35.18
CA LYS G 348 -21.29 14.98 36.13
C LYS G 348 -20.39 13.81 35.76
N ASP G 349 -20.70 13.08 34.70
CA ASP G 349 -19.90 11.94 34.28
C ASP G 349 -18.96 12.28 33.14
N GLN G 350 -18.81 13.55 32.81
CA GLN G 350 -17.93 13.97 31.75
C GLN G 350 -16.87 14.92 32.29
N GLN G 351 -15.74 14.97 31.61
CA GLN G 351 -14.62 15.82 32.00
C GLN G 351 -14.02 16.43 30.74
N VAL G 352 -13.71 17.71 30.78
CA VAL G 352 -13.14 18.42 29.64
C VAL G 352 -11.71 18.77 29.96
N LEU G 353 -10.79 18.24 29.15
CA LEU G 353 -9.36 18.44 29.33
C LEU G 353 -8.85 19.38 28.24
N HIS G 354 -8.12 20.41 28.65
CA HIS G 354 -7.60 21.44 27.78
C HIS G 354 -6.09 21.23 27.64
N PHE G 355 -5.64 21.04 26.41
CA PHE G 355 -4.22 20.88 26.09
C PHE G 355 -3.72 22.18 25.47
N SER G 356 -2.70 22.78 26.07
CA SER G 356 -2.14 24.03 25.50
C SER G 356 -0.63 23.92 25.46
N LYS G 357 0.01 24.23 24.35
CA LYS G 357 1.48 24.17 24.40
C LYS G 357 1.94 25.55 24.77
N LYS G 358 2.69 25.68 25.86
CA LYS G 358 3.10 27.00 26.37
C LYS G 358 4.07 27.71 25.44
N LYS G 359 4.97 28.49 26.04
CA LYS G 359 5.90 29.29 25.24
C LYS G 359 7.16 28.50 24.90
N ASP G 360 7.71 27.74 25.85
CA ASP G 360 8.91 26.97 25.57
C ASP G 360 8.64 25.79 24.65
N GLY G 361 7.46 25.18 24.76
CA GLY G 361 7.09 24.04 23.95
C GLY G 361 6.47 22.90 24.73
N SER G 362 6.42 22.96 26.04
CA SER G 362 5.82 21.89 26.83
C SER G 362 4.30 21.93 26.75
N THR G 363 3.69 20.76 26.88
CA THR G 363 2.24 20.65 26.89
C THR G 363 1.72 20.81 28.31
N ARG G 364 0.64 21.58 28.46
CA ARG G 364 -0.06 21.74 29.71
C ARG G 364 -1.45 21.17 29.59
N VAL G 365 -1.84 20.36 30.58
CA VAL G 365 -3.16 19.75 30.63
C VAL G 365 -3.91 20.36 31.81
N ASN G 366 -5.08 20.93 31.54
CA ASN G 366 -5.89 21.56 32.57
C ASN G 366 -7.31 21.01 32.48
N LYS G 367 -8.07 21.16 33.56
CA LYS G 367 -9.45 20.71 33.60
C LYS G 367 -10.37 21.92 33.53
N ILE G 368 -11.21 21.98 32.52
CA ILE G 368 -12.13 23.10 32.37
C ILE G 368 -13.46 22.74 33.00
N ASN G 369 -14.02 23.68 33.76
CA ASN G 369 -15.28 23.44 34.46
C ASN G 369 -16.39 23.22 33.43
N SER G 370 -16.97 22.02 33.44
CA SER G 370 -18.04 21.67 32.52
C SER G 370 -19.28 21.15 33.24
N THR G 371 -19.35 21.29 34.56
CA THR G 371 -20.50 20.89 35.34
C THR G 371 -21.19 22.13 35.89
N TYR G 372 -22.48 22.27 35.62
CA TYR G 372 -23.25 23.43 36.06
C TYR G 372 -24.37 22.97 36.97
N SER G 373 -24.59 23.72 38.05
CA SER G 373 -25.64 23.39 39.01
C SER G 373 -27.00 23.93 38.61
N ASP G 374 -27.07 24.73 37.55
CA ASP G 374 -28.32 25.34 37.11
C ASP G 374 -28.91 24.50 35.98
N GLU G 375 -30.12 23.97 36.20
CA GLU G 375 -30.79 23.21 35.15
C GLU G 375 -31.19 24.10 33.99
N ARG G 376 -31.55 25.35 34.26
CA ARG G 376 -31.93 26.27 33.18
C ARG G 376 -30.78 26.51 32.23
N PHE G 377 -29.56 26.66 32.76
CA PHE G 377 -28.41 26.86 31.90
C PHE G 377 -28.09 25.60 31.10
N LEU G 378 -28.28 24.43 31.71
CA LEU G 378 -28.07 23.18 30.97
C LEU G 378 -29.05 23.05 29.81
N ASN G 379 -30.31 23.39 30.04
CA ASN G 379 -31.28 23.31 28.95
C ASN G 379 -31.03 24.37 27.89
N ILE G 380 -30.72 25.59 28.31
CA ILE G 380 -30.48 26.68 27.36
C ILE G 380 -29.09 26.63 26.75
N PHE G 381 -28.22 25.73 27.25
CA PHE G 381 -26.89 25.57 26.66
C PHE G 381 -26.99 25.26 25.19
N SER G 382 -26.26 26.01 24.37
CA SER G 382 -26.39 25.91 22.93
C SER G 382 -25.00 25.97 22.30
N ASP G 383 -24.98 26.08 20.98
CA ASP G 383 -23.71 26.09 20.24
C ASP G 383 -22.88 27.30 20.60
N ASN G 384 -23.52 28.44 20.82
CA ASN G 384 -22.80 29.67 21.13
C ASN G 384 -22.03 29.54 22.43
N GLU G 385 -22.64 28.95 23.46
CA GLU G 385 -21.96 28.80 24.74
C GLU G 385 -20.86 27.76 24.65
N ALA G 386 -21.13 26.62 24.01
CA ALA G 386 -20.13 25.57 23.89
C ALA G 386 -18.95 25.99 23.03
N ARG G 387 -19.15 26.99 22.18
CA ARG G 387 -18.03 27.52 21.33
C ARG G 387 -16.98 28.14 22.25
N LEU G 388 -17.39 28.64 23.43
CA LEU G 388 -16.45 29.32 24.31
C LEU G 388 -15.30 28.42 24.74
N PHE G 389 -15.53 27.10 24.81
CA PHE G 389 -14.48 26.19 25.25
C PHE G 389 -13.29 26.22 24.32
N PHE G 390 -13.50 26.50 23.03
CA PHE G 390 -12.43 26.53 22.06
C PHE G 390 -11.81 27.91 21.90
N SER G 391 -12.23 28.88 22.71
CA SER G 391 -11.73 30.24 22.58
C SER G 391 -10.29 30.33 23.07
N GLU G 392 -9.61 31.38 22.64
CA GLU G 392 -8.30 31.74 23.15
C GLU G 392 -8.34 32.91 24.12
N TYR G 393 -9.27 33.85 23.91
CA TYR G 393 -9.49 34.96 24.84
C TYR G 393 -10.95 35.35 24.76
N ILE G 394 -11.66 35.25 25.87
CA ILE G 394 -13.08 35.54 25.93
C ILE G 394 -13.26 36.94 26.51
N VAL G 395 -13.92 37.81 25.74
CA VAL G 395 -14.21 39.16 26.20
C VAL G 395 -15.69 39.25 26.51
N PHE G 396 -16.06 39.00 27.76
CA PHE G 396 -17.46 39.07 28.15
C PHE G 396 -17.93 40.52 28.16
N VAL G 397 -19.10 40.77 27.60
CA VAL G 397 -19.69 42.10 27.55
C VAL G 397 -21.10 42.03 28.12
N GLU G 398 -21.80 43.16 28.08
CA GLU G 398 -23.11 43.28 28.71
C GLU G 398 -24.25 43.42 27.72
N GLY G 399 -24.11 44.29 26.71
CA GLY G 399 -25.18 44.55 25.78
C GLY G 399 -24.79 44.21 24.36
N ALA G 400 -25.76 44.35 23.45
CA ALA G 400 -25.52 44.01 22.05
C ALA G 400 -24.72 45.07 21.32
N THR G 401 -24.64 46.29 21.84
CA THR G 401 -23.86 47.34 21.18
C THR G 401 -22.38 47.01 21.22
N GLU G 402 -21.90 46.46 22.33
CA GLU G 402 -20.50 46.03 22.39
C GLU G 402 -20.22 44.90 21.42
N LEU G 403 -21.18 43.99 21.25
CA LEU G 403 -21.05 42.95 20.24
C LEU G 403 -20.95 43.56 18.85
N GLU G 404 -21.78 44.57 18.57
CA GLU G 404 -21.72 45.24 17.28
C GLU G 404 -20.36 45.90 17.06
N LEU G 405 -19.81 46.51 18.11
CA LEU G 405 -18.53 47.22 17.96
C LEU G 405 -17.38 46.23 17.77
N PHE G 406 -17.20 45.31 18.72
CA PHE G 406 -16.02 44.47 18.73
C PHE G 406 -15.99 43.44 17.60
N ARG G 407 -17.09 43.26 16.89
CA ARG G 407 -17.13 42.35 15.75
C ARG G 407 -17.01 43.08 14.43
N ASN G 408 -16.69 44.37 14.45
CA ASN G 408 -16.62 45.15 13.22
C ASN G 408 -15.50 44.64 12.32
N LEU G 409 -15.84 44.38 11.05
CA LEU G 409 -14.88 43.79 10.14
C LEU G 409 -13.72 44.76 9.84
N SER G 410 -14.03 46.02 9.57
CA SER G 410 -12.98 46.99 9.31
C SER G 410 -12.10 47.21 10.52
N LEU G 411 -12.70 47.26 11.71
CA LEU G 411 -11.91 47.44 12.94
C LEU G 411 -11.01 46.22 13.19
N LEU G 412 -11.52 45.02 12.94
CA LEU G 412 -10.70 43.83 13.09
C LEU G 412 -9.64 43.70 12.00
N ASN G 413 -9.82 44.38 10.87
CA ASN G 413 -8.81 44.33 9.83
C ASN G 413 -7.49 44.92 10.31
N LEU G 414 -7.54 46.04 11.04
CA LEU G 414 -6.33 46.67 11.52
C LEU G 414 -5.78 46.08 12.80
N TYR G 415 -6.52 45.17 13.45
CA TYR G 415 -6.08 44.49 14.66
C TYR G 415 -6.29 42.99 14.50
N PRO G 416 -5.46 42.34 13.68
CA PRO G 416 -5.69 40.91 13.41
C PRO G 416 -5.62 40.04 14.66
N ALA G 417 -4.79 40.40 15.63
CA ALA G 417 -4.68 39.58 16.84
C ALA G 417 -6.02 39.48 17.57
N PHE G 418 -6.72 40.61 17.69
CA PHE G 418 -8.02 40.58 18.35
C PHE G 418 -9.05 39.77 17.58
N SER G 419 -8.77 39.43 16.33
CA SER G 419 -9.64 38.52 15.60
C SER G 419 -9.68 37.13 16.23
N LEU G 420 -8.66 36.77 17.01
CA LEU G 420 -8.65 35.45 17.65
C LEU G 420 -9.45 35.41 18.94
N ALA G 421 -9.98 36.54 19.39
CA ALA G 421 -10.75 36.61 20.63
C ALA G 421 -12.24 36.63 20.31
N ASP G 422 -12.97 35.72 20.97
CA ASP G 422 -14.44 35.62 20.76
C ASP G 422 -15.15 36.48 21.78
N ILE G 423 -16.07 37.34 21.33
CA ILE G 423 -16.84 38.21 22.19
C ILE G 423 -18.18 37.56 22.47
N TYR G 424 -18.57 37.52 23.74
CA TYR G 424 -19.79 36.84 24.15
C TYR G 424 -20.48 37.65 25.24
N ASP G 425 -21.67 38.17 24.93
CA ASP G 425 -22.39 38.96 25.91
C ASP G 425 -22.92 38.06 27.03
N ALA G 426 -22.64 38.43 28.27
CA ALA G 426 -22.94 37.58 29.41
C ALA G 426 -23.76 38.34 30.44
N ASN G 427 -24.92 37.79 30.79
CA ASN G 427 -25.69 38.29 31.91
C ASN G 427 -24.97 37.94 33.22
N GLU G 428 -25.41 38.58 34.30
CA GLU G 428 -24.74 38.35 35.58
C GLU G 428 -24.89 36.91 36.05
N VAL G 429 -26.10 36.34 35.89
CA VAL G 429 -26.31 34.96 36.30
C VAL G 429 -25.57 34.00 35.38
N ILE G 430 -25.57 34.28 34.07
CA ILE G 430 -24.81 33.46 33.13
C ILE G 430 -23.32 33.53 33.44
N LEU G 431 -22.82 34.73 33.72
CA LEU G 431 -21.42 34.86 34.08
C LEU G 431 -21.11 34.17 35.40
N ALA G 432 -22.08 34.09 36.31
CA ALA G 432 -21.85 33.43 37.57
C ALA G 432 -21.79 31.92 37.42
N ASN G 433 -22.68 31.34 36.62
CA ASN G 433 -22.70 29.89 36.49
C ASN G 433 -21.76 29.36 35.42
N ILE G 434 -21.22 30.21 34.54
CA ILE G 434 -20.16 29.76 33.64
C ILE G 434 -18.88 29.50 34.42
N ASN G 435 -18.61 30.36 35.41
CA ASN G 435 -17.41 30.32 36.24
C ASN G 435 -16.15 30.46 35.38
N PRO G 436 -15.98 31.60 34.69
CA PRO G 436 -14.78 31.77 33.87
C PRO G 436 -13.52 31.95 34.69
N GLY G 437 -13.63 32.33 35.96
CA GLY G 437 -12.47 32.47 36.81
C GLY G 437 -11.85 31.15 37.22
N TYR G 438 -12.61 30.05 37.14
CA TYR G 438 -12.06 28.74 37.45
C TYR G 438 -10.96 28.36 36.46
N SER G 439 -11.14 28.69 35.18
CA SER G 439 -10.15 28.35 34.18
C SER G 439 -9.00 29.35 34.20
N LYS G 440 -9.28 30.61 33.86
CA LYS G 440 -8.32 31.70 33.90
C LYS G 440 -6.99 31.34 33.24
N ALA G 441 -6.23 30.45 33.86
CA ALA G 441 -4.95 30.02 33.29
C ALA G 441 -5.14 29.29 31.98
N SER G 442 -6.19 28.46 31.89
CA SER G 442 -6.46 27.74 30.66
C SER G 442 -6.95 28.68 29.57
N ILE G 443 -8.07 29.36 29.81
CA ILE G 443 -8.66 30.28 28.86
C ILE G 443 -8.71 31.66 29.50
N PRO G 444 -7.75 32.53 29.20
CA PRO G 444 -7.78 33.88 29.76
C PRO G 444 -9.00 34.65 29.28
N PHE G 445 -9.49 35.54 30.14
CA PHE G 445 -10.74 36.23 29.86
C PHE G 445 -10.72 37.61 30.50
N VAL G 446 -11.74 38.40 30.16
CA VAL G 446 -11.95 39.72 30.76
C VAL G 446 -13.43 40.02 30.72
N ILE G 447 -13.94 40.64 31.78
CA ILE G 447 -15.36 40.98 31.90
C ILE G 447 -15.47 42.49 31.81
N ILE G 448 -16.18 42.97 30.79
CA ILE G 448 -16.23 44.40 30.48
C ILE G 448 -17.59 44.92 30.93
N LYS G 449 -17.58 45.87 31.86
CA LYS G 449 -18.81 46.43 32.38
C LYS G 449 -18.69 47.95 32.45
N ASP G 450 -19.83 48.59 32.71
CA ASP G 450 -19.85 50.03 32.92
C ASP G 450 -19.74 50.34 34.41
N ILE G 451 -19.18 51.51 34.70
CA ILE G 451 -19.02 51.92 36.10
C ILE G 451 -20.35 52.14 36.79
N ASP G 452 -21.44 52.23 36.04
CA ASP G 452 -22.76 52.36 36.65
C ASP G 452 -23.12 51.14 37.50
N THR G 453 -22.60 49.97 37.13
CA THR G 453 -22.86 48.76 37.91
C THR G 453 -22.21 48.80 39.28
N LEU G 454 -21.31 49.75 39.51
CA LEU G 454 -20.63 49.90 40.80
C LEU G 454 -21.25 51.00 41.66
N ILE G 455 -21.33 52.22 41.14
CA ILE G 455 -21.73 53.38 41.90
C ILE G 455 -22.92 54.04 41.20
N ASP G 456 -23.94 54.40 41.97
CA ASP G 456 -25.11 55.08 41.42
C ASP G 456 -25.23 56.44 42.09
N TYR G 457 -24.72 57.47 41.40
CA TYR G 457 -24.80 58.84 41.88
C TYR G 457 -26.24 59.31 41.88
N SER G 458 -26.61 60.08 42.91
CA SER G 458 -27.93 60.67 43.00
C SER G 458 -27.80 62.18 42.88
N ILE G 459 -28.51 62.76 41.92
CA ILE G 459 -28.44 64.20 41.71
C ILE G 459 -29.13 64.94 42.85
N LYS G 460 -30.27 64.43 43.32
CA LYS G 460 -31.00 65.10 44.38
C LYS G 460 -30.20 65.14 45.68
N THR G 461 -29.55 64.03 46.03
CA THR G 461 -28.82 63.95 47.29
C THR G 461 -27.34 64.31 47.16
N GLU G 462 -26.82 64.41 45.95
CA GLU G 462 -25.40 64.69 45.71
C GLU G 462 -24.51 63.66 46.40
N LYS G 463 -24.91 62.40 46.34
CA LYS G 463 -24.21 61.31 47.01
C LYS G 463 -23.99 60.13 46.07
N PHE G 464 -22.81 59.52 46.18
CA PHE G 464 -22.58 58.22 45.58
C PHE G 464 -23.14 57.14 46.49
N SER G 465 -23.65 56.08 45.89
CA SER G 465 -24.07 54.89 46.62
C SER G 465 -23.47 53.66 45.96
N LEU G 466 -23.07 52.71 46.79
CA LEU G 466 -22.34 51.52 46.34
C LEU G 466 -23.33 50.41 46.02
N ARG G 467 -23.28 49.91 44.79
CA ARG G 467 -24.09 48.76 44.42
C ARG G 467 -23.54 47.51 45.10
N PRO G 468 -24.37 46.46 45.24
CA PRO G 468 -23.88 45.26 45.93
C PRO G 468 -22.74 44.57 45.19
N LEU G 469 -22.60 44.79 43.89
CA LEU G 469 -21.46 44.23 43.17
C LEU G 469 -20.15 44.82 43.68
N PHE G 470 -20.13 46.10 44.01
CA PHE G 470 -18.95 46.71 44.62
C PHE G 470 -18.63 46.07 45.97
N GLU G 471 -19.64 45.85 46.80
CA GLU G 471 -19.38 45.23 48.10
C GLU G 471 -18.82 43.83 47.93
N LYS G 472 -19.39 43.07 47.00
CA LYS G 472 -18.92 41.70 46.75
C LYS G 472 -17.50 41.69 46.20
N MET G 473 -17.18 42.62 45.29
CA MET G 473 -15.83 42.73 44.77
C MET G 473 -14.83 43.12 45.85
N ILE G 474 -15.21 44.08 46.71
CA ILE G 474 -14.34 44.45 47.82
C ILE G 474 -14.13 43.26 48.75
N LYS G 475 -15.19 42.47 48.96
CA LYS G 475 -15.08 41.32 49.84
C LYS G 475 -14.08 40.29 49.32
N GLU G 476 -14.09 40.03 48.01
CA GLU G 476 -13.01 39.21 47.48
C GLU G 476 -11.66 39.92 47.51
N LEU G 477 -11.65 41.24 47.51
CA LEU G 477 -10.40 41.98 47.41
C LEU G 477 -9.75 42.28 48.76
N THR G 478 -10.49 42.15 49.86
CA THR G 478 -9.90 42.28 51.19
C THR G 478 -9.24 40.94 51.57
N LYS G 479 -8.20 40.60 50.82
CA LYS G 479 -7.52 39.32 50.99
C LYS G 479 -6.93 39.17 52.38
N GLU G 480 -6.69 40.28 53.06
CA GLU G 480 -5.85 40.34 54.26
C GLU G 480 -6.44 39.61 55.45
N PHE G 481 -7.53 38.87 55.26
CA PHE G 481 -8.20 38.23 56.38
C PHE G 481 -7.28 37.27 57.13
N ASP G 482 -6.54 36.44 56.39
CA ASP G 482 -5.66 35.45 57.01
C ASP G 482 -4.30 35.40 56.33
N TYR G 483 -3.77 36.60 56.05
CA TYR G 483 -2.53 36.63 55.26
C TYR G 483 -1.37 37.29 55.99
N TYR G 484 -0.25 37.41 55.28
CA TYR G 484 0.96 38.05 55.78
C TYR G 484 1.30 39.25 54.92
N ASP G 485 2.14 40.13 55.46
CA ASP G 485 2.44 41.38 54.79
C ASP G 485 3.16 41.15 53.46
N THR G 486 2.84 42.01 52.49
CA THR G 486 3.39 41.96 51.15
C THR G 486 3.27 43.38 50.60
N GLY G 487 3.64 43.61 49.35
CA GLY G 487 3.52 44.94 48.76
C GLY G 487 2.09 45.27 48.40
N PHE G 488 1.16 44.86 49.25
CA PHE G 488 -0.27 45.09 49.09
C PHE G 488 -0.79 46.28 49.90
N GLY G 489 0.10 47.05 50.53
CA GLY G 489 -0.35 48.21 51.29
C GLY G 489 -1.11 49.20 50.44
N ARG G 490 -0.66 49.39 49.19
CA ARG G 490 -1.38 50.25 48.27
C ARG G 490 -2.79 49.71 48.01
N VAL G 491 -2.93 48.40 47.89
CA VAL G 491 -4.25 47.81 47.71
C VAL G 491 -5.15 48.09 48.90
N ARG G 492 -4.61 47.92 50.12
CA ARG G 492 -5.42 48.21 51.31
C ARG G 492 -5.83 49.67 51.34
N LYS G 493 -4.93 50.59 50.97
CA LYS G 493 -5.29 52.00 50.92
C LYS G 493 -6.40 52.24 49.91
N GLU G 494 -6.29 51.62 48.72
CA GLU G 494 -7.31 51.83 47.70
C GLU G 494 -8.67 51.31 48.15
N ILE G 495 -8.70 50.15 48.81
CA ILE G 495 -9.95 49.64 49.35
C ILE G 495 -10.49 50.56 50.45
N ASP G 496 -9.59 51.14 51.24
CA ASP G 496 -10.04 52.08 52.27
C ASP G 496 -10.74 53.28 51.66
N LEU G 497 -10.16 53.87 50.61
CA LEU G 497 -10.85 54.99 49.96
C LEU G 497 -12.09 54.54 49.21
N PHE G 498 -12.10 53.32 48.67
CA PHE G 498 -13.31 52.82 48.01
C PHE G 498 -14.46 52.66 49.00
N SER G 499 -14.15 52.32 50.25
CA SER G 499 -15.19 52.30 51.27
C SER G 499 -15.54 53.72 51.72
N ASP G 500 -14.55 54.61 51.77
CA ASP G 500 -14.78 55.99 52.17
C ASP G 500 -15.66 56.76 51.20
N ILE G 501 -15.65 56.39 49.91
CA ILE G 501 -16.35 57.17 48.89
C ILE G 501 -17.84 57.28 49.19
N GLN G 502 -18.38 56.36 49.99
CA GLN G 502 -19.81 56.38 50.29
C GLN G 502 -20.21 57.64 51.04
N SER G 503 -19.42 58.03 52.05
CA SER G 503 -19.80 59.17 52.90
C SER G 503 -19.57 60.52 52.24
N SER G 504 -18.71 60.58 51.22
CA SER G 504 -18.39 61.85 50.58
C SER G 504 -19.57 62.32 49.72
N THR G 505 -19.62 63.64 49.50
CA THR G 505 -20.60 64.26 48.63
C THR G 505 -19.91 65.13 47.59
N LYS G 506 -20.49 65.19 46.40
CA LYS G 506 -19.94 65.95 45.28
C LYS G 506 -21.05 66.81 44.68
N LYS G 507 -20.77 68.09 44.49
CA LYS G 507 -21.74 68.98 43.87
C LYS G 507 -21.73 68.81 42.36
N HIS G 508 -22.85 69.19 41.74
CA HIS G 508 -23.02 69.11 40.31
C HIS G 508 -23.43 70.47 39.74
N MET G 509 -23.18 70.66 38.46
CA MET G 509 -23.48 71.90 37.78
C MET G 509 -24.39 71.63 36.59
N ASP G 510 -24.98 72.70 36.07
CA ASP G 510 -25.89 72.64 34.93
C ASP G 510 -27.06 71.68 35.22
N SER G 511 -27.60 71.79 36.43
CA SER G 511 -28.73 70.99 36.90
C SER G 511 -28.41 69.50 36.93
N GLY G 512 -27.14 69.14 37.09
CA GLY G 512 -26.76 67.75 37.23
C GLY G 512 -26.27 67.11 35.95
N LEU G 513 -25.45 67.83 35.19
CA LEU G 513 -24.88 67.30 33.96
C LEU G 513 -23.36 67.24 33.96
N PHE G 514 -22.69 67.86 34.91
CA PHE G 514 -21.24 67.82 35.00
C PHE G 514 -20.82 67.79 36.47
N PHE G 515 -19.55 67.45 36.69
CA PHE G 515 -18.96 67.45 38.02
C PHE G 515 -18.10 68.69 38.20
N LYS G 516 -18.25 69.34 39.36
CA LYS G 516 -17.49 70.56 39.61
C LYS G 516 -15.99 70.29 39.63
N ARG G 517 -15.55 69.32 40.43
CA ARG G 517 -14.14 68.98 40.55
C ARG G 517 -13.88 67.48 40.55
N PHE G 518 -14.89 66.64 40.73
CA PHE G 518 -14.68 65.20 40.76
C PHE G 518 -14.35 64.69 39.36
N SER G 519 -13.32 63.85 39.27
CA SER G 519 -12.85 63.31 38.01
C SER G 519 -13.25 61.84 37.93
N LEU G 520 -14.37 61.56 37.25
CA LEU G 520 -14.78 60.18 37.03
C LEU G 520 -13.73 59.40 36.26
N HIS G 521 -12.93 60.08 35.43
CA HIS G 521 -11.83 59.40 34.76
C HIS G 521 -10.81 58.88 35.76
N ASN G 522 -10.47 59.69 36.77
CA ASN G 522 -9.51 59.24 37.77
C ASN G 522 -10.07 58.06 38.57
N LEU G 523 -11.34 58.12 38.95
CA LEU G 523 -11.94 57.03 39.69
C LEU G 523 -11.97 55.75 38.85
N SER G 524 -12.30 55.89 37.56
CA SER G 524 -12.31 54.72 36.68
C SER G 524 -10.92 54.13 36.55
N SER G 525 -9.90 54.98 36.41
CA SER G 525 -8.53 54.48 36.31
C SER G 525 -8.12 53.75 37.57
N ARG G 526 -8.43 54.31 38.74
CA ARG G 526 -8.09 53.65 39.99
C ARG G 526 -8.83 52.32 40.12
N ILE G 527 -10.11 52.29 39.77
CA ILE G 527 -10.89 51.07 39.86
C ILE G 527 -10.32 50.00 38.95
N ASN G 528 -9.98 50.37 37.70
CA ASN G 528 -9.44 49.39 36.76
C ASN G 528 -8.07 48.90 37.21
N LYS G 529 -7.22 49.79 37.71
CA LYS G 529 -5.92 49.37 38.20
C LYS G 529 -6.06 48.39 39.36
N VAL G 530 -7.01 48.64 40.26
CA VAL G 530 -7.20 47.76 41.40
C VAL G 530 -7.79 46.43 40.96
N SER G 531 -8.77 46.45 40.05
CA SER G 531 -9.54 45.27 39.70
C SER G 531 -8.99 44.50 38.51
N ARG G 532 -7.84 44.91 37.96
CA ARG G 532 -7.20 44.10 36.93
C ARG G 532 -6.89 42.69 37.44
N LYS G 533 -6.64 42.55 38.74
CA LYS G 533 -6.39 41.23 39.31
C LYS G 533 -7.61 40.33 39.21
N LEU G 534 -8.81 40.89 39.09
CA LEU G 534 -10.03 40.11 38.95
C LEU G 534 -10.49 40.00 37.50
N ASN G 535 -9.66 40.44 36.55
CA ASN G 535 -9.96 40.37 35.12
C ASN G 535 -11.22 41.14 34.75
N ARG G 536 -11.56 42.17 35.50
CA ARG G 536 -12.73 42.99 35.21
C ARG G 536 -12.27 44.39 34.80
N TYR G 537 -12.82 44.88 33.69
CA TYR G 537 -12.54 46.23 33.20
C TYR G 537 -13.83 47.03 33.19
N PHE G 538 -13.80 48.19 33.83
CA PHE G 538 -14.96 49.07 33.92
C PHE G 538 -14.70 50.33 33.10
N MET G 539 -15.64 50.65 32.22
CA MET G 539 -15.57 51.85 31.42
C MET G 539 -16.24 53.01 32.15
N THR G 540 -15.72 54.22 31.91
CA THR G 540 -16.21 55.39 32.61
C THR G 540 -17.69 55.64 32.28
N THR G 541 -18.06 55.49 31.01
CA THR G 541 -19.42 55.72 30.56
C THR G 541 -19.88 54.51 29.75
N THR G 542 -21.04 54.63 29.13
CA THR G 542 -21.52 53.58 28.27
C THR G 542 -20.67 53.50 27.00
N ILE G 543 -20.95 52.48 26.19
CA ILE G 543 -20.18 52.28 24.97
C ILE G 543 -20.45 53.40 23.97
N GLU G 544 -21.68 53.92 23.94
CA GLU G 544 -21.98 55.08 23.10
C GLU G 544 -21.16 56.28 23.53
N GLY G 545 -21.02 56.48 24.84
CA GLY G 545 -20.14 57.53 25.32
C GLY G 545 -18.69 57.29 24.96
N ALA G 546 -18.26 56.03 24.95
CA ALA G 546 -16.88 55.72 24.57
C ALA G 546 -16.63 56.05 23.10
N LEU G 547 -17.60 55.75 22.23
CA LEU G 547 -17.46 56.09 20.82
C LEU G 547 -17.49 57.60 20.63
N ILE G 548 -18.41 58.28 21.29
CA ILE G 548 -18.65 59.71 21.07
C ILE G 548 -18.03 60.45 22.25
N ASN G 549 -16.79 60.86 22.07
CA ASN G 549 -16.09 61.70 23.04
C ASN G 549 -15.83 63.06 22.42
N GLU G 550 -15.24 63.96 23.22
CA GLU G 550 -14.94 65.30 22.73
C GLU G 550 -13.96 65.26 21.56
N GLN G 551 -13.07 64.27 21.55
CA GLN G 551 -12.10 64.14 20.46
C GLN G 551 -12.72 63.58 19.20
N SER G 552 -13.75 62.76 19.32
CA SER G 552 -14.40 62.14 18.16
C SER G 552 -15.47 63.02 17.54
N LEU G 553 -15.69 64.22 18.09
CA LEU G 553 -16.68 65.12 17.50
C LEU G 553 -16.41 65.48 16.05
N PRO G 554 -15.19 65.81 15.62
CA PRO G 554 -15.02 66.20 14.20
C PRO G 554 -15.40 65.11 13.22
N TYR G 555 -14.80 63.92 13.32
CA TYR G 555 -15.11 62.84 12.40
C TYR G 555 -16.59 62.52 12.40
N PHE G 556 -17.19 62.37 13.59
CA PHE G 556 -18.63 62.16 13.68
C PHE G 556 -19.38 63.23 12.91
N PHE G 557 -19.02 64.49 13.11
CA PHE G 557 -19.67 65.57 12.38
C PHE G 557 -19.49 65.38 10.88
N ASN G 558 -18.28 65.01 10.45
CA ASN G 558 -18.07 64.72 9.05
C ASN G 558 -19.02 63.64 8.58
N TRP G 559 -19.22 62.60 9.39
CA TRP G 559 -20.19 61.57 9.04
C TRP G 559 -21.56 62.17 8.83
N ILE G 560 -21.98 63.07 9.73
CA ILE G 560 -23.24 63.77 9.53
C ILE G 560 -23.24 64.47 8.19
N GLY G 561 -22.16 65.19 7.87
CA GLY G 561 -22.06 65.80 6.56
C GLY G 561 -22.22 64.80 5.45
N ASP G 562 -21.53 63.66 5.57
CA ASP G 562 -21.70 62.61 4.56
C ASP G 562 -23.12 62.04 4.61
N VAL G 563 -23.68 61.85 5.81
CA VAL G 563 -25.04 61.34 5.86
C VAL G 563 -26.01 62.42 5.39
N ILE G 564 -25.52 63.65 5.24
CA ILE G 564 -26.33 64.72 4.67
C ILE G 564 -26.23 64.70 3.15
N LEU G 565 -25.12 64.19 2.61
CA LEU G 565 -24.85 64.36 1.19
C LEU G 565 -25.36 63.20 0.35
N THR G 566 -25.27 61.97 0.84
CA THR G 566 -25.38 60.80 -0.03
C THR G 566 -26.67 60.00 0.13
N GLN G 567 -27.02 59.59 1.35
CA GLN G 567 -27.98 58.50 1.54
C GLN G 567 -29.44 58.94 1.64
N MET G 568 -29.77 60.21 1.41
CA MET G 568 -31.16 60.55 1.19
C MET G 568 -31.41 60.87 -0.28
N THR G 569 -32.68 60.78 -0.67
CA THR G 569 -33.13 61.06 -2.03
C THR G 569 -34.31 62.01 -1.94
N ILE G 570 -34.98 62.23 -3.07
CA ILE G 570 -36.12 63.14 -3.16
C ILE G 570 -37.39 62.33 -3.01
N ASN G 571 -38.28 62.78 -2.12
CA ASN G 571 -39.49 62.03 -1.78
C ASN G 571 -40.62 62.34 -2.76
N ASN G 572 -40.37 62.03 -4.04
CA ASN G 572 -41.37 62.23 -5.08
C ASN G 572 -40.96 61.54 -6.37
N PRO G 573 -41.90 60.95 -7.10
CA PRO G 573 -41.56 60.35 -8.40
C PRO G 573 -41.23 61.36 -9.48
N ASN G 574 -41.38 62.66 -9.22
CA ASN G 574 -41.13 63.71 -10.21
C ASN G 574 -40.19 64.73 -9.59
N PRO G 575 -38.88 64.44 -9.54
CA PRO G 575 -37.95 65.35 -8.85
C PRO G 575 -37.95 66.78 -9.37
N ASP G 576 -38.08 66.98 -10.68
CA ASP G 576 -37.99 68.32 -11.26
C ASP G 576 -39.13 69.21 -10.76
N LYS G 577 -40.38 68.84 -11.07
CA LYS G 577 -41.50 69.69 -10.73
C LYS G 577 -41.69 69.79 -9.21
N PHE G 578 -41.46 68.69 -8.50
CA PHE G 578 -41.59 68.69 -7.05
C PHE G 578 -40.56 69.62 -6.41
N ILE G 579 -39.32 69.56 -6.87
CA ILE G 579 -38.28 70.44 -6.32
C ILE G 579 -38.59 71.89 -6.66
N GLU G 580 -39.14 72.14 -7.85
CA GLU G 580 -39.52 73.51 -8.19
C GLU G 580 -40.66 73.99 -7.28
N ALA G 581 -41.66 73.14 -7.03
CA ALA G 581 -42.79 73.54 -6.20
C ALA G 581 -42.35 73.83 -4.78
N MET G 582 -41.46 73.00 -4.22
CA MET G 582 -41.00 73.23 -2.87
C MET G 582 -40.06 74.43 -2.78
N ARG G 583 -39.26 74.68 -3.83
CA ARG G 583 -38.48 75.92 -3.85
C ARG G 583 -39.38 77.14 -3.91
N ARG G 584 -40.49 77.04 -4.64
CA ARG G 584 -41.41 78.17 -4.74
C ARG G 584 -42.13 78.42 -3.41
N ARG G 585 -42.68 77.36 -2.82
CA ARG G 585 -43.50 77.53 -1.61
C ARG G 585 -42.64 77.83 -0.39
N TYR G 586 -41.50 77.16 -0.25
CA TYR G 586 -40.61 77.33 0.88
C TYR G 586 -39.36 78.07 0.45
N ASN G 587 -39.02 79.13 1.18
CA ASN G 587 -37.86 79.94 0.84
C ASN G 587 -36.57 79.18 1.13
N ILE G 588 -35.50 79.62 0.48
CA ILE G 588 -34.19 79.02 0.71
C ILE G 588 -33.69 79.35 2.11
N LYS G 589 -33.81 80.62 2.52
CA LYS G 589 -33.22 81.07 3.77
C LYS G 589 -34.18 80.89 4.95
N SER G 590 -35.37 81.49 4.86
CA SER G 590 -36.25 81.54 6.02
C SER G 590 -36.84 80.18 6.38
N GLN G 591 -37.10 79.33 5.39
CA GLN G 591 -37.82 78.07 5.60
C GLN G 591 -37.00 76.91 5.08
N VAL G 592 -35.71 76.88 5.43
CA VAL G 592 -34.83 75.81 4.95
C VAL G 592 -35.21 74.48 5.59
N VAL G 593 -35.58 74.49 6.88
CA VAL G 593 -35.91 73.24 7.56
C VAL G 593 -37.12 72.55 6.95
N PRO G 594 -38.28 73.21 6.79
CA PRO G 594 -39.41 72.51 6.13
C PRO G 594 -39.11 72.17 4.68
N LEU G 595 -38.32 72.98 3.99
CA LEU G 595 -37.96 72.66 2.60
C LEU G 595 -37.17 71.36 2.54
N PHE G 596 -36.21 71.18 3.43
CA PHE G 596 -35.44 69.95 3.46
C PHE G 596 -36.29 68.78 3.94
N LYS G 597 -37.24 69.05 4.84
CA LYS G 597 -38.16 68.00 5.27
C LYS G 597 -38.99 67.49 4.10
N SER G 598 -39.48 68.42 3.26
CA SER G 598 -40.34 68.03 2.15
C SER G 598 -39.54 67.40 1.00
N VAL G 599 -38.36 67.94 0.72
CA VAL G 599 -37.62 67.51 -0.46
C VAL G 599 -36.89 66.19 -0.20
N PHE G 600 -36.03 66.16 0.80
CA PHE G 600 -35.13 65.04 1.02
C PHE G 600 -35.65 64.12 2.12
N CYS G 601 -35.52 62.82 1.88
CA CYS G 601 -35.85 61.79 2.86
C CYS G 601 -34.92 60.61 2.67
N ILE G 602 -34.67 59.89 3.77
CA ILE G 602 -33.71 58.79 3.73
C ILE G 602 -34.23 57.67 2.84
N GLY G 603 -33.37 57.21 1.93
CA GLY G 603 -33.72 56.11 1.05
C GLY G 603 -32.51 55.31 0.59
N LEU G 604 -32.58 53.99 0.72
CA LEU G 604 -31.46 53.14 0.29
C LEU G 604 -31.25 53.21 -1.20
N ASN G 605 -32.33 53.22 -1.98
CA ASN G 605 -32.25 53.31 -3.43
C ASN G 605 -32.10 54.75 -3.86
N HIS G 606 -31.18 54.99 -4.80
CA HIS G 606 -30.86 56.34 -5.27
C HIS G 606 -31.15 56.45 -6.76
N PRO G 607 -32.34 56.92 -7.14
CA PRO G 607 -32.61 57.16 -8.57
C PRO G 607 -31.76 58.29 -9.11
N VAL G 608 -31.43 58.18 -10.39
CA VAL G 608 -30.57 59.16 -11.04
C VAL G 608 -31.40 60.32 -11.56
N TYR G 609 -31.02 61.53 -11.20
CA TYR G 609 -31.75 62.74 -11.55
C TYR G 609 -31.01 63.53 -12.63
N SER G 610 -31.68 64.56 -13.13
CA SER G 610 -31.08 65.44 -14.12
C SER G 610 -30.00 66.32 -13.47
N SER G 611 -29.09 66.82 -14.31
CA SER G 611 -27.96 67.58 -13.80
C SER G 611 -28.39 68.83 -13.05
N ALA G 612 -29.41 69.52 -13.55
CA ALA G 612 -29.93 70.68 -12.85
C ALA G 612 -30.52 70.30 -11.50
N VAL G 613 -31.20 69.14 -11.44
CA VAL G 613 -31.73 68.67 -10.16
C VAL G 613 -30.59 68.40 -9.19
N ASP G 614 -29.51 67.77 -9.67
CA ASP G 614 -28.35 67.54 -8.81
C ASP G 614 -27.76 68.85 -8.31
N LYS G 615 -27.66 69.86 -9.19
CA LYS G 615 -27.13 71.15 -8.77
C LYS G 615 -28.00 71.80 -7.70
N GLN G 616 -29.31 71.79 -7.90
CA GLN G 616 -30.23 72.35 -6.91
C GLN G 616 -30.13 71.61 -5.58
N ALA G 617 -30.10 70.27 -5.63
CA ALA G 617 -30.01 69.49 -4.42
C ALA G 617 -28.70 69.75 -3.70
N LEU G 618 -27.60 69.88 -4.44
CA LEU G 618 -26.31 70.17 -3.83
C LEU G 618 -26.30 71.53 -3.15
N ARG G 619 -26.88 72.54 -3.80
CA ARG G 619 -26.94 73.86 -3.18
C ARG G 619 -27.79 73.84 -1.91
N ILE G 620 -28.94 73.17 -1.97
CA ILE G 620 -29.81 73.08 -0.79
C ILE G 620 -29.09 72.34 0.34
N LYS G 621 -28.40 71.25 0.01
CA LYS G 621 -27.71 70.46 1.02
C LYS G 621 -26.57 71.26 1.65
N LEU G 622 -25.82 72.01 0.85
CA LEU G 622 -24.75 72.84 1.40
C LEU G 622 -25.32 73.92 2.30
N SER G 623 -26.42 74.54 1.90
CA SER G 623 -27.06 75.55 2.74
C SER G 623 -27.51 74.93 4.06
N PHE G 624 -28.09 73.74 4.02
CA PHE G 624 -28.54 73.08 5.25
C PHE G 624 -27.34 72.71 6.12
N LEU G 625 -26.24 72.28 5.50
CA LEU G 625 -25.03 71.98 6.27
C LEU G 625 -24.53 73.22 7.01
N ASN G 626 -24.48 74.36 6.31
CA ASN G 626 -24.03 75.59 6.95
C ASN G 626 -24.99 76.00 8.07
N TYR G 627 -26.30 75.87 7.82
CA TYR G 627 -27.28 76.25 8.84
C TYR G 627 -27.16 75.38 10.08
N LEU G 628 -26.98 74.07 9.89
CA LEU G 628 -26.81 73.18 11.03
C LEU G 628 -25.53 73.47 11.78
N LYS G 629 -24.44 73.74 11.07
CA LYS G 629 -23.19 74.12 11.72
C LYS G 629 -23.41 75.34 12.62
N ARG G 630 -24.01 76.39 12.06
CA ARG G 630 -24.25 77.61 12.84
C ARG G 630 -25.17 77.34 14.01
N LYS G 631 -26.27 76.61 13.79
CA LYS G 631 -27.23 76.37 14.86
C LYS G 631 -26.62 75.55 15.99
N VAL G 632 -25.86 74.51 15.64
CA VAL G 632 -25.24 73.67 16.65
C VAL G 632 -24.23 74.45 17.46
N TYR G 633 -23.38 75.23 16.78
CA TYR G 633 -22.38 75.99 17.53
C TYR G 633 -22.98 77.17 18.26
N SER G 634 -24.22 77.55 17.95
CA SER G 634 -24.88 78.65 18.65
C SER G 634 -25.66 78.17 19.87
N ASP G 635 -26.48 77.14 19.71
CA ASP G 635 -27.35 76.71 20.79
C ASP G 635 -26.60 76.03 21.93
N PHE G 636 -25.35 75.64 21.72
CA PHE G 636 -24.55 74.98 22.75
C PHE G 636 -23.32 75.82 23.05
N ASN G 637 -23.05 76.03 24.33
CA ASN G 637 -22.00 76.98 24.73
C ASN G 637 -20.62 76.45 24.40
N ASN G 638 -20.33 75.19 24.71
CA ASN G 638 -19.02 74.61 24.48
C ASN G 638 -19.19 73.25 23.82
N GLU G 639 -18.07 72.67 23.40
CA GLU G 639 -18.10 71.39 22.70
C GLU G 639 -18.59 70.27 23.60
N LYS G 640 -18.34 70.39 24.91
CA LYS G 640 -18.73 69.35 25.85
C LYS G 640 -20.25 69.18 25.89
N GLU G 641 -20.98 70.30 25.85
CA GLU G 641 -22.44 70.20 25.84
C GLU G 641 -22.93 69.47 24.60
N ILE G 642 -22.32 69.74 23.45
CA ILE G 642 -22.72 69.05 22.22
C ILE G 642 -22.44 67.56 22.33
N VAL G 643 -21.27 67.19 22.87
CA VAL G 643 -20.94 65.78 23.01
C VAL G 643 -21.92 65.09 23.95
N LEU G 644 -22.25 65.75 25.06
CA LEU G 644 -23.21 65.17 26.00
C LEU G 644 -24.58 65.03 25.37
N ALA G 645 -25.00 66.02 24.57
CA ALA G 645 -26.30 65.92 23.90
C ALA G 645 -26.31 64.76 22.91
N LEU G 646 -25.23 64.59 22.16
CA LEU G 646 -25.15 63.48 21.21
C LEU G 646 -25.19 62.15 21.93
N ARG G 647 -24.46 62.04 23.05
CA ARG G 647 -24.50 60.81 23.83
C ARG G 647 -25.91 60.51 24.33
N LEU G 648 -26.59 61.55 24.83
CA LEU G 648 -27.91 61.35 25.41
C LEU G 648 -28.93 60.98 24.34
N ALA G 649 -28.83 61.58 23.16
CA ALA G 649 -29.78 61.28 22.10
C ALA G 649 -29.69 59.82 21.67
N PHE G 650 -28.48 59.30 21.54
CA PHE G 650 -28.25 57.93 21.13
C PHE G 650 -28.49 56.91 22.23
N GLY G 651 -28.71 57.35 23.47
CA GLY G 651 -28.97 56.46 24.57
C GLY G 651 -27.85 56.28 25.56
N GLY G 652 -26.92 57.23 25.66
CA GLY G 652 -25.81 57.13 26.57
C GLY G 652 -26.15 57.62 27.96
N LYS G 653 -25.11 58.02 28.69
CA LYS G 653 -25.26 58.57 30.03
C LYS G 653 -24.43 59.84 30.16
N THR G 654 -24.83 60.69 31.10
CA THR G 654 -24.08 61.89 31.40
C THR G 654 -22.89 61.55 32.29
N GLU G 655 -22.21 62.59 32.78
CA GLU G 655 -21.13 62.37 33.74
C GLU G 655 -21.66 61.79 35.04
N THR G 656 -22.90 62.11 35.40
CA THR G 656 -23.52 61.63 36.62
C THR G 656 -24.23 60.30 36.44
N GLN G 657 -23.97 59.59 35.34
CA GLN G 657 -24.58 58.30 35.05
C GLN G 657 -26.10 58.39 35.04
N TYR G 658 -26.61 59.21 34.13
CA TYR G 658 -28.04 59.40 33.94
C TYR G 658 -28.35 59.33 32.45
N THR G 659 -29.34 58.51 32.10
CA THR G 659 -29.78 58.43 30.71
C THR G 659 -30.83 59.49 30.43
N LEU G 660 -31.20 59.60 29.15
CA LEU G 660 -32.28 60.52 28.78
C LEU G 660 -33.59 60.11 29.45
N ASP G 661 -33.89 58.81 29.43
CA ASP G 661 -35.11 58.34 30.09
C ASP G 661 -35.05 58.57 31.59
N LYS G 662 -33.90 58.33 32.20
CA LYS G 662 -33.75 58.57 33.63
C LYS G 662 -33.92 60.04 33.97
N LEU G 663 -33.33 60.93 33.17
CA LEU G 663 -33.48 62.36 33.41
C LEU G 663 -34.92 62.80 33.24
N ARG G 664 -35.61 62.27 32.22
CA ARG G 664 -37.01 62.60 32.02
C ARG G 664 -37.86 62.13 33.19
N LYS G 665 -37.60 60.92 33.70
CA LYS G 665 -38.36 60.40 34.83
C LYS G 665 -38.11 61.23 36.08
N ASP G 666 -36.86 61.56 36.37
CA ASP G 666 -36.55 62.34 37.56
C ASP G 666 -36.89 63.82 37.38
N GLY G 667 -36.97 64.28 36.13
CA GLY G 667 -37.39 65.64 35.85
C GLY G 667 -36.29 66.67 35.76
N GLU G 668 -35.04 66.31 36.01
CA GLU G 668 -33.97 67.28 36.00
C GLU G 668 -33.57 67.62 34.56
N ALA G 669 -32.82 68.71 34.43
CA ALA G 669 -32.29 69.18 33.15
C ALA G 669 -33.40 69.35 32.12
N GLU G 670 -34.40 70.15 32.49
CA GLU G 670 -35.53 70.38 31.58
C GLU G 670 -35.09 71.13 30.34
N LEU G 671 -34.20 72.11 30.49
CA LEU G 671 -33.76 72.91 29.35
C LEU G 671 -32.98 72.07 28.36
N PHE G 672 -32.04 71.25 28.86
CA PHE G 672 -31.24 70.41 27.97
C PHE G 672 -32.10 69.37 27.27
N ARG G 673 -33.04 68.76 28.01
CA ARG G 673 -33.94 67.80 27.40
C ARG G 673 -34.80 68.45 26.32
N GLU G 674 -35.28 69.67 26.59
CA GLU G 674 -36.08 70.36 25.58
C GLU G 674 -35.25 70.69 24.35
N LYS G 675 -34.01 71.11 24.53
CA LYS G 675 -33.14 71.37 23.39
C LYS G 675 -32.91 70.11 22.58
N ILE G 676 -32.69 68.99 23.26
CA ILE G 676 -32.46 67.73 22.55
C ILE G 676 -33.70 67.31 21.78
N LYS G 677 -34.88 67.42 22.40
CA LYS G 677 -36.12 67.07 21.71
C LYS G 677 -36.36 67.97 20.52
N ASN G 678 -36.05 69.26 20.67
CA ASN G 678 -36.20 70.20 19.55
C ASN G 678 -35.26 69.83 18.40
N TYR G 679 -34.01 69.50 18.72
CA TYR G 679 -33.07 69.11 17.67
C TYR G 679 -33.48 67.81 17.01
N LYS G 680 -34.09 66.88 17.76
CA LYS G 680 -34.50 65.62 17.17
C LYS G 680 -35.73 65.78 16.29
N ASN G 681 -36.68 66.62 16.72
CA ASN G 681 -37.96 66.72 16.01
C ASN G 681 -37.96 67.74 14.88
N ASN G 682 -36.97 68.62 14.83
CA ASN G 682 -36.98 69.70 13.84
C ASN G 682 -35.84 69.58 12.84
N GLU G 683 -34.60 69.52 13.30
CA GLU G 683 -33.45 69.58 12.41
C GLU G 683 -32.86 68.20 12.10
N LEU G 684 -32.81 67.31 13.07
CA LEU G 684 -32.20 65.99 12.92
C LEU G 684 -33.25 64.89 12.80
N PHE G 685 -34.37 65.18 12.14
CA PHE G 685 -35.42 64.16 11.98
C PHE G 685 -34.94 62.97 11.15
N PHE G 686 -34.11 63.22 10.14
CA PHE G 686 -33.63 62.13 9.30
C PHE G 686 -32.77 61.14 10.08
N LEU G 687 -32.05 61.61 11.10
CA LEU G 687 -31.28 60.72 11.94
C LEU G 687 -32.11 60.05 13.03
N GLU G 688 -33.39 60.41 13.15
CA GLU G 688 -34.22 59.85 14.21
C GLU G 688 -34.32 58.32 14.14
N PRO G 689 -34.56 57.69 12.99
CA PRO G 689 -34.59 56.22 12.98
C PRO G 689 -33.27 55.58 13.37
N GLN G 690 -32.15 56.29 13.23
CA GLN G 690 -30.84 55.77 13.58
C GLN G 690 -30.43 56.12 15.01
N MET G 691 -31.35 56.72 15.78
CA MET G 691 -31.03 57.13 17.15
C MET G 691 -30.99 55.96 18.12
N THR G 692 -31.62 54.84 17.79
CA THR G 692 -31.74 53.73 18.73
C THR G 692 -30.44 52.94 18.81
N LYS G 693 -30.32 52.16 19.88
CA LYS G 693 -29.10 51.37 20.10
C LYS G 693 -28.95 50.27 19.07
N THR G 694 -30.04 49.60 18.71
CA THR G 694 -30.00 48.47 17.78
C THR G 694 -30.12 48.89 16.33
N SER G 695 -30.21 50.20 16.04
CA SER G 695 -30.36 50.65 14.67
C SER G 695 -29.12 50.44 13.83
N GLY G 696 -28.00 50.07 14.44
CA GLY G 696 -26.80 49.81 13.67
C GLY G 696 -25.99 51.04 13.32
N TRP G 697 -26.16 52.13 14.05
CA TRP G 697 -25.37 53.33 13.77
C TRP G 697 -23.90 53.12 14.09
N VAL G 698 -23.59 52.21 15.02
CA VAL G 698 -22.21 51.96 15.40
C VAL G 698 -21.42 51.40 14.23
N THR G 699 -22.01 50.44 13.52
CA THR G 699 -21.32 49.81 12.40
C THR G 699 -21.03 50.82 11.30
N THR G 700 -22.03 51.62 10.92
CA THR G 700 -21.83 52.63 9.89
C THR G 700 -20.81 53.67 10.31
N PHE G 701 -20.90 54.13 11.57
CA PHE G 701 -19.96 55.10 12.08
C PHE G 701 -18.53 54.57 11.98
N LEU G 702 -18.30 53.37 12.51
CA LEU G 702 -16.94 52.84 12.52
C LEU G 702 -16.44 52.58 11.10
N ASN G 703 -17.29 52.06 10.22
CA ASN G 703 -16.88 51.81 8.85
C ASN G 703 -16.47 53.10 8.16
N TYR G 704 -17.31 54.14 8.27
CA TYR G 704 -16.99 55.40 7.62
C TYR G 704 -15.73 56.01 8.21
N THR G 705 -15.59 55.97 9.54
CA THR G 705 -14.42 56.57 10.18
C THR G 705 -13.15 55.87 9.74
N ILE G 706 -13.18 54.53 9.69
CA ILE G 706 -12.00 53.78 9.26
C ILE G 706 -11.67 54.10 7.81
N GLU G 707 -12.68 54.11 6.94
CA GLU G 707 -12.42 54.39 5.53
C GLU G 707 -11.85 55.79 5.34
N LYS G 708 -12.41 56.78 6.04
CA LYS G 708 -11.93 58.15 5.90
C LYS G 708 -10.51 58.29 6.40
N ILE G 709 -10.20 57.74 7.57
CA ILE G 709 -8.87 57.94 8.12
C ILE G 709 -7.83 57.18 7.29
N THR G 710 -8.20 56.01 6.75
CA THR G 710 -7.31 55.31 5.83
C THR G 710 -7.11 56.09 4.54
N SER G 711 -8.14 56.82 4.11
CA SER G 711 -7.96 57.72 2.97
C SER G 711 -6.97 58.82 3.31
N GLU G 712 -7.04 59.36 4.52
CA GLU G 712 -6.12 60.42 4.92
C GLU G 712 -4.70 59.90 5.09
N GLU G 713 -4.55 58.76 5.77
CA GLU G 713 -3.24 58.24 6.15
C GLU G 713 -3.06 56.84 5.60
N SER G 714 -1.85 56.56 5.10
CA SER G 714 -1.60 55.32 4.38
C SER G 714 -0.99 54.22 5.26
N ASP G 715 -0.03 54.56 6.11
CA ASP G 715 0.70 53.54 6.86
C ASP G 715 -0.21 52.91 7.91
N ASP G 716 -0.04 51.59 8.10
CA ASP G 716 -0.88 50.86 9.03
C ASP G 716 -0.53 51.19 10.49
N ASP G 717 0.74 51.42 10.79
CA ASP G 717 1.08 51.87 12.13
C ASP G 717 0.49 53.25 12.39
N ARG G 718 0.56 54.13 11.39
CA ARG G 718 -0.06 55.45 11.50
C ARG G 718 -1.57 55.33 11.70
N ILE G 719 -2.22 54.42 10.97
CA ILE G 719 -3.67 54.30 11.06
C ILE G 719 -4.06 53.74 12.43
N ARG G 720 -3.26 52.83 12.97
CA ARG G 720 -3.52 52.29 14.31
C ARG G 720 -3.33 53.36 15.38
N GLN G 721 -2.29 54.19 15.26
CA GLN G 721 -2.08 55.26 16.22
C GLN G 721 -3.20 56.29 16.14
N LYS G 722 -3.66 56.61 14.93
CA LYS G 722 -4.79 57.51 14.79
C LYS G 722 -6.05 56.93 15.44
N LEU G 723 -6.26 55.62 15.27
CA LEU G 723 -7.38 54.96 15.93
C LEU G 723 -7.24 55.05 17.45
N SER G 724 -6.03 54.86 17.96
CA SER G 724 -5.82 54.94 19.41
C SER G 724 -6.10 56.34 19.92
N PHE G 725 -5.67 57.37 19.18
CA PHE G 725 -5.95 58.74 19.58
C PHE G 725 -7.44 59.05 19.54
N ILE G 726 -8.12 58.60 18.49
CA ILE G 726 -9.49 59.03 18.27
C ILE G 726 -10.46 58.28 19.18
N PHE G 727 -10.16 57.02 19.51
CA PHE G 727 -10.95 56.22 20.44
C PHE G 727 -10.03 55.67 21.51
N PRO G 728 -9.64 56.50 22.48
CA PRO G 728 -8.69 56.03 23.50
C PRO G 728 -9.23 54.88 24.34
N GLU G 729 -10.55 54.71 24.40
CA GLU G 729 -11.13 53.69 25.27
C GLU G 729 -11.13 52.32 24.62
N ILE G 730 -11.68 52.22 23.41
CA ILE G 730 -11.82 50.92 22.75
C ILE G 730 -10.47 50.37 22.32
N ILE G 731 -9.60 51.23 21.83
CA ILE G 731 -8.29 50.76 21.37
C ILE G 731 -7.47 50.22 22.53
N SER G 732 -7.65 50.82 23.72
CA SER G 732 -6.94 50.31 24.89
C SER G 732 -7.36 48.88 25.21
N ILE G 733 -8.66 48.60 25.15
CA ILE G 733 -9.15 47.26 25.48
C ILE G 733 -8.69 46.26 24.42
N ILE G 734 -8.70 46.68 23.15
CA ILE G 734 -8.23 45.80 22.09
C ILE G 734 -6.74 45.51 22.26
N GLU G 735 -5.96 46.54 22.60
CA GLU G 735 -4.52 46.36 22.79
C GLU G 735 -4.24 45.42 23.96
N GLN G 736 -4.97 45.59 25.06
CA GLN G 736 -4.77 44.71 26.21
C GLN G 736 -5.11 43.27 25.87
N ALA G 737 -6.24 43.05 25.18
CA ALA G 737 -6.61 41.69 24.79
C ALA G 737 -5.58 41.09 23.86
N SER G 738 -5.09 41.86 22.89
CA SER G 738 -4.09 41.34 21.96
C SER G 738 -2.78 41.01 22.66
N SER G 739 -2.36 41.86 23.60
CA SER G 739 -1.14 41.59 24.33
C SER G 739 -1.26 40.33 25.18
N SER G 740 -2.41 40.15 25.82
CA SER G 740 -2.63 38.92 26.58
C SER G 740 -2.70 37.71 25.67
N ILE G 741 -3.20 37.88 24.44
CA ILE G 741 -3.27 36.77 23.49
C ILE G 741 -1.88 36.38 23.02
N GLU G 742 -1.02 37.36 22.78
CA GLU G 742 0.32 37.08 22.24
C GLU G 742 1.13 36.22 23.20
N ALA G 743 1.07 36.52 24.49
CA ALA G 743 1.78 35.73 25.49
C ALA G 743 1.04 34.43 25.78
N LYS H 5 15.62 -27.08 19.94
CA LYS H 5 15.18 -28.13 20.84
C LYS H 5 16.30 -28.56 21.80
N MET H 6 16.13 -28.25 23.07
CA MET H 6 17.12 -28.58 24.08
C MET H 6 17.15 -30.07 24.33
N ILE H 7 18.28 -30.54 24.85
CA ILE H 7 18.47 -31.96 25.13
C ILE H 7 17.78 -32.31 26.44
N LEU H 8 16.96 -33.36 26.41
CA LEU H 8 16.30 -33.86 27.60
C LEU H 8 16.65 -35.33 27.77
N VAL H 9 16.89 -35.75 29.01
CA VAL H 9 17.26 -37.13 29.33
C VAL H 9 16.22 -37.68 30.30
N ASP H 10 15.68 -38.85 29.97
CA ASP H 10 14.74 -39.56 30.82
C ASP H 10 15.34 -40.90 31.24
N LYS H 11 14.51 -41.73 31.88
CA LYS H 11 14.97 -43.02 32.38
C LYS H 11 15.48 -43.91 31.26
N VAL H 12 14.75 -43.96 30.15
CA VAL H 12 15.17 -44.79 29.02
C VAL H 12 16.46 -44.25 28.42
N PHE H 13 16.62 -42.93 28.39
CA PHE H 13 17.84 -42.33 27.86
C PHE H 13 19.06 -42.76 28.67
N TYR H 14 18.93 -42.81 30.00
CA TYR H 14 20.04 -43.29 30.81
C TYR H 14 20.24 -44.79 30.66
N GLU H 15 19.15 -45.55 30.61
CA GLU H 15 19.27 -47.01 30.67
C GLU H 15 19.73 -47.60 29.35
N LYS H 16 19.45 -46.95 28.22
CA LYS H 16 19.70 -47.55 26.91
C LYS H 16 21.00 -47.06 26.28
N ILE H 17 21.15 -45.75 26.10
CA ILE H 17 22.28 -45.23 25.34
C ILE H 17 23.40 -44.75 26.27
N LEU H 18 23.07 -44.29 27.47
CA LEU H 18 24.13 -43.87 28.40
C LEU H 18 24.76 -45.06 29.11
N SER H 19 23.98 -45.80 29.90
CA SER H 19 24.54 -46.90 30.69
C SER H 19 24.99 -48.04 29.79
N VAL H 20 24.13 -48.46 28.85
CA VAL H 20 24.36 -49.56 27.93
C VAL H 20 24.60 -50.84 28.75
N GLU H 21 25.78 -50.97 29.37
CA GLU H 21 26.07 -52.13 30.20
C GLU H 21 26.81 -51.80 31.48
N SER H 22 27.20 -50.54 31.70
CA SER H 22 28.00 -50.21 32.86
C SER H 22 27.23 -50.42 34.16
N PHE H 23 25.95 -50.07 34.18
CA PHE H 23 25.14 -50.19 35.38
C PHE H 23 23.88 -51.00 35.10
N LYS H 24 24.01 -52.03 34.26
CA LYS H 24 22.89 -52.94 34.02
C LYS H 24 22.51 -53.66 35.31
N GLU H 25 23.51 -54.09 36.08
CA GLU H 25 23.24 -54.83 37.31
C GLU H 25 22.46 -54.00 38.30
N ASN H 26 22.78 -52.71 38.42
CA ASN H 26 22.07 -51.85 39.34
C ASN H 26 20.63 -51.59 38.89
N ILE H 27 20.41 -51.49 37.58
CA ILE H 27 19.07 -51.19 37.09
C ILE H 27 18.17 -52.42 37.05
N ILE H 28 18.73 -53.62 36.94
CA ILE H 28 17.90 -54.82 36.94
C ILE H 28 17.54 -55.24 38.36
N THR H 29 18.42 -55.01 39.33
CA THR H 29 18.14 -55.35 40.73
C THR H 29 17.65 -54.16 41.54
N GLN H 30 17.45 -53.00 40.92
CA GLN H 30 16.98 -51.80 41.60
C GLN H 30 17.86 -51.45 42.79
N SER H 31 19.18 -51.53 42.59
CA SER H 31 20.15 -51.19 43.62
C SER H 31 20.74 -49.81 43.33
N ALA H 32 20.94 -49.03 44.39
CA ALA H 32 21.39 -47.66 44.24
C ALA H 32 22.77 -47.60 43.58
N ILE H 33 22.93 -46.66 42.67
CA ILE H 33 24.23 -46.44 42.02
C ILE H 33 25.22 -45.88 43.04
N PRO H 34 26.37 -46.50 43.25
CA PRO H 34 27.23 -46.12 44.36
C PRO H 34 28.09 -44.92 44.05
N LYS H 35 28.66 -44.36 45.11
CA LYS H 35 29.63 -43.28 44.99
C LYS H 35 30.91 -43.79 44.34
N ILE H 36 31.67 -42.87 43.77
CA ILE H 36 32.98 -43.21 43.23
C ILE H 36 33.92 -43.42 44.41
N SER H 37 34.23 -44.67 44.71
CA SER H 37 35.06 -44.99 45.86
C SER H 37 36.51 -44.58 45.60
N ASN H 38 37.26 -44.46 46.70
CA ASN H 38 38.68 -44.12 46.58
C ASN H 38 39.48 -45.22 45.91
N LYS H 39 38.95 -46.44 45.85
CA LYS H 39 39.65 -47.53 45.19
C LYS H 39 39.75 -47.29 43.68
N GLU H 40 38.79 -46.59 43.10
CA GLU H 40 38.79 -46.33 41.66
C GLU H 40 39.58 -45.09 41.27
N VAL H 41 40.02 -44.28 42.23
CA VAL H 41 40.67 -43.01 41.95
C VAL H 41 42.06 -43.01 42.55
N ARG H 42 43.05 -42.74 41.71
CA ARG H 42 44.43 -42.59 42.16
C ARG H 42 44.80 -41.11 42.19
N LEU H 43 45.61 -40.74 43.16
CA LEU H 43 45.93 -39.34 43.44
C LEU H 43 47.36 -39.05 43.00
N ILE H 44 47.50 -38.27 41.93
CA ILE H 44 48.79 -37.86 41.40
C ILE H 44 49.12 -36.49 41.95
N SER H 45 50.42 -36.22 42.11
CA SER H 45 50.91 -34.91 42.50
C SER H 45 51.74 -34.33 41.37
N SER H 46 51.33 -33.16 40.88
CA SER H 46 52.09 -32.43 39.85
C SER H 46 52.23 -31.00 40.37
N GLY H 47 53.47 -30.61 40.68
CA GLY H 47 53.65 -29.33 41.33
C GLY H 47 52.96 -29.32 42.69
N SER H 48 52.48 -28.14 43.07
CA SER H 48 51.61 -28.06 44.24
C SER H 48 50.21 -28.57 43.91
N LYS H 49 49.93 -28.83 42.65
CA LYS H 49 48.61 -29.28 42.22
C LYS H 49 48.45 -30.78 42.41
N ILE H 50 47.20 -31.19 42.62
CA ILE H 50 46.85 -32.58 42.82
C ILE H 50 45.84 -32.98 41.76
N PHE H 51 46.12 -34.08 41.08
CA PHE H 51 45.26 -34.59 40.01
C PHE H 51 44.62 -35.89 40.45
N TYR H 52 43.38 -36.12 40.02
CA TYR H 52 42.65 -37.33 40.34
C TYR H 52 42.39 -38.09 39.06
N ALA H 53 42.87 -39.33 38.99
CA ALA H 53 42.74 -40.15 37.79
C ALA H 53 41.91 -41.38 38.10
N ILE H 54 40.88 -41.61 37.29
CA ILE H 54 40.01 -42.77 37.46
C ILE H 54 40.60 -43.93 36.69
N ASN H 55 40.32 -45.14 37.17
CA ASN H 55 40.77 -46.34 36.48
C ASN H 55 39.83 -46.67 35.32
N ASN H 56 40.41 -47.17 34.22
CA ASN H 56 39.62 -47.41 33.02
C ASN H 56 38.67 -48.58 33.20
N THR H 57 39.07 -49.60 33.97
CA THR H 57 38.23 -50.79 34.12
C THR H 57 36.93 -50.49 34.84
N SER H 58 36.88 -49.44 35.64
CA SER H 58 35.67 -49.11 36.37
C SER H 58 34.56 -48.71 35.40
N PRO H 59 33.31 -49.10 35.66
CA PRO H 59 32.22 -48.65 34.79
C PRO H 59 32.01 -47.16 34.83
N HIS H 60 32.46 -46.49 35.89
CA HIS H 60 32.29 -45.05 36.00
C HIS H 60 33.06 -44.32 34.89
N SER H 61 34.25 -44.81 34.54
CA SER H 61 34.99 -44.19 33.45
C SER H 61 34.22 -44.29 32.14
N HIS H 62 33.68 -45.47 31.85
CA HIS H 62 32.96 -45.64 30.60
C HIS H 62 31.69 -44.79 30.55
N VAL H 63 30.96 -44.72 31.67
CA VAL H 63 29.75 -43.91 31.66
C VAL H 63 30.10 -42.42 31.60
N GLN H 64 31.22 -42.01 32.19
CA GLN H 64 31.70 -40.64 32.02
C GLN H 64 31.98 -40.35 30.56
N LEU H 65 32.64 -41.28 29.88
CA LEU H 65 32.98 -41.07 28.49
C LEU H 65 31.73 -40.96 27.62
N ARG H 66 30.75 -41.83 27.84
CA ARG H 66 29.54 -41.75 27.03
C ARG H 66 28.66 -40.58 27.42
N LEU H 67 28.72 -40.14 28.67
CA LEU H 67 28.10 -38.87 29.06
C LEU H 67 28.71 -37.71 28.29
N ASN H 68 30.03 -37.67 28.23
CA ASN H 68 30.71 -36.61 27.49
C ASN H 68 30.34 -36.66 26.01
N ARG H 69 30.27 -37.87 25.45
CA ARG H 69 29.98 -38.02 24.03
C ARG H 69 28.56 -37.58 23.69
N PHE H 70 27.58 -37.94 24.52
CA PHE H 70 26.20 -37.84 24.09
C PHE H 70 25.36 -36.80 24.83
N PHE H 71 25.76 -36.36 26.01
CA PHE H 71 24.93 -35.47 26.81
C PHE H 71 25.52 -34.08 26.99
N LEU H 72 26.72 -33.98 27.58
CA LEU H 72 27.29 -32.66 27.87
C LEU H 72 27.69 -31.91 26.60
N SER H 73 27.78 -32.60 25.47
CA SER H 73 28.17 -31.96 24.22
C SER H 73 27.03 -31.24 23.54
N HIS H 74 25.80 -31.37 24.04
CA HIS H 74 24.64 -30.74 23.42
C HIS H 74 24.12 -29.53 24.17
N ILE H 75 24.50 -29.35 25.43
CA ILE H 75 24.03 -28.21 26.20
C ILE H 75 24.68 -26.93 25.66
N PRO H 76 23.90 -25.90 25.35
CA PRO H 76 24.51 -24.67 24.80
C PRO H 76 25.42 -24.00 25.82
N LEU H 77 26.47 -23.38 25.30
CA LEU H 77 27.50 -22.72 26.10
C LEU H 77 27.53 -21.24 25.76
N ASN H 78 28.50 -20.54 26.31
CA ASN H 78 28.72 -19.13 26.04
C ASN H 78 29.93 -18.97 25.13
N SER H 79 29.79 -18.13 24.11
CA SER H 79 30.86 -18.00 23.11
C SER H 79 32.13 -17.41 23.69
N ALA H 80 32.07 -16.79 24.87
CA ALA H 80 33.28 -16.31 25.51
C ALA H 80 34.12 -17.44 26.08
N ALA H 81 33.58 -18.64 26.18
CA ALA H 81 34.32 -19.80 26.65
C ALA H 81 35.01 -20.45 25.46
N LYS H 82 36.33 -20.31 25.38
CA LYS H 82 37.09 -20.79 24.24
C LYS H 82 37.85 -22.08 24.53
N ALA H 83 37.66 -22.68 25.71
CA ALA H 83 38.44 -23.84 26.11
C ALA H 83 37.54 -25.05 26.31
N PHE H 84 38.10 -26.23 26.04
CA PHE H 84 37.45 -27.52 26.24
C PHE H 84 36.18 -27.67 25.42
N VAL H 85 36.00 -26.85 24.39
CA VAL H 85 34.78 -26.88 23.59
C VAL H 85 35.15 -27.23 22.16
N ARG H 86 34.25 -27.94 21.48
CA ARG H 86 34.44 -28.32 20.09
C ARG H 86 34.70 -27.10 19.23
N GLY H 87 35.90 -27.02 18.67
CA GLY H 87 36.28 -25.88 17.85
C GLY H 87 36.95 -24.74 18.58
N GLY H 88 37.03 -24.81 19.91
CA GLY H 88 37.71 -23.76 20.66
C GLY H 88 39.20 -24.01 20.76
N SER H 89 39.97 -22.93 20.66
CA SER H 89 41.45 -23.04 20.66
C SER H 89 42.07 -21.80 21.33
N TYR H 90 43.32 -21.89 21.76
CA TYR H 90 43.93 -20.76 22.46
C TYR H 90 44.00 -19.59 21.50
N LEU H 91 44.33 -19.84 20.25
CA LEU H 91 44.50 -18.67 19.35
C LEU H 91 43.17 -17.92 19.26
N LYS H 92 42.04 -18.62 19.30
CA LYS H 92 40.72 -17.96 19.29
C LYS H 92 40.57 -17.10 20.54
N TYR H 93 41.06 -17.55 21.69
CA TYR H 93 41.00 -16.77 22.95
C TYR H 93 41.83 -15.50 22.78
N LEU H 94 42.97 -15.59 22.11
CA LEU H 94 43.86 -14.43 21.99
C LEU H 94 43.50 -13.56 20.78
N GLU H 95 42.55 -13.95 19.94
CA GLU H 95 42.32 -13.15 18.71
C GLU H 95 41.42 -11.94 18.93
N PRO H 96 40.18 -12.02 19.46
CA PRO H 96 39.34 -10.81 19.55
C PRO H 96 40.05 -9.59 20.11
N HIS H 97 41.20 -9.76 20.74
CA HIS H 97 41.89 -8.65 21.39
C HIS H 97 42.87 -7.93 20.48
N ILE H 98 43.00 -8.35 19.22
CA ILE H 98 43.84 -7.60 18.30
C ILE H 98 43.24 -6.23 18.00
N TYR H 99 41.95 -6.05 18.23
CA TYR H 99 41.30 -4.77 18.02
C TYR H 99 41.48 -3.81 19.18
N GLY H 100 42.01 -4.28 20.30
CA GLY H 100 42.11 -3.44 21.48
C GLY H 100 43.40 -2.67 21.57
N SER H 101 43.35 -1.57 22.32
CA SER H 101 44.53 -0.75 22.57
C SER H 101 45.12 -0.96 23.95
N SER H 102 44.31 -1.28 24.96
CA SER H 102 44.82 -1.61 26.27
C SER H 102 44.35 -3.01 26.66
N TYR H 103 45.20 -3.75 27.37
CA TYR H 103 44.93 -5.14 27.68
C TYR H 103 45.01 -5.38 29.18
N CYS H 104 44.18 -6.29 29.66
CA CYS H 104 44.21 -6.71 31.05
C CYS H 104 43.93 -8.20 31.12
N ARG H 105 44.56 -8.86 32.08
CA ARG H 105 44.47 -10.31 32.22
C ARG H 105 44.26 -10.65 33.69
N LEU H 106 43.24 -11.47 33.95
CA LEU H 106 42.88 -11.89 35.30
C LEU H 106 42.84 -13.41 35.35
N ASP H 107 42.90 -13.94 36.57
CA ASP H 107 42.90 -15.38 36.79
C ASP H 107 41.97 -15.72 37.94
N ILE H 108 41.36 -16.90 37.85
CA ILE H 108 40.51 -17.42 38.91
C ILE H 108 41.31 -18.45 39.69
N SER H 109 41.41 -18.26 41.01
CA SER H 109 42.24 -19.12 41.84
C SER H 109 41.53 -20.46 42.07
N SER H 110 42.19 -21.55 41.69
CA SER H 110 41.68 -22.90 41.86
C SER H 110 40.25 -23.01 41.31
N PHE H 111 40.15 -22.82 40.00
CA PHE H 111 38.85 -22.77 39.35
C PHE H 111 38.10 -24.08 39.51
N PHE H 112 38.78 -25.20 39.31
CA PHE H 112 38.09 -26.49 39.34
C PHE H 112 37.74 -26.92 40.77
N ASN H 113 38.57 -26.57 41.75
CA ASN H 113 38.27 -26.91 43.13
C ASN H 113 37.18 -26.03 43.73
N ASN H 114 37.02 -24.81 43.24
CA ASN H 114 36.05 -23.88 43.82
C ASN H 114 34.67 -23.98 43.20
N ILE H 115 34.45 -24.91 42.28
CA ILE H 115 33.13 -25.11 41.68
C ILE H 115 32.26 -25.83 42.72
N SER H 116 31.21 -25.15 43.19
CA SER H 116 30.27 -25.77 44.10
C SER H 116 29.46 -26.84 43.39
N PHE H 117 29.24 -27.97 44.06
CA PHE H 117 28.47 -29.05 43.44
C PHE H 117 26.99 -28.69 43.34
N ASP H 118 26.46 -27.92 44.28
CA ASP H 118 25.07 -27.51 44.19
C ASP H 118 24.84 -26.65 42.95
N ASP H 119 25.82 -25.82 42.59
CA ASP H 119 25.73 -25.06 41.36
C ASP H 119 25.68 -25.98 40.14
N VAL H 120 26.45 -27.07 40.18
CA VAL H 120 26.41 -28.04 39.08
C VAL H 120 25.04 -28.70 39.00
N LYS H 121 24.47 -29.06 40.15
CA LYS H 121 23.12 -29.63 40.16
C LYS H 121 22.11 -28.66 39.57
N GLN H 122 22.17 -27.39 39.99
CA GLN H 122 21.23 -26.40 39.48
C GLN H 122 21.42 -26.18 37.99
N SER H 123 22.65 -26.21 37.52
CA SER H 123 22.92 -25.97 36.10
C SER H 123 22.45 -27.13 35.24
N LEU H 124 22.61 -28.36 35.72
CA LEU H 124 22.21 -29.53 34.95
C LEU H 124 20.74 -29.90 35.13
N SER H 125 20.06 -29.32 36.11
CA SER H 125 18.68 -29.69 36.38
C SER H 125 17.74 -29.46 35.20
N PRO H 126 17.74 -28.30 34.53
CA PRO H 126 16.77 -28.12 33.44
C PRO H 126 16.96 -29.08 32.27
N TYR H 127 18.14 -29.66 32.11
CA TYR H 127 18.41 -30.53 30.97
C TYR H 127 18.20 -32.00 31.28
N ILE H 128 17.84 -32.34 32.51
CA ILE H 128 17.56 -33.72 32.90
C ILE H 128 16.18 -33.77 33.53
N LYS H 129 15.32 -34.65 33.02
CA LYS H 129 13.98 -34.76 33.55
C LYS H 129 14.02 -35.26 34.99
N ASP H 130 13.12 -34.74 35.82
CA ASP H 130 13.05 -35.11 37.23
C ASP H 130 12.25 -36.38 37.37
N GLU H 131 12.94 -37.50 37.50
CA GLU H 131 12.32 -38.80 37.70
C GLU H 131 13.03 -39.54 38.83
N TYR H 132 12.55 -40.75 39.11
CA TYR H 132 13.17 -41.65 40.07
C TYR H 132 13.72 -42.85 39.30
N LEU H 133 15.04 -42.92 39.17
CA LEU H 133 15.64 -44.00 38.40
C LEU H 133 15.50 -45.34 39.13
N ILE H 134 15.76 -45.36 40.43
CA ILE H 134 15.86 -46.60 41.19
C ILE H 134 14.76 -46.56 42.24
N GLY H 135 13.59 -47.09 41.88
CA GLY H 135 12.49 -47.16 42.83
C GLY H 135 12.08 -45.77 43.28
N THR H 136 12.28 -45.51 44.57
CA THR H 136 11.96 -44.23 45.18
C THR H 136 13.15 -43.77 46.01
N GLU H 137 14.32 -44.37 45.76
CA GLU H 137 15.52 -44.10 46.54
C GLU H 137 16.40 -43.02 45.91
N GLN H 138 16.87 -43.24 44.68
CA GLN H 138 17.82 -42.35 44.03
C GLN H 138 17.21 -41.78 42.76
N LYS H 139 17.30 -40.47 42.60
CA LYS H 139 16.79 -39.82 41.40
C LYS H 139 17.79 -39.92 40.27
N LEU H 140 17.30 -39.70 39.04
CA LEU H 140 18.15 -39.80 37.86
C LEU H 140 19.28 -38.78 37.90
N ILE H 141 18.95 -37.53 38.25
CA ILE H 141 19.97 -36.48 38.33
C ILE H 141 21.00 -36.83 39.39
N ASP H 142 20.56 -37.42 40.50
CA ASP H 142 21.50 -37.83 41.54
C ASP H 142 22.45 -38.90 41.04
N ALA H 143 21.94 -39.87 40.29
CA ALA H 143 22.82 -40.90 39.73
C ALA H 143 23.84 -40.31 38.76
N ILE H 144 23.38 -39.38 37.91
CA ILE H 144 24.29 -38.80 36.93
C ILE H 144 25.39 -37.99 37.62
N LEU H 145 25.03 -37.20 38.64
CA LEU H 145 26.07 -36.46 39.36
C LEU H 145 26.96 -37.39 40.18
N ASN H 146 26.42 -38.53 40.64
CA ASN H 146 27.28 -39.52 41.26
C ASN H 146 28.32 -40.02 40.28
N SER H 147 27.93 -40.21 39.02
CA SER H 147 28.88 -40.55 37.98
C SER H 147 29.89 -39.43 37.74
N VAL H 148 29.45 -38.18 37.76
CA VAL H 148 30.30 -37.07 37.33
C VAL H 148 31.21 -36.58 38.44
N GLY H 149 30.67 -36.33 39.64
CA GLY H 149 31.45 -35.77 40.72
C GLY H 149 32.27 -36.80 41.47
N TYR H 150 32.94 -36.33 42.52
CA TYR H 150 33.78 -37.19 43.35
C TYR H 150 33.95 -36.52 44.70
N GLU H 151 34.27 -37.33 45.71
CA GLU H 151 34.53 -36.85 47.05
C GLU H 151 36.03 -36.91 47.31
N SER H 152 36.62 -35.76 47.65
CA SER H 152 38.05 -35.70 47.88
C SER H 152 38.40 -36.31 49.22
N PRO H 153 39.24 -37.34 49.27
CA PRO H 153 39.62 -37.91 50.58
C PRO H 153 40.54 -37.00 51.37
N ILE H 154 41.40 -36.23 50.70
CA ILE H 154 42.30 -35.33 51.41
C ILE H 154 41.51 -34.28 52.16
N ARG H 155 40.51 -33.70 51.51
CA ARG H 155 39.69 -32.64 52.10
C ARG H 155 38.24 -33.13 52.09
N LYS H 156 37.84 -33.81 53.17
CA LYS H 156 36.47 -34.30 53.29
C LYS H 156 35.50 -33.20 53.70
N ASP H 157 36.01 -32.08 54.21
CA ASP H 157 35.13 -31.02 54.70
C ASP H 157 34.28 -30.43 53.59
N LYS H 158 34.89 -30.13 52.43
CA LYS H 158 34.15 -29.50 51.36
C LYS H 158 33.23 -30.47 50.64
N GLY H 159 33.32 -31.77 50.93
CA GLY H 159 32.34 -32.71 50.40
C GLY H 159 32.61 -33.04 48.94
N MET H 160 31.53 -33.18 48.16
CA MET H 160 31.65 -33.55 46.77
C MET H 160 32.42 -32.49 46.00
N ILE H 161 33.33 -32.93 45.12
CA ILE H 161 34.21 -32.04 44.39
C ILE H 161 34.33 -32.51 42.95
N ILE H 162 34.32 -31.57 42.02
CA ILE H 162 34.67 -31.86 40.63
C ILE H 162 36.19 -31.81 40.53
N PRO H 163 36.85 -32.93 40.30
CA PRO H 163 38.31 -32.98 40.35
C PRO H 163 38.94 -32.73 38.99
N MET H 164 40.22 -32.41 39.01
CA MET H 164 40.99 -32.24 37.79
C MET H 164 41.26 -33.59 37.16
N GLY H 165 41.03 -33.69 35.85
CA GLY H 165 41.30 -34.93 35.15
C GLY H 165 40.20 -35.97 35.18
N PHE H 166 38.98 -35.59 35.53
CA PHE H 166 37.84 -36.50 35.45
C PHE H 166 37.09 -36.40 34.14
N ARG H 167 37.80 -36.48 33.01
CA ARG H 167 37.17 -36.61 31.70
C ARG H 167 36.09 -35.57 31.44
N THR H 168 35.00 -35.64 32.20
CA THR H 168 33.85 -34.76 32.05
C THR H 168 33.99 -33.46 32.83
N SER H 169 35.02 -33.31 33.65
CA SER H 169 35.15 -32.09 34.44
C SER H 169 35.24 -30.82 33.61
N PRO H 170 35.96 -30.75 32.49
CA PRO H 170 36.03 -29.47 31.75
C PRO H 170 34.69 -29.00 31.21
N ALA H 171 33.94 -29.90 30.57
CA ALA H 171 32.63 -29.51 30.02
C ALA H 171 31.70 -29.06 31.13
N ILE H 172 31.71 -29.77 32.26
CA ILE H 172 30.87 -29.39 33.39
C ILE H 172 31.28 -28.03 33.92
N SER H 173 32.58 -27.74 33.94
CA SER H 173 33.04 -26.43 34.38
C SER H 173 32.51 -25.33 33.47
N ASN H 174 32.60 -25.55 32.15
CA ASN H 174 32.07 -24.56 31.22
C ASN H 174 30.58 -24.34 31.42
N ILE H 175 29.83 -25.43 31.60
CA ILE H 175 28.39 -25.31 31.78
C ILE H 175 28.06 -24.56 33.06
N VAL H 176 28.76 -24.86 34.15
CA VAL H 176 28.43 -24.24 35.42
C VAL H 176 28.90 -22.79 35.45
N PHE H 177 29.88 -22.43 34.64
CA PHE H 177 30.36 -21.05 34.59
C PHE H 177 29.71 -20.23 33.49
N ARG H 178 28.82 -20.83 32.69
CA ARG H 178 28.08 -20.06 31.69
C ARG H 178 27.34 -18.88 32.32
N LYS H 179 26.84 -19.05 33.53
CA LYS H 179 26.13 -17.96 34.22
C LYS H 179 27.04 -16.75 34.39
N MET H 180 28.23 -16.96 34.95
CA MET H 180 29.15 -15.86 35.11
C MET H 180 29.71 -15.35 33.80
N ASP H 181 29.86 -16.23 32.81
CA ASP H 181 30.28 -15.77 31.51
C ASP H 181 29.28 -14.76 30.96
N LEU H 182 27.99 -15.06 31.10
CA LEU H 182 26.97 -14.13 30.66
C LEU H 182 27.02 -12.83 31.46
N LEU H 183 27.15 -12.92 32.78
CA LEU H 183 27.17 -11.73 33.61
C LEU H 183 28.35 -10.83 33.24
N ILE H 184 29.56 -11.40 33.22
CA ILE H 184 30.76 -10.61 32.96
C ILE H 184 30.76 -10.09 31.53
N GLN H 185 30.27 -10.88 30.58
CA GLN H 185 30.19 -10.41 29.20
C GLN H 185 29.25 -9.22 29.08
N ASP H 186 28.11 -9.27 29.78
CA ASP H 186 27.19 -8.14 29.76
C ASP H 186 27.82 -6.90 30.36
N PHE H 187 28.50 -7.06 31.50
CA PHE H 187 29.15 -5.91 32.13
C PHE H 187 30.20 -5.29 31.21
N CYS H 188 31.06 -6.13 30.62
CA CYS H 188 32.10 -5.63 29.74
C CYS H 188 31.50 -4.97 28.50
N ALA H 189 30.44 -5.56 27.94
CA ALA H 189 29.80 -4.96 26.77
C ALA H 189 29.24 -3.59 27.09
N LYS H 190 28.62 -3.44 28.26
CA LYS H 190 28.14 -2.13 28.65
C LYS H 190 29.29 -1.15 28.88
N LYS H 191 30.46 -1.65 29.28
CA LYS H 191 31.64 -0.80 29.40
C LYS H 191 32.41 -0.67 28.09
N GLY H 192 32.01 -1.38 27.04
CA GLY H 192 32.73 -1.32 25.79
C GLY H 192 34.04 -2.06 25.76
N VAL H 193 34.14 -3.20 26.44
CA VAL H 193 35.37 -3.98 26.54
C VAL H 193 35.14 -5.35 25.91
N ILE H 194 36.15 -5.83 25.18
CA ILE H 194 36.13 -7.15 24.58
C ILE H 194 36.59 -8.16 25.63
N TYR H 195 35.83 -9.23 25.81
CA TYR H 195 36.07 -10.19 26.87
C TYR H 195 36.17 -11.59 26.30
N SER H 196 37.12 -12.37 26.80
CA SER H 196 37.23 -13.76 26.40
C SER H 196 37.81 -14.56 27.56
N ARG H 197 37.56 -15.86 27.55
CA ARG H 197 37.99 -16.72 28.65
C ARG H 197 38.50 -18.05 28.12
N TYR H 198 39.62 -18.50 28.66
CA TYR H 198 40.16 -19.83 28.39
C TYR H 198 40.32 -20.55 29.72
N ALA H 199 39.52 -21.59 29.92
CA ALA H 199 39.46 -22.30 31.20
C ALA H 199 39.12 -21.31 32.31
N ASP H 200 40.14 -20.82 33.03
CA ASP H 200 39.94 -19.81 34.06
C ASP H 200 40.70 -18.52 33.80
N ASP H 201 41.57 -18.47 32.82
CA ASP H 201 42.29 -17.24 32.47
C ASP H 201 41.37 -16.34 31.68
N MET H 202 41.10 -15.15 32.19
CA MET H 202 40.21 -14.20 31.56
C MET H 202 41.02 -13.06 30.96
N LEU H 203 40.66 -12.65 29.74
CA LEU H 203 41.37 -11.59 29.05
C LEU H 203 40.38 -10.53 28.59
N PHE H 204 40.68 -9.27 28.92
CA PHE H 204 39.86 -8.13 28.55
C PHE H 204 40.71 -7.16 27.75
N SER H 205 40.08 -6.48 26.79
CA SER H 205 40.80 -5.50 26.00
C SER H 205 39.89 -4.32 25.68
N ASN H 206 40.44 -3.12 25.83
CA ASN H 206 39.74 -1.89 25.51
C ASN H 206 40.25 -1.35 24.19
N PRO H 207 39.38 -1.20 23.18
CA PRO H 207 39.81 -0.60 21.91
C PRO H 207 39.83 0.92 21.92
N ARG H 208 39.36 1.55 22.99
CA ARG H 208 39.32 3.00 23.07
C ARG H 208 40.52 3.53 23.85
N GLU H 209 40.77 4.82 23.68
CA GLU H 209 41.87 5.49 24.38
C GLU H 209 41.39 5.84 25.78
N SER H 210 41.57 4.89 26.70
CA SER H 210 41.10 5.10 28.06
C SER H 210 41.91 4.21 29.00
N LYS H 211 41.84 4.54 30.29
CA LYS H 211 42.59 3.84 31.32
C LYS H 211 41.71 2.93 32.16
N LEU H 212 40.58 2.48 31.61
CA LEU H 212 39.63 1.71 32.42
C LEU H 212 40.25 0.41 32.89
N LEU H 213 40.98 -0.29 32.01
CA LEU H 213 41.50 -1.60 32.35
C LEU H 213 42.63 -1.52 33.37
N MET H 214 43.30 -0.39 33.49
CA MET H 214 44.38 -0.24 34.45
C MET H 214 43.93 0.23 35.82
N SER H 215 42.63 0.53 35.97
CA SER H 215 42.12 1.06 37.24
C SER H 215 41.76 -0.07 38.18
N ASP H 216 41.74 0.27 39.49
CA ASP H 216 41.32 -0.69 40.50
C ASP H 216 39.82 -0.95 40.46
N TYR H 217 39.05 -0.03 39.89
CA TYR H 217 37.61 -0.21 39.83
C TYR H 217 37.24 -1.43 39.02
N PHE H 218 37.94 -1.67 37.90
CA PHE H 218 37.63 -2.81 37.06
C PHE H 218 37.88 -4.12 37.80
N ILE H 219 39.02 -4.22 38.49
CA ILE H 219 39.29 -5.42 39.28
C ILE H 219 38.23 -5.60 40.34
N ASP H 220 37.86 -4.51 41.02
CA ASP H 220 36.86 -4.61 42.09
C ASP H 220 35.52 -5.09 41.53
N GLU H 221 35.12 -4.57 40.37
CA GLU H 221 33.86 -4.99 39.78
C GLU H 221 33.88 -6.45 39.37
N ILE H 222 34.98 -6.90 38.74
CA ILE H 222 35.05 -8.30 38.33
C ILE H 222 35.06 -9.21 39.55
N SER H 223 35.78 -8.82 40.61
CA SER H 223 35.77 -9.62 41.83
C SER H 223 34.39 -9.65 42.47
N SER H 224 33.70 -8.51 42.47
CA SER H 224 32.36 -8.46 43.03
C SER H 224 31.42 -9.39 42.27
N LEU H 225 31.54 -9.41 40.95
CA LEU H 225 30.75 -10.37 40.18
C LEU H 225 31.14 -11.80 40.54
N LEU H 226 32.44 -12.10 40.56
CA LEU H 226 32.91 -13.45 40.81
C LEU H 226 32.51 -13.96 42.18
N SER H 227 32.24 -13.06 43.12
CA SER H 227 31.83 -13.50 44.45
C SER H 227 30.39 -14.02 44.48
N ILE H 228 29.65 -13.93 43.37
CA ILE H 228 28.26 -14.37 43.37
C ILE H 228 28.17 -15.87 43.65
N MET H 229 29.01 -16.66 42.99
CA MET H 229 29.07 -18.09 43.25
C MET H 229 30.37 -18.51 43.91
N GLY H 230 31.11 -17.56 44.49
CA GLY H 230 32.18 -17.90 45.40
C GLY H 230 33.57 -17.99 44.80
N PHE H 231 33.78 -17.52 43.58
CA PHE H 231 35.12 -17.54 43.02
C PHE H 231 35.94 -16.37 43.55
N ASN H 232 37.24 -16.41 43.29
CA ASN H 232 38.15 -15.35 43.69
C ASN H 232 39.15 -15.10 42.59
N ILE H 233 39.75 -13.92 42.59
CA ILE H 233 40.74 -13.53 41.59
C ILE H 233 42.13 -13.75 42.17
N ASN H 234 42.98 -14.45 41.41
CA ASN H 234 44.38 -14.63 41.79
C ASN H 234 45.11 -13.32 41.59
N GLN H 235 45.52 -12.69 42.69
CA GLN H 235 46.12 -11.37 42.61
C GLN H 235 47.54 -11.40 42.09
N SER H 236 48.21 -12.55 42.11
CA SER H 236 49.58 -12.63 41.63
C SER H 236 49.67 -12.57 40.12
N LYS H 237 48.68 -13.11 39.42
CA LYS H 237 48.71 -13.19 37.96
C LYS H 237 48.00 -12.02 37.29
N TYR H 238 47.49 -11.07 38.05
CA TYR H 238 46.82 -9.91 37.47
C TYR H 238 47.82 -9.08 36.67
N ILE H 239 47.45 -8.71 35.45
CA ILE H 239 48.33 -7.96 34.57
C ILE H 239 47.52 -6.92 33.81
N SER H 240 48.12 -5.74 33.60
CA SER H 240 47.48 -4.70 32.82
C SER H 240 48.55 -3.90 32.08
N ARG H 241 48.42 -3.80 30.76
CA ARG H 241 49.42 -3.11 29.96
C ARG H 241 48.73 -2.35 28.83
N GLU H 242 49.51 -1.52 28.14
CA GLU H 242 49.02 -0.71 27.04
C GLU H 242 49.82 -0.98 25.77
N LYS H 243 49.09 -1.14 24.66
CA LYS H 243 49.65 -1.18 23.32
C LYS H 243 50.43 -2.45 23.04
N GLU H 244 50.67 -3.25 24.09
CA GLU H 244 51.37 -4.56 23.94
C GLU H 244 51.31 -5.36 25.24
N ILE H 245 50.90 -6.63 25.19
CA ILE H 245 50.89 -7.51 26.39
C ILE H 245 51.50 -8.83 25.96
N SER H 246 52.08 -9.58 26.88
CA SER H 246 52.57 -10.93 26.49
C SER H 246 51.92 -11.97 27.39
N ILE H 247 51.22 -12.91 26.80
CA ILE H 247 50.48 -13.93 27.61
C ILE H 247 51.14 -15.27 27.32
N ASN H 248 51.90 -15.80 28.27
CA ASN H 248 52.55 -17.13 28.10
C ASN H 248 53.35 -17.13 26.80
N GLY H 249 53.97 -16.01 26.45
CA GLY H 249 54.83 -15.94 25.27
C GLY H 249 54.15 -15.44 24.03
N TYR H 250 52.83 -15.39 23.98
CA TYR H 250 52.17 -14.97 22.72
C TYR H 250 51.94 -13.48 22.85
N VAL H 251 52.58 -12.64 22.05
CA VAL H 251 52.54 -11.16 22.23
C VAL H 251 51.49 -10.54 21.32
N ILE H 252 50.54 -9.80 21.88
CA ILE H 252 49.52 -9.08 21.06
C ILE H 252 50.02 -7.65 21.05
N GLU H 253 50.16 -7.03 19.89
CA GLU H 253 50.55 -5.61 19.87
C GLU H 253 49.56 -4.77 19.08
N ASN H 254 49.35 -3.53 19.49
CA ASN H 254 48.51 -2.60 18.73
C ASN H 254 49.01 -1.20 19.05
N LYS H 255 49.87 -0.68 18.17
CA LYS H 255 50.42 0.66 18.37
C LYS H 255 49.49 1.75 17.84
N GLY H 256 48.45 1.37 17.10
CA GLY H 256 47.60 2.34 16.46
C GLY H 256 46.58 2.95 17.40
N GLY H 257 45.79 3.85 16.83
CA GLY H 257 44.76 4.54 17.58
C GLY H 257 43.36 4.20 17.13
N ASN H 258 42.71 5.13 16.41
CA ASN H 258 41.32 4.93 16.00
C ASN H 258 41.25 3.95 14.84
N GLY H 259 40.46 2.90 15.01
CA GLY H 259 40.26 1.92 13.95
C GLY H 259 41.53 1.22 13.51
N SER H 260 42.36 0.79 14.46
CA SER H 260 43.61 0.13 14.16
C SER H 260 43.49 -1.38 14.38
N ILE H 261 44.42 -2.12 13.79
CA ILE H 261 44.42 -3.58 13.84
C ILE H 261 45.75 -4.03 14.46
N GLY H 262 45.67 -4.83 15.51
CA GLY H 262 46.85 -5.36 16.14
C GLY H 262 47.33 -6.65 15.48
N THR H 263 48.47 -7.14 15.95
CA THR H 263 49.05 -8.37 15.45
C THR H 263 49.47 -9.26 16.60
N ILE H 264 49.34 -10.59 16.42
CA ILE H 264 49.76 -11.58 17.46
C ILE H 264 51.01 -12.26 16.94
N ARG H 265 52.06 -12.39 17.75
CA ARG H 265 53.27 -13.11 17.32
C ARG H 265 53.85 -13.85 18.51
N LEU H 266 54.36 -15.07 18.35
CA LEU H 266 55.05 -15.76 19.46
C LEU H 266 56.38 -15.03 19.61
N SER H 267 57.00 -15.07 20.77
CA SER H 267 58.25 -14.31 20.99
C SER H 267 59.44 -15.26 20.92
N LYS H 268 60.65 -14.83 21.28
CA LYS H 268 61.76 -15.75 21.12
C LYS H 268 61.85 -16.74 22.27
N SER H 269 61.35 -16.35 23.43
CA SER H 269 61.33 -17.28 24.58
C SER H 269 60.52 -18.49 24.15
N LYS H 270 59.44 -18.25 23.42
CA LYS H 270 58.58 -19.40 23.07
C LYS H 270 59.36 -20.31 22.14
N LEU H 271 60.12 -19.75 21.20
CA LEU H 271 60.78 -20.61 20.18
C LEU H 271 62.18 -21.03 20.62
N ASN H 272 62.58 -20.71 21.84
CA ASN H 272 63.92 -21.03 22.33
C ASN H 272 64.18 -22.53 22.30
N THR H 273 63.23 -23.33 22.76
CA THR H 273 63.46 -24.77 22.86
C THR H 273 63.60 -25.41 21.47
N VAL H 274 62.71 -25.06 20.54
CA VAL H 274 62.80 -25.66 19.22
C VAL H 274 64.06 -25.17 18.49
N LEU H 275 64.43 -23.91 18.68
CA LEU H 275 65.66 -23.42 18.06
C LEU H 275 66.87 -24.15 18.63
N LYS H 276 66.87 -24.40 19.94
CA LYS H 276 67.99 -25.13 20.54
C LYS H 276 68.03 -26.58 20.04
N VAL H 277 66.86 -27.20 19.86
CA VAL H 277 66.85 -28.57 19.35
C VAL H 277 67.38 -28.62 17.93
N THR H 278 66.95 -27.68 17.08
CA THR H 278 67.47 -27.64 15.71
C THR H 278 68.96 -27.36 15.69
N HIS H 279 69.42 -26.48 16.58
CA HIS H 279 70.85 -26.20 16.68
C HIS H 279 71.63 -27.44 17.08
N ALA H 280 71.12 -28.20 18.05
CA ALA H 280 71.80 -29.42 18.46
C ALA H 280 71.78 -30.47 17.35
N LEU H 281 70.69 -30.52 16.59
CA LEU H 281 70.62 -31.43 15.45
C LEU H 281 71.66 -31.07 14.40
N ALA H 282 71.83 -29.77 14.14
CA ALA H 282 72.82 -29.33 13.16
C ALA H 282 74.25 -29.51 13.67
N GLN H 283 74.43 -29.65 14.99
CA GLN H 283 75.75 -29.83 15.57
C GLN H 283 76.12 -31.30 15.77
N ASN H 284 75.30 -32.22 15.27
CA ASN H 284 75.57 -33.66 15.31
C ASN H 284 75.66 -34.17 16.75
N ILE H 285 74.94 -33.54 17.67
CA ILE H 285 74.84 -34.05 19.04
C ILE H 285 74.07 -35.36 19.03
N PRO H 286 74.46 -36.37 19.80
CA PRO H 286 73.73 -37.65 19.78
C PRO H 286 72.28 -37.48 20.22
N TYR H 287 71.43 -38.35 19.69
CA TYR H 287 69.99 -38.23 19.91
C TYR H 287 69.62 -38.39 21.39
N LYS H 288 70.30 -39.27 22.10
CA LYS H 288 70.01 -39.45 23.52
C LYS H 288 70.22 -38.16 24.29
N ASN H 289 71.33 -37.47 24.02
CA ASN H 289 71.61 -36.22 24.72
C ASN H 289 70.57 -35.15 24.37
N ILE H 290 70.17 -35.08 23.11
CA ILE H 290 69.17 -34.09 22.70
C ILE H 290 67.85 -34.36 23.39
N CYS H 291 67.42 -35.62 23.42
CA CYS H 291 66.14 -35.95 24.04
C CYS H 291 66.16 -35.68 25.54
N ASN H 292 67.26 -36.03 26.22
CA ASN H 292 67.28 -35.85 27.67
C ASN H 292 67.47 -34.39 28.06
N LYS H 293 68.34 -33.66 27.37
CA LYS H 293 68.69 -32.27 27.80
C LYS H 293 67.56 -31.27 27.51
N TYR H 294 66.89 -31.39 26.35
CA TYR H 294 65.89 -30.40 25.97
C TYR H 294 64.45 -30.90 26.03
N ILE H 295 64.18 -32.12 25.55
CA ILE H 295 62.81 -32.62 25.50
C ILE H 295 62.39 -33.29 26.81
N LYS H 296 63.28 -33.35 27.80
CA LYS H 296 63.01 -33.93 29.12
C LYS H 296 62.29 -35.27 29.03
N VAL H 297 62.56 -36.03 27.98
CA VAL H 297 62.06 -37.39 27.82
C VAL H 297 63.24 -38.35 27.95
N ARG H 298 63.09 -39.34 28.82
CA ARG H 298 64.17 -40.29 29.07
C ARG H 298 63.60 -41.68 29.19
N LEU H 299 64.39 -42.67 28.78
CA LEU H 299 64.00 -44.07 28.83
C LEU H 299 64.41 -44.65 30.17
N LYS H 300 63.45 -44.74 31.09
CA LYS H 300 63.72 -45.37 32.38
C LYS H 300 63.93 -46.87 32.18
N GLU H 301 64.92 -47.42 32.90
CA GLU H 301 65.22 -48.84 32.77
C GLU H 301 64.08 -49.73 33.21
N LYS H 302 63.15 -49.21 34.02
CA LYS H 302 62.01 -50.01 34.45
C LYS H 302 60.93 -50.10 33.38
N ASN H 303 61.05 -49.36 32.29
CA ASN H 303 60.03 -49.34 31.24
C ASN H 303 60.33 -50.29 30.09
N ILE H 304 61.49 -50.93 30.09
CA ILE H 304 61.89 -51.77 28.96
C ILE H 304 61.09 -53.07 29.00
N LYS H 305 60.35 -53.34 27.93
CA LYS H 305 59.43 -54.48 27.93
C LYS H 305 60.18 -55.80 27.79
N TYR H 306 61.16 -55.86 26.90
CA TYR H 306 61.90 -57.08 26.63
C TYR H 306 63.39 -56.84 26.75
N GLU H 307 64.11 -57.88 27.14
CA GLU H 307 65.57 -57.85 27.18
C GLU H 307 66.20 -58.46 25.93
N SER H 308 65.38 -58.89 24.96
CA SER H 308 65.93 -59.49 23.75
C SER H 308 66.76 -58.49 22.95
N LYS H 309 66.19 -57.32 22.68
CA LYS H 309 66.89 -56.25 21.98
C LYS H 309 66.81 -55.00 22.83
N LYS H 310 67.95 -54.53 23.32
CA LYS H 310 68.01 -53.37 24.20
C LYS H 310 68.85 -52.25 23.64
N ASP H 311 70.01 -52.54 23.06
CA ASP H 311 70.82 -51.50 22.43
C ASP H 311 70.07 -50.90 21.23
N GLU H 312 69.41 -51.75 20.44
CA GLU H 312 68.60 -51.25 19.34
C GLU H 312 67.33 -50.57 19.85
N PHE H 313 66.76 -51.09 20.94
CA PHE H 313 65.52 -50.55 21.47
C PHE H 313 65.68 -49.10 21.90
N GLU H 314 66.76 -48.80 22.63
CA GLU H 314 66.99 -47.44 23.10
C GLU H 314 67.17 -46.48 21.95
N LYS H 315 67.96 -46.86 20.94
CA LYS H 315 68.18 -45.99 19.79
C LYS H 315 66.88 -45.75 19.03
N LYS H 316 66.09 -46.81 18.81
CA LYS H 316 64.83 -46.65 18.10
C LYS H 316 63.86 -45.77 18.88
N TYR H 317 63.81 -45.95 20.20
CA TYR H 317 62.91 -45.15 21.02
C TYR H 317 63.29 -43.68 20.96
N TYR H 318 64.58 -43.37 21.07
CA TYR H 318 64.98 -41.97 21.03
C TYR H 318 64.78 -41.36 19.65
N ARG H 319 65.03 -42.16 18.60
CA ARG H 319 64.75 -41.70 17.24
C ARG H 319 63.28 -41.35 17.07
N ASP H 320 62.40 -42.25 17.54
CA ASP H 320 60.96 -42.02 17.42
C ASP H 320 60.52 -40.83 18.24
N GLN H 321 61.07 -40.66 19.43
CA GLN H 321 60.69 -39.52 20.26
C GLN H 321 61.12 -38.20 19.63
N LEU H 322 62.33 -38.16 19.06
CA LEU H 322 62.76 -36.94 18.37
C LEU H 322 61.87 -36.66 17.16
N ILE H 323 61.53 -37.71 16.40
CA ILE H 323 60.63 -37.53 15.26
C ILE H 323 59.29 -36.99 15.72
N ASN H 324 58.75 -37.55 16.81
CA ASN H 324 57.46 -37.12 17.32
C ASN H 324 57.50 -35.68 17.81
N TYR H 325 58.56 -35.30 18.51
CA TYR H 325 58.66 -33.92 18.98
C TYR H 325 58.75 -32.95 17.81
N LEU H 326 59.57 -33.27 16.81
CA LEU H 326 59.70 -32.38 15.65
C LEU H 326 58.38 -32.28 14.91
N GLY H 327 57.68 -33.40 14.75
CA GLY H 327 56.39 -33.35 14.09
C GLY H 327 55.35 -32.58 14.88
N GLY H 328 55.40 -32.68 16.22
CA GLY H 328 54.48 -31.92 17.04
C GLY H 328 54.69 -30.42 16.92
N TYR H 329 55.95 -29.98 16.99
CA TYR H 329 56.21 -28.56 16.84
C TYR H 329 55.92 -28.08 15.42
N ARG H 330 56.17 -28.93 14.43
CA ARG H 330 55.79 -28.62 13.05
C ARG H 330 54.28 -28.39 12.96
N SER H 331 53.51 -29.17 13.70
CA SER H 331 52.05 -29.03 13.53
C SER H 331 51.60 -27.87 14.39
N TYR H 332 52.32 -27.58 15.46
CA TYR H 332 51.96 -26.39 16.25
C TYR H 332 52.15 -25.16 15.37
N LEU H 333 53.25 -25.05 14.63
CA LEU H 333 53.39 -23.83 13.83
C LEU H 333 52.46 -23.89 12.62
N ILE H 334 52.19 -25.07 12.03
CA ILE H 334 51.20 -25.15 10.97
C ILE H 334 49.85 -24.62 11.46
N SER H 335 49.52 -24.88 12.72
CA SER H 335 48.29 -24.32 13.28
C SER H 335 48.37 -22.80 13.30
N LEU H 336 49.51 -22.25 13.67
CA LEU H 336 49.68 -20.80 13.62
C LEU H 336 49.51 -20.27 12.20
N VAL H 337 50.08 -20.96 11.22
CA VAL H 337 49.98 -20.52 9.82
C VAL H 337 48.53 -20.58 9.34
N LYS H 338 47.83 -21.66 9.67
CA LYS H 338 46.42 -21.79 9.28
C LYS H 338 45.57 -20.70 9.92
N PHE H 339 45.82 -20.41 11.20
CA PHE H 339 45.07 -19.36 11.86
C PHE H 339 45.33 -18.01 11.20
N HIS H 340 46.59 -17.73 10.85
CA HIS H 340 46.89 -16.49 10.15
C HIS H 340 46.19 -16.43 8.80
N SER H 341 46.19 -17.54 8.07
CA SER H 341 45.57 -17.55 6.75
C SER H 341 44.07 -17.34 6.85
N GLU H 342 43.44 -17.87 7.89
CA GLU H 342 42.00 -17.71 8.05
C GLU H 342 41.62 -16.32 8.54
N TYR H 343 42.39 -15.73 9.46
CA TYR H 343 42.01 -14.45 10.05
C TYR H 343 42.89 -13.27 9.65
N LYS H 344 44.11 -13.52 9.19
CA LYS H 344 45.04 -12.46 8.79
C LYS H 344 45.31 -11.49 9.94
N CYS H 345 45.90 -12.03 11.01
CA CYS H 345 46.20 -11.23 12.18
C CYS H 345 47.57 -11.52 12.79
N VAL H 346 48.37 -12.38 12.18
CA VAL H 346 49.70 -12.70 12.67
C VAL H 346 50.70 -11.81 11.94
N ASN H 347 51.76 -11.41 12.65
CA ASN H 347 52.77 -10.53 12.08
C ASN H 347 53.38 -11.13 10.82
N SER H 348 53.50 -10.32 9.77
CA SER H 348 54.00 -10.82 8.49
C SER H 348 55.46 -11.25 8.59
N ASP H 349 56.30 -10.42 9.21
CA ASP H 349 57.71 -10.82 9.38
C ASP H 349 57.81 -12.05 10.28
N PHE H 350 56.94 -12.15 11.29
CA PHE H 350 56.90 -13.37 12.07
C PHE H 350 56.41 -14.54 11.24
N ILE H 351 55.55 -14.28 10.25
CA ILE H 351 55.14 -15.35 9.34
C ILE H 351 56.34 -15.84 8.53
N ILE H 352 57.20 -14.91 8.11
CA ILE H 352 58.43 -15.32 7.41
C ILE H 352 59.32 -16.14 8.32
N GLN H 353 59.47 -15.72 9.58
CA GLN H 353 60.28 -16.49 10.51
C GLN H 353 59.69 -17.88 10.74
N ILE H 354 58.37 -17.97 10.85
CA ILE H 354 57.71 -19.27 11.00
C ILE H 354 58.00 -20.14 9.79
N ASN H 355 57.92 -19.56 8.59
CA ASN H 355 58.19 -20.34 7.37
C ASN H 355 59.61 -20.86 7.37
N GLY H 356 60.57 -20.03 7.77
CA GLY H 356 61.95 -20.48 7.83
C GLY H 356 62.14 -21.61 8.83
N ILE H 357 61.57 -21.46 10.03
CA ILE H 357 61.71 -22.48 11.05
C ILE H 357 61.03 -23.77 10.61
N LEU H 358 59.90 -23.66 9.92
CA LEU H 358 59.19 -24.84 9.46
C LEU H 358 59.98 -25.57 8.38
N ASN H 359 60.60 -24.83 7.47
CA ASN H 359 61.45 -25.47 6.48
C ASN H 359 62.62 -26.17 7.14
N ASP H 360 63.23 -25.52 8.16
CA ASP H 360 64.32 -26.15 8.88
C ASP H 360 63.87 -27.42 9.59
N ILE H 361 62.70 -27.39 10.21
CA ILE H 361 62.16 -28.56 10.90
C ILE H 361 61.92 -29.69 9.92
N GLN H 362 61.33 -29.37 8.76
CA GLN H 362 61.06 -30.40 7.77
C GLN H 362 62.34 -31.00 7.22
N ASN H 363 63.35 -30.16 6.95
CA ASN H 363 64.62 -30.68 6.47
C ASN H 363 65.29 -31.57 7.51
N HIS H 364 65.24 -31.18 8.78
CA HIS H 364 65.85 -31.99 9.83
C HIS H 364 65.12 -33.32 10.00
N ILE H 365 63.79 -33.31 9.93
CA ILE H 365 63.04 -34.56 10.05
C ILE H 365 63.32 -35.46 8.85
N GLN H 366 63.49 -34.86 7.66
CA GLN H 366 63.85 -35.65 6.48
C GLN H 366 65.23 -36.27 6.64
N LYS H 367 66.19 -35.50 7.17
CA LYS H 367 67.53 -36.01 7.38
C LYS H 367 67.52 -37.15 8.38
N ILE H 368 66.77 -37.01 9.47
CA ILE H 368 66.71 -38.06 10.48
C ILE H 368 66.07 -39.31 9.91
N LYS H 369 64.99 -39.15 9.13
CA LYS H 369 64.34 -40.31 8.53
C LYS H 369 65.27 -41.00 7.52
N LYS H 370 66.01 -40.23 6.74
CA LYS H 370 66.97 -40.82 5.81
C LYS H 370 68.07 -41.59 6.55
N ASN H 371 68.57 -41.02 7.66
CA ASN H 371 69.56 -41.72 8.45
C ASN H 371 69.00 -42.98 9.08
N ARG H 372 67.68 -43.00 9.35
CA ARG H 372 67.04 -44.19 9.91
C ARG H 372 67.28 -45.42 9.03
N ARG H 373 67.31 -45.23 7.71
CA ARG H 373 67.52 -46.33 6.77
C ARG H 373 69.00 -46.68 6.60
N LEU H 374 69.90 -45.95 7.23
CA LEU H 374 71.32 -46.25 7.14
C LEU H 374 71.80 -46.97 8.41
N LYS I 5 -36.95 -0.03 -3.25
CA LYS I 5 -38.06 -0.95 -2.95
C LYS I 5 -39.27 -0.65 -3.82
N MET I 6 -39.57 -1.58 -4.72
CA MET I 6 -40.70 -1.41 -5.62
C MET I 6 -42.02 -1.55 -4.87
N ILE I 7 -43.07 -0.98 -5.46
CA ILE I 7 -44.39 -1.00 -4.84
C ILE I 7 -45.04 -2.35 -5.11
N LEU I 8 -45.54 -2.98 -4.04
CA LEU I 8 -46.27 -4.24 -4.15
C LEU I 8 -47.64 -4.08 -3.51
N VAL I 9 -48.65 -4.64 -4.15
CA VAL I 9 -50.03 -4.56 -3.69
C VAL I 9 -50.55 -5.97 -3.44
N ASP I 10 -51.11 -6.20 -2.26
CA ASP I 10 -51.71 -7.46 -1.89
C ASP I 10 -53.20 -7.27 -1.61
N LYS I 11 -53.84 -8.31 -1.09
CA LYS I 11 -55.28 -8.25 -0.84
C LYS I 11 -55.63 -7.16 0.17
N VAL I 12 -54.85 -7.05 1.25
CA VAL I 12 -55.12 -6.02 2.25
C VAL I 12 -54.89 -4.64 1.67
N PHE I 13 -53.90 -4.49 0.78
CA PHE I 13 -53.64 -3.20 0.16
C PHE I 13 -54.84 -2.74 -0.67
N TYR I 14 -55.46 -3.67 -1.40
CA TYR I 14 -56.67 -3.30 -2.15
C TYR I 14 -57.85 -3.05 -1.22
N GLU I 15 -58.01 -3.87 -0.19
CA GLU I 15 -59.22 -3.83 0.60
C GLU I 15 -59.24 -2.64 1.56
N LYS I 16 -58.07 -2.18 2.00
CA LYS I 16 -58.01 -1.16 3.06
C LYS I 16 -57.81 0.25 2.52
N ILE I 17 -56.74 0.47 1.76
CA ILE I 17 -56.40 1.84 1.36
C ILE I 17 -56.90 2.15 -0.05
N LEU I 18 -57.00 1.15 -0.93
CA LEU I 18 -57.51 1.41 -2.27
C LEU I 18 -59.04 1.47 -2.29
N SER I 19 -59.70 0.36 -1.95
CA SER I 19 -61.16 0.31 -2.03
C SER I 19 -61.79 1.23 -0.98
N VAL I 20 -61.34 1.12 0.26
CA VAL I 20 -61.86 1.88 1.40
C VAL I 20 -63.35 1.55 1.58
N GLU I 21 -64.20 2.09 0.69
CA GLU I 21 -65.64 1.82 0.76
C GLU I 21 -66.27 1.62 -0.61
N SER I 22 -65.53 1.78 -1.69
CA SER I 22 -66.14 1.69 -3.02
C SER I 22 -66.65 0.29 -3.31
N PHE I 23 -65.89 -0.73 -2.93
CA PHE I 23 -66.26 -2.11 -3.21
C PHE I 23 -66.28 -2.93 -1.92
N LYS I 24 -66.73 -2.31 -0.82
CA LYS I 24 -66.91 -3.04 0.42
C LYS I 24 -67.95 -4.13 0.26
N GLU I 25 -69.05 -3.83 -0.45
CA GLU I 25 -70.13 -4.80 -0.62
C GLU I 25 -69.65 -6.03 -1.37
N ASN I 26 -68.82 -5.84 -2.39
CA ASN I 26 -68.31 -6.98 -3.16
C ASN I 26 -67.34 -7.82 -2.34
N ILE I 27 -66.53 -7.19 -1.47
CA ILE I 27 -65.55 -7.95 -0.70
C ILE I 27 -66.17 -8.63 0.51
N ILE I 28 -67.27 -8.12 1.05
CA ILE I 28 -67.90 -8.78 2.18
C ILE I 28 -68.78 -9.94 1.74
N THR I 29 -69.40 -9.85 0.57
CA THR I 29 -70.24 -10.91 0.04
C THR I 29 -69.52 -11.81 -0.95
N GLN I 30 -68.23 -11.58 -1.18
CA GLN I 30 -67.43 -12.37 -2.12
C GLN I 30 -68.06 -12.41 -3.51
N SER I 31 -68.53 -11.25 -3.97
CA SER I 31 -69.13 -11.11 -5.29
C SER I 31 -68.13 -10.48 -6.24
N ALA I 32 -68.11 -10.97 -7.48
CA ALA I 32 -67.12 -10.51 -8.45
C ALA I 32 -67.29 -9.03 -8.74
N ILE I 33 -66.15 -8.33 -8.84
CA ILE I 33 -66.17 -6.91 -9.20
C ILE I 33 -66.60 -6.76 -10.65
N PRO I 34 -67.63 -5.99 -10.96
CA PRO I 34 -68.20 -6.00 -12.30
C PRO I 34 -67.43 -5.12 -13.27
N LYS I 35 -67.72 -5.33 -14.55
CA LYS I 35 -67.19 -4.49 -15.60
C LYS I 35 -67.75 -3.07 -15.50
N ILE I 36 -67.03 -2.12 -16.09
CA ILE I 36 -67.54 -0.76 -16.17
C ILE I 36 -68.63 -0.74 -17.24
N SER I 37 -69.89 -0.69 -16.80
CA SER I 37 -71.02 -0.75 -17.72
C SER I 37 -71.13 0.55 -18.52
N ASN I 38 -71.85 0.47 -19.64
CA ASN I 38 -72.07 1.65 -20.46
C ASN I 38 -72.91 2.70 -19.76
N LYS I 39 -73.64 2.32 -18.71
CA LYS I 39 -74.43 3.28 -17.96
C LYS I 39 -73.56 4.28 -17.23
N GLU I 40 -72.36 3.89 -16.83
CA GLU I 40 -71.46 4.77 -16.10
C GLU I 40 -70.60 5.64 -17.00
N VAL I 41 -70.60 5.40 -18.31
CA VAL I 41 -69.70 6.08 -19.23
C VAL I 41 -70.52 6.80 -20.27
N ARG I 42 -70.29 8.10 -20.41
CA ARG I 42 -70.90 8.92 -21.44
C ARG I 42 -69.89 9.19 -22.56
N LEU I 43 -70.39 9.23 -23.78
CA LEU I 43 -69.55 9.30 -24.97
C LEU I 43 -69.64 10.70 -25.57
N ILE I 44 -68.56 11.47 -25.45
CA ILE I 44 -68.48 12.82 -26.00
C ILE I 44 -67.79 12.76 -27.35
N SER I 45 -68.15 13.67 -28.25
CA SER I 45 -67.49 13.81 -29.54
C SER I 45 -66.80 15.16 -29.59
N SER I 46 -65.49 15.16 -29.81
CA SER I 46 -64.71 16.38 -29.99
C SER I 46 -63.89 16.19 -31.26
N GLY I 47 -64.21 16.96 -32.30
CA GLY I 47 -63.57 16.70 -33.57
C GLY I 47 -63.96 15.34 -34.10
N SER I 48 -63.04 14.71 -34.83
CA SER I 48 -63.21 13.31 -35.16
C SER I 48 -62.92 12.41 -33.98
N LYS I 49 -62.40 12.97 -32.88
CA LYS I 49 -62.04 12.20 -31.72
C LYS I 49 -63.25 11.94 -30.83
N ILE I 50 -63.21 10.83 -30.10
CA ILE I 50 -64.27 10.43 -29.20
C ILE I 50 -63.69 10.29 -27.81
N PHE I 51 -64.32 10.92 -26.83
CA PHE I 51 -63.88 10.91 -25.45
C PHE I 51 -64.87 10.12 -24.61
N TYR I 52 -64.37 9.43 -23.60
CA TYR I 52 -65.20 8.64 -22.70
C TYR I 52 -65.08 9.22 -21.30
N ALA I 53 -66.20 9.64 -20.73
CA ALA I 53 -66.22 10.28 -19.42
C ALA I 53 -67.03 9.43 -18.45
N ILE I 54 -66.42 9.12 -17.31
CA ILE I 54 -67.09 8.33 -16.28
C ILE I 54 -67.86 9.27 -15.37
N ASN I 55 -68.93 8.75 -14.78
CA ASN I 55 -69.72 9.53 -13.83
C ASN I 55 -69.05 9.51 -12.46
N ASN I 56 -69.14 10.63 -11.75
CA ASN I 56 -68.45 10.75 -10.47
C ASN I 56 -69.09 9.89 -9.40
N THR I 57 -70.41 9.73 -9.43
CA THR I 57 -71.11 8.98 -8.40
C THR I 57 -70.73 7.51 -8.39
N SER I 58 -70.26 6.98 -9.52
CA SER I 58 -69.90 5.57 -9.58
C SER I 58 -68.69 5.30 -8.70
N PRO I 59 -68.64 4.15 -8.01
CA PRO I 59 -67.45 3.82 -7.21
C PRO I 59 -66.22 3.64 -8.06
N HIS I 60 -66.38 3.34 -9.35
CA HIS I 60 -65.23 3.15 -10.21
C HIS I 60 -64.42 4.43 -10.36
N SER I 61 -65.09 5.59 -10.42
CA SER I 61 -64.35 6.85 -10.49
C SER I 61 -63.51 7.05 -9.23
N HIS I 62 -64.08 6.80 -8.06
CA HIS I 62 -63.34 7.01 -6.82
C HIS I 62 -62.16 6.03 -6.71
N VAL I 63 -62.37 4.77 -7.10
CA VAL I 63 -61.27 3.83 -7.00
C VAL I 63 -60.21 4.14 -8.05
N GLN I 64 -60.60 4.66 -9.21
CA GLN I 64 -59.60 5.14 -10.18
C GLN I 64 -58.78 6.26 -9.60
N LEU I 65 -59.44 7.20 -8.92
CA LEU I 65 -58.73 8.34 -8.35
C LEU I 65 -57.74 7.89 -7.26
N ARG I 66 -58.16 6.97 -6.39
CA ARG I 66 -57.25 6.52 -5.35
C ARG I 66 -56.16 5.59 -5.89
N LEU I 67 -56.46 4.86 -6.98
CA LEU I 67 -55.40 4.14 -7.68
C LEU I 67 -54.35 5.10 -8.22
N ASN I 68 -54.80 6.18 -8.85
CA ASN I 68 -53.86 7.17 -9.37
C ASN I 68 -53.04 7.78 -8.25
N ARG I 69 -53.70 8.07 -7.12
CA ARG I 69 -53.03 8.72 -6.01
C ARG I 69 -51.97 7.82 -5.37
N PHE I 70 -52.27 6.53 -5.20
CA PHE I 70 -51.46 5.70 -4.32
C PHE I 70 -50.68 4.59 -5.02
N PHE I 71 -51.06 4.18 -6.22
CA PHE I 71 -50.44 3.03 -6.86
C PHE I 71 -49.65 3.40 -8.11
N LEU I 72 -50.31 3.97 -9.12
CA LEU I 72 -49.63 4.25 -10.39
C LEU I 72 -48.58 5.34 -10.26
N SER I 73 -48.62 6.12 -9.18
CA SER I 73 -47.66 7.20 -8.99
C SER I 73 -46.32 6.71 -8.45
N HIS I 74 -46.20 5.44 -8.09
CA HIS I 74 -44.96 4.91 -7.53
C HIS I 74 -44.17 4.03 -8.49
N ILE I 75 -44.78 3.57 -9.56
CA ILE I 75 -44.07 2.71 -10.52
C ILE I 75 -43.06 3.56 -11.29
N PRO I 76 -41.80 3.15 -11.35
CA PRO I 76 -40.80 3.96 -12.06
C PRO I 76 -41.11 4.07 -13.54
N LEU I 77 -40.77 5.21 -14.11
CA LEU I 77 -41.02 5.52 -15.52
C LEU I 77 -39.70 5.76 -16.23
N ASN I 78 -39.79 6.19 -17.48
CA ASN I 78 -38.64 6.52 -18.29
C ASN I 78 -38.53 8.04 -18.41
N SER I 79 -37.32 8.57 -18.22
CA SER I 79 -37.14 10.02 -18.20
C SER I 79 -37.45 10.67 -19.54
N ALA I 80 -37.50 9.89 -20.62
CA ALA I 80 -37.89 10.45 -21.90
C ALA I 80 -39.38 10.76 -21.97
N ALA I 81 -40.17 10.26 -21.03
CA ALA I 81 -41.59 10.56 -20.97
C ALA I 81 -41.79 11.83 -20.16
N LYS I 82 -42.14 12.92 -20.84
CA LYS I 82 -42.26 14.22 -20.21
C LYS I 82 -43.71 14.63 -19.95
N ALA I 83 -44.67 13.76 -20.22
CA ALA I 83 -46.08 14.13 -20.14
C ALA I 83 -46.79 13.29 -19.07
N PHE I 84 -47.81 13.90 -18.46
CA PHE I 84 -48.67 13.26 -17.47
C PHE I 84 -47.90 12.76 -16.26
N VAL I 85 -46.69 13.26 -16.03
CA VAL I 85 -45.86 12.80 -14.93
C VAL I 85 -45.59 13.97 -13.99
N ARG I 86 -45.47 13.67 -12.71
CA ARG I 86 -45.17 14.67 -11.70
C ARG I 86 -43.90 15.43 -12.04
N GLY I 87 -44.02 16.71 -12.33
CA GLY I 87 -42.87 17.52 -12.71
C GLY I 87 -42.58 17.60 -14.19
N GLY I 88 -43.31 16.85 -15.01
CA GLY I 88 -43.10 16.91 -16.45
C GLY I 88 -43.92 18.02 -17.08
N SER I 89 -43.31 18.70 -18.06
CA SER I 89 -43.96 19.85 -18.71
C SER I 89 -43.55 19.94 -20.18
N TYR I 90 -44.30 20.65 -21.00
CA TYR I 90 -43.98 20.71 -22.43
C TYR I 90 -42.63 21.35 -22.58
N LEU I 91 -42.33 22.38 -21.81
CA LEU I 91 -41.04 23.07 -22.06
C LEU I 91 -39.90 22.09 -21.82
N LYS I 92 -40.05 21.17 -20.87
CA LYS I 92 -39.01 20.14 -20.63
C LYS I 92 -38.90 19.26 -21.86
N TYR I 93 -39.98 18.92 -22.53
CA TYR I 93 -39.96 18.10 -23.77
C TYR I 93 -39.20 18.86 -24.85
N LEU I 94 -39.37 20.17 -24.93
CA LEU I 94 -38.74 20.95 -26.01
C LEU I 94 -37.34 21.41 -25.62
N GLU I 95 -36.88 21.18 -24.40
CA GLU I 95 -35.56 21.76 -24.01
C GLU I 95 -34.37 20.92 -24.45
N PRO I 96 -34.21 19.62 -24.13
CA PRO I 96 -32.99 18.91 -24.53
C PRO I 96 -32.57 19.12 -25.97
N HIS I 97 -33.45 19.64 -26.82
CA HIS I 97 -33.16 19.78 -28.24
C HIS I 97 -32.52 21.11 -28.59
N ILE I 98 -32.29 22.00 -27.62
CA ILE I 98 -31.57 23.22 -27.91
C ILE I 98 -30.12 22.94 -28.28
N TYR I 99 -29.60 21.78 -27.91
CA TYR I 99 -28.24 21.40 -28.25
C TYR I 99 -28.11 20.83 -29.65
N GLY I 100 -29.23 20.56 -30.32
CA GLY I 100 -29.18 19.91 -31.61
C GLY I 100 -29.10 20.87 -32.77
N SER I 101 -28.58 20.37 -33.89
CA SER I 101 -28.50 21.14 -35.12
C SER I 101 -29.56 20.76 -36.13
N SER I 102 -30.00 19.50 -36.17
CA SER I 102 -31.10 19.09 -37.02
C SER I 102 -32.20 18.48 -36.19
N TYR I 103 -33.45 18.71 -36.58
CA TYR I 103 -34.60 18.30 -35.77
C TYR I 103 -35.53 17.44 -36.60
N CYS I 104 -36.18 16.49 -35.94
CA CYS I 104 -37.19 15.65 -36.55
C CYS I 104 -38.29 15.39 -35.54
N ARG I 105 -39.52 15.29 -36.04
CA ARG I 105 -40.69 15.13 -35.19
C ARG I 105 -41.59 14.07 -35.79
N LEU I 106 -41.97 13.09 -34.96
CA LEU I 106 -42.82 11.98 -35.36
C LEU I 106 -44.02 11.90 -34.44
N ASP I 107 -45.05 11.20 -34.90
CA ASP I 107 -46.29 11.07 -34.14
C ASP I 107 -46.76 9.63 -34.19
N ILE I 108 -47.41 9.19 -33.12
CA ILE I 108 -48.02 7.87 -33.05
C ILE I 108 -49.51 8.03 -33.28
N SER I 109 -50.04 7.29 -34.26
CA SER I 109 -51.43 7.43 -34.64
C SER I 109 -52.33 6.73 -33.62
N SER I 110 -53.26 7.48 -33.04
CA SER I 110 -54.20 6.96 -32.06
C SER I 110 -53.49 6.18 -30.96
N PHE I 111 -52.66 6.92 -30.22
CA PHE I 111 -51.81 6.29 -29.21
C PHE I 111 -52.63 5.59 -28.14
N PHE I 112 -53.68 6.25 -27.65
CA PHE I 112 -54.45 5.68 -26.55
C PHE I 112 -55.34 4.54 -27.00
N ASN I 113 -55.85 4.58 -28.22
CA ASN I 113 -56.68 3.49 -28.73
C ASN I 113 -55.86 2.26 -29.11
N ASN I 114 -54.60 2.43 -29.49
CA ASN I 114 -53.78 1.33 -29.95
C ASN I 114 -53.03 0.62 -28.83
N ILE I 115 -53.24 1.02 -27.58
CA ILE I 115 -52.62 0.33 -26.45
C ILE I 115 -53.34 -0.98 -26.22
N SER I 116 -52.63 -2.10 -26.42
CA SER I 116 -53.21 -3.40 -26.15
C SER I 116 -53.39 -3.60 -24.65
N PHE I 117 -54.52 -4.19 -24.27
CA PHE I 117 -54.77 -4.42 -22.85
C PHE I 117 -53.89 -5.51 -22.28
N ASP I 118 -53.53 -6.52 -23.09
CA ASP I 118 -52.63 -7.55 -22.61
C ASP I 118 -51.26 -6.97 -22.26
N ASP I 119 -50.81 -5.97 -23.03
CA ASP I 119 -49.59 -5.29 -22.69
C ASP I 119 -49.70 -4.58 -21.34
N VAL I 120 -50.87 -3.99 -21.07
CA VAL I 120 -51.09 -3.36 -19.77
C VAL I 120 -51.04 -4.39 -18.65
N LYS I 121 -51.66 -5.54 -18.86
CA LYS I 121 -51.61 -6.61 -17.87
C LYS I 121 -50.18 -7.05 -17.60
N GLN I 122 -49.40 -7.25 -18.68
CA GLN I 122 -48.02 -7.67 -18.51
C GLN I 122 -47.19 -6.61 -17.82
N SER I 123 -47.46 -5.33 -18.10
CA SER I 123 -46.69 -4.26 -17.50
C SER I 123 -47.00 -4.09 -16.02
N LEU I 124 -48.26 -4.27 -15.64
CA LEU I 124 -48.65 -4.12 -14.25
C LEU I 124 -48.48 -5.38 -13.43
N SER I 125 -48.24 -6.53 -14.07
CA SER I 125 -48.14 -7.78 -13.32
C SER I 125 -47.02 -7.78 -12.28
N PRO I 126 -45.78 -7.37 -12.58
CA PRO I 126 -44.74 -7.46 -11.55
C PRO I 126 -45.00 -6.59 -10.32
N TYR I 127 -45.83 -5.56 -10.43
CA TYR I 127 -46.07 -4.64 -9.32
C TYR I 127 -47.30 -5.01 -8.50
N ILE I 128 -48.03 -6.05 -8.88
CA ILE I 128 -49.20 -6.52 -8.14
C ILE I 128 -49.02 -7.99 -7.83
N LYS I 129 -49.13 -8.35 -6.56
CA LYS I 129 -48.97 -9.75 -6.17
C LYS I 129 -50.07 -10.60 -6.77
N ASP I 130 -49.72 -11.82 -7.17
CA ASP I 130 -50.66 -12.74 -7.80
C ASP I 130 -51.43 -13.47 -6.70
N GLU I 131 -52.65 -13.01 -6.43
CA GLU I 131 -53.52 -13.62 -5.44
C GLU I 131 -54.92 -13.75 -6.04
N TYR I 132 -55.83 -14.30 -5.24
CA TYR I 132 -57.24 -14.41 -5.59
C TYR I 132 -58.01 -13.51 -4.63
N LEU I 133 -58.51 -12.39 -5.14
CA LEU I 133 -59.23 -11.44 -4.29
C LEU I 133 -60.58 -12.00 -3.85
N ILE I 134 -61.33 -12.59 -4.77
CA ILE I 134 -62.71 -12.99 -4.53
C ILE I 134 -62.76 -14.51 -4.67
N GLY I 135 -62.57 -15.20 -3.56
CA GLY I 135 -62.66 -16.65 -3.57
C GLY I 135 -61.63 -17.26 -4.50
N THR I 136 -62.12 -17.89 -5.57
CA THR I 136 -61.28 -18.52 -6.57
C THR I 136 -61.78 -18.09 -7.96
N GLU I 137 -62.58 -17.03 -7.98
CA GLU I 137 -63.20 -16.55 -9.22
C GLU I 137 -62.38 -15.47 -9.92
N GLN I 138 -62.13 -14.34 -9.25
CA GLN I 138 -61.49 -13.19 -9.86
C GLN I 138 -60.19 -12.88 -9.12
N LYS I 139 -59.11 -12.71 -9.88
CA LYS I 139 -57.82 -12.38 -9.28
C LYS I 139 -57.73 -10.88 -9.00
N LEU I 140 -56.78 -10.53 -8.15
CA LEU I 140 -56.60 -9.13 -7.76
C LEU I 140 -56.25 -8.26 -8.96
N ILE I 141 -55.31 -8.73 -9.79
CA ILE I 141 -54.92 -7.98 -10.98
C ILE I 141 -56.10 -7.81 -11.92
N ASP I 142 -56.94 -8.85 -12.03
CA ASP I 142 -58.11 -8.76 -12.88
C ASP I 142 -59.09 -7.70 -12.38
N ALA I 143 -59.29 -7.63 -11.05
CA ALA I 143 -60.17 -6.60 -10.51
C ALA I 143 -59.61 -5.21 -10.75
N ILE I 144 -58.31 -5.03 -10.58
CA ILE I 144 -57.72 -3.71 -10.78
C ILE I 144 -57.83 -3.27 -12.24
N LEU I 145 -57.56 -4.17 -13.17
CA LEU I 145 -57.72 -3.81 -14.58
C LEU I 145 -59.19 -3.61 -14.95
N ASN I 146 -60.11 -4.32 -14.28
CA ASN I 146 -61.52 -4.03 -14.46
C ASN I 146 -61.83 -2.60 -14.05
N SER I 147 -61.22 -2.15 -12.96
CA SER I 147 -61.36 -0.75 -12.57
C SER I 147 -60.74 0.20 -13.59
N VAL I 148 -59.60 -0.16 -14.18
CA VAL I 148 -58.83 0.77 -15.00
C VAL I 148 -59.33 0.80 -16.44
N GLY I 149 -59.52 -0.35 -17.07
CA GLY I 149 -59.89 -0.41 -18.46
C GLY I 149 -61.38 -0.23 -18.69
N TYR I 150 -61.77 -0.34 -19.95
CA TYR I 150 -63.17 -0.20 -20.35
C TYR I 150 -63.37 -0.89 -21.69
N GLU I 151 -64.61 -1.27 -21.96
CA GLU I 151 -64.99 -1.89 -23.22
C GLU I 151 -65.73 -0.87 -24.07
N SER I 152 -65.21 -0.62 -25.27
CA SER I 152 -65.82 0.38 -26.15
C SER I 152 -67.08 -0.18 -26.78
N PRO I 153 -68.24 0.45 -26.58
CA PRO I 153 -69.46 -0.06 -27.22
C PRO I 153 -69.49 0.18 -28.73
N ILE I 154 -68.89 1.27 -29.20
CA ILE I 154 -68.86 1.54 -30.62
C ILE I 154 -68.09 0.46 -31.36
N ARG I 155 -66.93 0.08 -30.83
CA ARG I 155 -66.08 -0.93 -31.44
C ARG I 155 -65.90 -2.07 -30.45
N LYS I 156 -66.82 -3.05 -30.49
CA LYS I 156 -66.74 -4.21 -29.61
C LYS I 156 -65.70 -5.22 -30.07
N ASP I 157 -65.25 -5.13 -31.32
CA ASP I 157 -64.33 -6.12 -31.85
C ASP I 157 -62.99 -6.10 -31.11
N LYS I 158 -62.44 -4.91 -30.89
CA LYS I 158 -61.13 -4.82 -30.24
C LYS I 158 -61.20 -5.12 -28.75
N GLY I 159 -62.39 -5.22 -28.17
CA GLY I 159 -62.50 -5.67 -26.79
C GLY I 159 -62.17 -4.56 -25.81
N MET I 160 -61.49 -4.93 -24.73
CA MET I 160 -61.14 -3.97 -23.69
C MET I 160 -60.23 -2.89 -24.23
N ILE I 161 -60.50 -1.64 -23.86
CA ILE I 161 -59.78 -0.49 -24.38
C ILE I 161 -59.51 0.49 -23.26
N ILE I 162 -58.31 1.06 -23.26
CA ILE I 162 -58.00 2.19 -22.38
C ILE I 162 -58.49 3.44 -23.08
N PRO I 163 -59.51 4.11 -22.56
CA PRO I 163 -60.13 5.22 -23.28
C PRO I 163 -59.51 6.56 -22.89
N MET I 164 -59.77 7.56 -23.73
CA MET I 164 -59.33 8.91 -23.45
C MET I 164 -60.19 9.52 -22.35
N GLY I 165 -59.55 10.14 -21.37
CA GLY I 165 -60.29 10.78 -20.30
C GLY I 165 -60.70 9.89 -19.15
N PHE I 166 -60.10 8.72 -19.01
CA PHE I 166 -60.36 7.87 -17.84
C PHE I 166 -59.35 8.09 -16.71
N ARG I 167 -59.12 9.35 -16.32
CA ARG I 167 -58.36 9.66 -15.12
C ARG I 167 -57.00 8.97 -15.07
N THR I 168 -57.02 7.64 -14.98
CA THR I 168 -55.81 6.83 -14.88
C THR I 168 -55.21 6.46 -16.22
N SER I 169 -55.89 6.76 -17.33
CA SER I 169 -55.37 6.38 -18.64
C SER I 169 -53.98 6.97 -18.94
N PRO I 170 -53.67 8.23 -18.63
CA PRO I 170 -52.34 8.73 -19.00
C PRO I 170 -51.19 8.02 -18.30
N ALA I 171 -51.30 7.82 -16.98
CA ALA I 171 -50.23 7.13 -16.26
C ALA I 171 -50.06 5.71 -16.76
N ILE I 172 -51.17 5.03 -17.05
CA ILE I 172 -51.10 3.68 -17.56
C ILE I 172 -50.43 3.67 -18.93
N SER I 173 -50.71 4.68 -19.75
CA SER I 173 -50.07 4.77 -21.05
C SER I 173 -48.56 4.92 -20.91
N ASN I 174 -48.13 5.80 -20.01
CA ASN I 174 -46.70 5.96 -19.78
C ASN I 174 -46.05 4.67 -19.31
N ILE I 175 -46.71 3.96 -18.39
CA ILE I 175 -46.15 2.72 -17.88
C ILE I 175 -46.06 1.67 -18.98
N VAL I 176 -47.10 1.55 -19.80
CA VAL I 176 -47.09 0.50 -20.82
C VAL I 176 -46.15 0.85 -21.96
N PHE I 177 -45.84 2.13 -22.15
CA PHE I 177 -44.92 2.54 -23.20
C PHE I 177 -43.49 2.71 -22.71
N ARG I 178 -43.24 2.51 -21.41
CA ARG I 178 -41.86 2.53 -20.90
C ARG I 178 -40.96 1.57 -21.67
N LYS I 179 -41.48 0.42 -22.07
CA LYS I 179 -40.69 -0.54 -22.82
C LYS I 179 -40.16 0.06 -24.11
N MET I 180 -41.05 0.66 -24.91
CA MET I 180 -40.62 1.28 -26.15
C MET I 180 -39.80 2.53 -25.91
N ASP I 181 -40.07 3.25 -24.83
CA ASP I 181 -39.23 4.39 -24.50
C ASP I 181 -37.80 3.95 -24.31
N LEU I 182 -37.60 2.85 -23.58
CA LEU I 182 -36.26 2.30 -23.38
C LEU I 182 -35.65 1.86 -24.71
N LEU I 183 -36.42 1.14 -25.52
CA LEU I 183 -35.88 0.66 -26.80
C LEU I 183 -35.44 1.81 -27.70
N ILE I 184 -36.33 2.78 -27.90
CA ILE I 184 -36.05 3.88 -28.81
C ILE I 184 -34.95 4.77 -28.26
N GLN I 185 -34.93 4.96 -26.94
CA GLN I 185 -33.86 5.75 -26.34
C GLN I 185 -32.52 5.08 -26.54
N ASP I 186 -32.45 3.77 -26.39
CA ASP I 186 -31.20 3.05 -26.62
C ASP I 186 -30.76 3.18 -28.07
N PHE I 187 -31.69 3.01 -29.01
CA PHE I 187 -31.34 3.14 -30.42
C PHE I 187 -30.80 4.53 -30.74
N CYS I 188 -31.51 5.56 -30.26
CA CYS I 188 -31.08 6.93 -30.54
C CYS I 188 -29.74 7.22 -29.89
N ALA I 189 -29.52 6.73 -28.66
CA ALA I 189 -28.25 6.95 -27.99
C ALA I 189 -27.10 6.32 -28.77
N LYS I 190 -27.32 5.10 -29.27
CA LYS I 190 -26.29 4.50 -30.10
C LYS I 190 -26.07 5.25 -31.40
N LYS I 191 -27.11 5.93 -31.91
CA LYS I 191 -26.95 6.78 -33.08
C LYS I 191 -26.49 8.20 -32.72
N GLY I 192 -26.40 8.53 -31.43
CA GLY I 192 -26.02 9.86 -31.04
C GLY I 192 -27.09 10.92 -31.22
N VAL I 193 -28.35 10.57 -30.98
CA VAL I 193 -29.48 11.48 -31.15
C VAL I 193 -30.16 11.69 -29.81
N ILE I 194 -30.57 12.93 -29.55
CA ILE I 194 -31.32 13.27 -28.35
C ILE I 194 -32.79 13.00 -28.60
N TYR I 195 -33.43 12.29 -27.69
CA TYR I 195 -34.79 11.82 -27.87
C TYR I 195 -35.66 12.25 -26.70
N SER I 196 -36.88 12.68 -26.99
CA SER I 196 -37.83 13.01 -25.94
C SER I 196 -39.24 12.75 -26.45
N ARG I 197 -40.16 12.56 -25.52
CA ARG I 197 -41.54 12.22 -25.88
C ARG I 197 -42.52 12.94 -24.98
N TYR I 198 -43.57 13.49 -25.59
CA TYR I 198 -44.68 14.08 -24.86
C TYR I 198 -45.95 13.39 -25.31
N ALA I 199 -46.57 12.63 -24.41
CA ALA I 199 -47.72 11.79 -24.75
C ALA I 199 -47.35 10.85 -25.88
N ASP I 200 -47.70 11.20 -27.11
CA ASP I 200 -47.33 10.41 -28.28
C ASP I 200 -46.48 11.17 -29.28
N ASP I 201 -46.29 12.46 -29.13
CA ASP I 201 -45.44 13.25 -30.02
C ASP I 201 -43.99 13.01 -29.63
N MET I 202 -43.19 12.48 -30.56
CA MET I 202 -41.80 12.17 -30.32
C MET I 202 -40.93 13.19 -31.04
N LEU I 203 -39.88 13.66 -30.36
CA LEU I 203 -38.98 14.65 -30.93
C LEU I 203 -37.54 14.15 -30.82
N PHE I 204 -36.83 14.18 -31.94
CA PHE I 204 -35.44 13.77 -32.02
C PHE I 204 -34.61 14.93 -32.54
N SER I 205 -33.37 15.03 -32.06
CA SER I 205 -32.48 16.09 -32.51
C SER I 205 -31.06 15.57 -32.61
N ASN I 206 -30.39 15.91 -33.70
CA ASN I 206 -29.00 15.56 -33.91
C ASN I 206 -28.12 16.77 -33.68
N PRO I 207 -27.20 16.72 -32.73
CA PRO I 207 -26.27 17.85 -32.52
C PRO I 207 -25.09 17.85 -33.46
N ARG I 208 -24.92 16.82 -34.29
CA ARG I 208 -23.81 16.74 -35.22
C ARG I 208 -24.23 17.21 -36.61
N GLU I 209 -23.23 17.51 -37.43
CA GLU I 209 -23.46 17.95 -38.81
C GLU I 209 -23.67 16.71 -39.65
N SER I 210 -24.93 16.28 -39.73
CA SER I 210 -25.26 15.07 -40.47
C SER I 210 -26.72 15.13 -40.90
N LYS I 211 -27.05 14.29 -41.87
CA LYS I 211 -28.39 14.23 -42.45
C LYS I 211 -29.18 13.02 -41.98
N LEU I 212 -28.83 12.46 -40.82
CA LEU I 212 -29.47 11.23 -40.38
C LEU I 212 -30.97 11.42 -40.16
N LEU I 213 -31.35 12.53 -39.55
CA LEU I 213 -32.76 12.72 -39.20
C LEU I 213 -33.62 12.99 -40.43
N MET I 214 -33.04 13.45 -41.53
CA MET I 214 -33.80 13.71 -42.74
C MET I 214 -33.91 12.50 -43.65
N SER I 215 -33.27 11.39 -43.31
CA SER I 215 -33.27 10.21 -44.16
C SER I 215 -34.48 9.33 -43.89
N ASP I 216 -34.83 8.53 -44.89
CA ASP I 216 -35.92 7.57 -44.73
C ASP I 216 -35.54 6.41 -43.83
N TYR I 217 -34.24 6.16 -43.66
CA TYR I 217 -33.79 5.06 -42.81
C TYR I 217 -34.23 5.27 -41.37
N PHE I 218 -34.14 6.51 -40.87
CA PHE I 218 -34.52 6.78 -39.50
C PHE I 218 -36.00 6.51 -39.27
N ILE I 219 -36.85 6.99 -40.19
CA ILE I 219 -38.28 6.71 -40.08
C ILE I 219 -38.53 5.21 -40.11
N ASP I 220 -37.86 4.51 -41.02
CA ASP I 220 -38.08 3.07 -41.13
C ASP I 220 -37.67 2.35 -39.86
N GLU I 221 -36.55 2.75 -39.25
CA GLU I 221 -36.11 2.13 -38.01
C GLU I 221 -37.07 2.39 -36.87
N ILE I 222 -37.53 3.64 -36.73
CA ILE I 222 -38.47 3.95 -35.66
C ILE I 222 -39.78 3.21 -35.86
N SER I 223 -40.26 3.12 -37.09
CA SER I 223 -41.48 2.36 -37.36
C SER I 223 -41.29 0.88 -37.07
N SER I 224 -40.13 0.33 -37.44
CA SER I 224 -39.85 -1.06 -37.17
C SER I 224 -39.85 -1.35 -35.68
N LEU I 225 -39.28 -0.43 -34.89
CA LEU I 225 -39.36 -0.57 -33.45
C LEU I 225 -40.81 -0.50 -32.97
N LEU I 226 -41.55 0.52 -33.43
CA LEU I 226 -42.92 0.72 -32.97
C LEU I 226 -43.83 -0.43 -33.32
N SER I 227 -43.48 -1.22 -34.33
CA SER I 227 -44.30 -2.37 -34.68
C SER I 227 -44.18 -3.52 -33.69
N ILE I 228 -43.29 -3.42 -32.70
CA ILE I 228 -43.11 -4.51 -31.75
C ILE I 228 -44.39 -4.76 -30.96
N MET I 229 -45.01 -3.69 -30.47
CA MET I 229 -46.29 -3.81 -29.77
C MET I 229 -47.43 -3.19 -30.56
N GLY I 230 -47.25 -2.97 -31.85
CA GLY I 230 -48.36 -2.68 -32.74
C GLY I 230 -48.68 -1.23 -32.98
N PHE I 231 -47.80 -0.30 -32.62
CA PHE I 231 -48.04 1.10 -32.91
C PHE I 231 -47.69 1.42 -34.35
N ASN I 232 -48.09 2.61 -34.80
CA ASN I 232 -47.80 3.07 -36.15
C ASN I 232 -47.45 4.54 -36.09
N ILE I 233 -46.76 5.02 -37.12
CA ILE I 233 -46.34 6.40 -37.22
C ILE I 233 -47.32 7.15 -38.11
N ASN I 234 -47.83 8.27 -37.62
CA ASN I 234 -48.69 9.15 -38.42
C ASN I 234 -47.83 9.86 -39.46
N GLN I 235 -48.03 9.50 -40.73
CA GLN I 235 -47.17 10.03 -41.79
C GLN I 235 -47.50 11.47 -42.14
N SER I 236 -48.66 11.97 -41.76
CA SER I 236 -49.02 13.35 -42.08
C SER I 236 -48.28 14.36 -41.21
N LYS I 237 -47.99 14.01 -39.97
CA LYS I 237 -47.35 14.93 -39.04
C LYS I 237 -45.83 14.78 -38.99
N TYR I 238 -45.25 13.91 -39.81
CA TYR I 238 -43.81 13.75 -39.83
C TYR I 238 -43.15 15.02 -40.34
N ILE I 239 -42.12 15.48 -39.63
CA ILE I 239 -41.45 16.73 -39.97
C ILE I 239 -39.96 16.56 -39.75
N SER I 240 -39.14 17.16 -40.62
CA SER I 240 -37.70 17.14 -40.47
C SER I 240 -37.13 18.44 -41.03
N ARG I 241 -36.36 19.16 -40.21
CA ARG I 241 -35.81 20.44 -40.62
C ARG I 241 -34.39 20.59 -40.06
N GLU I 242 -33.71 21.64 -40.52
CA GLU I 242 -32.35 21.93 -40.10
C GLU I 242 -32.25 23.33 -39.52
N LYS I 243 -31.56 23.44 -38.39
CA LYS I 243 -31.15 24.72 -37.79
C LYS I 243 -32.33 25.50 -37.22
N GLU I 244 -33.55 25.04 -37.49
CA GLU I 244 -34.78 25.68 -36.93
C GLU I 244 -36.01 24.84 -37.22
N ILE I 245 -36.84 24.54 -36.21
CA ILE I 245 -38.11 23.79 -36.41
C ILE I 245 -39.16 24.52 -35.63
N SER I 246 -40.43 24.42 -36.01
CA SER I 246 -41.49 25.03 -35.19
C SER I 246 -42.49 23.98 -34.79
N ILE I 247 -42.68 23.78 -33.49
CA ILE I 247 -43.59 22.71 -33.01
C ILE I 247 -44.76 23.40 -32.32
N ASN I 248 -45.93 23.41 -32.95
CA ASN I 248 -47.14 24.02 -32.34
C ASN I 248 -46.81 25.45 -31.92
N GLY I 249 -46.00 26.15 -32.71
CA GLY I 249 -45.71 27.57 -32.42
C GLY I 249 -44.44 27.80 -31.63
N TYR I 250 -43.88 26.78 -31.00
CA TYR I 250 -42.69 27.04 -30.16
C TYR I 250 -41.49 26.78 -31.04
N VAL I 251 -40.68 27.80 -31.37
CA VAL I 251 -39.59 27.63 -32.37
C VAL I 251 -38.27 27.38 -31.68
N ILE I 252 -37.58 26.30 -32.03
CA ILE I 252 -36.24 25.99 -31.47
C ILE I 252 -35.30 26.39 -32.59
N GLU I 253 -34.30 27.21 -32.32
CA GLU I 253 -33.32 27.54 -33.37
C GLU I 253 -31.90 27.25 -32.92
N ASN I 254 -31.04 26.83 -33.83
CA ASN I 254 -29.63 26.64 -33.52
C ASN I 254 -28.86 26.85 -34.83
N LYS I 255 -28.35 28.06 -35.03
CA LYS I 255 -27.61 28.37 -36.24
C LYS I 255 -26.14 27.97 -36.13
N GLY I 256 -25.69 27.61 -34.94
CA GLY I 256 -24.29 27.34 -34.72
C GLY I 256 -23.87 25.96 -35.18
N GLY I 257 -22.58 25.68 -35.00
CA GLY I 257 -22.01 24.41 -35.39
C GLY I 257 -21.52 23.59 -34.22
N ASN I 258 -20.21 23.51 -34.04
CA ASN I 258 -19.63 22.69 -32.99
C ASN I 258 -19.81 23.35 -31.63
N GLY I 259 -20.42 22.61 -30.70
CA GLY I 259 -20.60 23.11 -29.35
C GLY I 259 -21.43 24.38 -29.26
N SER I 260 -22.54 24.44 -29.99
CA SER I 260 -23.39 25.61 -30.00
C SER I 260 -24.63 25.38 -29.13
N ILE I 261 -25.29 26.47 -28.77
CA ILE I 261 -26.47 26.44 -27.91
C ILE I 261 -27.62 27.10 -28.66
N GLY I 262 -28.74 26.38 -28.77
CA GLY I 262 -29.91 26.93 -29.41
C GLY I 262 -30.78 27.71 -28.44
N THR I 263 -31.83 28.32 -28.98
CA THR I 263 -32.78 29.08 -28.19
C THR I 263 -34.21 28.70 -28.56
N ILE I 264 -35.11 28.71 -27.57
CA ILE I 264 -36.55 28.39 -27.81
C ILE I 264 -37.32 29.70 -27.67
N ARG I 265 -38.21 30.03 -28.60
CA ARG I 265 -39.03 31.25 -28.48
C ARG I 265 -40.42 30.97 -29.05
N LEU I 266 -41.48 31.46 -28.44
CA LEU I 266 -42.83 31.32 -29.03
C LEU I 266 -42.84 32.28 -30.22
N SER I 267 -43.68 32.05 -31.23
CA SER I 267 -43.65 32.89 -32.44
C SER I 267 -44.81 33.88 -32.37
N LYS I 268 -45.11 34.62 -33.45
CA LYS I 268 -46.19 35.58 -33.32
C LYS I 268 -47.56 34.94 -33.48
N SER I 269 -47.62 33.83 -34.19
CA SER I 269 -48.90 33.11 -34.32
C SER I 269 -49.33 32.72 -32.92
N LYS I 270 -48.38 32.33 -32.09
CA LYS I 270 -48.79 31.87 -30.75
C LYS I 270 -49.37 33.06 -29.99
N LEU I 271 -48.74 34.23 -30.11
CA LEU I 271 -49.17 35.38 -29.27
C LEU I 271 -50.25 36.20 -29.96
N ASN I 272 -50.75 35.77 -31.12
CA ASN I 272 -51.74 36.52 -31.87
C ASN I 272 -53.02 36.75 -31.05
N THR I 273 -53.51 35.71 -30.38
CA THR I 273 -54.77 35.83 -29.67
C THR I 273 -54.67 36.79 -28.49
N VAL I 274 -53.60 36.68 -27.70
CA VAL I 274 -53.46 37.55 -26.54
C VAL I 274 -53.21 38.99 -26.99
N LEU I 275 -52.44 39.17 -28.08
CA LEU I 275 -52.23 40.52 -28.59
C LEU I 275 -53.54 41.12 -29.08
N LYS I 276 -54.38 40.32 -29.75
CA LYS I 276 -55.67 40.81 -30.20
C LYS I 276 -56.57 41.16 -29.03
N VAL I 277 -56.54 40.35 -27.96
CA VAL I 277 -57.36 40.64 -26.79
C VAL I 277 -56.91 41.94 -26.13
N THR I 278 -55.60 42.13 -25.97
CA THR I 278 -55.10 43.38 -25.40
C THR I 278 -55.44 44.57 -26.29
N HIS I 279 -55.36 44.39 -27.61
CA HIS I 279 -55.72 45.45 -28.54
C HIS I 279 -57.19 45.82 -28.40
N ALA I 280 -58.07 44.82 -28.29
CA ALA I 280 -59.49 45.09 -28.12
C ALA I 280 -59.76 45.76 -26.78
N LEU I 281 -59.03 45.37 -25.74
CA LEU I 281 -59.17 46.02 -24.44
C LEU I 281 -58.77 47.49 -24.51
N ALA I 282 -57.68 47.79 -25.23
CA ALA I 282 -57.25 49.17 -25.38
C ALA I 282 -58.17 49.97 -26.28
N GLN I 283 -58.99 49.31 -27.10
CA GLN I 283 -59.92 49.99 -27.99
C GLN I 283 -61.31 50.16 -27.38
N ASN I 284 -61.48 49.81 -26.11
CA ASN I 284 -62.74 50.00 -25.38
C ASN I 284 -63.88 49.19 -26.00
N ILE I 285 -63.55 48.06 -26.61
CA ILE I 285 -64.58 47.13 -27.10
C ILE I 285 -65.31 46.53 -25.91
N PRO I 286 -66.63 46.35 -25.95
CA PRO I 286 -67.34 45.80 -24.80
C PRO I 286 -66.87 44.38 -24.48
N TYR I 287 -66.97 44.04 -23.19
CA TYR I 287 -66.43 42.76 -22.71
C TYR I 287 -67.13 41.56 -23.35
N LYS I 288 -68.44 41.65 -23.58
CA LYS I 288 -69.16 40.55 -24.20
C LYS I 288 -68.59 40.23 -25.59
N ASN I 289 -68.34 41.27 -26.38
CA ASN I 289 -67.80 41.08 -27.71
C ASN I 289 -66.40 40.48 -27.65
N ILE I 290 -65.57 40.95 -26.72
CA ILE I 290 -64.22 40.41 -26.60
C ILE I 290 -64.26 38.93 -26.23
N CYS I 291 -65.11 38.58 -25.25
CA CYS I 291 -65.18 37.19 -24.82
C CYS I 291 -65.71 36.28 -25.91
N ASN I 292 -66.72 36.72 -26.66
CA ASN I 292 -67.28 35.85 -27.69
C ASN I 292 -66.39 35.75 -28.91
N LYS I 293 -65.83 36.88 -29.36
CA LYS I 293 -65.06 36.88 -30.64
C LYS I 293 -63.71 36.17 -30.52
N TYR I 294 -62.99 36.35 -29.43
CA TYR I 294 -61.64 35.82 -29.31
C TYR I 294 -61.53 34.64 -28.34
N ILE I 295 -62.14 34.72 -27.17
CA ILE I 295 -62.00 33.67 -26.16
C ILE I 295 -62.99 32.54 -26.35
N LYS I 296 -63.87 32.63 -27.37
CA LYS I 296 -64.86 31.59 -27.69
C LYS I 296 -65.59 31.08 -26.47
N VAL I 297 -65.78 31.95 -25.48
CA VAL I 297 -66.59 31.64 -24.29
C VAL I 297 -67.85 32.48 -24.36
N ARG I 298 -69.00 31.83 -24.21
CA ARG I 298 -70.27 32.53 -24.31
C ARG I 298 -71.21 32.01 -23.24
N LEU I 299 -72.10 32.88 -22.78
CA LEU I 299 -73.07 32.53 -21.74
C LEU I 299 -74.34 32.02 -22.41
N LYS I 300 -74.49 30.71 -22.48
CA LYS I 300 -75.71 30.13 -23.01
C LYS I 300 -76.88 30.40 -22.07
N GLU I 301 -78.03 30.74 -22.65
CA GLU I 301 -79.20 31.06 -21.85
C GLU I 301 -79.68 29.89 -21.01
N LYS I 302 -79.32 28.66 -21.38
CA LYS I 302 -79.72 27.50 -20.61
C LYS I 302 -78.85 27.29 -19.37
N ASN I 303 -77.78 28.06 -19.20
CA ASN I 303 -76.88 27.91 -18.07
C ASN I 303 -77.18 28.86 -16.92
N ILE I 304 -78.14 29.77 -17.08
CA ILE I 304 -78.39 30.78 -16.06
C ILE I 304 -79.13 30.13 -14.89
N LYS I 305 -78.55 30.19 -13.70
CA LYS I 305 -79.09 29.48 -12.55
C LYS I 305 -80.36 30.15 -12.02
N TYR I 306 -80.34 31.47 -11.90
CA TYR I 306 -81.46 32.21 -11.34
C TYR I 306 -81.89 33.32 -12.29
N GLU I 307 -83.18 33.64 -12.24
CA GLU I 307 -83.72 34.77 -12.99
C GLU I 307 -83.84 36.02 -12.14
N SER I 308 -83.40 35.99 -10.89
CA SER I 308 -83.49 37.16 -10.03
C SER I 308 -82.64 38.30 -10.54
N LYS I 309 -81.37 38.03 -10.84
CA LYS I 309 -80.45 39.01 -11.39
C LYS I 309 -79.84 38.42 -12.66
N LYS I 310 -80.16 39.03 -13.80
CA LYS I 310 -79.69 38.53 -15.09
C LYS I 310 -78.85 39.54 -15.85
N ASP I 311 -79.25 40.81 -15.85
CA ASP I 311 -78.42 41.83 -16.49
C ASP I 311 -77.10 41.99 -15.76
N GLU I 312 -77.12 41.95 -14.42
CA GLU I 312 -75.89 42.00 -13.66
C GLU I 312 -75.12 40.68 -13.79
N PHE I 313 -75.84 39.56 -13.87
CA PHE I 313 -75.19 38.26 -13.92
C PHE I 313 -74.33 38.12 -15.16
N GLU I 314 -74.85 38.53 -16.31
CA GLU I 314 -74.10 38.41 -17.56
C GLU I 314 -72.84 39.28 -17.53
N LYS I 315 -72.97 40.52 -17.05
CA LYS I 315 -71.81 41.40 -16.97
C LYS I 315 -70.76 40.84 -16.02
N LYS I 316 -71.18 40.35 -14.85
CA LYS I 316 -70.23 39.80 -13.90
C LYS I 316 -69.55 38.56 -14.46
N TYR I 317 -70.31 37.69 -15.14
CA TYR I 317 -69.72 36.49 -15.70
C TYR I 317 -68.69 36.83 -16.75
N TYR I 318 -69.00 37.78 -17.64
CA TYR I 318 -68.03 38.12 -18.68
C TYR I 318 -66.80 38.82 -18.09
N ARG I 319 -67.00 39.66 -17.07
CA ARG I 319 -65.88 40.28 -16.38
C ARG I 319 -64.97 39.22 -15.77
N ASP I 320 -65.57 38.24 -15.08
CA ASP I 320 -64.78 37.18 -14.45
C ASP I 320 -64.06 36.33 -15.48
N GLN I 321 -64.72 36.04 -16.60
CA GLN I 321 -64.08 35.22 -17.63
C GLN I 321 -62.91 35.95 -18.26
N LEU I 322 -63.05 37.26 -18.52
CA LEU I 322 -61.92 38.02 -19.04
C LEU I 322 -60.78 38.06 -18.03
N ILE I 323 -61.11 38.26 -16.75
CA ILE I 323 -60.07 38.27 -15.72
C ILE I 323 -59.35 36.92 -15.69
N ASN I 324 -60.12 35.83 -15.76
CA ASN I 324 -59.54 34.49 -15.71
C ASN I 324 -58.66 34.22 -16.92
N TYR I 325 -59.09 34.63 -18.12
CA TYR I 325 -58.27 34.43 -19.31
C TYR I 325 -56.97 35.21 -19.22
N LEU I 326 -57.06 36.48 -18.80
CA LEU I 326 -55.85 37.30 -18.69
C LEU I 326 -54.90 36.72 -17.65
N GLY I 327 -55.44 36.26 -16.52
CA GLY I 327 -54.60 35.65 -15.51
C GLY I 327 -53.97 34.35 -15.99
N GLY I 328 -54.72 33.57 -16.77
CA GLY I 328 -54.17 32.33 -17.30
C GLY I 328 -53.02 32.58 -18.25
N TYR I 329 -53.18 33.52 -19.17
CA TYR I 329 -52.08 33.82 -20.09
C TYR I 329 -50.91 34.48 -19.36
N ARG I 330 -51.19 35.28 -18.33
CA ARG I 330 -50.14 35.82 -17.50
C ARG I 330 -49.34 34.69 -16.85
N SER I 331 -50.01 33.63 -16.45
CA SER I 331 -49.27 32.59 -15.73
C SER I 331 -48.59 31.72 -16.75
N TYR I 332 -49.16 31.62 -17.94
CA TYR I 332 -48.46 30.85 -18.99
C TYR I 332 -47.15 31.55 -19.31
N LEU I 333 -47.13 32.86 -19.45
CA LEU I 333 -45.82 33.47 -19.77
C LEU I 333 -44.93 33.48 -18.52
N ILE I 334 -45.48 33.63 -17.31
CA ILE I 334 -44.65 33.50 -16.12
C ILE I 334 -43.96 32.14 -16.10
N SER I 335 -44.65 31.10 -16.56
CA SER I 335 -44.01 29.79 -16.65
C SER I 335 -42.84 29.84 -17.63
N LEU I 336 -43.03 30.52 -18.77
CA LEU I 336 -41.93 30.68 -19.70
C LEU I 336 -40.75 31.43 -19.06
N VAL I 337 -41.04 32.49 -18.30
CA VAL I 337 -39.98 33.26 -17.66
C VAL I 337 -39.25 32.42 -16.64
N LYS I 338 -39.99 31.66 -15.83
CA LYS I 338 -39.36 30.79 -14.83
C LYS I 338 -38.49 29.73 -15.48
N PHE I 339 -38.97 29.13 -16.56
CA PHE I 339 -38.18 28.14 -17.27
C PHE I 339 -36.90 28.76 -17.81
N HIS I 340 -36.99 29.96 -18.38
CA HIS I 340 -35.78 30.63 -18.85
C HIS I 340 -34.82 30.92 -17.71
N SER I 341 -35.34 31.36 -16.57
CA SER I 341 -34.47 31.69 -15.45
C SER I 341 -33.78 30.45 -14.91
N GLU I 342 -34.46 29.31 -14.93
CA GLU I 342 -33.86 28.07 -14.43
C GLU I 342 -32.86 27.47 -15.41
N TYR I 343 -33.13 27.52 -16.71
CA TYR I 343 -32.28 26.86 -17.68
C TYR I 343 -31.48 27.80 -18.59
N LYS I 344 -31.92 29.05 -18.74
CA LYS I 344 -31.24 30.02 -19.60
C LYS I 344 -31.15 29.53 -21.04
N CYS I 345 -32.32 29.33 -21.65
CA CYS I 345 -32.36 28.85 -23.02
C CYS I 345 -33.41 29.56 -23.88
N VAL I 346 -34.10 30.56 -23.36
CA VAL I 346 -35.09 31.30 -24.12
C VAL I 346 -34.43 32.54 -24.70
N ASN I 347 -34.85 32.94 -25.90
CA ASN I 347 -34.27 34.08 -26.57
C ASN I 347 -34.36 35.34 -25.72
N SER I 348 -33.26 36.09 -25.64
CA SER I 348 -33.23 37.26 -24.77
C SER I 348 -34.17 38.36 -25.27
N ASP I 349 -34.15 38.64 -26.58
CA ASP I 349 -35.07 39.63 -27.11
C ASP I 349 -36.51 39.16 -26.96
N PHE I 350 -36.75 37.85 -27.12
CA PHE I 350 -38.08 37.34 -26.82
C PHE I 350 -38.40 37.45 -25.35
N ILE I 351 -37.39 37.40 -24.47
CA ILE I 351 -37.65 37.63 -23.06
C ILE I 351 -38.09 39.07 -22.84
N ILE I 352 -37.49 40.01 -23.56
CA ILE I 352 -37.93 41.41 -23.47
C ILE I 352 -39.37 41.55 -23.96
N GLN I 353 -39.70 40.89 -25.07
CA GLN I 353 -41.07 40.95 -25.57
C GLN I 353 -42.05 40.34 -24.58
N ILE I 354 -41.67 39.23 -23.94
CA ILE I 354 -42.51 38.63 -22.91
C ILE I 354 -42.72 39.60 -21.76
N ASN I 355 -41.65 40.28 -21.34
CA ASN I 355 -41.78 41.23 -20.24
C ASN I 355 -42.74 42.35 -20.60
N GLY I 356 -42.63 42.86 -21.82
CA GLY I 356 -43.56 43.91 -22.26
C GLY I 356 -45.00 43.44 -22.27
N ILE I 357 -45.23 42.26 -22.83
CA ILE I 357 -46.59 41.74 -22.90
C ILE I 357 -47.13 41.46 -21.51
N LEU I 358 -46.27 41.00 -20.60
CA LEU I 358 -46.71 40.72 -19.24
C LEU I 358 -47.07 42.01 -18.50
N ASN I 359 -46.28 43.06 -18.69
CA ASN I 359 -46.63 44.34 -18.10
C ASN I 359 -47.95 44.86 -18.65
N ASP I 360 -48.16 44.71 -19.96
CA ASP I 360 -49.42 45.13 -20.56
C ASP I 360 -50.59 44.33 -19.99
N ILE I 361 -50.42 43.03 -19.84
CA ILE I 361 -51.48 42.18 -19.28
C ILE I 361 -51.80 42.59 -17.86
N GLN I 362 -50.77 42.84 -17.05
CA GLN I 362 -50.99 43.23 -15.67
C GLN I 362 -51.69 44.58 -15.59
N ASN I 363 -51.28 45.54 -16.42
CA ASN I 363 -51.93 46.84 -16.43
C ASN I 363 -53.40 46.71 -16.84
N HIS I 364 -53.69 45.89 -17.84
CA HIS I 364 -55.07 45.73 -18.29
C HIS I 364 -55.92 45.04 -17.22
N ILE I 365 -55.37 44.04 -16.54
CA ILE I 365 -56.13 43.38 -15.48
C ILE I 365 -56.35 44.34 -14.32
N GLN I 366 -55.38 45.20 -14.03
CA GLN I 366 -55.56 46.20 -12.99
C GLN I 366 -56.64 47.20 -13.38
N LYS I 367 -56.66 47.64 -14.64
CA LYS I 367 -57.68 48.55 -15.10
C LYS I 367 -59.07 47.93 -15.02
N ILE I 368 -59.19 46.67 -15.42
CA ILE I 368 -60.48 45.99 -15.37
C ILE I 368 -60.95 45.84 -13.93
N LYS I 369 -60.04 45.47 -13.03
CA LYS I 369 -60.42 45.33 -11.63
C LYS I 369 -60.82 46.68 -11.02
N LYS I 370 -60.12 47.75 -11.39
CA LYS I 370 -60.51 49.07 -10.90
C LYS I 370 -61.87 49.47 -11.42
N ASN I 371 -62.16 49.19 -12.69
CA ASN I 371 -63.47 49.48 -13.24
C ASN I 371 -64.56 48.65 -12.57
N ARG I 372 -64.21 47.45 -12.10
CA ARG I 372 -65.17 46.60 -11.40
C ARG I 372 -65.79 47.32 -10.21
N ARG I 373 -65.02 48.17 -9.53
CA ARG I 373 -65.51 48.90 -8.38
C ARG I 373 -66.27 50.17 -8.75
N LEU I 374 -66.35 50.49 -10.04
CA LEU I 374 -67.08 51.67 -10.49
C LEU I 374 -68.43 51.26 -11.07
N LYS J 5 15.46 27.19 19.93
CA LYS J 5 16.45 28.24 19.73
C LYS J 5 17.10 28.67 21.04
N MET J 6 18.38 28.35 21.18
CA MET J 6 19.11 28.70 22.39
C MET J 6 19.34 30.20 22.48
N ILE J 7 19.58 30.67 23.70
CA ILE J 7 19.79 32.09 23.95
C ILE J 7 21.24 32.44 23.59
N LEU J 8 21.40 33.49 22.79
CA LEU J 8 22.72 34.00 22.44
C LEU J 8 22.79 35.47 22.81
N VAL J 9 23.93 35.89 23.35
CA VAL J 9 24.15 37.26 23.78
C VAL J 9 25.34 37.82 23.02
N ASP J 10 25.16 38.99 22.41
CA ASP J 10 26.21 39.69 21.69
C ASP J 10 26.47 41.03 22.37
N LYS J 11 27.28 41.86 21.71
CA LYS J 11 27.66 43.15 22.29
C LYS J 11 26.44 44.04 22.50
N VAL J 12 25.54 44.10 21.52
CA VAL J 12 24.34 44.92 21.65
C VAL J 12 23.44 44.38 22.76
N PHE J 13 23.39 43.06 22.91
CA PHE J 13 22.58 42.47 23.97
C PHE J 13 23.06 42.90 25.35
N TYR J 14 24.38 42.94 25.55
CA TYR J 14 24.91 43.43 26.82
C TYR J 14 24.70 44.93 26.96
N GLU J 15 24.92 45.69 25.89
CA GLU J 15 24.95 47.15 26.02
C GLU J 15 23.55 47.75 26.15
N LYS J 16 22.53 47.09 25.61
CA LYS J 16 21.19 47.68 25.53
C LYS J 16 20.26 47.20 26.64
N ILE J 17 20.05 45.88 26.73
CA ILE J 17 19.05 45.36 27.65
C ILE J 17 19.66 44.90 28.97
N LEU J 18 20.92 44.45 28.95
CA LEU J 18 21.56 44.02 30.18
C LEU J 18 22.10 45.21 30.98
N SER J 19 23.06 45.94 30.41
CA SER J 19 23.68 47.05 31.14
C SER J 19 22.69 48.19 31.35
N VAL J 20 22.00 48.61 30.29
CA VAL J 20 21.04 49.71 30.30
C VAL J 20 21.77 50.99 30.72
N GLU J 21 22.10 51.13 32.01
CA GLU J 21 22.82 52.29 32.50
C GLU J 21 23.88 51.96 33.53
N SER J 22 24.00 50.70 33.95
CA SER J 22 24.94 50.37 35.02
C SER J 22 26.38 50.59 34.59
N PHE J 23 26.72 50.23 33.35
CA PHE J 23 28.08 50.37 32.86
C PHE J 23 28.11 51.16 31.57
N LYS J 24 27.25 52.20 31.49
CA LYS J 24 27.30 53.09 30.34
C LYS J 24 28.64 53.82 30.28
N GLU J 25 29.14 54.26 31.44
CA GLU J 25 30.40 55.01 31.47
C GLU J 25 31.55 54.17 30.96
N ASN J 26 31.59 52.88 31.31
CA ASN J 26 32.67 52.03 30.84
C ASN J 26 32.57 51.75 29.34
N ILE J 27 31.36 51.65 28.79
CA ILE J 27 31.20 51.35 27.38
C ILE J 27 31.39 52.57 26.50
N ILE J 28 31.14 53.78 27.02
CA ILE J 28 31.34 54.97 26.20
C ILE J 28 32.81 55.40 26.19
N THR J 29 33.53 55.17 27.29
CA THR J 29 34.95 55.52 27.36
C THR J 29 35.86 54.34 27.09
N GLN J 30 35.31 53.17 26.74
CA GLN J 30 36.10 51.97 26.45
C GLN J 30 37.03 51.62 27.60
N SER J 31 36.51 51.70 28.83
CA SER J 31 37.28 51.37 30.02
C SER J 31 36.86 49.99 30.53
N ALA J 32 37.84 49.22 30.99
CA ALA J 32 37.59 47.84 31.39
C ALA J 32 36.62 47.79 32.56
N ILE J 33 35.69 46.84 32.50
CA ILE J 33 34.75 46.63 33.61
C ILE J 33 35.50 46.06 34.81
N PRO J 34 35.41 46.69 35.98
CA PRO J 34 36.30 46.32 37.08
C PRO J 34 35.78 45.12 37.85
N LYS J 35 36.67 44.56 38.67
CA LYS J 35 36.32 43.49 39.58
C LYS J 35 35.37 44.00 40.65
N ILE J 36 34.63 43.08 41.25
CA ILE J 36 33.78 43.41 42.39
C ILE J 36 34.71 43.63 43.60
N SER J 37 34.92 44.89 43.96
CA SER J 37 35.83 45.21 45.05
C SER J 37 35.24 44.81 46.39
N ASN J 38 36.12 44.68 47.39
CA ASN J 38 35.67 44.35 48.73
C ASN J 38 34.81 45.45 49.35
N LYS J 39 34.88 46.66 48.81
CA LYS J 39 34.05 47.76 49.33
C LYS J 39 32.58 47.52 49.06
N GLU J 40 32.25 46.80 47.98
CA GLU J 40 30.85 46.55 47.64
C GLU J 40 30.28 45.31 48.32
N VAL J 41 31.11 44.51 48.98
CA VAL J 41 30.68 43.23 49.53
C VAL J 41 30.93 43.24 51.04
N ARG J 42 29.87 42.97 51.80
CA ARG J 42 29.96 42.82 53.24
C ARG J 42 29.91 41.34 53.61
N LEU J 43 30.66 40.97 54.64
CA LEU J 43 30.86 39.58 55.02
C LEU J 43 30.08 39.28 56.30
N ILE J 44 29.02 38.50 56.18
CA ILE J 44 28.18 38.10 57.30
C ILE J 44 28.63 36.73 57.76
N SER J 45 28.48 36.46 59.06
CA SER J 45 28.75 35.15 59.63
C SER J 45 27.44 34.57 60.15
N SER J 46 27.07 33.40 59.65
CA SER J 46 25.89 32.67 60.14
C SER J 46 26.36 31.25 60.41
N GLY J 47 26.37 30.85 61.69
CA GLY J 47 26.95 29.57 62.01
C GLY J 47 28.43 29.57 61.69
N SER J 48 28.93 28.38 61.32
CA SER J 48 30.26 28.31 60.75
C SER J 48 30.29 28.82 59.31
N LYS J 49 29.13 29.08 58.73
CA LYS J 49 29.05 29.51 57.35
C LYS J 49 29.26 31.01 57.23
N ILE J 50 29.76 31.43 56.07
CA ILE J 50 30.05 32.82 55.78
C ILE J 50 29.26 33.21 54.54
N PHE J 51 28.52 34.31 54.63
CA PHE J 51 27.70 34.81 53.55
C PHE J 51 28.29 36.12 53.02
N TYR J 52 28.16 36.34 51.72
CA TYR J 52 28.66 37.55 51.09
C TYR J 52 27.47 38.31 50.51
N ALA J 53 27.29 39.54 50.97
CA ALA J 53 26.16 40.37 50.54
C ALA J 53 26.65 41.59 49.81
N ILE J 54 26.12 41.82 48.61
CA ILE J 54 26.49 42.97 47.81
C ILE J 54 25.60 44.15 48.19
N ASN J 55 26.12 45.35 48.03
CA ASN J 55 25.34 46.55 48.30
C ASN J 55 24.45 46.87 47.11
N ASN J 56 23.24 47.37 47.40
CA ASN J 56 22.27 47.60 46.34
C ASN J 56 22.67 48.78 45.45
N THR J 57 23.31 49.80 46.02
CA THR J 57 23.67 50.98 45.25
C THR J 57 24.68 50.68 44.16
N SER J 58 25.47 49.63 44.31
CA SER J 58 26.48 49.31 43.31
C SER J 58 25.81 48.89 42.00
N PRO J 59 26.36 49.28 40.85
CA PRO J 59 25.78 48.83 39.58
C PRO J 59 25.87 47.34 39.40
N HIS J 60 26.80 46.67 40.10
CA HIS J 60 26.94 45.23 39.95
C HIS J 60 25.69 44.51 40.44
N SER J 61 25.06 44.99 41.51
CA SER J 61 23.83 44.38 41.96
C SER J 61 22.74 44.47 40.90
N HIS J 62 22.58 45.65 40.30
CA HIS J 62 21.54 45.81 39.29
C HIS J 62 21.81 44.96 38.06
N VAL J 63 23.07 44.89 37.62
CA VAL J 63 23.36 44.08 36.45
C VAL J 63 23.22 42.59 36.77
N GLN J 64 23.52 42.19 38.01
CA GLN J 64 23.25 40.82 38.42
C GLN J 64 21.76 40.52 38.35
N LEU J 65 20.94 41.45 38.82
CA LEU J 65 19.50 41.24 38.82
C LEU J 65 18.96 41.12 37.38
N ARG J 66 19.41 41.99 36.48
CA ARG J 66 18.92 41.91 35.12
C ARG J 66 19.51 40.73 34.35
N LEU J 67 20.72 40.29 34.73
CA LEU J 67 21.25 39.03 34.22
C LEU J 67 20.36 37.87 34.62
N ASN J 68 19.97 37.82 35.89
CA ASN J 68 19.09 36.76 36.38
C ASN J 68 17.75 36.81 35.66
N ARG J 69 17.22 38.02 35.45
CA ARG J 69 15.92 38.17 34.83
C ARG J 69 15.92 37.73 33.37
N PHE J 70 16.97 38.08 32.61
CA PHE J 70 16.90 37.98 31.16
C PHE J 70 17.82 36.94 30.53
N PHE J 71 18.87 36.50 31.23
CA PHE J 71 19.85 35.61 30.61
C PHE J 71 19.88 34.23 31.23
N LEU J 72 20.16 34.12 32.53
CA LEU J 72 20.30 32.82 33.16
C LEU J 72 18.98 32.06 33.24
N SER J 73 17.85 32.75 33.07
CA SER J 73 16.55 32.11 33.15
C SER J 73 16.17 31.38 31.86
N HIS J 74 16.96 31.51 30.80
CA HIS J 74 16.63 30.88 29.52
C HIS J 74 17.51 29.67 29.20
N ILE J 75 18.62 29.50 29.88
CA ILE J 75 19.49 28.34 29.61
C ILE J 75 18.82 27.08 30.11
N PRO J 76 18.70 26.04 29.29
CA PRO J 76 18.03 24.81 29.74
C PRO J 76 18.78 24.15 30.88
N LEU J 77 18.03 23.53 31.78
CA LEU J 77 18.56 22.87 32.96
C LEU J 77 18.22 21.38 32.91
N ASN J 78 18.52 20.69 34.00
CA ASN J 78 18.22 19.28 34.15
C ASN J 78 17.03 19.11 35.10
N SER J 79 16.08 18.28 34.72
CA SER J 79 14.85 18.14 35.51
C SER J 79 15.10 17.56 36.89
N ALA J 80 16.26 16.94 37.11
CA ALA J 80 16.59 16.46 38.44
C ALA J 80 16.94 17.60 39.40
N ALA J 81 17.17 18.80 38.89
CA ALA J 81 17.45 19.97 39.72
C ALA J 81 16.11 20.61 40.10
N LYS J 82 15.72 20.47 41.36
CA LYS J 82 14.43 20.95 41.83
C LYS J 82 14.52 22.25 42.61
N ALA J 83 15.70 22.85 42.72
CA ALA J 83 15.90 24.01 43.58
C ALA J 83 16.31 25.22 42.75
N PHE J 84 15.92 26.40 43.23
CA PHE J 84 16.26 27.68 42.64
C PHE J 84 15.78 27.83 41.20
N VAL J 85 14.83 27.01 40.78
CA VAL J 85 14.34 27.03 39.41
C VAL J 85 12.86 27.38 39.42
N ARG J 86 12.44 28.09 38.37
CA ARG J 86 11.03 28.46 38.21
C ARG J 86 10.13 27.24 38.27
N GLY J 87 9.30 27.16 39.30
CA GLY J 87 8.41 26.02 39.47
C GLY J 87 8.97 24.89 40.30
N GLY J 88 10.23 24.96 40.71
CA GLY J 88 10.80 23.91 41.54
C GLY J 88 10.53 24.16 43.01
N SER J 89 10.25 23.08 43.74
CA SER J 89 9.89 23.20 45.17
C SER J 89 10.39 21.98 45.93
N TYR J 90 10.51 22.08 47.26
CA TYR J 90 11.03 20.93 48.02
C TYR J 90 10.09 19.76 47.86
N LEU J 91 8.79 20.00 47.87
CA LEU J 91 7.88 18.83 47.82
C LEU J 91 8.11 18.09 46.51
N LYS J 92 8.44 18.79 45.43
CA LYS J 92 8.74 18.12 44.14
C LYS J 92 9.99 17.26 44.31
N TYR J 93 10.99 17.71 45.05
CA TYR J 93 12.23 16.94 45.31
C TYR J 93 11.87 15.68 46.07
N LEU J 94 10.94 15.76 47.01
CA LEU J 94 10.61 14.59 47.86
C LEU J 94 9.53 13.74 47.22
N GLU J 95 8.95 14.11 46.10
CA GLU J 95 7.80 13.31 45.57
C GLU J 95 8.25 12.10 44.76
N PRO J 96 9.05 12.17 43.67
CA PRO J 96 9.35 10.96 42.89
C PRO J 96 9.72 9.75 43.71
N HIS J 97 10.05 9.92 44.99
CA HIS J 97 10.52 8.82 45.82
C HIS J 97 9.40 8.10 46.55
N ILE J 98 8.15 8.51 46.36
CA ILE J 98 7.05 7.76 46.95
C ILE J 98 6.91 6.39 46.31
N TYR J 99 7.45 6.21 45.11
CA TYR J 99 7.40 4.93 44.44
C TYR J 99 8.49 3.97 44.89
N GLY J 100 9.44 4.44 45.68
CA GLY J 100 10.56 3.61 46.07
C GLY J 100 10.34 2.83 47.34
N SER J 101 11.08 1.74 47.48
CA SER J 101 11.04 0.92 48.68
C SER J 101 12.23 1.14 49.60
N SER J 102 13.40 1.46 49.05
CA SER J 102 14.56 1.81 49.87
C SER J 102 15.05 3.20 49.50
N TYR J 103 15.53 3.94 50.50
CA TYR J 103 15.89 5.34 50.30
C TYR J 103 17.32 5.57 50.75
N CYS J 104 17.99 6.49 50.06
CA CYS J 104 19.33 6.91 50.42
C CYS J 104 19.45 8.40 50.17
N ARG J 105 20.24 9.07 51.01
CA ARG J 105 20.39 10.52 50.95
C ARG J 105 21.86 10.86 51.11
N LEU J 106 22.37 11.67 50.18
CA LEU J 106 23.76 12.10 50.16
C LEU J 106 23.82 13.61 50.12
N ASP J 107 24.99 14.14 50.48
CA ASP J 107 25.19 15.59 50.53
C ASP J 107 26.53 15.93 49.90
N ILE J 108 26.60 17.10 49.28
CA ILE J 108 27.83 17.63 48.72
C ILE J 108 28.39 18.67 49.68
N SER J 109 29.64 18.48 50.10
CA SER J 109 30.24 19.35 51.10
C SER J 109 30.64 20.68 50.47
N SER J 110 30.11 21.77 51.02
CA SER J 110 30.40 23.13 50.54
C SER J 110 30.20 23.23 49.04
N PHE J 111 28.96 23.04 48.63
CA PHE J 111 28.64 22.98 47.20
C PHE J 111 28.98 24.29 46.50
N PHE J 112 28.62 25.41 47.11
CA PHE J 112 28.82 26.70 46.45
C PHE J 112 30.28 27.13 46.46
N ASN J 113 31.03 26.78 47.49
CA ASN J 113 32.45 27.12 47.55
C ASN J 113 33.29 26.25 46.63
N ASN J 114 32.87 25.02 46.36
CA ASN J 114 33.66 24.09 45.57
C ASN J 114 33.39 24.19 44.08
N ILE J 115 32.55 25.13 43.64
CA ILE J 115 32.31 25.32 42.22
C ILE J 115 33.52 26.03 41.62
N SER J 116 34.22 25.35 40.71
CA SER J 116 35.34 25.98 40.03
C SER J 116 34.84 27.04 39.06
N PHE J 117 35.54 28.18 39.00
CA PHE J 117 35.13 29.24 38.10
C PHE J 117 35.39 28.89 36.65
N ASP J 118 36.43 28.12 36.37
CA ASP J 118 36.68 27.70 35.00
C ASP J 118 35.54 26.84 34.47
N ASP J 119 34.96 26.02 35.34
CA ASP J 119 33.79 25.24 34.95
C ASP J 119 32.61 26.17 34.61
N VAL J 120 32.46 27.25 35.36
CA VAL J 120 31.41 28.22 35.05
C VAL J 120 31.66 28.87 33.70
N LYS J 121 32.91 29.23 33.42
CA LYS J 121 33.25 29.81 32.13
C LYS J 121 32.93 28.84 30.99
N GLN J 122 33.32 27.56 31.17
CA GLN J 122 33.06 26.58 30.13
C GLN J 122 31.56 26.34 29.95
N SER J 123 30.80 26.38 31.04
CA SER J 123 29.37 26.14 30.95
C SER J 123 28.64 27.29 30.27
N LEU J 124 29.06 28.52 30.55
CA LEU J 124 28.41 29.69 29.96
C LEU J 124 28.95 30.05 28.59
N SER J 125 30.07 29.47 28.17
CA SER J 125 30.67 29.85 26.89
C SER J 125 29.74 29.61 25.70
N PRO J 126 29.10 28.45 25.54
CA PRO J 126 28.27 28.26 24.33
C PRO J 126 27.09 29.21 24.22
N TYR J 127 26.65 29.79 25.33
CA TYR J 127 25.48 30.66 25.31
C TYR J 127 25.83 32.14 25.18
N ILE J 128 27.11 32.49 25.13
CA ILE J 128 27.55 33.87 24.95
C ILE J 128 28.50 33.91 23.76
N LYS J 129 28.21 34.79 22.81
CA LYS J 129 29.06 34.90 21.63
C LYS J 129 30.44 35.40 22.02
N ASP J 130 31.47 34.88 21.34
CA ASP J 130 32.85 35.25 21.63
C ASP J 130 33.18 36.53 20.87
N GLU J 131 33.14 37.65 21.58
CA GLU J 131 33.47 38.95 21.01
C GLU J 131 34.39 39.69 21.98
N TYR J 132 34.77 40.90 21.59
CA TYR J 132 35.56 41.80 22.42
C TYR J 132 34.67 43.00 22.75
N LEU J 133 34.22 43.07 24.00
CA LEU J 133 33.34 44.17 24.40
C LEU J 133 34.07 45.49 24.43
N ILE J 134 35.27 45.53 25.01
CA ILE J 134 35.98 46.76 25.29
C ILE J 134 37.26 46.72 24.47
N GLY J 135 37.21 47.26 23.25
CA GLY J 135 38.39 47.32 22.42
C GLY J 135 38.93 45.93 22.13
N THR J 136 40.13 45.67 22.64
CA THR J 136 40.81 44.40 22.47
C THR J 136 41.32 43.94 23.84
N GLU J 137 40.79 44.55 24.90
CA GLU J 137 41.26 44.28 26.26
C GLU J 137 40.42 43.20 26.97
N GLN J 138 39.13 43.41 27.12
CA GLN J 138 38.27 42.53 27.89
C GLN J 138 37.18 41.95 26.99
N LYS J 139 37.01 40.64 27.04
CA LYS J 139 35.97 39.99 26.25
C LYS J 139 34.62 40.09 26.95
N LEU J 140 33.56 39.86 26.18
CA LEU J 140 32.20 39.95 26.71
C LEU J 140 31.97 38.94 27.81
N ILE J 141 32.39 37.69 27.59
CA ILE J 141 32.23 36.65 28.60
C ILE J 141 32.99 37.00 29.86
N ASP J 142 34.19 37.59 29.70
CA ASP J 142 34.96 38.00 30.86
C ASP J 142 34.25 39.08 31.67
N ALA J 143 33.63 40.05 30.98
CA ALA J 143 32.88 41.08 31.70
C ALA J 143 31.69 40.49 32.44
N ILE J 144 30.98 39.56 31.81
CA ILE J 144 29.81 38.96 32.45
C ILE J 144 30.22 38.16 33.68
N LEU J 145 31.28 37.37 33.58
CA LEU J 145 31.74 36.65 34.76
C LEU J 145 32.31 37.58 35.82
N ASN J 146 32.89 38.71 35.42
CA ASN J 146 33.28 39.71 36.39
C ASN J 146 32.07 40.20 37.17
N SER J 147 30.95 40.39 36.47
CA SER J 147 29.71 40.74 37.15
C SER J 147 29.23 39.62 38.07
N VAL J 148 29.36 38.37 37.66
CA VAL J 148 28.74 37.25 38.37
C VAL J 148 29.60 36.76 39.53
N GLY J 149 30.90 36.53 39.30
CA GLY J 149 31.75 35.97 40.32
C GLY J 149 32.28 37.01 41.29
N TYR J 150 33.12 36.54 42.20
CA TYR J 150 33.72 37.40 43.21
C TYR J 150 35.00 36.74 43.72
N GLU J 151 35.89 37.55 44.26
CA GLU J 151 37.14 37.07 44.85
C GLU J 151 37.03 37.13 46.36
N SER J 152 37.21 35.99 47.02
CA SER J 152 37.08 35.92 48.46
C SER J 152 38.31 36.54 49.13
N PRO J 153 38.14 37.57 49.95
CA PRO J 153 39.31 38.15 50.63
C PRO J 153 39.87 37.25 51.72
N ILE J 154 39.01 36.48 52.40
CA ILE J 154 39.47 35.59 53.45
C ILE J 154 40.40 34.53 52.86
N ARG J 155 40.02 33.94 51.73
CA ARG J 155 40.78 32.89 51.09
C ARG J 155 41.13 33.37 49.68
N LYS J 156 42.27 34.06 49.56
CA LYS J 156 42.72 34.54 48.25
C LYS J 156 43.37 33.45 47.41
N ASP J 157 43.72 32.32 48.03
CA ASP J 157 44.42 31.26 47.30
C ASP J 157 43.55 30.67 46.21
N LYS J 158 42.29 30.37 46.53
CA LYS J 158 41.42 29.74 45.55
C LYS J 158 40.95 30.70 44.47
N GLY J 159 41.20 32.00 44.63
CA GLY J 159 40.92 32.94 43.55
C GLY J 159 39.44 33.27 43.46
N MET J 160 38.96 33.39 42.22
CA MET J 160 37.57 33.76 41.99
C MET J 160 36.63 32.70 42.55
N ILE J 161 35.57 33.15 43.22
CA ILE J 161 34.65 32.25 43.90
C ILE J 161 33.22 32.72 43.67
N ILE J 162 32.32 31.77 43.44
CA ILE J 162 30.89 32.06 43.43
C ILE J 162 30.42 32.02 44.88
N PRO J 163 30.03 33.15 45.46
CA PRO J 163 29.73 33.19 46.89
C PRO J 163 28.25 32.94 47.16
N MET J 164 27.97 32.63 48.43
CA MET J 164 26.60 32.45 48.87
C MET J 164 25.92 33.81 48.97
N GLY J 165 24.71 33.91 48.43
CA GLY J 165 23.95 35.13 48.52
C GLY J 165 24.25 36.17 47.46
N PHE J 166 24.88 35.79 46.36
CA PHE J 166 25.09 36.70 45.23
C PHE J 166 23.99 36.59 44.18
N ARG J 167 22.73 36.66 44.60
CA ARG J 167 21.60 36.80 43.66
C ARG J 167 21.62 35.75 42.55
N THR J 168 22.63 35.83 41.69
CA THR J 168 22.76 34.93 40.55
C THR J 168 23.48 33.63 40.87
N SER J 169 24.03 33.49 42.07
CA SER J 169 24.77 32.27 42.40
C SER J 169 23.95 31.00 42.28
N PRO J 170 22.67 30.93 42.70
CA PRO J 170 21.95 29.65 42.60
C PRO J 170 21.74 29.18 41.16
N ALA J 171 21.31 30.07 40.27
CA ALA J 171 21.10 29.68 38.88
C ALA J 171 22.41 29.24 38.24
N ILE J 172 23.50 29.95 38.53
CA ILE J 172 24.80 29.57 37.98
C ILE J 172 25.20 28.21 38.52
N SER J 173 24.92 27.92 39.78
CA SER J 173 25.24 26.62 40.34
C SER J 173 24.48 25.51 39.61
N ASN J 174 23.19 25.73 39.38
CA ASN J 174 22.41 24.73 38.64
C ASN J 174 22.97 24.52 37.24
N ILE J 175 23.32 25.60 36.56
CA ILE J 175 23.84 25.47 35.20
C ILE J 175 25.17 24.72 35.20
N VAL J 176 26.05 25.04 36.14
CA VAL J 176 27.37 24.41 36.13
C VAL J 176 27.29 22.97 36.60
N PHE J 177 26.26 22.61 37.35
CA PHE J 177 26.10 21.23 37.81
C PHE J 177 25.19 20.40 36.91
N ARG J 178 24.63 21.00 35.86
CA ARG J 178 23.85 20.23 34.89
C ARG J 178 24.64 19.04 34.34
N LYS J 179 25.94 19.22 34.15
CA LYS J 179 26.77 18.14 33.63
C LYS J 179 26.72 16.92 34.55
N MET J 180 26.97 17.13 35.84
CA MET J 180 26.92 16.03 36.78
C MET J 180 25.50 15.53 37.01
N ASP J 181 24.51 16.40 36.91
CA ASP J 181 23.14 15.94 37.00
C ASP J 181 22.85 14.93 35.91
N LEU J 182 23.30 15.22 34.68
CA LEU J 182 23.13 14.29 33.57
C LEU J 182 23.89 12.99 33.83
N LEU J 183 25.14 13.10 34.28
CA LEU J 183 25.94 11.89 34.51
C LEU J 183 25.31 10.99 35.56
N ILE J 184 24.98 11.57 36.73
CA ILE J 184 24.45 10.79 37.83
C ILE J 184 23.06 10.25 37.49
N GLN J 185 22.25 11.04 36.78
CA GLN J 185 20.94 10.57 36.37
C GLN J 185 21.06 9.39 35.43
N ASP J 186 22.01 9.43 34.50
CA ASP J 186 22.21 8.30 33.60
C ASP J 186 22.65 7.06 34.36
N PHE J 187 23.58 7.22 35.29
CA PHE J 187 24.04 6.08 36.08
C PHE J 187 22.89 5.47 36.88
N CYS J 188 22.11 6.31 37.56
CA CYS J 188 21.00 5.80 38.36
C CYS J 188 19.95 5.14 37.48
N ALA J 189 19.66 5.71 36.31
CA ALA J 189 18.69 5.11 35.41
C ALA J 189 19.14 3.74 34.95
N LYS J 190 20.42 3.60 34.62
CA LYS J 190 20.92 2.29 34.27
C LYS J 190 20.86 1.31 35.44
N LYS J 191 20.97 1.81 36.67
CA LYS J 191 20.79 0.97 37.85
C LYS J 191 19.34 0.83 38.26
N GLY J 192 18.42 1.55 37.62
CA GLY J 192 17.03 1.49 38.02
C GLY J 192 16.68 2.22 39.30
N VAL J 193 17.32 3.36 39.54
CA VAL J 193 17.11 4.15 40.75
C VAL J 193 16.55 5.51 40.38
N ILE J 194 15.60 5.99 41.18
CA ILE J 194 15.03 7.31 41.00
C ILE J 194 15.91 8.33 41.72
N TYR J 195 16.28 9.39 41.01
CA TYR J 195 17.25 10.35 41.50
C TYR J 195 16.66 11.76 41.45
N SER J 196 16.92 12.54 42.49
CA SER J 196 16.51 13.94 42.50
C SER J 196 17.49 14.73 43.34
N ARG J 197 17.53 16.03 43.10
CA ARG J 197 18.49 16.90 43.78
C ARG J 197 17.85 18.23 44.14
N TYR J 198 18.10 18.69 45.36
CA TYR J 198 17.70 20.01 45.81
C TYR J 198 18.95 20.73 46.28
N ALA J 199 19.35 21.78 45.55
CA ALA J 199 20.60 22.48 45.81
C ALA J 199 21.75 21.49 45.75
N ASP J 200 22.20 21.01 46.91
CA ASP J 200 23.25 20.01 46.97
C ASP J 200 22.83 18.71 47.65
N ASP J 201 21.66 18.66 48.26
CA ASP J 201 21.16 17.44 48.88
C ASP J 201 20.60 16.53 47.79
N MET J 202 21.17 15.34 47.67
CA MET J 202 20.78 14.39 46.64
C MET J 202 20.00 13.25 47.29
N LEU J 203 18.91 12.84 46.65
CA LEU J 203 18.06 11.77 47.17
C LEU J 203 17.86 10.71 46.10
N PHE J 204 18.12 9.46 46.47
CA PHE J 204 17.96 8.31 45.59
C PHE J 204 16.98 7.34 46.22
N SER J 205 16.20 6.66 45.39
CA SER J 205 15.26 5.67 45.89
C SER J 205 15.18 4.50 44.93
N ASN J 206 15.19 3.29 45.50
CA ASN J 206 15.05 2.06 44.74
C ASN J 206 13.64 1.52 44.92
N PRO J 207 12.88 1.37 43.84
CA PRO J 207 11.54 0.76 43.95
C PRO J 207 11.56 -0.75 43.97
N ARG J 208 12.70 -1.39 43.78
CA ARG J 208 12.80 -2.84 43.77
C ARG J 208 13.26 -3.36 45.12
N GLU J 209 13.04 -4.65 45.33
CA GLU J 209 13.45 -5.31 46.57
C GLU J 209 14.93 -5.66 46.44
N SER J 210 15.77 -4.71 46.84
CA SER J 210 17.21 -4.90 46.72
C SER J 210 17.92 -4.02 47.72
N LYS J 211 19.19 -4.35 47.98
CA LYS J 211 20.01 -3.65 48.95
C LYS J 211 21.04 -2.74 48.30
N LEU J 212 20.78 -2.29 47.06
CA LEU J 212 21.78 -1.52 46.34
C LEU J 212 22.09 -0.21 47.05
N LEU J 213 21.06 0.48 47.54
CA LEU J 213 21.26 1.80 48.12
C LEU J 213 21.98 1.72 49.47
N MET J 214 21.93 0.58 50.15
CA MET J 214 22.59 0.44 51.44
C MET J 214 24.03 -0.03 51.32
N SER J 215 24.50 -0.32 50.12
CA SER J 215 25.85 -0.85 49.92
C SER J 215 26.87 0.28 49.79
N ASP J 216 28.12 -0.05 50.10
CA ASP J 216 29.20 0.91 49.94
C ASP J 216 29.53 1.16 48.47
N TYR J 217 29.17 0.24 47.59
CA TYR J 217 29.45 0.42 46.18
C TYR J 217 28.76 1.64 45.62
N PHE J 218 27.50 1.87 46.02
CA PHE J 218 26.77 3.02 45.51
C PHE J 218 27.42 4.32 45.93
N ILE J 219 27.81 4.43 47.21
CA ILE J 219 28.51 5.63 47.66
C ILE J 219 29.80 5.81 46.88
N ASP J 220 30.55 4.72 46.69
CA ASP J 220 31.82 4.83 45.98
C ASP J 220 31.62 5.29 44.55
N GLU J 221 30.59 4.78 43.88
CA GLU J 221 30.31 5.19 42.51
C GLU J 221 29.91 6.65 42.43
N ILE J 222 29.03 7.10 43.33
CA ILE J 222 28.62 8.50 43.31
C ILE J 222 29.79 9.41 43.61
N SER J 223 30.64 9.03 44.56
CA SER J 223 31.83 9.83 44.85
C SER J 223 32.79 9.86 43.67
N SER J 224 32.96 8.72 43.00
CA SER J 224 33.83 8.67 41.84
C SER J 224 33.33 9.58 40.74
N LEU J 225 32.01 9.62 40.53
CA LEU J 225 31.45 10.56 39.59
C LEU J 225 31.70 12.00 40.04
N LEU J 226 31.40 12.30 41.31
CA LEU J 226 31.53 13.66 41.81
C LEU J 226 32.96 14.17 41.76
N SER J 227 33.93 13.27 41.74
CA SER J 227 35.32 13.71 41.65
C SER J 227 35.71 14.22 40.27
N ILE J 228 34.80 14.13 39.28
CA ILE J 228 35.14 14.57 37.93
C ILE J 228 35.44 16.06 37.91
N MET J 229 34.59 16.86 38.56
CA MET J 229 34.83 18.30 38.67
C MET J 229 35.14 18.72 40.10
N GLY J 230 35.53 17.78 40.95
CA GLY J 230 36.15 18.11 42.22
C GLY J 230 35.23 18.21 43.42
N PHE J 231 33.99 17.73 43.33
CA PHE J 231 33.13 17.75 44.49
C PHE J 231 33.45 16.58 45.42
N ASN J 232 32.87 16.62 46.62
CA ASN J 232 33.05 15.57 47.59
C ASN J 232 31.73 15.32 48.30
N ILE J 233 31.59 14.14 48.89
CA ILE J 233 30.39 13.74 49.60
C ILE J 233 30.61 13.98 51.09
N ASN J 234 29.66 14.68 51.73
CA ASN J 234 29.69 14.86 53.18
C ASN J 234 29.32 13.55 53.84
N GLN J 235 30.28 12.92 54.51
CA GLN J 235 30.06 11.60 55.07
C GLN J 235 29.21 11.63 56.33
N SER J 236 29.07 12.79 56.98
CA SER J 236 28.27 12.86 58.19
C SER J 236 26.77 12.81 57.91
N LYS J 237 26.34 13.35 56.78
CA LYS J 237 24.92 13.41 56.46
C LYS J 237 24.44 12.25 55.60
N TYR J 238 25.31 11.29 55.29
CA TYR J 238 24.91 10.13 54.51
C TYR J 238 23.90 9.30 55.28
N ILE J 239 22.80 8.93 54.63
CA ILE J 239 21.73 8.17 55.28
C ILE J 239 21.20 7.13 54.31
N SER J 240 20.85 5.96 54.84
CA SER J 240 20.25 4.90 54.03
C SER J 240 19.29 4.12 54.89
N ARG J 241 18.03 4.00 54.45
CA ARG J 241 17.01 3.31 55.22
C ARG J 241 16.09 2.54 54.28
N GLU J 242 15.23 1.72 54.87
CA GLU J 242 14.28 0.90 54.13
C GLU J 242 12.86 1.18 54.59
N LYS J 243 11.95 1.33 53.62
CA LYS J 243 10.51 1.36 53.82
C LYS J 243 10.05 2.64 54.52
N GLU J 244 11.01 3.44 55.00
CA GLU J 244 10.69 4.75 55.64
C GLU J 244 11.96 5.55 55.90
N ILE J 245 12.01 6.83 55.49
CA ILE J 245 13.18 7.71 55.77
C ILE J 245 12.61 9.03 56.25
N SER J 246 13.36 9.79 57.03
CA SER J 246 12.88 11.13 57.41
C SER J 246 13.90 12.17 57.00
N ILE J 247 13.48 13.12 56.17
CA ILE J 247 14.45 14.13 55.65
C ILE J 247 14.00 15.47 56.21
N ASN J 248 14.73 16.01 57.18
CA ASN J 248 14.41 17.33 57.76
C ASN J 248 12.95 17.33 58.22
N GLY J 249 12.48 16.21 58.74
CA GLY J 249 11.12 16.15 59.30
C GLY J 249 10.08 15.64 58.32
N TYR J 250 10.35 15.59 57.03
CA TYR J 250 9.29 15.16 56.10
C TYR J 250 9.48 13.67 55.90
N VAL J 251 8.54 12.84 56.35
CA VAL J 251 8.73 11.35 56.34
C VAL J 251 8.12 10.74 55.10
N ILE J 252 8.88 9.98 54.32
CA ILE J 252 8.34 9.26 53.15
C ILE J 252 8.21 7.83 53.62
N GLU J 253 7.05 7.21 53.47
CA GLU J 253 6.95 5.79 53.85
C GLU J 253 6.42 4.95 52.71
N ASN J 254 6.87 3.71 52.61
CA ASN J 254 6.34 2.77 51.60
C ASN J 254 6.53 1.37 52.17
N LYS J 255 5.47 0.85 52.80
CA LYS J 255 5.54 -0.49 53.38
C LYS J 255 5.26 -1.57 52.34
N GLY J 256 4.78 -1.20 51.17
CA GLY J 256 4.37 -2.17 50.18
C GLY J 256 5.53 -2.79 49.42
N GLY J 257 5.17 -3.69 48.51
CA GLY J 257 6.15 -4.38 47.70
C GLY J 257 6.05 -4.05 46.23
N ASN J 258 5.53 -4.98 45.43
CA ASN J 258 5.45 -4.78 44.00
C ASN J 258 4.35 -3.81 43.64
N GLY J 259 4.71 -2.75 42.91
CA GLY J 259 3.72 -1.78 42.46
C GLY J 259 2.99 -1.08 43.58
N SER J 260 3.71 -0.65 44.61
CA SER J 260 3.11 0.02 45.75
C SER J 260 3.34 1.53 45.68
N ILE J 261 2.55 2.27 46.44
CA ILE J 261 2.59 3.73 46.46
C ILE J 261 2.86 4.19 47.89
N GLY J 262 3.91 4.99 48.05
CA GLY J 262 4.22 5.53 49.36
C GLY J 262 3.46 6.80 49.65
N THR J 263 3.64 7.30 50.87
CA THR J 263 3.01 8.54 51.31
C THR J 263 4.03 9.43 52.01
N ILE J 264 3.88 10.75 51.83
CA ILE J 264 4.78 11.75 52.48
C ILE J 264 3.97 12.44 53.57
N ARG J 265 4.50 12.57 54.78
CA ARG J 265 3.78 13.29 55.86
C ARG J 265 4.81 14.04 56.70
N LEU J 266 4.52 15.26 57.14
CA LEU J 266 5.42 15.95 58.09
C LEU J 266 5.25 15.22 59.42
N SER J 267 6.23 15.27 60.31
CA SER J 267 6.14 14.51 61.57
C SER J 267 5.78 15.46 62.71
N LYS J 268 5.82 15.04 63.96
CA LYS J 268 5.40 15.96 65.00
C LYS J 268 6.50 16.96 65.37
N SER J 269 7.74 16.56 65.16
CA SER J 269 8.85 17.50 65.42
C SER J 269 8.64 18.69 64.52
N LYS J 270 8.19 18.46 63.30
CA LYS J 270 8.06 19.60 62.39
C LYS J 270 6.97 20.52 62.92
N LEU J 271 5.86 19.95 63.41
CA LEU J 271 4.72 20.81 63.80
C LEU J 271 4.80 21.23 65.26
N ASN J 272 5.89 20.92 65.96
CA ASN J 272 6.04 21.25 67.38
C ASN J 272 5.94 22.75 67.62
N THR J 273 6.62 23.55 66.81
CA THR J 273 6.65 24.99 67.05
C THR J 273 5.28 25.62 66.85
N VAL J 274 4.59 25.27 65.76
CA VAL J 274 3.28 25.87 65.52
C VAL J 274 2.27 25.38 66.56
N LEU J 275 2.36 24.11 66.97
CA LEU J 275 1.48 23.63 68.02
C LEU J 275 1.72 24.36 69.33
N LYS J 276 3.00 24.62 69.66
CA LYS J 276 3.31 25.36 70.87
C LYS J 276 2.81 26.79 70.79
N VAL J 277 2.91 27.42 69.62
CA VAL J 277 2.43 28.78 69.47
C VAL J 277 0.91 28.83 69.63
N THR J 278 0.20 27.89 69.02
CA THR J 278 -1.26 27.85 69.17
C THR J 278 -1.64 27.57 70.63
N HIS J 279 -0.89 26.69 71.30
CA HIS J 279 -1.14 26.42 72.71
C HIS J 279 -0.95 27.66 73.56
N ALA J 280 0.12 28.41 73.30
CA ALA J 280 0.36 29.65 74.05
C ALA J 280 -0.72 30.68 73.76
N LEU J 281 -1.20 30.74 72.52
CA LEU J 281 -2.28 31.65 72.18
C LEU J 281 -3.55 31.28 72.92
N ALA J 282 -3.85 29.98 73.03
CA ALA J 282 -5.03 29.54 73.76
C ALA J 282 -4.89 29.73 75.26
N GLN J 283 -3.66 29.87 75.76
CA GLN J 283 -3.42 30.05 77.18
C GLN J 283 -3.32 31.52 77.58
N ASN J 284 -3.60 32.45 76.66
CA ASN J 284 -3.63 33.88 76.93
C ASN J 284 -2.26 34.40 77.37
N ILE J 285 -1.19 33.77 76.90
CA ILE J 285 0.16 34.28 77.14
C ILE J 285 0.33 35.59 76.37
N PRO J 286 0.98 36.61 76.94
CA PRO J 286 1.14 37.88 76.22
C PRO J 286 1.92 37.71 74.93
N TYR J 287 1.61 38.58 73.97
CA TYR J 287 2.19 38.44 72.63
C TYR J 287 3.70 38.62 72.63
N LYS J 288 4.23 39.50 73.47
CA LYS J 288 5.67 39.69 73.52
C LYS J 288 6.37 38.39 73.91
N ASN J 289 5.85 37.72 74.93
CA ASN J 289 6.45 36.46 75.37
C ASN J 289 6.37 35.40 74.28
N ILE J 290 5.24 35.31 73.59
CA ILE J 290 5.09 34.32 72.53
C ILE J 290 6.08 34.59 71.41
N CYS J 291 6.21 35.85 71.00
CA CYS J 291 7.13 36.18 69.91
C CYS J 291 8.57 35.92 70.29
N ASN J 292 8.96 36.26 71.52
CA ASN J 292 10.36 36.09 71.90
C ASN J 292 10.70 34.63 72.18
N LYS J 293 9.82 33.91 72.86
CA LYS J 293 10.16 32.51 73.30
C LYS J 293 10.15 31.52 72.14
N TYR J 294 9.20 31.62 71.21
CA TYR J 294 9.07 30.63 70.15
C TYR J 294 9.48 31.13 68.77
N ILE J 295 9.08 32.35 68.38
CA ILE J 295 9.37 32.85 67.04
C ILE J 295 10.73 33.52 66.95
N LYS J 296 11.48 33.59 68.06
CA LYS J 296 12.82 34.16 68.11
C LYS J 296 12.92 35.50 67.39
N VAL J 297 11.82 36.26 67.39
CA VAL J 297 11.78 37.62 66.86
C VAL J 297 11.62 38.57 68.03
N ARG J 298 12.50 39.57 68.11
CA ARG J 298 12.47 40.52 69.20
C ARG J 298 12.72 41.92 68.68
N LEU J 299 12.15 42.90 69.35
CA LEU J 299 12.27 44.30 68.97
C LEU J 299 13.48 44.89 69.69
N LYS J 300 14.60 44.98 69.00
CA LYS J 300 15.78 45.62 69.57
C LYS J 300 15.54 47.11 69.71
N GLU J 301 16.00 47.67 70.84
CA GLU J 301 15.79 49.08 71.10
C GLU J 301 16.49 49.97 70.09
N LYS J 302 17.50 49.46 69.40
CA LYS J 302 18.20 50.26 68.39
C LYS J 302 17.43 50.33 67.08
N ASN J 303 16.34 49.60 66.92
CA ASN J 303 15.58 49.58 65.69
C ASN J 303 14.38 50.52 65.70
N ILE J 304 14.10 51.17 66.82
CA ILE J 304 12.89 52.00 66.93
C ILE J 304 13.13 53.30 66.17
N LYS J 305 12.28 53.57 65.18
CA LYS J 305 12.49 54.70 64.28
C LYS J 305 12.18 56.03 64.98
N TYR J 306 11.06 56.09 65.71
CA TYR J 306 10.62 57.31 66.36
C TYR J 306 10.38 57.06 67.84
N GLU J 307 10.58 58.11 68.63
CA GLU J 307 10.25 58.09 70.06
C GLU J 307 8.90 58.70 70.36
N SER J 308 8.15 59.11 69.34
CA SER J 308 6.85 59.71 69.56
C SER J 308 5.88 58.72 70.17
N LYS J 309 5.76 57.53 69.57
CA LYS J 309 4.91 56.46 70.07
C LYS J 309 5.76 55.21 70.21
N LYS J 310 5.95 54.76 71.44
CA LYS J 310 6.79 53.61 71.71
C LYS J 310 6.05 52.47 72.40
N ASP J 311 5.20 52.78 73.37
CA ASP J 311 4.39 51.74 73.99
C ASP J 311 3.42 51.14 72.99
N GLU J 312 2.80 51.97 72.16
CA GLU J 312 1.93 51.47 71.11
C GLU J 312 2.75 50.79 70.01
N PHE J 313 3.94 51.31 69.72
CA PHE J 313 4.75 50.77 68.63
C PHE J 313 5.14 49.33 68.90
N GLU J 314 5.57 49.03 70.12
CA GLU J 314 5.98 47.67 70.47
C GLU J 314 4.82 46.70 70.37
N LYS J 315 3.66 47.09 70.89
CA LYS J 315 2.49 46.22 70.82
C LYS J 315 2.07 45.97 69.38
N LYS J 316 2.04 47.02 68.56
CA LYS J 316 1.66 46.85 67.16
C LYS J 316 2.66 45.98 66.42
N TYR J 317 3.96 46.16 66.68
CA TYR J 317 4.96 45.36 66.01
C TYR J 317 4.82 43.89 66.38
N TYR J 318 4.61 43.59 67.65
CA TYR J 318 4.48 42.19 68.04
C TYR J 318 3.19 41.58 67.50
N ARG J 319 2.11 42.36 67.48
CA ARG J 319 0.86 41.90 66.88
C ARG J 319 1.06 41.56 65.42
N ASP J 320 1.72 42.45 64.68
CA ASP J 320 1.94 42.23 63.26
C ASP J 320 2.86 41.03 63.03
N GLN J 321 3.89 40.86 63.86
CA GLN J 321 4.78 39.73 63.69
C GLN J 321 4.07 38.40 63.97
N LEU J 322 3.22 38.36 65.00
CA LEU J 322 2.44 37.14 65.24
C LEU J 322 1.49 36.87 64.08
N ILE J 323 0.83 37.90 63.57
CA ILE J 323 -0.05 37.72 62.42
C ILE J 323 0.73 37.18 61.22
N ASN J 324 1.91 37.74 60.98
CA ASN J 324 2.72 37.31 59.85
C ASN J 324 3.19 35.87 60.01
N TYR J 325 3.61 35.49 61.21
CA TYR J 325 4.04 34.11 61.43
C TYR J 325 2.89 33.14 61.23
N LEU J 326 1.72 33.46 61.78
CA LEU J 326 0.57 32.58 61.62
C LEU J 326 0.17 32.46 60.16
N GLY J 327 0.18 33.58 59.44
CA GLY J 327 -0.14 33.53 58.03
C GLY J 327 0.88 32.75 57.22
N GLY J 328 2.16 32.86 57.59
CA GLY J 328 3.18 32.10 56.90
C GLY J 328 3.02 30.60 57.09
N TYR J 329 2.78 30.17 58.32
CA TYR J 329 2.58 28.75 58.53
C TYR J 329 1.27 28.26 57.92
N ARG J 330 0.24 29.11 57.91
CA ARG J 330 -0.99 28.79 57.21
C ARG J 330 -0.72 28.57 55.73
N SER J 331 0.18 29.35 55.15
CA SER J 331 0.38 29.20 53.70
C SER J 331 1.32 28.04 53.48
N TYR J 332 2.17 27.76 54.44
CA TYR J 332 3.04 26.56 54.28
C TYR J 332 2.14 25.33 54.27
N LEU J 333 1.16 25.22 55.15
CA LEU J 333 0.35 23.99 55.08
C LEU J 333 -0.59 24.06 53.88
N ILE J 334 -1.10 25.23 53.49
CA ILE J 334 -1.89 25.30 52.26
C ILE J 334 -1.09 24.78 51.08
N SER J 335 0.22 25.04 51.06
CA SER J 335 1.07 24.48 50.01
C SER J 335 1.07 22.96 50.08
N LEU J 336 1.15 22.41 51.29
CA LEU J 336 1.05 20.96 51.45
C LEU J 336 -0.28 20.43 50.93
N VAL J 337 -1.37 21.12 51.26
CA VAL J 337 -2.70 20.67 50.81
C VAL J 337 -2.80 20.72 49.30
N LYS J 338 -2.32 21.81 48.68
CA LYS J 338 -2.36 21.93 47.24
C LYS J 338 -1.53 20.84 46.57
N PHE J 339 -0.35 20.56 47.11
CA PHE J 339 0.48 19.50 46.55
C PHE J 339 -0.22 18.15 46.64
N HIS J 340 -0.87 17.87 47.78
CA HIS J 340 -1.61 16.63 47.91
C HIS J 340 -2.76 16.58 46.90
N SER J 341 -3.47 17.68 46.73
CA SER J 341 -4.59 17.68 45.79
C SER J 341 -4.14 17.48 44.36
N GLU J 342 -2.97 17.99 44.01
CA GLU J 342 -2.47 17.84 42.65
C GLU J 342 -1.89 16.45 42.39
N TYR J 343 -1.19 15.86 43.37
CA TYR J 343 -0.52 14.58 43.16
C TYR J 343 -1.12 13.42 43.91
N LYS J 344 -1.87 13.65 44.99
CA LYS J 344 -2.48 12.59 45.80
C LYS J 344 -1.42 11.64 46.33
N CYS J 345 -0.53 12.19 47.18
CA CYS J 345 0.53 11.38 47.74
C CYS J 345 0.79 11.68 49.22
N VAL J 346 0.00 12.54 49.84
CA VAL J 346 0.15 12.85 51.26
C VAL J 346 -0.79 11.97 52.06
N ASN J 347 -0.37 11.58 53.25
CA ASN J 347 -1.17 10.69 54.09
C ASN J 347 -2.54 11.29 54.39
N SER J 348 -3.58 10.48 54.25
CA SER J 348 -4.94 10.97 54.41
C SER J 348 -5.21 11.40 55.85
N ASP J 349 -4.81 10.58 56.83
CA ASP J 349 -4.99 10.99 58.22
C ASP J 349 -4.15 12.22 58.54
N PHE J 350 -2.95 12.31 57.95
CA PHE J 350 -2.18 13.54 58.10
C PHE J 350 -2.87 14.71 57.40
N ILE J 351 -3.62 14.45 56.33
CA ILE J 351 -4.41 15.51 55.72
C ILE J 351 -5.48 16.00 56.69
N ILE J 352 -6.11 15.08 57.42
CA ILE J 352 -7.08 15.48 58.43
C ILE J 352 -6.42 16.32 59.52
N GLN J 353 -5.24 15.89 59.97
CA GLN J 353 -4.53 16.68 60.98
C GLN J 353 -4.16 18.06 60.47
N ILE J 354 -3.73 18.15 59.20
CA ILE J 354 -3.44 19.44 58.60
C ILE J 354 -4.68 20.31 58.59
N ASN J 355 -5.83 19.73 58.21
CA ASN J 355 -7.07 20.50 58.18
C ASN J 355 -7.42 21.03 59.55
N GLY J 356 -7.27 20.20 60.59
CA GLY J 356 -7.53 20.66 61.94
C GLY J 356 -6.62 21.79 62.37
N ILE J 357 -5.32 21.63 62.10
CA ILE J 357 -4.36 22.67 62.49
C ILE J 357 -4.62 23.95 61.71
N LEU J 358 -5.03 23.83 60.45
CA LEU J 358 -5.29 25.02 59.65
C LEU J 358 -6.53 25.74 60.14
N ASN J 359 -7.57 25.00 60.52
CA ASN J 359 -8.74 25.64 61.11
C ASN J 359 -8.38 26.34 62.41
N ASP J 360 -7.54 25.70 63.24
CA ASP J 360 -7.12 26.33 64.48
C ASP J 360 -6.33 27.61 64.21
N ILE J 361 -5.43 27.57 63.22
CA ILE J 361 -4.63 28.74 62.87
C ILE J 361 -5.53 29.86 62.40
N GLN J 362 -6.51 29.54 61.54
CA GLN J 362 -7.41 30.58 61.03
C GLN J 362 -8.26 31.17 62.15
N ASN J 363 -8.75 30.34 63.05
CA ASN J 363 -9.53 30.86 64.18
C ASN J 363 -8.69 31.76 65.07
N HIS J 364 -7.44 31.36 65.33
CA HIS J 364 -6.57 32.18 66.17
C HIS J 364 -6.24 33.51 65.50
N ILE J 365 -5.98 33.49 64.20
CA ILE J 365 -5.69 34.74 63.50
C ILE J 365 -6.92 35.63 63.47
N GLN J 366 -8.11 35.04 63.35
CA GLN J 366 -9.35 35.82 63.41
C GLN J 366 -9.53 36.44 64.79
N LYS J 367 -9.25 35.67 65.84
CA LYS J 367 -9.38 36.20 67.19
C LYS J 367 -8.40 37.34 67.43
N ILE J 368 -7.16 37.19 66.97
CA ILE J 368 -6.17 38.25 67.15
C ILE J 368 -6.58 39.50 66.38
N LYS J 369 -7.06 39.34 65.15
CA LYS J 369 -7.49 40.50 64.38
C LYS J 369 -8.69 41.18 65.01
N LYS J 370 -9.63 40.40 65.57
CA LYS J 370 -10.76 41.00 66.26
C LYS J 370 -10.32 41.77 67.50
N ASN J 371 -9.36 41.21 68.25
CA ASN J 371 -8.84 41.91 69.42
C ASN J 371 -8.10 43.18 69.01
N ARG J 372 -7.52 43.19 67.81
CA ARG J 372 -6.83 44.38 67.32
C ARG J 372 -7.73 45.60 67.32
N ARG J 373 -9.02 45.41 67.04
CA ARG J 373 -9.98 46.51 67.01
C ARG J 373 -10.51 46.87 68.39
N LEU J 374 -10.12 46.15 69.43
CA LEU J 374 -10.54 46.44 70.79
C LEU J 374 -9.43 47.17 71.55
#